data_6KDY
#
_entry.id   6KDY
#
_cell.length_a   99.460
_cell.length_b   162.979
_cell.length_c   114.407
_cell.angle_alpha   90.000
_cell.angle_beta   100.310
_cell.angle_gamma   90.000
#
_symmetry.space_group_name_H-M   'P 1 21 1'
#
loop_
_entity.id
_entity.type
_entity.pdbx_description
1 polymer 'Isocitrate dehydrogenase [NAD] subunit alpha, mitochondrial'
2 polymer 'Isocitrate dehydrogenase [NAD] subunit beta, mitochondrial'
3 non-polymer NICOTINAMIDE-ADENINE-DINUCLEOTIDE
4 non-polymer 'TETRAETHYLENE GLYCOL'
5 non-polymer 'NONAETHYLENE GLYCOL'
6 non-polymer '1-DEOXY-1-THIO-HEPTAETHYLENE GLYCOL'
7 non-polymer 'HEXAETHYLENE GLYCOL'
#
loop_
_entity_poly.entity_id
_entity_poly.type
_entity_poly.pdbx_seq_one_letter_code
_entity_poly.pdbx_strand_id
1 'polypeptide(L)'
;GSTGGVQTVTLIPGDGIGPEISAAVMKIFDAAKAPIQWEERNVTAIQGPGGKWMIPSEAKESMDKNKMGLKGPLKTPIAA
GHPSMNLLLRKTFDLYANVRPCVSIEGYKTPYTDVNIVTIRENTEGEYSGIEHVIVDGVVQSIKLITEGASKRIAEFAFE
YARNNHRSNVTAVHKANIMRMSDGLFLQKCREVAESCKDIKFNEMYLDTVCLNMVQDPSQFDVLVMPNLYGDILSDLCAG
LIGGLGVTPSGNIGANGVAIFESVHGTAPDIAGKDMANPTALLLSAVMMLRHMGLFDHAARIEAACFATIKDGKSLTKDL
GGNAKCSDFTEEICRRVKDLD
;
A,C,E,G
2 'polypeptide(L)'
;ASRSQAEDVRVEGSFPVTMLPGDGVGPELMHAVKEVFKAAAVPVEFQEHHLSEVQNMASEEKLEQVLSSMKENKVAIIGK
IHTPMEYKGELASYDMRLRRKLDLFANVVHVKSLPGYMTRHNNLDLVIIREQTEGEYSSLEHESARGVIECLKIVTRAKS
QRIAKFAFDYATKKGRGKVTAVHKANIMKLGDGLFLQCCEEVAELYPKIKFETMIIDNCCMQLVQNPYQFDVLVMPNLYG
NIIDNLAAGLVGGAGVVPGESYSAEYAVFETGARHPFAQAVGRNIANPTAMLLSASNMLRHLNLEYHSSMIADAVKKVIK
VGKVRTSDMGGYATCHDFTEEICRRVKDLDENLYFQ
;
B,D,F,H
#
loop_
_chem_comp.id
_chem_comp.type
_chem_comp.name
_chem_comp.formula
2PE non-polymer 'NONAETHYLENE GLYCOL' 'C18 H38 O10'
NAD non-polymer NICOTINAMIDE-ADENINE-DINUCLEOTIDE 'C21 H27 N7 O14 P2'
P6G non-polymer 'HEXAETHYLENE GLYCOL' 'C12 H26 O7'
PE7 non-polymer '1-DEOXY-1-THIO-HEPTAETHYLENE GLYCOL' 'C14 H30 O7 S'
PG4 non-polymer 'TETRAETHYLENE GLYCOL' 'C8 H18 O5'
#
# COMPACT_ATOMS: atom_id res chain seq x y z
N GLY A 5 -4.06 65.04 -23.19
CA GLY A 5 -5.29 65.83 -23.14
C GLY A 5 -6.43 65.25 -22.33
N VAL A 6 -7.66 65.71 -22.61
CA VAL A 6 -8.86 65.25 -21.93
C VAL A 6 -9.83 64.68 -22.95
N GLN A 7 -9.99 63.36 -22.94
CA GLN A 7 -10.83 62.66 -23.90
C GLN A 7 -12.27 62.58 -23.40
N THR A 8 -13.21 62.62 -24.33
CA THR A 8 -14.62 62.53 -23.96
C THR A 8 -15.17 61.16 -24.36
N VAL A 9 -16.27 60.77 -23.72
CA VAL A 9 -16.88 59.46 -23.91
C VAL A 9 -18.38 59.58 -23.69
N THR A 10 -19.14 58.90 -24.54
CA THR A 10 -20.59 58.94 -24.47
C THR A 10 -21.09 58.14 -23.29
N LEU A 11 -21.92 58.76 -22.47
CA LEU A 11 -22.52 58.11 -21.31
C LEU A 11 -24.00 57.95 -21.55
N ILE A 12 -24.51 56.75 -21.36
CA ILE A 12 -25.94 56.51 -21.46
C ILE A 12 -26.45 56.12 -20.08
N PRO A 13 -27.14 57.01 -19.35
CA PRO A 13 -27.45 56.68 -17.96
C PRO A 13 -28.38 55.49 -17.81
N GLY A 14 -29.23 55.23 -18.78
CA GLY A 14 -30.04 54.04 -18.74
C GLY A 14 -31.25 54.15 -17.83
N ASP A 15 -31.97 53.05 -17.74
CA ASP A 15 -33.26 52.95 -17.07
C ASP A 15 -33.11 52.10 -15.81
N GLY A 16 -34.01 52.32 -14.84
CA GLY A 16 -33.96 51.59 -13.58
C GLY A 16 -32.92 52.12 -12.63
N ILE A 17 -31.95 51.27 -12.25
CA ILE A 17 -30.90 51.69 -11.33
C ILE A 17 -29.80 52.36 -12.13
N GLY A 18 -30.06 52.58 -13.40
CA GLY A 18 -29.07 53.13 -14.30
C GLY A 18 -28.55 54.49 -13.88
N PRO A 19 -29.47 55.46 -13.70
CA PRO A 19 -29.01 56.82 -13.34
C PRO A 19 -28.30 56.91 -12.00
N GLU A 20 -28.62 56.06 -11.03
CA GLU A 20 -27.92 56.10 -9.75
C GLU A 20 -26.47 55.73 -9.91
N ILE A 21 -26.21 54.51 -10.40
CA ILE A 21 -24.84 54.02 -10.52
C ILE A 21 -24.05 54.82 -11.58
N SER A 22 -24.72 55.33 -12.62
CA SER A 22 -24.06 56.28 -13.52
C SER A 22 -23.54 57.48 -12.73
N ALA A 23 -24.40 58.10 -11.92
CA ALA A 23 -23.94 59.19 -11.07
C ALA A 23 -22.85 58.73 -10.11
N ALA A 24 -22.94 57.48 -9.63
CA ALA A 24 -21.94 56.97 -8.73
C ALA A 24 -20.57 56.85 -9.39
N VAL A 25 -20.52 56.43 -10.68
CA VAL A 25 -19.20 56.31 -11.27
C VAL A 25 -18.68 57.66 -11.73
N MET A 26 -19.57 58.57 -12.16
CA MET A 26 -19.11 59.91 -12.50
C MET A 26 -18.41 60.58 -11.30
N LYS A 27 -18.94 60.40 -10.08
CA LYS A 27 -18.34 61.04 -8.92
C LYS A 27 -16.96 60.47 -8.61
N ILE A 28 -16.83 59.14 -8.67
CA ILE A 28 -15.53 58.51 -8.42
C ILE A 28 -14.51 58.95 -9.45
N PHE A 29 -14.96 59.17 -10.69
CA PHE A 29 -14.09 59.70 -11.73
C PHE A 29 -13.79 61.19 -11.52
N ASP A 30 -14.76 61.97 -11.02
CA ASP A 30 -14.50 63.35 -10.65
C ASP A 30 -13.51 63.42 -9.50
N ALA A 31 -13.70 62.56 -8.50
CA ALA A 31 -12.83 62.45 -7.34
C ALA A 31 -11.44 61.96 -7.70
N ALA A 32 -11.26 61.37 -8.88
CA ALA A 32 -9.97 60.87 -9.29
C ALA A 32 -9.30 61.79 -10.30
N LYS A 33 -9.91 62.93 -10.62
CA LYS A 33 -9.37 63.89 -11.59
C LYS A 33 -9.14 63.21 -12.94
N ALA A 34 -10.01 62.25 -13.24
CA ALA A 34 -9.88 61.40 -14.41
C ALA A 34 -10.14 62.21 -15.68
N PRO A 35 -9.19 62.24 -16.64
CA PRO A 35 -9.32 63.16 -17.78
C PRO A 35 -10.42 62.73 -18.73
N ILE A 36 -11.66 62.85 -18.29
CA ILE A 36 -12.76 62.28 -19.07
C ILE A 36 -13.94 63.23 -19.02
N GLN A 37 -14.47 63.56 -20.18
CA GLN A 37 -15.64 64.42 -20.31
C GLN A 37 -16.84 63.55 -20.66
N TRP A 38 -17.83 63.48 -19.79
CA TRP A 38 -19.01 62.69 -20.11
C TRP A 38 -19.92 63.48 -21.03
N GLU A 39 -20.50 62.79 -22.01
CA GLU A 39 -21.46 63.37 -22.94
C GLU A 39 -22.76 62.62 -22.70
N GLU A 40 -23.55 63.08 -21.74
CA GLU A 40 -24.77 62.38 -21.34
C GLU A 40 -25.78 62.33 -22.47
N ARG A 41 -26.10 61.13 -22.94
CA ARG A 41 -27.06 60.92 -24.03
C ARG A 41 -28.09 59.88 -23.60
N ASN A 42 -29.33 60.07 -24.04
CA ASN A 42 -30.41 59.17 -23.69
C ASN A 42 -30.70 58.26 -24.88
N VAL A 43 -30.90 56.97 -24.60
CA VAL A 43 -31.34 56.05 -25.63
C VAL A 43 -32.64 55.43 -25.14
N THR A 44 -33.72 55.73 -25.86
CA THR A 44 -35.01 55.09 -25.73
C THR A 44 -35.42 54.57 -27.10
N ALA A 45 -36.50 53.82 -27.15
CA ALA A 45 -36.93 53.19 -28.38
C ALA A 45 -37.75 54.18 -29.20
N ILE A 46 -37.10 54.95 -30.07
CA ILE A 46 -37.81 55.71 -31.09
C ILE A 46 -38.01 54.82 -32.30
N GLN A 47 -39.21 54.87 -32.87
CA GLN A 47 -39.60 53.99 -33.97
C GLN A 47 -39.47 54.73 -35.29
N GLY A 48 -38.58 54.24 -36.16
CA GLY A 48 -38.24 54.93 -37.38
C GLY A 48 -39.41 55.10 -38.34
N PRO A 49 -39.15 55.77 -39.48
CA PRO A 49 -40.24 56.02 -40.45
C PRO A 49 -40.87 54.74 -41.00
N GLY A 50 -40.05 53.78 -41.42
CA GLY A 50 -40.53 52.51 -41.95
C GLY A 50 -40.85 51.45 -40.90
N GLY A 51 -41.14 51.89 -39.68
CA GLY A 51 -41.46 50.99 -38.58
C GLY A 51 -40.27 50.31 -37.94
N LYS A 52 -39.14 50.25 -38.64
CA LYS A 52 -37.90 49.68 -38.10
C LYS A 52 -37.39 50.53 -36.93
N TRP A 53 -37.28 49.90 -35.76
CA TRP A 53 -36.79 50.58 -34.57
C TRP A 53 -35.36 51.08 -34.76
N MET A 54 -35.13 52.32 -34.34
CA MET A 54 -33.85 52.97 -34.48
C MET A 54 -33.46 53.61 -33.15
N ILE A 55 -32.15 53.84 -32.98
CA ILE A 55 -31.60 54.54 -31.82
C ILE A 55 -32.02 56.00 -31.93
N PRO A 56 -31.96 56.77 -30.85
CA PRO A 56 -32.05 58.23 -31.01
C PRO A 56 -30.87 58.76 -31.81
N SER A 57 -31.17 59.70 -32.72
CA SER A 57 -30.12 60.27 -33.55
C SER A 57 -29.07 61.01 -32.73
N GLU A 58 -29.50 61.68 -31.65
CA GLU A 58 -28.55 62.37 -30.80
C GLU A 58 -27.54 61.40 -30.21
N ALA A 59 -27.99 60.18 -29.88
CA ALA A 59 -27.12 59.17 -29.30
C ALA A 59 -26.15 58.59 -30.34
N LYS A 60 -26.62 58.36 -31.57
CA LYS A 60 -25.74 57.75 -32.58
C LYS A 60 -24.66 58.71 -33.04
N GLU A 61 -24.98 60.01 -33.22
CA GLU A 61 -23.93 60.96 -33.58
C GLU A 61 -22.94 61.14 -32.45
N SER A 62 -23.40 60.95 -31.21
CA SER A 62 -22.51 60.99 -30.06
C SER A 62 -21.53 59.82 -30.09
N MET A 63 -22.01 58.60 -30.33
CA MET A 63 -21.11 57.45 -30.35
C MET A 63 -20.15 57.52 -31.53
N ASP A 64 -20.64 57.88 -32.72
CA ASP A 64 -19.76 57.99 -33.88
C ASP A 64 -18.64 58.99 -33.64
N LYS A 65 -18.93 60.07 -32.91
CA LYS A 65 -17.87 61.05 -32.63
C LYS A 65 -16.85 60.50 -31.65
N ASN A 66 -17.29 59.80 -30.61
CA ASN A 66 -16.39 59.46 -29.51
C ASN A 66 -15.86 58.04 -29.58
N LYS A 67 -16.60 57.12 -30.18
CA LYS A 67 -16.23 55.71 -30.37
C LYS A 67 -15.92 55.01 -29.04
N MET A 68 -16.39 55.56 -27.92
CA MET A 68 -16.23 54.99 -26.59
C MET A 68 -17.56 55.11 -25.86
N GLY A 69 -17.85 54.13 -25.01
CA GLY A 69 -19.16 54.15 -24.40
C GLY A 69 -19.20 53.57 -23.01
N LEU A 70 -19.87 54.25 -22.08
CA LEU A 70 -20.24 53.67 -20.79
C LEU A 70 -21.74 53.85 -20.60
N LYS A 71 -22.46 52.74 -20.57
CA LYS A 71 -23.91 52.75 -20.48
C LYS A 71 -24.38 51.95 -19.26
N GLY A 72 -25.47 52.44 -18.63
CA GLY A 72 -26.20 51.69 -17.66
C GLY A 72 -27.15 50.71 -18.31
N PRO A 73 -27.93 50.01 -17.50
CA PRO A 73 -28.84 49.00 -18.05
C PRO A 73 -30.05 49.65 -18.71
N LEU A 74 -30.63 48.94 -19.67
CA LEU A 74 -31.80 49.43 -20.38
C LEU A 74 -32.98 48.49 -20.16
N LYS A 75 -34.13 49.07 -19.82
CA LYS A 75 -35.35 48.30 -19.70
C LYS A 75 -35.75 47.70 -21.05
N THR A 76 -36.15 46.45 -21.03
CA THR A 76 -36.70 45.81 -22.22
C THR A 76 -37.99 45.12 -21.80
N PRO A 77 -39.12 45.43 -22.44
CA PRO A 77 -40.41 44.87 -21.99
C PRO A 77 -40.39 43.35 -21.88
N ILE A 78 -40.79 42.85 -20.70
CA ILE A 78 -40.61 41.45 -20.31
C ILE A 78 -41.76 40.58 -20.79
N ALA A 79 -42.40 40.99 -21.89
CA ALA A 79 -43.56 40.30 -22.43
C ALA A 79 -43.73 40.59 -23.92
N ALA A 80 -44.06 41.84 -24.24
CA ALA A 80 -44.21 42.31 -25.62
C ALA A 80 -43.92 43.81 -25.64
N GLY A 81 -43.49 44.30 -26.79
CA GLY A 81 -43.14 45.69 -26.94
C GLY A 81 -41.96 45.84 -27.89
N HIS A 82 -41.08 46.81 -27.58
CA HIS A 82 -39.94 47.04 -28.45
C HIS A 82 -38.87 45.96 -28.25
N PRO A 83 -38.09 45.63 -29.29
CA PRO A 83 -36.97 44.71 -29.12
C PRO A 83 -35.83 45.37 -28.36
N SER A 84 -35.00 44.53 -27.72
CA SER A 84 -34.02 45.00 -26.74
C SER A 84 -33.09 46.05 -27.35
N MET A 85 -33.02 47.22 -26.71
CA MET A 85 -32.16 48.27 -27.24
C MET A 85 -30.69 47.90 -27.16
N ASN A 86 -30.35 46.88 -26.38
CA ASN A 86 -28.98 46.45 -26.24
C ASN A 86 -28.56 45.61 -27.43
N LEU A 87 -29.41 44.66 -27.83
CA LEU A 87 -29.15 43.97 -29.08
C LEU A 87 -29.08 44.95 -30.23
N LEU A 88 -29.93 45.98 -30.20
CA LEU A 88 -29.91 46.95 -31.29
C LEU A 88 -28.62 47.75 -31.25
N LEU A 89 -28.19 48.14 -30.06
CA LEU A 89 -26.98 48.94 -29.89
C LEU A 89 -25.73 48.15 -30.27
N ARG A 90 -25.69 46.87 -29.90
CA ARG A 90 -24.52 46.07 -30.22
C ARG A 90 -24.37 45.89 -31.74
N LYS A 91 -25.48 45.68 -32.45
CA LYS A 91 -25.43 45.44 -33.89
C LYS A 91 -25.22 46.71 -34.70
N THR A 92 -25.82 47.84 -34.29
CA THR A 92 -25.65 49.06 -35.06
C THR A 92 -24.22 49.60 -34.98
N PHE A 93 -23.41 49.19 -33.99
CA PHE A 93 -22.00 49.59 -33.99
C PHE A 93 -21.06 48.40 -34.17
N ASP A 94 -21.62 47.24 -34.49
CA ASP A 94 -20.89 46.00 -34.77
C ASP A 94 -19.82 45.74 -33.72
N LEU A 95 -20.28 45.67 -32.47
CA LEU A 95 -19.43 45.29 -31.35
C LEU A 95 -19.58 43.78 -31.22
N TYR A 96 -18.73 43.07 -31.94
CA TYR A 96 -18.99 41.65 -32.11
C TYR A 96 -18.42 40.79 -30.99
N ALA A 97 -17.61 41.35 -30.09
CA ALA A 97 -17.08 40.60 -28.95
C ALA A 97 -17.69 41.16 -27.68
N ASN A 98 -18.37 40.30 -26.94
CA ASN A 98 -18.78 40.61 -25.58
C ASN A 98 -17.83 39.90 -24.62
N VAL A 99 -17.05 40.70 -23.87
CA VAL A 99 -16.02 40.24 -22.94
C VAL A 99 -16.53 40.39 -21.52
N ARG A 100 -16.68 39.26 -20.80
CA ARG A 100 -17.10 39.28 -19.39
C ARG A 100 -16.05 38.60 -18.52
N PRO A 101 -15.24 39.36 -17.80
CA PRO A 101 -14.28 38.73 -16.88
C PRO A 101 -14.85 38.48 -15.47
N CYS A 102 -14.79 37.24 -14.95
CA CYS A 102 -15.11 36.98 -13.53
C CYS A 102 -13.80 36.72 -12.81
N VAL A 103 -13.42 37.61 -11.90
CA VAL A 103 -12.31 37.37 -10.98
C VAL A 103 -12.85 37.55 -9.59
N SER A 104 -12.42 36.70 -8.66
CA SER A 104 -12.88 36.84 -7.29
C SER A 104 -12.42 38.17 -6.70
N ILE A 105 -13.17 38.63 -5.72
CA ILE A 105 -12.82 39.83 -4.98
C ILE A 105 -12.18 39.38 -3.67
N GLU A 106 -10.94 39.82 -3.43
CA GLU A 106 -10.20 39.32 -2.27
C GLU A 106 -10.90 39.67 -0.96
N GLY A 107 -11.45 40.88 -0.86
CA GLY A 107 -12.16 41.25 0.37
C GLY A 107 -13.46 40.53 0.62
N TYR A 108 -14.14 40.06 -0.43
CA TYR A 108 -15.50 39.53 -0.27
C TYR A 108 -15.47 38.02 -0.35
N LYS A 109 -15.65 37.35 0.78
CA LYS A 109 -15.56 35.90 0.82
C LYS A 109 -16.83 35.28 0.24
N THR A 110 -16.62 34.19 -0.49
CA THR A 110 -17.66 33.52 -1.25
C THR A 110 -17.34 32.03 -1.22
N PRO A 111 -18.31 31.16 -1.50
CA PRO A 111 -18.02 29.72 -1.42
C PRO A 111 -16.95 29.24 -2.39
N TYR A 112 -16.51 30.13 -3.30
CA TYR A 112 -15.56 29.82 -4.37
C TYR A 112 -14.34 30.72 -4.29
N THR A 113 -13.18 30.10 -4.24
CA THR A 113 -11.92 30.80 -4.09
C THR A 113 -11.15 30.87 -5.41
N ASP A 114 -10.51 32.03 -5.64
CA ASP A 114 -9.48 32.23 -6.68
C ASP A 114 -10.00 31.86 -8.07
N VAL A 115 -11.22 32.34 -8.43
CA VAL A 115 -11.68 32.15 -9.79
C VAL A 115 -11.14 33.29 -10.63
N ASN A 116 -10.67 32.93 -11.82
CA ASN A 116 -10.26 33.90 -12.82
C ASN A 116 -10.70 33.37 -14.17
N ILE A 117 -11.71 33.98 -14.75
CA ILE A 117 -12.39 33.43 -15.93
C ILE A 117 -12.83 34.56 -16.83
N VAL A 118 -12.55 34.43 -18.13
CA VAL A 118 -13.03 35.38 -19.13
C VAL A 118 -13.93 34.65 -20.10
N THR A 119 -15.17 35.11 -20.20
CA THR A 119 -16.15 34.55 -21.12
C THR A 119 -16.23 35.46 -22.33
N ILE A 120 -15.74 34.99 -23.48
CA ILE A 120 -15.81 35.70 -24.75
C ILE A 120 -17.00 35.15 -25.52
N ARG A 121 -18.05 35.96 -25.67
CA ARG A 121 -19.22 35.54 -26.45
C ARG A 121 -19.33 36.41 -27.69
N GLU A 122 -19.68 35.75 -28.80
CA GLU A 122 -19.99 36.42 -30.06
C GLU A 122 -21.30 37.17 -29.94
N ASN A 123 -21.34 38.42 -30.43
CA ASN A 123 -22.27 39.41 -29.92
C ASN A 123 -23.25 39.95 -30.95
N THR A 124 -23.39 39.32 -32.11
CA THR A 124 -24.21 39.91 -33.17
C THR A 124 -25.12 38.93 -33.90
N GLU A 125 -24.87 37.63 -33.86
CA GLU A 125 -25.67 36.69 -34.60
C GLU A 125 -26.50 35.86 -33.64
N GLY A 126 -26.82 34.63 -34.02
CA GLY A 126 -27.42 33.74 -33.05
C GLY A 126 -28.80 34.23 -32.70
N GLU A 127 -29.10 34.31 -31.41
CA GLU A 127 -30.42 34.81 -31.03
C GLU A 127 -30.55 36.32 -31.19
N TYR A 128 -29.54 37.01 -31.71
CA TYR A 128 -29.69 38.42 -32.08
C TYR A 128 -30.14 38.60 -33.51
N SER A 129 -30.38 37.50 -34.24
CA SER A 129 -31.15 37.52 -35.47
C SER A 129 -32.62 37.66 -35.10
N GLY A 130 -33.12 38.89 -35.12
CA GLY A 130 -34.37 39.19 -34.46
C GLY A 130 -35.63 38.70 -35.15
N ILE A 131 -35.53 37.65 -35.97
CA ILE A 131 -36.69 37.16 -36.71
C ILE A 131 -37.35 36.02 -35.95
N GLU A 132 -38.60 36.22 -35.57
CA GLU A 132 -39.38 35.30 -34.73
C GLU A 132 -40.85 35.62 -34.97
N HIS A 133 -41.62 34.66 -35.47
CA HIS A 133 -42.92 34.94 -36.02
C HIS A 133 -43.93 33.83 -35.69
N VAL A 134 -45.19 34.08 -36.04
CA VAL A 134 -46.28 33.13 -35.77
C VAL A 134 -46.58 32.38 -37.05
N ILE A 135 -46.55 31.06 -36.96
CA ILE A 135 -46.84 30.17 -38.08
C ILE A 135 -48.34 29.95 -38.19
N VAL A 136 -48.91 29.30 -37.18
CA VAL A 136 -50.34 29.09 -37.07
C VAL A 136 -50.74 29.47 -35.64
N ASP A 137 -52.02 29.31 -35.31
CA ASP A 137 -52.43 29.72 -33.98
C ASP A 137 -51.72 28.86 -32.94
N GLY A 138 -51.12 29.54 -31.96
CA GLY A 138 -50.42 28.87 -30.87
C GLY A 138 -49.17 28.12 -31.27
N VAL A 139 -48.53 28.52 -32.36
CA VAL A 139 -47.28 27.94 -32.83
C VAL A 139 -46.36 29.09 -33.22
N VAL A 140 -45.22 29.23 -32.55
CA VAL A 140 -44.28 30.31 -32.84
C VAL A 140 -42.98 29.67 -33.34
N GLN A 141 -42.40 30.27 -34.36
CA GLN A 141 -41.16 29.80 -34.93
C GLN A 141 -40.12 30.91 -34.80
N SER A 142 -38.90 30.54 -34.45
CA SER A 142 -37.79 31.48 -34.32
C SER A 142 -36.71 31.07 -35.30
N ILE A 143 -36.08 32.05 -35.94
CA ILE A 143 -35.03 31.80 -36.91
C ILE A 143 -33.77 32.50 -36.45
N LYS A 144 -32.75 31.73 -36.11
CA LYS A 144 -31.44 32.23 -35.73
C LYS A 144 -30.46 31.83 -36.81
N LEU A 145 -29.48 32.69 -37.08
CA LEU A 145 -28.46 32.32 -38.06
C LEU A 145 -27.08 32.73 -37.56
N ILE A 146 -26.11 31.83 -37.75
CA ILE A 146 -24.70 32.08 -37.48
C ILE A 146 -23.95 31.96 -38.81
N THR A 147 -23.04 32.89 -39.05
CA THR A 147 -22.28 32.87 -40.29
C THR A 147 -20.89 32.32 -40.05
N GLU A 148 -20.25 31.94 -41.14
CA GLU A 148 -18.86 31.50 -41.04
C GLU A 148 -17.98 32.66 -40.60
N GLY A 149 -18.21 33.84 -41.17
CA GLY A 149 -17.27 34.93 -41.01
C GLY A 149 -17.26 35.47 -39.60
N ALA A 150 -18.40 35.44 -38.92
CA ALA A 150 -18.48 35.85 -37.52
C ALA A 150 -17.83 34.83 -36.61
N SER A 151 -18.05 33.54 -36.86
CA SER A 151 -17.39 32.52 -36.07
C SER A 151 -15.87 32.70 -36.11
N LYS A 152 -15.32 33.03 -37.27
CA LYS A 152 -13.89 33.21 -37.36
C LYS A 152 -13.46 34.47 -36.64
N ARG A 153 -14.25 35.56 -36.74
CA ARG A 153 -13.83 36.81 -36.12
C ARG A 153 -13.82 36.72 -34.59
N ILE A 154 -14.75 35.97 -33.99
CA ILE A 154 -14.75 35.82 -32.53
C ILE A 154 -13.68 34.86 -32.06
N ALA A 155 -13.39 33.80 -32.81
CA ALA A 155 -12.29 32.94 -32.42
C ALA A 155 -10.95 33.66 -32.53
N GLU A 156 -10.74 34.44 -33.59
CA GLU A 156 -9.54 35.28 -33.62
C GLU A 156 -9.52 36.23 -32.44
N PHE A 157 -10.63 36.94 -32.17
CA PHE A 157 -10.67 37.80 -30.99
C PHE A 157 -10.25 37.03 -29.75
N ALA A 158 -10.90 35.90 -29.51
CA ALA A 158 -10.62 35.10 -28.33
C ALA A 158 -9.13 34.77 -28.21
N PHE A 159 -8.49 34.37 -29.31
CA PHE A 159 -7.09 33.98 -29.19
C PHE A 159 -6.19 35.19 -28.97
N GLU A 160 -6.50 36.32 -29.62
CA GLU A 160 -5.75 37.54 -29.37
C GLU A 160 -5.90 38.02 -27.93
N TYR A 161 -7.13 37.98 -27.38
CA TYR A 161 -7.31 38.27 -25.96
C TYR A 161 -6.44 37.39 -25.08
N ALA A 162 -6.45 36.07 -25.31
CA ALA A 162 -5.60 35.16 -24.54
C ALA A 162 -4.13 35.56 -24.58
N ARG A 163 -3.67 36.17 -25.69
CA ARG A 163 -2.28 36.60 -25.87
C ARG A 163 -2.01 37.97 -25.28
N ASN A 164 -2.89 38.94 -25.54
CA ASN A 164 -2.70 40.27 -24.97
C ASN A 164 -2.78 40.27 -23.47
N ASN A 165 -3.49 39.34 -22.86
CA ASN A 165 -3.63 39.34 -21.40
C ASN A 165 -2.94 38.17 -20.73
N HIS A 166 -2.15 37.41 -21.49
CA HIS A 166 -1.27 36.40 -20.91
C HIS A 166 -2.08 35.34 -20.20
N ARG A 167 -3.00 34.75 -20.95
CA ARG A 167 -3.81 33.62 -20.53
C ARG A 167 -3.31 32.38 -21.26
N SER A 168 -3.22 31.27 -20.55
CA SER A 168 -2.58 30.09 -21.11
C SER A 168 -3.51 29.22 -21.96
N ASN A 169 -4.82 29.20 -21.68
CA ASN A 169 -5.75 28.24 -22.28
C ASN A 169 -6.96 28.94 -22.89
N VAL A 170 -7.45 28.43 -24.02
CA VAL A 170 -8.75 28.80 -24.59
C VAL A 170 -9.57 27.55 -24.79
N THR A 171 -10.85 27.62 -24.42
CA THR A 171 -11.80 26.51 -24.51
C THR A 171 -12.99 26.96 -25.36
N ALA A 172 -13.23 26.23 -26.44
CA ALA A 172 -14.44 26.45 -27.24
C ALA A 172 -15.60 25.71 -26.59
N VAL A 173 -16.63 26.46 -26.22
CA VAL A 173 -17.79 25.91 -25.52
C VAL A 173 -18.93 25.82 -26.52
N HIS A 174 -19.33 24.61 -26.87
CA HIS A 174 -20.17 24.38 -28.03
C HIS A 174 -21.28 23.38 -27.70
N LYS A 175 -22.31 23.30 -28.54
CA LYS A 175 -23.24 22.18 -28.49
C LYS A 175 -23.31 21.46 -29.83
N ALA A 176 -22.14 21.05 -30.33
CA ALA A 176 -22.03 20.37 -31.62
C ALA A 176 -22.61 18.96 -31.62
N ASN A 177 -22.85 18.37 -30.45
CA ASN A 177 -23.52 17.08 -30.46
C ASN A 177 -24.98 17.23 -30.82
N ILE A 178 -25.56 18.41 -30.64
CA ILE A 178 -26.99 18.60 -30.82
C ILE A 178 -27.29 19.56 -31.97
N MET A 179 -26.57 20.68 -32.05
CA MET A 179 -26.65 21.61 -33.18
C MET A 179 -25.50 21.35 -34.14
N ARG A 180 -25.58 20.25 -34.89
CA ARG A 180 -24.46 19.82 -35.73
C ARG A 180 -23.93 20.94 -36.62
N MET A 181 -24.78 21.50 -37.48
CA MET A 181 -24.31 22.37 -38.54
C MET A 181 -23.76 23.67 -37.99
N SER A 182 -24.52 24.36 -37.14
CA SER A 182 -24.05 25.60 -36.53
C SER A 182 -22.73 25.42 -35.79
N ASP A 183 -22.75 24.66 -34.70
CA ASP A 183 -21.55 24.61 -33.87
C ASP A 183 -20.44 23.83 -34.55
N GLY A 184 -20.80 22.94 -35.46
CA GLY A 184 -19.78 22.32 -36.29
C GLY A 184 -18.98 23.34 -37.08
N LEU A 185 -19.64 24.42 -37.50
CA LEU A 185 -18.95 25.49 -38.19
C LEU A 185 -18.08 26.28 -37.22
N PHE A 186 -18.64 26.66 -36.07
CA PHE A 186 -17.89 27.40 -35.05
C PHE A 186 -16.64 26.65 -34.62
N LEU A 187 -16.78 25.37 -34.27
CA LEU A 187 -15.58 24.56 -34.02
C LEU A 187 -14.66 24.53 -35.23
N GLN A 188 -15.21 24.43 -36.44
CA GLN A 188 -14.36 24.39 -37.62
C GLN A 188 -13.49 25.64 -37.69
N LYS A 189 -14.07 26.80 -37.41
CA LYS A 189 -13.31 28.04 -37.47
C LYS A 189 -12.40 28.21 -36.26
N CYS A 190 -12.90 27.93 -35.05
CA CYS A 190 -12.04 27.91 -33.87
C CYS A 190 -10.80 27.05 -34.08
N ARG A 191 -10.93 25.90 -34.74
CA ARG A 191 -9.77 25.04 -34.91
C ARG A 191 -8.72 25.64 -35.84
N GLU A 192 -9.15 26.35 -36.89
CA GLU A 192 -8.16 26.96 -37.79
C GLU A 192 -7.35 28.01 -37.06
N VAL A 193 -8.01 28.89 -36.30
CA VAL A 193 -7.22 29.91 -35.63
C VAL A 193 -6.30 29.28 -34.58
N ALA A 194 -6.72 28.15 -34.01
CA ALA A 194 -5.90 27.46 -33.02
C ALA A 194 -4.62 26.88 -33.62
N GLU A 195 -4.65 26.48 -34.90
CA GLU A 195 -3.41 25.99 -35.51
C GLU A 195 -2.41 27.11 -35.73
N SER A 196 -2.88 28.33 -35.93
CA SER A 196 -1.98 29.45 -36.12
C SER A 196 -1.46 30.02 -34.82
N CYS A 197 -1.76 29.37 -33.68
CA CYS A 197 -1.42 29.88 -32.35
C CYS A 197 -1.15 28.67 -31.45
N LYS A 198 0.00 28.03 -31.65
CA LYS A 198 0.39 26.94 -30.78
C LYS A 198 0.78 27.42 -29.37
N ASP A 199 1.10 28.71 -29.18
CA ASP A 199 1.43 29.21 -27.84
C ASP A 199 0.25 29.12 -26.89
N ILE A 200 -0.96 29.32 -27.39
CA ILE A 200 -2.19 29.18 -26.60
C ILE A 200 -2.66 27.74 -26.71
N LYS A 201 -2.86 27.08 -25.56
CA LYS A 201 -3.45 25.74 -25.54
C LYS A 201 -4.95 25.82 -25.82
N PHE A 202 -5.44 24.95 -26.70
CA PHE A 202 -6.84 24.89 -27.13
C PHE A 202 -7.48 23.57 -26.73
N ASN A 203 -8.75 23.64 -26.35
CA ASN A 203 -9.60 22.46 -26.17
C ASN A 203 -11.04 22.88 -26.41
N GLU A 204 -11.89 21.87 -26.61
CA GLU A 204 -13.32 22.07 -26.83
C GLU A 204 -14.11 21.32 -25.76
N MET A 205 -15.16 21.95 -25.24
CA MET A 205 -16.08 21.19 -24.39
C MET A 205 -17.53 21.47 -24.76
N TYR A 206 -18.41 20.52 -24.41
CA TYR A 206 -19.85 20.69 -24.59
C TYR A 206 -20.38 21.56 -23.47
N LEU A 207 -21.28 22.49 -23.81
CA LEU A 207 -21.65 23.50 -22.83
C LEU A 207 -22.25 22.88 -21.59
N ASP A 208 -23.04 21.82 -21.75
CA ASP A 208 -23.66 21.16 -20.60
C ASP A 208 -22.61 20.52 -19.68
N THR A 209 -21.53 19.96 -20.24
CA THR A 209 -20.38 19.57 -19.43
C THR A 209 -19.79 20.77 -18.70
N VAL A 210 -19.61 21.89 -19.38
CA VAL A 210 -18.94 23.04 -18.78
C VAL A 210 -19.75 23.56 -17.61
N CYS A 211 -21.07 23.69 -17.76
CA CYS A 211 -21.88 24.22 -16.67
C CYS A 211 -21.75 23.38 -15.42
N LEU A 212 -21.83 22.05 -15.56
CA LEU A 212 -21.67 21.18 -14.42
C LEU A 212 -20.27 21.31 -13.81
N ASN A 213 -19.24 21.29 -14.65
CA ASN A 213 -17.87 21.40 -14.15
C ASN A 213 -17.61 22.74 -13.51
N MET A 214 -18.24 23.79 -14.02
CA MET A 214 -17.98 25.12 -13.50
C MET A 214 -18.43 25.24 -12.05
N VAL A 215 -19.68 24.88 -11.73
CA VAL A 215 -20.15 25.06 -10.36
C VAL A 215 -19.47 24.10 -9.40
N GLN A 216 -18.79 23.10 -9.93
CA GLN A 216 -17.98 22.24 -9.08
C GLN A 216 -16.56 22.76 -8.93
N ASP A 217 -15.96 23.27 -10.01
CA ASP A 217 -14.57 23.73 -9.93
C ASP A 217 -14.14 24.68 -11.03
N PRO A 218 -14.27 25.99 -10.85
CA PRO A 218 -13.91 26.94 -11.91
C PRO A 218 -12.42 27.03 -12.17
N SER A 219 -11.59 26.33 -11.40
CA SER A 219 -10.17 26.58 -11.55
C SER A 219 -9.60 25.90 -12.78
N GLN A 220 -10.41 25.08 -13.44
CA GLN A 220 -10.05 24.41 -14.67
C GLN A 220 -10.10 25.31 -15.90
N PHE A 221 -10.62 26.53 -15.77
CA PHE A 221 -10.97 27.30 -16.95
C PHE A 221 -10.18 28.59 -17.01
N ASP A 222 -10.02 29.10 -18.24
CA ASP A 222 -9.24 30.28 -18.50
C ASP A 222 -10.13 31.24 -19.30
N VAL A 223 -9.94 31.36 -20.59
CA VAL A 223 -10.88 32.10 -21.42
C VAL A 223 -11.80 31.08 -22.08
N LEU A 224 -13.09 31.37 -22.12
CA LEU A 224 -14.08 30.54 -22.81
C LEU A 224 -14.68 31.34 -23.96
N VAL A 225 -14.78 30.70 -25.14
CA VAL A 225 -15.35 31.31 -26.35
C VAL A 225 -16.66 30.62 -26.68
N MET A 226 -17.63 31.41 -27.14
CA MET A 226 -18.94 30.86 -27.37
C MET A 226 -19.63 31.53 -28.53
N PRO A 227 -20.44 30.80 -29.30
CA PRO A 227 -21.37 31.47 -30.22
C PRO A 227 -22.53 32.04 -29.43
N ASN A 228 -23.34 32.84 -30.09
CA ASN A 228 -24.52 33.37 -29.41
C ASN A 228 -25.75 32.46 -29.55
N LEU A 229 -25.55 31.15 -29.62
CA LEU A 229 -26.66 30.21 -29.68
C LEU A 229 -27.27 29.91 -28.31
N TYR A 230 -26.51 30.09 -27.23
CA TYR A 230 -27.00 29.70 -25.91
C TYR A 230 -27.09 30.88 -24.95
N GLY A 231 -27.17 32.09 -25.49
CA GLY A 231 -27.32 33.18 -24.59
C GLY A 231 -26.02 33.45 -23.85
N ASP A 232 -26.16 34.24 -22.79
CA ASP A 232 -25.07 34.67 -21.92
C ASP A 232 -25.18 34.02 -20.55
N ILE A 233 -25.74 32.82 -20.51
CA ILE A 233 -25.99 32.18 -19.23
C ILE A 233 -24.78 31.47 -18.67
N LEU A 234 -23.70 31.32 -19.44
CA LEU A 234 -22.48 30.81 -18.82
C LEU A 234 -21.85 31.89 -17.96
N SER A 235 -21.85 33.13 -18.42
CA SER A 235 -21.30 34.21 -17.62
C SER A 235 -22.24 34.66 -16.52
N ASP A 236 -23.51 34.28 -16.60
CA ASP A 236 -24.41 34.47 -15.47
C ASP A 236 -24.14 33.43 -14.39
N LEU A 237 -23.93 32.18 -14.81
CA LEU A 237 -23.39 31.19 -13.90
C LEU A 237 -22.08 31.69 -13.29
N CYS A 238 -21.20 32.25 -14.11
CA CYS A 238 -19.95 32.74 -13.56
C CYS A 238 -20.15 33.94 -12.63
N ALA A 239 -21.14 34.80 -12.93
CA ALA A 239 -21.39 35.96 -12.08
C ALA A 239 -21.68 35.58 -10.63
N GLY A 240 -22.44 34.51 -10.41
CA GLY A 240 -22.74 34.07 -9.06
C GLY A 240 -21.54 33.56 -8.30
N LEU A 241 -20.50 33.11 -9.02
CA LEU A 241 -19.30 32.60 -8.35
C LEU A 241 -18.60 33.65 -7.50
N ILE A 242 -18.60 34.93 -7.90
CA ILE A 242 -17.77 35.95 -7.25
C ILE A 242 -18.56 36.94 -6.42
N GLY A 243 -19.89 36.94 -6.48
CA GLY A 243 -20.68 37.83 -5.65
C GLY A 243 -21.94 38.41 -6.30
N GLY A 244 -22.37 37.82 -7.42
CA GLY A 244 -23.60 38.26 -8.07
C GLY A 244 -23.48 39.44 -9.01
N LEU A 245 -24.65 40.01 -9.30
CA LEU A 245 -24.77 41.03 -10.32
C LEU A 245 -24.22 42.38 -9.90
N GLY A 246 -23.95 42.59 -8.61
CA GLY A 246 -23.46 43.89 -8.18
C GLY A 246 -22.01 44.14 -8.49
N VAL A 247 -21.27 43.12 -8.95
CA VAL A 247 -19.83 43.26 -9.10
C VAL A 247 -19.31 42.83 -10.46
N THR A 248 -20.06 42.10 -11.27
CA THR A 248 -19.52 41.57 -12.52
C THR A 248 -19.60 42.58 -13.65
N PRO A 249 -18.48 42.94 -14.25
CA PRO A 249 -18.48 43.94 -15.33
C PRO A 249 -18.48 43.34 -16.73
N SER A 250 -18.67 44.19 -17.74
CA SER A 250 -18.83 43.73 -19.11
C SER A 250 -18.10 44.69 -20.04
N GLY A 251 -17.91 44.25 -21.29
CA GLY A 251 -17.47 45.09 -22.38
C GLY A 251 -17.98 44.53 -23.71
N ASN A 252 -18.54 45.39 -24.59
CA ASN A 252 -18.89 45.05 -25.98
C ASN A 252 -17.85 45.70 -26.88
N ILE A 253 -16.94 44.90 -27.41
CA ILE A 253 -15.77 45.40 -28.13
C ILE A 253 -15.99 45.26 -29.63
N GLY A 254 -15.65 46.30 -30.38
CA GLY A 254 -15.72 46.27 -31.81
C GLY A 254 -14.38 46.59 -32.42
N ALA A 255 -14.35 46.60 -33.75
CA ALA A 255 -13.08 46.88 -34.39
C ALA A 255 -12.81 48.38 -34.44
N ASN A 256 -11.55 48.70 -34.75
CA ASN A 256 -11.04 50.07 -34.80
C ASN A 256 -11.20 50.78 -33.44
N GLY A 257 -11.07 50.03 -32.35
CA GLY A 257 -11.11 50.61 -31.01
C GLY A 257 -12.42 51.23 -30.58
N VAL A 258 -13.55 50.71 -31.05
CA VAL A 258 -14.88 51.15 -30.65
C VAL A 258 -15.38 50.20 -29.58
N ALA A 259 -15.92 50.73 -28.48
CA ALA A 259 -16.49 49.82 -27.48
C ALA A 259 -17.53 50.52 -26.63
N ILE A 260 -18.51 49.75 -26.17
CA ILE A 260 -19.52 50.23 -25.22
C ILE A 260 -19.43 49.34 -24.00
N PHE A 261 -18.99 49.91 -22.89
CA PHE A 261 -18.80 49.14 -21.66
C PHE A 261 -20.03 49.25 -20.80
N GLU A 262 -20.55 48.12 -20.34
CA GLU A 262 -21.75 48.10 -19.52
C GLU A 262 -21.55 47.03 -18.45
N SER A 263 -22.60 46.67 -17.76
CA SER A 263 -22.45 45.63 -16.77
C SER A 263 -23.35 44.46 -17.12
N VAL A 264 -23.11 43.33 -16.47
CA VAL A 264 -23.91 42.16 -16.80
C VAL A 264 -25.35 42.34 -16.34
N HIS A 265 -25.57 43.08 -15.25
CA HIS A 265 -26.88 43.16 -14.62
C HIS A 265 -27.83 44.07 -15.42
N GLY A 266 -29.10 44.01 -15.02
CA GLY A 266 -30.17 44.72 -15.65
C GLY A 266 -30.59 45.95 -14.89
N THR A 267 -31.84 46.36 -15.10
CA THR A 267 -32.37 47.57 -14.51
C THR A 267 -32.64 47.43 -13.01
N ALA A 268 -32.74 46.19 -12.50
CA ALA A 268 -33.01 45.96 -11.08
C ALA A 268 -34.24 46.72 -10.65
N PRO A 269 -35.43 46.32 -11.09
CA PRO A 269 -36.63 47.12 -10.79
C PRO A 269 -37.00 47.10 -9.31
N ASP A 270 -36.86 45.93 -8.67
CA ASP A 270 -37.24 45.78 -7.26
C ASP A 270 -36.45 46.70 -6.32
N ILE A 271 -35.25 47.13 -6.69
CA ILE A 271 -34.43 48.00 -5.86
C ILE A 271 -34.28 49.39 -6.45
N ALA A 272 -34.93 49.64 -7.58
CA ALA A 272 -34.71 50.89 -8.29
C ALA A 272 -35.32 52.05 -7.52
N GLY A 273 -34.56 53.13 -7.43
CA GLY A 273 -34.99 54.32 -6.74
C GLY A 273 -34.81 54.30 -5.25
N LYS A 274 -34.47 53.16 -4.67
CA LYS A 274 -34.34 53.08 -3.23
C LYS A 274 -32.94 53.39 -2.75
N ASP A 275 -32.04 53.81 -3.64
CA ASP A 275 -30.65 54.11 -3.28
C ASP A 275 -30.01 52.94 -2.49
N MET A 276 -30.22 51.71 -3.00
CA MET A 276 -29.60 50.51 -2.42
C MET A 276 -28.80 49.69 -3.45
N ALA A 277 -28.72 50.14 -4.69
CA ALA A 277 -28.07 49.41 -5.77
C ALA A 277 -26.56 49.46 -5.62
N ASN A 278 -25.89 48.42 -6.12
CA ASN A 278 -24.44 48.34 -6.04
C ASN A 278 -23.82 48.91 -7.30
N PRO A 279 -22.97 49.94 -7.20
CA PRO A 279 -22.30 50.47 -8.39
C PRO A 279 -20.92 49.87 -8.69
N THR A 280 -20.53 48.76 -8.05
CA THR A 280 -19.24 48.14 -8.34
C THR A 280 -19.20 47.61 -9.78
N ALA A 281 -20.28 46.98 -10.23
CA ALA A 281 -20.37 46.51 -11.61
C ALA A 281 -20.04 47.62 -12.60
N LEU A 282 -20.82 48.72 -12.60
CA LEU A 282 -20.58 49.75 -13.60
C LEU A 282 -19.26 50.44 -13.37
N LEU A 283 -18.80 50.48 -12.13
CA LEU A 283 -17.50 51.06 -11.84
C LEU A 283 -16.39 50.21 -12.45
N LEU A 284 -16.45 48.90 -12.24
CA LEU A 284 -15.45 47.99 -12.79
C LEU A 284 -15.51 47.91 -14.32
N SER A 285 -16.69 48.12 -14.93
CA SER A 285 -16.70 48.28 -16.37
C SER A 285 -16.01 49.55 -16.78
N ALA A 286 -16.16 50.63 -16.01
CA ALA A 286 -15.50 51.87 -16.36
C ALA A 286 -14.00 51.79 -16.14
N VAL A 287 -13.52 50.91 -15.27
CA VAL A 287 -12.08 50.76 -15.26
C VAL A 287 -11.65 49.85 -16.42
N MET A 288 -12.54 48.99 -16.92
CA MET A 288 -12.28 48.31 -18.19
C MET A 288 -12.12 49.31 -19.31
N MET A 289 -13.06 50.25 -19.45
CA MET A 289 -12.95 51.32 -20.44
C MET A 289 -11.66 52.11 -20.27
N LEU A 290 -11.30 52.44 -19.04
CA LEU A 290 -10.07 53.20 -18.83
C LEU A 290 -8.86 52.45 -19.38
N ARG A 291 -8.73 51.16 -19.03
CA ARG A 291 -7.57 50.42 -19.50
C ARG A 291 -7.60 50.23 -21.01
N HIS A 292 -8.80 50.17 -21.58
CA HIS A 292 -8.95 50.19 -23.03
C HIS A 292 -8.38 51.46 -23.63
N MET A 293 -8.65 52.61 -23.00
CA MET A 293 -8.23 53.91 -23.51
C MET A 293 -6.78 54.22 -23.21
N GLY A 294 -6.09 53.38 -22.46
CA GLY A 294 -4.72 53.66 -22.07
C GLY A 294 -4.52 54.54 -20.86
N LEU A 295 -5.59 54.90 -20.14
CA LEU A 295 -5.44 55.64 -18.89
C LEU A 295 -5.21 54.65 -17.74
N PHE A 296 -4.04 54.00 -17.77
CA PHE A 296 -3.76 52.92 -16.84
C PHE A 296 -3.64 53.39 -15.40
N ASP A 297 -3.12 54.60 -15.16
CA ASP A 297 -2.86 55.00 -13.78
C ASP A 297 -4.16 55.39 -13.07
N HIS A 298 -5.06 56.11 -13.77
CA HIS A 298 -6.38 56.34 -13.19
C HIS A 298 -7.15 55.05 -12.98
N ALA A 299 -6.88 54.04 -13.79
CA ALA A 299 -7.57 52.77 -13.62
C ALA A 299 -7.14 52.09 -12.31
N ALA A 300 -5.84 51.84 -12.16
CA ALA A 300 -5.40 51.11 -10.98
C ALA A 300 -5.79 51.83 -9.70
N ARG A 301 -5.77 53.16 -9.74
CA ARG A 301 -6.18 53.98 -8.60
C ARG A 301 -7.65 53.75 -8.27
N ILE A 302 -8.54 53.95 -9.24
CA ILE A 302 -9.97 53.78 -8.98
C ILE A 302 -10.29 52.35 -8.58
N GLU A 303 -9.61 51.37 -9.19
CA GLU A 303 -9.87 49.97 -8.87
C GLU A 303 -9.37 49.61 -7.47
N ALA A 304 -8.22 50.14 -7.07
CA ALA A 304 -7.73 49.90 -5.72
C ALA A 304 -8.67 50.52 -4.70
N ALA A 305 -9.19 51.71 -4.99
CA ALA A 305 -10.15 52.36 -4.10
C ALA A 305 -11.37 51.49 -3.86
N CYS A 306 -11.89 50.89 -4.94
CA CYS A 306 -13.09 50.08 -4.87
C CYS A 306 -12.88 48.79 -4.09
N PHE A 307 -11.79 48.07 -4.39
CA PHE A 307 -11.52 46.82 -3.68
C PHE A 307 -11.22 47.08 -2.20
N ALA A 308 -10.38 48.08 -1.91
CA ALA A 308 -10.02 48.40 -0.53
C ALA A 308 -11.23 48.78 0.32
N THR A 309 -12.26 49.39 -0.29
CA THR A 309 -13.52 49.62 0.42
C THR A 309 -14.24 48.30 0.70
N ILE A 310 -14.39 47.47 -0.35
CA ILE A 310 -15.06 46.18 -0.18
C ILE A 310 -14.36 45.35 0.88
N LYS A 311 -13.02 45.38 0.88
CA LYS A 311 -12.20 44.65 1.86
C LYS A 311 -12.40 45.18 3.28
N ASP A 312 -12.60 46.49 3.44
CA ASP A 312 -12.83 47.04 4.78
C ASP A 312 -14.14 46.55 5.36
N GLY A 313 -15.15 46.36 4.50
CA GLY A 313 -16.41 45.78 4.88
C GLY A 313 -17.25 46.70 5.75
N LYS A 314 -16.68 47.86 6.10
CA LYS A 314 -17.39 48.77 7.00
C LYS A 314 -18.64 49.31 6.34
N SER A 315 -18.50 49.89 5.15
CA SER A 315 -19.60 50.45 4.40
C SER A 315 -19.81 49.64 3.12
N LEU A 316 -20.36 48.43 3.27
CA LEU A 316 -20.75 47.60 2.11
C LEU A 316 -22.13 48.01 1.62
N THR A 317 -22.91 47.07 1.10
CA THR A 317 -24.19 47.38 0.47
C THR A 317 -24.99 46.08 0.41
N LYS A 318 -26.30 46.21 0.19
CA LYS A 318 -27.18 45.11 0.59
C LYS A 318 -26.95 43.83 -0.22
N ASP A 319 -26.55 43.93 -1.49
CA ASP A 319 -26.35 42.73 -2.29
C ASP A 319 -25.12 41.95 -1.84
N LEU A 320 -24.14 42.65 -1.26
CA LEU A 320 -22.97 42.10 -0.60
C LEU A 320 -23.24 41.90 0.89
N GLY A 321 -22.27 42.21 1.74
CA GLY A 321 -22.48 42.04 3.18
C GLY A 321 -23.55 42.63 4.09
N GLY A 322 -23.58 43.96 4.19
CA GLY A 322 -24.56 44.60 5.04
C GLY A 322 -25.14 45.85 4.42
N ASN A 323 -26.12 46.42 5.11
CA ASN A 323 -26.93 47.52 4.59
C ASN A 323 -26.18 48.85 4.70
N ALA A 324 -25.89 49.44 3.54
CA ALA A 324 -25.44 50.83 3.42
C ALA A 324 -25.87 51.34 2.06
N LYS A 325 -26.18 52.62 1.97
CA LYS A 325 -26.76 53.17 0.76
C LYS A 325 -25.72 53.26 -0.35
N CYS A 326 -26.19 53.16 -1.61
CA CYS A 326 -25.30 53.38 -2.74
C CYS A 326 -24.53 54.68 -2.59
N SER A 327 -25.18 55.71 -2.04
CA SER A 327 -24.52 57.00 -1.84
C SER A 327 -23.39 56.88 -0.84
N ASP A 328 -23.65 56.16 0.27
CA ASP A 328 -22.63 55.94 1.30
C ASP A 328 -21.44 55.19 0.73
N PHE A 329 -21.70 54.13 -0.04
CA PHE A 329 -20.65 53.33 -0.63
C PHE A 329 -19.83 54.15 -1.64
N THR A 330 -20.50 54.92 -2.51
CA THR A 330 -19.76 55.74 -3.45
C THR A 330 -18.92 56.78 -2.74
N GLU A 331 -19.33 57.20 -1.55
CA GLU A 331 -18.58 58.25 -0.89
C GLU A 331 -17.31 57.69 -0.27
N GLU A 332 -17.38 56.49 0.32
CA GLU A 332 -16.19 55.93 0.95
C GLU A 332 -15.14 55.53 -0.08
N ILE A 333 -15.55 55.29 -1.34
CA ILE A 333 -14.58 55.11 -2.42
C ILE A 333 -13.99 56.46 -2.83
N CYS A 334 -14.84 57.47 -3.04
CA CYS A 334 -14.34 58.82 -3.30
C CYS A 334 -13.33 59.26 -2.25
N ARG A 335 -13.63 58.98 -0.98
CA ARG A 335 -12.67 59.32 0.06
C ARG A 335 -11.37 58.57 -0.15
N ARG A 336 -11.46 57.33 -0.63
CA ARG A 336 -10.28 56.48 -0.79
C ARG A 336 -9.40 56.96 -1.95
N VAL A 337 -10.01 57.39 -3.06
CA VAL A 337 -9.26 57.74 -4.28
C VAL A 337 -8.40 58.97 -4.05
N LYS A 338 -8.91 59.94 -3.29
CA LYS A 338 -8.20 61.21 -3.13
C LYS A 338 -6.95 61.06 -2.28
N ASP A 339 -6.97 60.18 -1.29
CA ASP A 339 -5.87 60.07 -0.31
C ASP A 339 -4.61 59.43 -0.89
N SER B 14 -43.54 -10.09 -9.49
CA SER B 14 -44.95 -9.69 -9.57
C SER B 14 -45.11 -8.41 -10.38
N PHE B 15 -44.02 -7.67 -10.55
CA PHE B 15 -44.04 -6.35 -11.18
C PHE B 15 -43.01 -6.25 -12.31
N PRO B 16 -43.42 -6.28 -13.56
CA PRO B 16 -42.45 -6.18 -14.66
C PRO B 16 -42.07 -4.75 -14.99
N VAL B 17 -40.78 -4.56 -15.21
CA VAL B 17 -40.20 -3.26 -15.55
C VAL B 17 -39.24 -3.45 -16.71
N THR B 18 -39.33 -2.55 -17.69
CA THR B 18 -38.40 -2.51 -18.80
C THR B 18 -37.07 -1.91 -18.37
N MET B 19 -35.97 -2.57 -18.70
CA MET B 19 -34.62 -2.07 -18.44
C MET B 19 -33.87 -1.92 -19.75
N LEU B 20 -33.14 -0.81 -19.86
CA LEU B 20 -32.45 -0.44 -21.09
C LEU B 20 -31.05 0.01 -20.69
N PRO B 21 -30.09 -0.90 -20.60
CA PRO B 21 -28.83 -0.56 -19.93
C PRO B 21 -28.04 0.53 -20.64
N GLY B 22 -28.20 0.69 -21.94
CA GLY B 22 -27.49 1.74 -22.65
C GLY B 22 -25.99 1.45 -22.80
N ASP B 23 -25.26 2.50 -23.10
CA ASP B 23 -23.83 2.38 -23.34
C ASP B 23 -23.06 2.90 -22.13
N GLY B 24 -21.75 3.09 -22.30
CA GLY B 24 -20.94 3.62 -21.23
C GLY B 24 -20.92 2.70 -20.02
N VAL B 25 -21.08 3.29 -18.84
CA VAL B 25 -21.17 2.51 -17.60
C VAL B 25 -22.59 2.05 -17.29
N GLY B 26 -23.57 2.41 -18.12
CA GLY B 26 -24.93 1.91 -18.05
C GLY B 26 -25.07 0.44 -17.63
N PRO B 27 -24.39 -0.48 -18.32
CA PRO B 27 -24.44 -1.87 -17.85
C PRO B 27 -23.94 -2.08 -16.42
N GLU B 28 -22.94 -1.33 -15.93
CA GLU B 28 -22.51 -1.50 -14.54
C GLU B 28 -23.55 -0.98 -13.57
N LEU B 29 -24.07 0.23 -13.83
CA LEU B 29 -25.15 0.77 -13.01
C LEU B 29 -26.35 -0.16 -12.95
N MET B 30 -26.79 -0.69 -14.09
CA MET B 30 -27.93 -1.59 -14.05
C MET B 30 -27.60 -2.86 -13.29
N HIS B 31 -26.36 -3.32 -13.36
CA HIS B 31 -26.00 -4.46 -12.54
C HIS B 31 -26.04 -4.09 -11.05
N ALA B 32 -25.75 -2.83 -10.71
CA ALA B 32 -25.90 -2.40 -9.34
C ALA B 32 -27.36 -2.42 -8.91
N VAL B 33 -28.24 -1.85 -9.74
CA VAL B 33 -29.66 -1.85 -9.39
C VAL B 33 -30.16 -3.26 -9.13
N LYS B 34 -29.70 -4.24 -9.89
CA LYS B 34 -30.37 -5.49 -9.62
C LYS B 34 -29.67 -6.31 -8.54
N GLU B 35 -28.40 -6.07 -8.25
CA GLU B 35 -27.82 -6.83 -7.17
C GLU B 35 -28.28 -6.25 -5.82
N VAL B 36 -28.59 -4.95 -5.78
CA VAL B 36 -29.30 -4.34 -4.66
C VAL B 36 -30.73 -4.88 -4.58
N PHE B 37 -31.49 -4.76 -5.67
CA PHE B 37 -32.85 -5.29 -5.69
C PHE B 37 -32.88 -6.76 -5.33
N LYS B 38 -31.84 -7.50 -5.70
CA LYS B 38 -31.80 -8.91 -5.29
C LYS B 38 -31.62 -9.00 -3.79
N ALA B 39 -30.70 -8.21 -3.23
CA ALA B 39 -30.43 -8.23 -1.79
C ALA B 39 -31.61 -7.73 -0.95
N ALA B 40 -32.55 -7.01 -1.55
CA ALA B 40 -33.67 -6.46 -0.80
C ALA B 40 -34.98 -7.21 -1.08
N ALA B 41 -34.93 -8.30 -1.85
CA ALA B 41 -36.11 -9.10 -2.17
C ALA B 41 -37.18 -8.26 -2.88
N VAL B 42 -36.75 -7.33 -3.72
CA VAL B 42 -37.66 -6.43 -4.40
C VAL B 42 -38.47 -7.22 -5.43
N PRO B 43 -39.80 -7.22 -5.35
CA PRO B 43 -40.62 -8.03 -6.28
C PRO B 43 -40.73 -7.39 -7.66
N VAL B 44 -39.62 -7.30 -8.37
CA VAL B 44 -39.59 -6.69 -9.69
C VAL B 44 -38.80 -7.62 -10.60
N GLU B 45 -39.35 -7.89 -11.78
CA GLU B 45 -38.68 -8.67 -12.81
C GLU B 45 -38.34 -7.75 -13.97
N PHE B 46 -37.05 -7.68 -14.31
CA PHE B 46 -36.58 -6.77 -15.35
C PHE B 46 -36.57 -7.43 -16.72
N GLN B 47 -37.14 -6.72 -17.72
CA GLN B 47 -37.07 -7.15 -19.13
C GLN B 47 -36.01 -6.31 -19.84
N GLU B 48 -34.84 -6.90 -20.08
CA GLU B 48 -33.72 -6.15 -20.64
C GLU B 48 -33.80 -6.11 -22.17
N HIS B 49 -33.62 -4.92 -22.72
CA HIS B 49 -33.47 -4.71 -24.15
C HIS B 49 -32.08 -4.13 -24.39
N HIS B 50 -31.30 -4.74 -25.29
CA HIS B 50 -29.96 -4.25 -25.52
C HIS B 50 -29.97 -3.47 -26.84
N LEU B 51 -30.18 -2.17 -26.71
CA LEU B 51 -30.31 -1.27 -27.85
C LEU B 51 -29.14 -0.30 -27.80
N SER B 52 -28.12 -0.56 -28.60
CA SER B 52 -26.88 0.22 -28.59
C SER B 52 -26.46 0.51 -30.01
N GLU B 53 -26.45 1.78 -30.41
CA GLU B 53 -26.01 2.07 -31.78
C GLU B 53 -24.50 1.97 -31.89
N VAL B 54 -23.78 2.22 -30.78
CA VAL B 54 -22.33 2.16 -30.77
C VAL B 54 -21.83 0.73 -30.93
N GLN B 55 -22.57 -0.27 -30.44
CA GLN B 55 -22.17 -1.67 -30.56
C GLN B 55 -22.90 -2.41 -31.68
N ASN B 56 -23.64 -1.70 -32.53
CA ASN B 56 -24.38 -2.32 -33.65
C ASN B 56 -25.43 -3.30 -33.16
N MET B 57 -26.21 -2.86 -32.18
CA MET B 57 -27.43 -3.55 -31.76
C MET B 57 -28.64 -2.63 -31.86
N ALA B 58 -28.61 -1.66 -32.77
CA ALA B 58 -29.70 -0.71 -32.96
C ALA B 58 -30.40 -0.94 -34.30
N SER B 59 -31.72 -0.77 -34.30
CA SER B 59 -32.62 -0.81 -35.45
C SER B 59 -34.02 -0.41 -34.99
N GLU B 60 -34.84 0.03 -35.94
CA GLU B 60 -36.21 0.41 -35.60
C GLU B 60 -37.08 -0.78 -35.18
N GLU B 61 -36.71 -2.02 -35.55
CA GLU B 61 -37.44 -3.16 -34.97
C GLU B 61 -37.15 -3.29 -33.48
N LYS B 62 -35.91 -3.02 -33.06
CA LYS B 62 -35.59 -3.06 -31.64
C LYS B 62 -36.22 -1.89 -30.89
N LEU B 63 -36.35 -0.74 -31.54
CA LEU B 63 -37.11 0.36 -30.96
C LEU B 63 -38.55 -0.06 -30.70
N GLU B 64 -39.17 -0.71 -31.69
CA GLU B 64 -40.57 -1.12 -31.54
C GLU B 64 -40.72 -2.20 -30.48
N GLN B 65 -39.76 -3.13 -30.38
CA GLN B 65 -39.85 -4.11 -29.31
C GLN B 65 -39.88 -3.44 -27.95
N VAL B 66 -39.32 -2.22 -27.85
CA VAL B 66 -39.26 -1.50 -26.58
C VAL B 66 -40.60 -0.85 -26.26
N LEU B 67 -41.20 -0.19 -27.26
CA LEU B 67 -42.56 0.33 -27.11
C LEU B 67 -43.56 -0.78 -26.78
N SER B 68 -43.39 -1.97 -27.39
CA SER B 68 -44.24 -3.10 -27.01
C SER B 68 -44.06 -3.43 -25.54
N SER B 69 -42.80 -3.50 -25.10
CA SER B 69 -42.51 -3.73 -23.68
C SER B 69 -43.08 -2.63 -22.81
N MET B 70 -43.07 -1.40 -23.29
CA MET B 70 -43.66 -0.33 -22.52
C MET B 70 -45.17 -0.36 -22.55
N LYS B 71 -45.77 -0.80 -23.65
CA LYS B 71 -47.24 -0.87 -23.70
C LYS B 71 -47.78 -1.79 -22.62
N GLU B 72 -47.00 -2.79 -22.20
CA GLU B 72 -47.35 -3.71 -21.14
C GLU B 72 -46.86 -3.22 -19.78
N ASN B 73 -45.59 -2.84 -19.68
CA ASN B 73 -45.00 -2.61 -18.38
C ASN B 73 -45.30 -1.20 -17.87
N LYS B 74 -45.37 -0.24 -18.78
CA LYS B 74 -45.71 1.17 -18.52
C LYS B 74 -44.71 1.88 -17.59
N VAL B 75 -43.50 1.32 -17.40
CA VAL B 75 -42.48 1.79 -16.46
C VAL B 75 -41.12 1.25 -16.90
N ALA B 76 -40.12 2.13 -17.03
CA ALA B 76 -38.80 1.68 -17.45
C ALA B 76 -37.70 2.44 -16.74
N ILE B 77 -36.59 1.74 -16.49
CA ILE B 77 -35.36 2.34 -16.00
C ILE B 77 -34.31 2.16 -17.08
N ILE B 78 -33.65 3.26 -17.47
CA ILE B 78 -32.83 3.29 -18.67
C ILE B 78 -31.46 3.92 -18.40
N GLY B 79 -30.50 3.55 -19.24
CA GLY B 79 -29.20 4.19 -19.29
C GLY B 79 -29.18 5.31 -20.30
N LYS B 80 -28.00 5.54 -20.89
CA LYS B 80 -27.86 6.50 -21.96
C LYS B 80 -27.42 5.77 -23.22
N ILE B 81 -28.29 5.78 -24.23
CA ILE B 81 -27.95 5.26 -25.55
C ILE B 81 -27.01 6.26 -26.21
N HIS B 82 -25.74 5.87 -26.34
CA HIS B 82 -24.73 6.70 -26.98
C HIS B 82 -25.01 6.86 -28.47
N THR B 83 -24.59 8.02 -28.98
CA THR B 83 -24.70 8.36 -30.39
C THR B 83 -23.31 8.62 -31.00
N PRO B 84 -23.05 8.13 -32.22
CA PRO B 84 -21.74 8.34 -32.86
C PRO B 84 -21.69 9.68 -33.56
N MET B 85 -20.83 10.57 -33.06
CA MET B 85 -20.82 11.95 -33.55
C MET B 85 -20.38 12.06 -35.00
N GLU B 86 -19.86 10.99 -35.60
CA GLU B 86 -19.52 10.97 -37.01
C GLU B 86 -20.73 10.48 -37.81
N TYR B 87 -21.35 11.40 -38.56
CA TYR B 87 -22.50 11.20 -39.44
C TYR B 87 -23.84 11.26 -38.70
N LYS B 88 -23.87 11.63 -37.41
CA LYS B 88 -25.13 11.71 -36.68
C LYS B 88 -25.05 12.73 -35.57
N GLY B 89 -25.96 13.71 -35.60
CA GLY B 89 -26.23 14.52 -34.43
C GLY B 89 -27.21 13.84 -33.51
N GLU B 90 -27.38 14.41 -32.32
CA GLU B 90 -28.11 13.70 -31.27
C GLU B 90 -29.61 13.68 -31.52
N LEU B 91 -30.11 14.57 -32.39
CA LEU B 91 -31.54 14.63 -32.67
C LEU B 91 -32.02 13.41 -33.42
N ALA B 92 -31.15 12.77 -34.21
CA ALA B 92 -31.47 11.52 -34.89
C ALA B 92 -30.92 10.30 -34.16
N SER B 93 -30.35 10.48 -32.98
CA SER B 93 -29.89 9.36 -32.17
C SER B 93 -31.07 8.51 -31.74
N TYR B 94 -30.78 7.24 -31.46
CA TYR B 94 -31.80 6.36 -30.92
C TYR B 94 -32.27 6.80 -29.52
N ASP B 95 -31.50 7.64 -28.83
CA ASP B 95 -32.03 8.16 -27.57
C ASP B 95 -33.13 9.17 -27.80
N MET B 96 -33.11 9.86 -28.93
CA MET B 96 -34.24 10.72 -29.24
C MET B 96 -35.41 9.95 -29.82
N ARG B 97 -35.16 8.98 -30.69
CA ARG B 97 -36.26 8.23 -31.28
C ARG B 97 -37.08 7.51 -30.21
N LEU B 98 -36.41 7.05 -29.14
CA LEU B 98 -37.08 6.45 -27.99
C LEU B 98 -38.04 7.44 -27.32
N ARG B 99 -37.56 8.65 -27.04
CA ARG B 99 -38.41 9.59 -26.30
C ARG B 99 -39.56 10.07 -27.14
N ARG B 100 -39.41 10.02 -28.46
CA ARG B 100 -40.50 10.38 -29.34
C ARG B 100 -41.49 9.24 -29.46
N LYS B 101 -40.99 8.00 -29.61
CA LYS B 101 -41.89 6.85 -29.63
C LYS B 101 -42.57 6.61 -28.29
N LEU B 102 -41.98 7.08 -27.19
CA LEU B 102 -42.64 7.01 -25.89
C LEU B 102 -43.37 8.30 -25.55
N ASP B 103 -43.29 9.31 -26.41
CA ASP B 103 -43.86 10.62 -26.15
C ASP B 103 -43.56 11.11 -24.72
N LEU B 104 -42.30 11.04 -24.32
CA LEU B 104 -41.89 11.64 -23.07
C LEU B 104 -41.79 13.14 -23.28
N PHE B 105 -42.39 13.92 -22.39
CA PHE B 105 -42.44 15.36 -22.61
C PHE B 105 -41.98 16.18 -21.44
N ALA B 106 -42.00 15.61 -20.24
CA ALA B 106 -41.61 16.30 -19.02
C ALA B 106 -40.38 15.59 -18.47
N ASN B 107 -39.27 16.29 -18.43
CA ASN B 107 -38.09 15.83 -17.71
C ASN B 107 -38.16 16.33 -16.27
N VAL B 108 -37.89 15.44 -15.32
CA VAL B 108 -37.94 15.78 -13.89
C VAL B 108 -36.60 15.43 -13.24
N VAL B 109 -35.88 16.45 -12.80
CA VAL B 109 -34.61 16.30 -12.09
C VAL B 109 -34.80 16.65 -10.62
N HIS B 110 -34.24 15.82 -9.75
CA HIS B 110 -34.25 16.03 -8.30
C HIS B 110 -32.89 16.52 -7.84
N VAL B 111 -32.78 17.80 -7.53
CA VAL B 111 -31.55 18.38 -7.02
C VAL B 111 -31.71 18.44 -5.50
N LYS B 112 -31.31 17.35 -4.81
CA LYS B 112 -31.44 17.25 -3.35
C LYS B 112 -30.12 16.86 -2.73
N SER B 113 -29.67 17.63 -1.73
CA SER B 113 -28.39 17.35 -1.07
C SER B 113 -28.41 16.01 -0.35
N LEU B 114 -27.24 15.37 -0.32
CA LEU B 114 -27.04 14.12 0.44
C LEU B 114 -26.27 14.40 1.72
N PRO B 115 -26.85 14.20 2.91
CA PRO B 115 -26.09 14.45 4.14
C PRO B 115 -24.82 13.60 4.20
N GLY B 116 -23.67 14.26 4.27
CA GLY B 116 -22.38 13.60 4.38
C GLY B 116 -21.53 13.73 3.13
N TYR B 117 -22.15 13.98 1.99
CA TYR B 117 -21.43 14.36 0.79
C TYR B 117 -21.39 15.88 0.80
N MET B 118 -20.30 16.47 1.32
CA MET B 118 -20.27 17.91 1.53
C MET B 118 -19.96 18.62 0.23
N THR B 119 -20.78 19.62 -0.09
CA THR B 119 -20.53 20.47 -1.24
C THR B 119 -20.53 21.90 -0.76
N ARG B 120 -20.64 22.86 -1.68
CA ARG B 120 -20.84 24.26 -1.34
C ARG B 120 -22.31 24.62 -1.16
N HIS B 121 -23.24 23.72 -1.51
CA HIS B 121 -24.66 23.99 -1.36
C HIS B 121 -25.27 22.78 -0.66
N ASN B 122 -25.22 22.80 0.67
CA ASN B 122 -25.73 21.70 1.46
C ASN B 122 -27.17 22.00 1.87
N ASN B 123 -27.88 20.96 2.29
CA ASN B 123 -29.26 21.11 2.69
C ASN B 123 -30.08 21.81 1.60
N LEU B 124 -29.95 21.33 0.38
CA LEU B 124 -30.71 21.88 -0.75
C LEU B 124 -31.71 20.84 -1.24
N ASP B 125 -32.93 21.30 -1.52
CA ASP B 125 -34.04 20.46 -1.97
C ASP B 125 -34.78 21.15 -3.11
N LEU B 126 -34.52 20.70 -4.34
CA LEU B 126 -34.92 21.40 -5.54
C LEU B 126 -35.43 20.39 -6.56
N VAL B 127 -36.44 20.76 -7.35
CA VAL B 127 -36.84 19.95 -8.51
C VAL B 127 -36.97 20.83 -9.75
N ILE B 128 -36.41 20.33 -10.85
CA ILE B 128 -36.42 21.02 -12.13
C ILE B 128 -37.31 20.26 -13.08
N ILE B 129 -38.35 20.92 -13.58
CA ILE B 129 -39.21 20.38 -14.61
C ILE B 129 -38.96 21.19 -15.87
N ARG B 130 -38.56 20.52 -16.94
CA ARG B 130 -38.49 21.20 -18.23
C ARG B 130 -39.19 20.37 -19.29
N GLU B 131 -39.65 21.07 -20.32
CA GLU B 131 -40.30 20.46 -21.48
C GLU B 131 -39.27 19.77 -22.37
N GLN B 132 -39.64 18.61 -22.93
CA GLN B 132 -38.63 17.75 -23.54
C GLN B 132 -38.89 17.40 -25.01
N THR B 133 -39.79 18.10 -25.72
CA THR B 133 -40.15 17.71 -27.07
C THR B 133 -40.03 18.82 -28.10
N GLU B 134 -39.60 20.00 -27.71
CA GLU B 134 -39.68 21.15 -28.57
C GLU B 134 -38.46 22.02 -28.33
N GLY B 135 -38.56 23.29 -28.72
CA GLY B 135 -37.45 24.18 -28.59
C GLY B 135 -36.20 23.62 -29.25
N GLU B 136 -35.20 23.28 -28.43
CA GLU B 136 -33.94 22.80 -28.97
C GLU B 136 -34.10 21.50 -29.72
N TYR B 137 -34.98 20.62 -29.24
CA TYR B 137 -35.07 19.33 -29.87
C TYR B 137 -35.97 19.35 -31.09
N SER B 138 -36.45 20.54 -31.45
CA SER B 138 -37.17 20.82 -32.68
C SER B 138 -36.26 21.36 -33.77
N SER B 139 -35.01 21.63 -33.42
CA SER B 139 -34.11 22.36 -34.29
C SER B 139 -34.08 21.70 -35.66
N LEU B 140 -34.29 22.52 -36.68
CA LEU B 140 -34.04 22.16 -38.05
C LEU B 140 -32.96 23.11 -38.55
N GLU B 141 -31.85 22.54 -39.04
CA GLU B 141 -30.73 23.30 -39.58
C GLU B 141 -30.63 23.08 -41.08
N HIS B 142 -30.29 24.15 -41.81
CA HIS B 142 -30.12 24.12 -43.26
C HIS B 142 -29.17 25.24 -43.64
N GLU B 143 -28.56 25.14 -44.82
CA GLU B 143 -27.60 26.15 -45.26
C GLU B 143 -28.25 27.09 -46.27
N SER B 144 -28.30 28.38 -45.93
CA SER B 144 -28.94 29.39 -46.76
C SER B 144 -28.01 30.02 -47.79
N ALA B 145 -26.70 29.95 -47.59
CA ALA B 145 -25.75 30.62 -48.48
C ALA B 145 -24.47 29.79 -48.48
N ARG B 146 -23.42 30.32 -49.08
CA ARG B 146 -22.16 29.59 -49.09
C ARG B 146 -21.70 29.29 -47.66
N GLY B 147 -21.75 30.27 -46.77
CA GLY B 147 -21.33 30.01 -45.41
C GLY B 147 -22.28 30.50 -44.33
N VAL B 148 -23.58 30.34 -44.54
CA VAL B 148 -24.58 30.83 -43.60
C VAL B 148 -25.47 29.65 -43.20
N ILE B 149 -25.59 29.42 -41.90
CA ILE B 149 -26.38 28.32 -41.34
C ILE B 149 -27.59 28.92 -40.66
N GLU B 150 -28.73 28.30 -40.86
CA GLU B 150 -29.96 28.74 -40.22
C GLU B 150 -30.51 27.61 -39.39
N CYS B 151 -30.85 27.90 -38.15
CA CYS B 151 -31.52 26.95 -37.30
C CYS B 151 -32.94 27.43 -37.07
N LEU B 152 -33.91 26.55 -37.28
CA LEU B 152 -35.32 26.85 -37.01
C LEU B 152 -35.77 26.10 -35.77
N LYS B 153 -36.47 26.79 -34.88
CA LYS B 153 -37.02 26.16 -33.68
C LYS B 153 -38.51 26.46 -33.59
N ILE B 154 -39.24 25.64 -32.84
CA ILE B 154 -40.68 25.85 -32.65
C ILE B 154 -41.00 25.86 -31.16
N VAL B 155 -41.94 26.72 -30.76
CA VAL B 155 -42.65 26.60 -29.49
C VAL B 155 -44.13 26.56 -29.79
N THR B 156 -44.91 25.80 -29.01
CA THR B 156 -46.35 25.71 -29.19
C THR B 156 -47.09 25.87 -27.88
N ARG B 157 -48.35 26.34 -27.97
CA ARG B 157 -49.20 26.46 -26.79
C ARG B 157 -49.60 25.09 -26.27
N ALA B 158 -49.86 24.15 -27.19
CA ALA B 158 -50.25 22.80 -26.80
C ALA B 158 -49.21 22.16 -25.91
N LYS B 159 -47.93 22.42 -26.18
CA LYS B 159 -46.88 21.78 -25.41
C LYS B 159 -46.46 22.59 -24.20
N SER B 160 -46.68 23.91 -24.23
CA SER B 160 -46.47 24.71 -23.03
C SER B 160 -47.56 24.44 -21.98
N GLN B 161 -48.83 24.32 -22.40
CA GLN B 161 -49.90 24.04 -21.45
C GLN B 161 -49.68 22.70 -20.77
N ARG B 162 -49.24 21.71 -21.53
CA ARG B 162 -49.00 20.38 -20.99
C ARG B 162 -47.89 20.39 -19.94
N ILE B 163 -46.81 21.15 -20.18
CA ILE B 163 -45.74 21.14 -19.20
C ILE B 163 -46.04 22.02 -18.00
N ALA B 164 -46.77 23.13 -18.17
CA ALA B 164 -47.15 23.91 -17.00
C ALA B 164 -48.19 23.18 -16.15
N LYS B 165 -49.13 22.47 -16.80
CA LYS B 165 -50.06 21.68 -16.00
C LYS B 165 -49.32 20.57 -15.26
N PHE B 166 -48.35 19.93 -15.91
CA PHE B 166 -47.61 18.87 -15.25
C PHE B 166 -46.88 19.40 -14.03
N ALA B 167 -46.40 20.63 -14.11
CA ALA B 167 -45.61 21.20 -13.03
C ALA B 167 -46.47 21.40 -11.80
N PHE B 168 -47.64 22.02 -11.96
CA PHE B 168 -48.50 22.24 -10.81
C PHE B 168 -49.07 20.92 -10.27
N ASP B 169 -49.41 20.00 -11.17
CA ASP B 169 -49.80 18.66 -10.71
C ASP B 169 -48.72 18.04 -9.83
N TYR B 170 -47.46 18.11 -10.30
CA TYR B 170 -46.32 17.62 -9.52
C TYR B 170 -46.18 18.39 -8.21
N ALA B 171 -46.42 19.70 -8.26
CA ALA B 171 -46.22 20.50 -7.06
C ALA B 171 -47.20 20.11 -5.96
N THR B 172 -48.48 19.94 -6.30
CA THR B 172 -49.42 19.53 -5.27
C THR B 172 -49.21 18.07 -4.89
N LYS B 173 -49.13 17.19 -5.88
CA LYS B 173 -49.00 15.76 -5.60
C LYS B 173 -47.80 15.44 -4.69
N LYS B 174 -46.74 16.26 -4.73
CA LYS B 174 -45.57 16.04 -3.90
C LYS B 174 -45.47 17.02 -2.73
N GLY B 175 -46.52 17.80 -2.47
CA GLY B 175 -46.47 18.74 -1.37
C GLY B 175 -45.47 19.85 -1.51
N ARG B 176 -45.10 20.21 -2.73
CA ARG B 176 -44.16 21.30 -2.88
C ARG B 176 -44.90 22.63 -2.80
N GLY B 177 -44.18 23.65 -2.36
CA GLY B 177 -44.82 24.91 -2.01
C GLY B 177 -45.04 25.90 -3.15
N LYS B 178 -44.00 26.19 -3.94
CA LYS B 178 -44.10 27.22 -4.95
C LYS B 178 -43.47 26.73 -6.23
N VAL B 179 -43.88 27.35 -7.34
CA VAL B 179 -43.47 26.95 -8.68
C VAL B 179 -43.00 28.21 -9.39
N THR B 180 -41.73 28.24 -9.78
CA THR B 180 -41.16 29.37 -10.49
C THR B 180 -41.09 29.03 -11.97
N ALA B 181 -41.51 29.97 -12.82
CA ALA B 181 -41.50 29.77 -14.26
C ALA B 181 -40.33 30.57 -14.80
N VAL B 182 -39.37 29.87 -15.39
CA VAL B 182 -38.15 30.46 -15.90
C VAL B 182 -38.30 30.63 -17.40
N HIS B 183 -38.03 31.82 -17.90
CA HIS B 183 -38.29 32.12 -19.30
C HIS B 183 -37.28 33.13 -19.78
N LYS B 184 -37.31 33.40 -21.09
CA LYS B 184 -36.53 34.50 -21.65
C LYS B 184 -37.42 35.33 -22.54
N ALA B 185 -38.60 35.70 -22.02
CA ALA B 185 -39.57 36.43 -22.82
C ALA B 185 -39.23 37.90 -22.96
N ASN B 186 -38.10 38.34 -22.44
CA ASN B 186 -37.69 39.73 -22.68
C ASN B 186 -37.11 39.88 -24.07
N ILE B 187 -36.35 38.90 -24.57
CA ILE B 187 -35.82 38.97 -25.93
C ILE B 187 -36.51 38.00 -26.89
N MET B 188 -37.02 36.87 -26.40
CA MET B 188 -37.83 35.98 -27.22
C MET B 188 -39.30 36.24 -26.92
N LYS B 189 -39.78 37.38 -27.43
CA LYS B 189 -41.07 37.90 -27.00
C LYS B 189 -42.23 37.00 -27.44
N LEU B 190 -42.29 36.67 -28.73
CA LEU B 190 -43.45 35.90 -29.20
C LEU B 190 -43.35 34.45 -28.76
N GLY B 191 -42.14 33.90 -28.72
CA GLY B 191 -41.98 32.50 -28.45
C GLY B 191 -42.19 32.16 -26.99
N ASP B 192 -41.45 32.83 -26.11
CA ASP B 192 -41.43 32.46 -24.70
C ASP B 192 -42.48 33.22 -23.91
N GLY B 193 -42.94 34.37 -24.39
CA GLY B 193 -44.14 34.98 -23.83
C GLY B 193 -45.35 34.09 -23.95
N LEU B 194 -45.42 33.31 -25.03
CA LEU B 194 -46.45 32.29 -25.20
C LEU B 194 -46.38 31.24 -24.09
N PHE B 195 -45.17 30.76 -23.77
CA PHE B 195 -44.99 29.83 -22.65
C PHE B 195 -45.29 30.51 -21.34
N LEU B 196 -44.78 31.74 -21.18
CA LEU B 196 -45.05 32.48 -19.95
C LEU B 196 -46.56 32.65 -19.75
N GLN B 197 -47.28 33.06 -20.79
CA GLN B 197 -48.73 33.14 -20.71
C GLN B 197 -49.35 31.79 -20.38
N CYS B 198 -48.98 30.74 -21.12
CA CYS B 198 -49.55 29.43 -20.83
C CYS B 198 -49.33 29.02 -19.39
N CYS B 199 -48.29 29.57 -18.74
CA CYS B 199 -48.03 29.26 -17.34
C CYS B 199 -48.96 30.04 -16.43
N GLU B 200 -49.08 31.35 -16.66
CA GLU B 200 -49.94 32.19 -15.83
C GLU B 200 -51.40 31.75 -15.92
N GLU B 201 -51.82 31.25 -17.09
CA GLU B 201 -53.16 30.72 -17.24
C GLU B 201 -53.38 29.50 -16.34
N VAL B 202 -52.47 28.54 -16.38
CA VAL B 202 -52.69 27.33 -15.57
C VAL B 202 -52.38 27.55 -14.10
N ALA B 203 -51.81 28.70 -13.75
CA ALA B 203 -51.55 29.01 -12.34
C ALA B 203 -52.82 29.41 -11.61
N GLU B 204 -53.78 30.04 -12.32
CA GLU B 204 -55.06 30.43 -11.72
C GLU B 204 -55.85 29.21 -11.25
N LEU B 205 -55.74 28.09 -11.96
CA LEU B 205 -56.38 26.84 -11.56
C LEU B 205 -55.73 26.21 -10.32
N TYR B 206 -54.62 26.74 -9.82
CA TYR B 206 -53.92 26.18 -8.66
C TYR B 206 -53.65 27.29 -7.65
N PRO B 207 -54.67 27.66 -6.86
CA PRO B 207 -54.46 28.77 -5.91
C PRO B 207 -53.63 28.39 -4.70
N LYS B 208 -53.60 27.11 -4.29
CA LYS B 208 -52.82 26.75 -3.11
C LYS B 208 -51.31 26.69 -3.36
N ILE B 209 -50.85 27.01 -4.57
CA ILE B 209 -49.44 26.92 -4.99
C ILE B 209 -48.96 28.31 -5.40
N LYS B 210 -47.88 28.78 -4.77
CA LYS B 210 -47.33 30.08 -5.14
C LYS B 210 -46.71 30.02 -6.55
N PHE B 211 -46.66 31.17 -7.23
CA PHE B 211 -46.19 31.20 -8.60
C PHE B 211 -45.47 32.50 -8.88
N GLU B 212 -44.28 32.41 -9.47
CA GLU B 212 -43.52 33.60 -9.82
C GLU B 212 -42.74 33.29 -11.09
N THR B 213 -42.25 34.34 -11.73
CA THR B 213 -41.44 34.19 -12.92
C THR B 213 -40.05 34.76 -12.69
N MET B 214 -39.17 34.48 -13.64
CA MET B 214 -37.79 34.95 -13.58
C MET B 214 -37.16 34.79 -14.94
N ILE B 215 -36.43 35.83 -15.38
CA ILE B 215 -35.70 35.80 -16.63
C ILE B 215 -34.53 34.84 -16.49
N ILE B 216 -34.26 34.07 -17.55
CA ILE B 216 -33.33 32.94 -17.44
C ILE B 216 -31.94 33.40 -17.04
N ASP B 217 -31.51 34.58 -17.50
CA ASP B 217 -30.23 35.13 -17.08
C ASP B 217 -30.14 35.18 -15.56
N ASN B 218 -31.19 35.70 -14.92
CA ASN B 218 -31.20 35.85 -13.47
C ASN B 218 -31.17 34.49 -12.77
N CYS B 219 -31.95 33.53 -13.27
CA CYS B 219 -32.08 32.23 -12.60
C CYS B 219 -30.74 31.53 -12.48
N CYS B 220 -29.89 31.59 -13.50
CA CYS B 220 -28.63 30.84 -13.43
C CYS B 220 -27.73 31.44 -12.38
N MET B 221 -27.54 32.74 -12.44
CA MET B 221 -26.92 33.46 -11.34
C MET B 221 -27.54 33.07 -10.00
N GLN B 222 -28.87 32.99 -9.90
CA GLN B 222 -29.47 32.68 -8.61
C GLN B 222 -29.21 31.23 -8.18
N LEU B 223 -29.23 30.29 -9.11
CA LEU B 223 -28.99 28.91 -8.73
C LEU B 223 -27.63 28.72 -8.08
N VAL B 224 -26.60 29.46 -8.53
CA VAL B 224 -25.28 29.32 -7.93
C VAL B 224 -25.03 30.29 -6.78
N GLN B 225 -25.78 31.39 -6.72
CA GLN B 225 -25.56 32.33 -5.63
C GLN B 225 -26.39 31.96 -4.41
N ASN B 226 -27.66 31.63 -4.61
CA ASN B 226 -28.58 31.37 -3.50
C ASN B 226 -29.68 30.44 -3.99
N PRO B 227 -29.37 29.16 -4.19
CA PRO B 227 -30.37 28.24 -4.75
C PRO B 227 -31.50 27.93 -3.79
N TYR B 228 -31.40 28.35 -2.54
CA TYR B 228 -32.40 27.93 -1.58
C TYR B 228 -33.71 28.65 -1.80
N GLN B 229 -33.72 29.72 -2.59
CA GLN B 229 -34.97 30.42 -2.80
C GLN B 229 -35.97 29.55 -3.55
N PHE B 230 -35.55 28.89 -4.62
CA PHE B 230 -36.50 28.19 -5.47
C PHE B 230 -37.03 26.93 -4.78
N ASP B 231 -38.02 26.32 -5.42
CA ASP B 231 -38.59 25.07 -4.94
C ASP B 231 -38.86 24.14 -6.11
N VAL B 232 -39.76 24.54 -7.02
CA VAL B 232 -39.97 23.84 -8.29
C VAL B 232 -39.72 24.85 -9.40
N LEU B 233 -38.87 24.49 -10.35
CA LEU B 233 -38.61 25.28 -11.54
C LEU B 233 -39.25 24.58 -12.74
N VAL B 234 -40.15 25.27 -13.43
CA VAL B 234 -40.67 24.83 -14.72
C VAL B 234 -40.09 25.76 -15.77
N MET B 235 -39.67 25.18 -16.90
CA MET B 235 -39.05 25.98 -17.95
C MET B 235 -39.22 25.27 -19.30
N PRO B 236 -39.16 26.01 -20.40
CA PRO B 236 -39.20 25.39 -21.72
C PRO B 236 -37.82 24.85 -22.12
N ASN B 237 -37.78 24.15 -23.24
CA ASN B 237 -36.54 23.55 -23.72
C ASN B 237 -35.73 24.63 -24.44
N LEU B 238 -35.46 25.71 -23.71
CA LEU B 238 -34.80 26.85 -24.33
C LEU B 238 -33.41 26.47 -24.79
N TYR B 239 -32.67 25.78 -23.91
CA TYR B 239 -31.25 25.54 -24.08
C TYR B 239 -30.89 24.09 -23.79
N GLY B 240 -31.87 23.17 -23.84
CA GLY B 240 -31.59 21.78 -23.56
C GLY B 240 -31.38 21.51 -22.07
N ASN B 241 -30.49 20.58 -21.77
CA ASN B 241 -30.29 20.11 -20.41
C ASN B 241 -29.26 20.93 -19.63
N ILE B 242 -29.00 22.17 -20.05
CA ILE B 242 -27.95 22.98 -19.43
C ILE B 242 -28.23 23.23 -17.96
N ILE B 243 -29.47 23.63 -17.61
CA ILE B 243 -29.79 23.94 -16.21
C ILE B 243 -29.77 22.70 -15.34
N ASP B 244 -30.29 21.59 -15.84
CA ASP B 244 -30.20 20.36 -15.08
C ASP B 244 -28.74 20.05 -14.76
N ASN B 245 -27.81 20.42 -15.65
CA ASN B 245 -26.42 20.08 -15.40
C ASN B 245 -25.76 21.07 -14.48
N LEU B 246 -26.09 22.34 -14.64
CA LEU B 246 -25.71 23.35 -13.66
C LEU B 246 -26.22 22.96 -12.27
N ALA B 247 -27.53 22.75 -12.13
CA ALA B 247 -28.09 22.46 -10.80
C ALA B 247 -27.50 21.19 -10.21
N ALA B 248 -27.36 20.13 -11.01
CA ALA B 248 -26.77 18.89 -10.52
C ALA B 248 -25.35 19.08 -10.01
N GLY B 249 -24.66 20.14 -10.43
CA GLY B 249 -23.34 20.36 -9.85
C GLY B 249 -23.40 20.86 -8.43
N LEU B 250 -24.52 21.46 -8.04
CA LEU B 250 -24.68 21.98 -6.71
C LEU B 250 -24.58 20.91 -5.64
N VAL B 251 -24.89 19.66 -5.99
CA VAL B 251 -25.31 18.65 -5.04
C VAL B 251 -24.45 17.39 -5.24
N GLY B 252 -23.30 17.54 -5.88
CA GLY B 252 -22.46 16.37 -6.07
C GLY B 252 -22.14 15.96 -7.50
N GLY B 253 -22.93 16.38 -8.47
CA GLY B 253 -22.62 16.09 -9.87
C GLY B 253 -23.33 14.84 -10.39
N ALA B 254 -22.87 14.42 -11.57
CA ALA B 254 -23.60 13.43 -12.38
C ALA B 254 -23.65 12.05 -11.74
N GLY B 255 -22.81 11.76 -10.77
CA GLY B 255 -22.94 10.45 -10.20
C GLY B 255 -23.94 10.30 -9.07
N VAL B 256 -24.75 11.33 -8.77
CA VAL B 256 -25.67 11.27 -7.63
C VAL B 256 -27.09 11.75 -7.96
N VAL B 257 -27.23 12.68 -8.90
CA VAL B 257 -28.52 13.32 -9.20
C VAL B 257 -29.44 12.43 -10.04
N PRO B 258 -30.61 12.03 -9.53
CA PRO B 258 -31.48 11.11 -10.28
C PRO B 258 -32.55 11.87 -11.06
N GLY B 259 -33.05 11.21 -12.09
CA GLY B 259 -34.00 11.86 -12.99
C GLY B 259 -35.07 10.90 -13.44
N GLU B 260 -36.21 11.48 -13.81
CA GLU B 260 -37.28 10.69 -14.38
C GLU B 260 -37.91 11.48 -15.52
N SER B 261 -38.35 10.77 -16.53
CA SER B 261 -39.03 11.37 -17.67
C SER B 261 -40.41 10.75 -17.78
N TYR B 262 -41.45 11.60 -17.91
CA TYR B 262 -42.84 11.17 -17.91
C TYR B 262 -43.53 11.40 -19.25
N SER B 263 -44.54 10.56 -19.50
CA SER B 263 -45.47 10.67 -20.63
C SER B 263 -46.88 10.79 -20.06
N ALA B 264 -47.88 10.77 -20.95
CA ALA B 264 -49.25 10.63 -20.46
C ALA B 264 -49.44 9.29 -19.77
N GLU B 265 -48.78 8.26 -20.28
CA GLU B 265 -48.94 6.94 -19.70
C GLU B 265 -47.66 6.33 -19.17
N TYR B 266 -46.49 6.72 -19.71
CA TYR B 266 -45.25 6.02 -19.39
C TYR B 266 -44.42 6.79 -18.37
N ALA B 267 -43.68 6.06 -17.56
CA ALA B 267 -42.72 6.65 -16.63
C ALA B 267 -41.36 6.03 -16.87
N VAL B 268 -40.37 6.87 -17.16
CA VAL B 268 -39.03 6.42 -17.47
C VAL B 268 -38.07 7.07 -16.48
N PHE B 269 -37.36 6.23 -15.72
CA PHE B 269 -36.51 6.70 -14.64
C PHE B 269 -35.05 6.56 -15.08
N GLU B 270 -34.30 7.66 -15.03
CA GLU B 270 -32.95 7.73 -15.56
C GLU B 270 -32.02 8.41 -14.59
N THR B 271 -31.00 9.08 -15.08
CA THR B 271 -30.17 9.94 -14.24
C THR B 271 -30.39 11.37 -14.69
N GLY B 272 -30.03 12.31 -13.82
CA GLY B 272 -30.45 13.67 -14.07
C GLY B 272 -29.47 14.50 -14.87
N ALA B 273 -28.18 14.24 -14.70
CA ALA B 273 -27.16 14.97 -15.45
C ALA B 273 -26.63 14.06 -16.54
N ARG B 274 -26.89 14.43 -17.79
CA ARG B 274 -26.59 13.55 -18.91
C ARG B 274 -25.75 14.28 -19.95
N HIS B 275 -24.69 14.95 -19.51
CA HIS B 275 -23.73 15.47 -20.47
C HIS B 275 -22.99 14.30 -21.13
N PRO B 276 -22.43 14.50 -22.34
CA PRO B 276 -21.87 13.34 -23.07
C PRO B 276 -20.79 12.61 -22.31
N PHE B 277 -20.10 13.27 -21.38
CA PHE B 277 -19.04 12.66 -20.60
C PHE B 277 -19.51 12.31 -19.20
N ALA B 278 -20.82 12.13 -19.02
CA ALA B 278 -21.32 11.76 -17.70
C ALA B 278 -20.77 10.39 -17.36
N GLN B 279 -19.95 10.34 -16.31
CA GLN B 279 -19.27 9.13 -15.85
C GLN B 279 -18.67 8.35 -17.04
N ALA B 280 -17.78 9.07 -17.75
CA ALA B 280 -16.90 8.48 -18.76
C ALA B 280 -15.69 7.86 -18.07
N VAL B 281 -15.96 6.85 -17.23
CA VAL B 281 -14.91 6.21 -16.45
C VAL B 281 -14.75 4.75 -16.90
N GLY B 282 -13.70 4.08 -16.42
CA GLY B 282 -13.43 2.71 -16.79
C GLY B 282 -14.26 1.71 -16.03
N ARG B 283 -13.84 0.45 -16.12
CA ARG B 283 -14.68 -0.70 -15.84
C ARG B 283 -15.01 -0.93 -14.38
N ASN B 284 -14.73 -0.02 -13.46
CA ASN B 284 -15.27 -0.29 -12.14
C ASN B 284 -15.22 0.95 -11.25
N ILE B 285 -15.49 2.14 -11.77
CA ILE B 285 -15.22 3.38 -11.08
C ILE B 285 -16.46 4.24 -10.93
N ALA B 286 -17.58 3.83 -11.52
CA ALA B 286 -18.76 4.67 -11.51
C ALA B 286 -19.45 4.66 -10.15
N ASN B 287 -20.26 5.68 -9.94
CA ASN B 287 -21.08 5.82 -8.77
C ASN B 287 -22.49 5.33 -9.07
N PRO B 288 -23.01 4.35 -8.34
CA PRO B 288 -24.40 3.90 -8.56
C PRO B 288 -25.46 4.70 -7.83
N THR B 289 -25.10 5.79 -7.16
CA THR B 289 -26.06 6.52 -6.35
C THR B 289 -27.19 7.10 -7.19
N ALA B 290 -26.87 7.84 -8.25
CA ALA B 290 -27.94 8.35 -9.13
C ALA B 290 -28.84 7.22 -9.62
N MET B 291 -28.25 6.16 -10.15
CA MET B 291 -29.11 5.08 -10.63
C MET B 291 -29.88 4.44 -9.50
N LEU B 292 -29.25 4.20 -8.34
CA LEU B 292 -29.94 3.52 -7.23
C LEU B 292 -31.05 4.38 -6.65
N LEU B 293 -30.82 5.69 -6.52
CA LEU B 293 -31.86 6.59 -6.08
C LEU B 293 -33.03 6.61 -7.07
N SER B 294 -32.76 6.71 -8.38
CA SER B 294 -33.87 6.64 -9.35
C SER B 294 -34.60 5.30 -9.28
N ALA B 295 -33.87 4.20 -9.08
CA ALA B 295 -34.54 2.92 -8.88
C ALA B 295 -35.49 2.97 -7.69
N SER B 296 -35.08 3.63 -6.62
CA SER B 296 -35.97 3.72 -5.48
C SER B 296 -37.12 4.69 -5.79
N ASN B 297 -36.84 5.78 -6.50
CA ASN B 297 -37.94 6.66 -6.93
C ASN B 297 -38.93 5.91 -7.80
N MET B 298 -38.40 5.04 -8.67
CA MET B 298 -39.24 4.17 -9.49
C MET B 298 -40.13 3.27 -8.64
N LEU B 299 -39.55 2.59 -7.64
CA LEU B 299 -40.35 1.75 -6.76
C LEU B 299 -41.46 2.55 -6.09
N ARG B 300 -41.20 3.81 -5.75
CA ARG B 300 -42.26 4.61 -5.14
C ARG B 300 -43.41 4.78 -6.13
N HIS B 301 -43.06 5.05 -7.40
CA HIS B 301 -44.06 5.21 -8.45
C HIS B 301 -44.89 3.95 -8.65
N LEU B 302 -44.26 2.78 -8.57
CA LEU B 302 -44.91 1.47 -8.56
C LEU B 302 -45.66 1.17 -7.27
N ASN B 303 -45.71 2.13 -6.34
CA ASN B 303 -46.38 1.99 -5.05
C ASN B 303 -45.88 0.79 -4.24
N LEU B 304 -44.58 0.56 -4.32
CA LEU B 304 -43.89 -0.32 -3.39
C LEU B 304 -43.18 0.50 -2.30
N GLU B 305 -43.92 1.38 -1.60
CA GLU B 305 -43.29 2.42 -0.78
C GLU B 305 -42.40 1.87 0.33
N TYR B 306 -42.55 0.60 0.71
CA TYR B 306 -41.64 0.07 1.71
C TYR B 306 -40.27 -0.18 1.12
N HIS B 307 -40.21 -0.96 0.04
CA HIS B 307 -38.92 -1.20 -0.62
C HIS B 307 -38.30 0.08 -1.13
N SER B 308 -39.12 0.95 -1.72
CA SER B 308 -38.60 2.21 -2.21
C SER B 308 -37.90 2.97 -1.10
N SER B 309 -38.56 3.10 0.05
CA SER B 309 -37.98 3.82 1.17
C SER B 309 -36.72 3.13 1.72
N MET B 310 -36.66 1.81 1.64
CA MET B 310 -35.59 1.04 2.26
C MET B 310 -34.29 1.21 1.51
N ILE B 311 -34.32 0.99 0.19
CA ILE B 311 -33.16 1.22 -0.66
C ILE B 311 -32.64 2.63 -0.44
N ALA B 312 -33.52 3.63 -0.56
CA ALA B 312 -33.08 5.02 -0.46
C ALA B 312 -32.43 5.32 0.88
N ASP B 313 -32.95 4.76 1.96
CA ASP B 313 -32.33 4.98 3.26
C ASP B 313 -31.00 4.24 3.36
N ALA B 314 -30.90 3.05 2.76
CA ALA B 314 -29.62 2.35 2.77
C ALA B 314 -28.55 3.14 2.02
N VAL B 315 -28.87 3.71 0.87
CA VAL B 315 -27.85 4.46 0.17
C VAL B 315 -27.55 5.77 0.88
N LYS B 316 -28.59 6.47 1.37
CA LYS B 316 -28.35 7.76 2.02
C LYS B 316 -27.50 7.59 3.26
N LYS B 317 -27.64 6.44 3.93
CA LYS B 317 -26.89 6.16 5.16
C LYS B 317 -25.48 5.68 4.89
N VAL B 318 -25.24 4.96 3.79
CA VAL B 318 -23.89 4.50 3.50
C VAL B 318 -23.01 5.69 3.17
N ILE B 319 -23.57 6.75 2.60
CA ILE B 319 -22.70 7.87 2.30
C ILE B 319 -22.67 8.90 3.41
N LYS B 320 -23.53 8.77 4.44
CA LYS B 320 -23.40 9.62 5.61
C LYS B 320 -22.31 9.14 6.55
N VAL B 321 -22.02 7.84 6.54
CA VAL B 321 -21.00 7.31 7.43
C VAL B 321 -19.60 7.62 6.90
N GLY B 322 -19.46 7.76 5.58
CA GLY B 322 -18.19 8.10 4.98
C GLY B 322 -17.20 6.96 4.86
N LYS B 323 -17.63 5.72 5.10
CA LYS B 323 -16.69 4.60 5.09
C LYS B 323 -16.32 4.21 3.66
N VAL B 324 -17.32 3.86 2.85
CA VAL B 324 -17.15 3.49 1.45
C VAL B 324 -17.54 4.69 0.58
N ARG B 325 -16.57 5.22 -0.19
CA ARG B 325 -16.80 6.36 -1.07
C ARG B 325 -16.09 6.11 -2.40
N THR B 326 -16.75 6.46 -3.50
CA THR B 326 -16.22 6.32 -4.85
C THR B 326 -15.38 7.54 -5.21
N SER B 327 -14.76 7.54 -6.39
CA SER B 327 -13.83 8.62 -6.73
C SER B 327 -14.51 9.98 -6.74
N ASP B 328 -15.65 10.11 -7.45
CA ASP B 328 -16.34 11.39 -7.55
C ASP B 328 -16.67 11.97 -6.18
N MET B 329 -16.91 11.11 -5.19
CA MET B 329 -17.22 11.56 -3.85
C MET B 329 -15.96 11.75 -2.99
N GLY B 330 -14.77 11.63 -3.59
CA GLY B 330 -13.51 11.75 -2.89
C GLY B 330 -13.18 10.51 -2.09
N GLY B 331 -12.80 9.44 -2.78
CA GLY B 331 -12.67 8.15 -2.13
C GLY B 331 -11.96 7.23 -3.11
N TYR B 332 -11.52 6.10 -2.60
CA TYR B 332 -10.75 5.21 -3.46
C TYR B 332 -11.45 3.88 -3.70
N ALA B 333 -12.70 3.76 -3.30
CA ALA B 333 -13.44 2.52 -3.43
C ALA B 333 -13.92 2.33 -4.87
N THR B 334 -14.31 1.11 -5.13
CA THR B 334 -14.72 0.66 -6.44
C THR B 334 -16.24 0.57 -6.50
N CYS B 335 -16.76 0.58 -7.71
CA CYS B 335 -18.20 0.47 -7.89
C CYS B 335 -18.72 -0.82 -7.30
N HIS B 336 -17.94 -1.90 -7.37
CA HIS B 336 -18.37 -3.12 -6.70
C HIS B 336 -18.27 -2.97 -5.18
N ASP B 337 -17.21 -2.33 -4.68
CA ASP B 337 -17.13 -2.08 -3.24
C ASP B 337 -18.34 -1.33 -2.74
N PHE B 338 -18.77 -0.29 -3.47
CA PHE B 338 -19.85 0.56 -2.98
C PHE B 338 -21.20 -0.17 -3.02
N THR B 339 -21.49 -0.90 -4.11
CA THR B 339 -22.73 -1.67 -4.14
C THR B 339 -22.72 -2.80 -3.13
N GLU B 340 -21.60 -3.51 -2.96
CA GLU B 340 -21.61 -4.58 -1.96
C GLU B 340 -21.87 -4.02 -0.56
N GLU B 341 -21.52 -2.75 -0.31
CA GLU B 341 -21.81 -2.14 0.97
C GLU B 341 -23.29 -1.76 1.10
N ILE B 342 -23.92 -1.29 0.03
CA ILE B 342 -25.35 -1.01 0.07
C ILE B 342 -26.16 -2.28 0.16
N CYS B 343 -25.66 -3.40 -0.38
CA CYS B 343 -26.38 -4.64 -0.19
C CYS B 343 -26.19 -5.17 1.22
N ARG B 344 -25.02 -4.94 1.80
CA ARG B 344 -24.79 -5.34 3.18
C ARG B 344 -25.78 -4.64 4.10
N ARG B 345 -25.92 -3.32 3.94
CA ARG B 345 -26.85 -2.53 4.74
C ARG B 345 -28.30 -2.79 4.38
N VAL B 346 -28.59 -3.15 3.13
CA VAL B 346 -29.99 -3.40 2.79
C VAL B 346 -30.46 -4.77 3.25
N LYS B 347 -29.56 -5.72 3.50
CA LYS B 347 -30.00 -6.99 4.06
C LYS B 347 -30.12 -6.91 5.58
N ASP B 348 -29.27 -6.09 6.22
CA ASP B 348 -29.46 -5.80 7.64
C ASP B 348 -30.82 -5.14 7.88
N LEU B 349 -31.20 -4.20 7.01
CA LEU B 349 -32.43 -3.46 7.17
C LEU B 349 -33.66 -4.32 6.91
N ASP B 350 -33.50 -5.52 6.34
CA ASP B 350 -34.59 -6.47 6.21
C ASP B 350 -34.69 -7.38 7.44
N GLU B 351 -33.56 -7.95 7.90
CA GLU B 351 -33.56 -8.87 9.03
C GLU B 351 -33.87 -8.20 10.36
N ASN B 352 -33.79 -6.87 10.44
CA ASN B 352 -33.99 -6.10 11.67
C ASN B 352 -34.91 -4.90 11.43
N LEU B 353 -36.05 -5.13 10.77
CA LEU B 353 -37.02 -4.08 10.42
C LEU B 353 -37.96 -3.70 11.55
N TYR B 354 -38.13 -4.58 12.55
CA TYR B 354 -39.22 -4.57 13.56
C TYR B 354 -40.63 -4.64 12.91
N GLY C 5 -36.99 -21.97 -19.08
CA GLY C 5 -36.80 -20.55 -18.87
C GLY C 5 -35.73 -19.86 -19.72
N VAL C 6 -34.82 -19.14 -19.04
CA VAL C 6 -33.73 -18.41 -19.68
C VAL C 6 -32.51 -18.47 -18.77
N GLN C 7 -31.56 -19.35 -19.10
CA GLN C 7 -30.33 -19.52 -18.35
C GLN C 7 -29.32 -18.45 -18.72
N THR C 8 -28.55 -18.01 -17.72
CA THR C 8 -27.51 -17.04 -17.93
C THR C 8 -26.14 -17.71 -17.89
N VAL C 9 -25.12 -16.98 -18.35
CA VAL C 9 -23.79 -17.55 -18.54
C VAL C 9 -22.77 -16.41 -18.56
N THR C 10 -21.66 -16.62 -17.88
CA THR C 10 -20.56 -15.65 -17.91
C THR C 10 -20.09 -15.44 -19.35
N LEU C 11 -19.53 -14.25 -19.59
CA LEU C 11 -18.83 -13.94 -20.84
C LEU C 11 -17.60 -13.11 -20.50
N ILE C 12 -16.46 -13.46 -21.11
CA ILE C 12 -15.26 -12.63 -20.98
C ILE C 12 -14.88 -12.09 -22.35
N PRO C 13 -14.96 -10.78 -22.57
CA PRO C 13 -14.62 -10.24 -23.89
C PRO C 13 -13.17 -10.44 -24.28
N GLY C 14 -12.27 -10.50 -23.31
CA GLY C 14 -10.88 -10.76 -23.64
C GLY C 14 -10.17 -9.57 -24.27
N ASP C 15 -8.91 -9.81 -24.63
CA ASP C 15 -8.00 -8.85 -25.24
C ASP C 15 -7.85 -9.11 -26.74
N GLY C 16 -7.19 -8.17 -27.43
CA GLY C 16 -6.94 -8.35 -28.87
C GLY C 16 -8.23 -8.34 -29.70
N ILE C 17 -8.39 -9.36 -30.54
CA ILE C 17 -9.60 -9.51 -31.34
C ILE C 17 -10.76 -10.08 -30.53
N GLY C 18 -10.57 -10.29 -29.23
CA GLY C 18 -11.59 -10.82 -28.35
C GLY C 18 -12.93 -10.12 -28.45
N PRO C 19 -12.98 -8.81 -28.16
CA PRO C 19 -14.27 -8.11 -28.16
C PRO C 19 -15.04 -8.23 -29.48
N GLU C 20 -14.37 -8.05 -30.62
CA GLU C 20 -15.06 -8.09 -31.90
C GLU C 20 -15.82 -9.39 -32.07
N ILE C 21 -15.19 -10.52 -31.74
CA ILE C 21 -15.84 -11.79 -31.95
C ILE C 21 -16.82 -12.09 -30.83
N SER C 22 -16.57 -11.56 -29.63
CA SER C 22 -17.54 -11.68 -28.55
C SER C 22 -18.84 -11.03 -28.95
N ALA C 23 -18.80 -9.74 -29.30
CA ALA C 23 -19.99 -9.06 -29.79
C ALA C 23 -20.55 -9.73 -31.05
N ALA C 24 -19.68 -10.38 -31.83
CA ALA C 24 -20.15 -11.08 -33.03
C ALA C 24 -21.00 -12.28 -32.66
N VAL C 25 -20.60 -13.06 -31.66
CA VAL C 25 -21.42 -14.21 -31.29
C VAL C 25 -22.69 -13.74 -30.57
N MET C 26 -22.59 -12.65 -29.79
CA MET C 26 -23.77 -12.13 -29.09
C MET C 26 -24.87 -11.74 -30.07
N LYS C 27 -24.52 -10.99 -31.13
CA LYS C 27 -25.51 -10.61 -32.13
C LYS C 27 -26.17 -11.81 -32.77
N ILE C 28 -25.44 -12.93 -32.85
CA ILE C 28 -26.05 -14.13 -33.41
C ILE C 28 -26.97 -14.78 -32.40
N PHE C 29 -26.66 -14.65 -31.11
CA PHE C 29 -27.51 -15.26 -30.09
C PHE C 29 -28.80 -14.47 -29.87
N ASP C 30 -28.72 -13.13 -29.92
CA ASP C 30 -29.93 -12.33 -29.93
C ASP C 30 -30.80 -12.68 -31.12
N ALA C 31 -30.21 -12.70 -32.32
CA ALA C 31 -30.91 -13.13 -33.52
C ALA C 31 -31.35 -14.60 -33.44
N ALA C 32 -30.73 -15.38 -32.56
CA ALA C 32 -31.05 -16.79 -32.44
C ALA C 32 -32.32 -17.04 -31.63
N LYS C 33 -32.88 -16.01 -31.01
CA LYS C 33 -34.01 -16.18 -30.09
C LYS C 33 -33.63 -17.23 -29.06
N ALA C 34 -32.47 -17.05 -28.46
CA ALA C 34 -31.86 -18.09 -27.68
C ALA C 34 -31.96 -17.78 -26.20
N PRO C 35 -32.46 -18.70 -25.41
CA PRO C 35 -32.65 -18.44 -23.98
C PRO C 35 -31.33 -18.26 -23.24
N ILE C 36 -30.65 -17.14 -23.46
CA ILE C 36 -29.31 -16.94 -22.94
C ILE C 36 -29.17 -15.47 -22.59
N GLN C 37 -28.64 -15.18 -21.41
CA GLN C 37 -28.36 -13.81 -21.01
C GLN C 37 -26.89 -13.72 -20.64
N TRP C 38 -26.21 -12.71 -21.19
CA TRP C 38 -24.76 -12.60 -21.07
C TRP C 38 -24.38 -11.75 -19.86
N GLU C 39 -23.60 -12.34 -18.96
CA GLU C 39 -23.13 -11.62 -17.77
C GLU C 39 -21.70 -11.16 -18.03
N GLU C 40 -21.58 -10.02 -18.71
CA GLU C 40 -20.29 -9.48 -19.12
C GLU C 40 -19.39 -9.20 -17.91
N ARG C 41 -18.26 -9.92 -17.83
CA ARG C 41 -17.23 -9.72 -16.82
C ARG C 41 -15.87 -9.61 -17.50
N ASN C 42 -14.95 -8.91 -16.86
CA ASN C 42 -13.60 -8.78 -17.38
C ASN C 42 -12.62 -9.51 -16.47
N VAL C 43 -11.53 -9.98 -17.06
CA VAL C 43 -10.49 -10.69 -16.31
C VAL C 43 -9.15 -10.10 -16.75
N THR C 44 -8.47 -9.44 -15.82
CA THR C 44 -7.10 -8.97 -16.01
C THR C 44 -6.27 -9.44 -14.83
N ALA C 45 -4.97 -9.23 -14.93
CA ALA C 45 -4.01 -9.68 -13.91
C ALA C 45 -4.14 -8.80 -12.66
N ILE C 46 -4.99 -9.23 -11.74
CA ILE C 46 -5.15 -8.56 -10.45
C ILE C 46 -4.30 -9.32 -9.44
N GLN C 47 -3.18 -8.72 -9.03
CA GLN C 47 -2.23 -9.44 -8.18
C GLN C 47 -2.70 -9.44 -6.73
N GLY C 48 -2.72 -10.63 -6.11
CA GLY C 48 -3.21 -10.77 -4.78
C GLY C 48 -2.32 -10.10 -3.75
N PRO C 49 -2.77 -10.11 -2.47
CA PRO C 49 -1.98 -9.46 -1.41
C PRO C 49 -0.61 -10.11 -1.17
N GLY C 50 -0.56 -11.42 -0.98
CA GLY C 50 0.70 -12.11 -0.79
C GLY C 50 1.59 -12.27 -2.00
N GLY C 51 1.22 -11.71 -3.16
CA GLY C 51 2.00 -11.83 -4.38
C GLY C 51 1.48 -12.84 -5.38
N LYS C 52 0.70 -13.82 -4.93
CA LYS C 52 0.15 -14.82 -5.83
C LYS C 52 -0.94 -14.21 -6.70
N TRP C 53 -0.80 -14.36 -8.01
CA TRP C 53 -1.74 -13.76 -8.94
C TRP C 53 -3.11 -14.41 -8.82
N MET C 54 -4.16 -13.59 -8.93
CA MET C 54 -5.52 -14.09 -8.79
C MET C 54 -6.38 -13.49 -9.88
N ILE C 55 -7.51 -14.13 -10.13
CA ILE C 55 -8.54 -13.63 -11.05
C ILE C 55 -9.16 -12.38 -10.44
N PRO C 56 -9.86 -11.55 -11.21
CA PRO C 56 -10.72 -10.53 -10.60
C PRO C 56 -11.87 -11.17 -9.83
N SER C 57 -12.14 -10.64 -8.63
CA SER C 57 -13.12 -11.24 -7.75
C SER C 57 -14.54 -11.12 -8.29
N GLU C 58 -14.81 -10.09 -9.09
CA GLU C 58 -16.11 -9.98 -9.73
C GLU C 58 -16.31 -11.10 -10.76
N ALA C 59 -15.22 -11.63 -11.31
CA ALA C 59 -15.31 -12.70 -12.31
C ALA C 59 -15.55 -14.06 -11.66
N LYS C 60 -14.79 -14.41 -10.62
CA LYS C 60 -14.93 -15.70 -9.96
C LYS C 60 -16.35 -15.91 -9.44
N GLU C 61 -16.89 -14.92 -8.74
CA GLU C 61 -18.27 -15.01 -8.26
C GLU C 61 -19.22 -15.25 -9.43
N SER C 62 -18.96 -14.60 -10.57
CA SER C 62 -19.85 -14.75 -11.72
C SER C 62 -19.89 -16.20 -12.21
N MET C 63 -18.73 -16.87 -12.23
CA MET C 63 -18.68 -18.24 -12.75
C MET C 63 -19.36 -19.22 -11.80
N ASP C 64 -19.15 -19.05 -10.50
CA ASP C 64 -19.76 -19.94 -9.51
C ASP C 64 -21.28 -19.88 -9.57
N LYS C 65 -21.83 -18.71 -9.90
CA LYS C 65 -23.28 -18.57 -9.98
C LYS C 65 -23.84 -19.24 -11.23
N ASN C 66 -23.11 -19.20 -12.34
CA ASN C 66 -23.61 -19.70 -13.61
C ASN C 66 -23.13 -21.10 -13.95
N LYS C 67 -21.93 -21.49 -13.50
CA LYS C 67 -21.34 -22.79 -13.83
C LYS C 67 -21.22 -22.99 -15.34
N MET C 68 -20.96 -21.90 -16.06
CA MET C 68 -20.87 -21.90 -17.51
C MET C 68 -20.08 -20.68 -17.95
N GLY C 69 -19.48 -20.77 -19.13
CA GLY C 69 -18.58 -19.74 -19.61
C GLY C 69 -18.50 -19.71 -21.12
N LEU C 70 -18.00 -18.58 -21.62
CA LEU C 70 -17.74 -18.39 -23.05
C LEU C 70 -16.74 -17.24 -23.14
N LYS C 71 -15.46 -17.57 -23.20
CA LYS C 71 -14.41 -16.56 -23.12
C LYS C 71 -13.68 -16.40 -24.45
N GLY C 72 -13.21 -15.17 -24.68
CA GLY C 72 -12.39 -14.89 -25.82
C GLY C 72 -10.95 -15.09 -25.42
N PRO C 73 -10.03 -14.78 -26.33
CA PRO C 73 -8.61 -15.01 -26.04
C PRO C 73 -8.06 -13.98 -25.07
N LEU C 74 -7.07 -14.41 -24.28
CA LEU C 74 -6.45 -13.53 -23.28
C LEU C 74 -4.97 -13.35 -23.60
N LYS C 75 -4.58 -12.11 -23.85
CA LYS C 75 -3.19 -11.83 -24.15
C LYS C 75 -2.29 -12.15 -22.96
N THR C 76 -1.26 -12.95 -23.20
CA THR C 76 -0.20 -13.16 -22.22
C THR C 76 1.09 -12.57 -22.75
N PRO C 77 1.82 -11.78 -21.96
CA PRO C 77 3.10 -11.22 -22.44
C PRO C 77 4.05 -12.31 -22.91
N ILE C 78 4.59 -12.14 -24.12
CA ILE C 78 5.34 -13.19 -24.81
C ILE C 78 6.84 -13.06 -24.55
N ALA C 79 7.21 -12.59 -23.36
CA ALA C 79 8.61 -12.50 -22.94
C ALA C 79 8.72 -12.66 -21.42
N ALA C 80 8.36 -11.63 -20.67
CA ALA C 80 8.29 -11.70 -19.21
C ALA C 80 7.04 -10.95 -18.73
N GLY C 81 6.52 -11.36 -17.60
CA GLY C 81 5.30 -10.73 -17.10
C GLY C 81 4.50 -11.70 -16.25
N HIS C 82 3.17 -11.53 -16.31
CA HIS C 82 2.26 -12.29 -15.46
C HIS C 82 1.99 -13.68 -16.04
N PRO C 83 1.71 -14.68 -15.19
CA PRO C 83 1.35 -16.00 -15.72
C PRO C 83 0.06 -15.94 -16.53
N SER C 84 -0.04 -16.84 -17.51
CA SER C 84 -1.17 -16.81 -18.43
C SER C 84 -2.47 -16.98 -17.68
N MET C 85 -3.41 -16.08 -17.95
CA MET C 85 -4.69 -16.14 -17.25
C MET C 85 -5.47 -17.40 -17.59
N ASN C 86 -5.13 -18.07 -18.69
CA ASN C 86 -5.88 -19.25 -19.07
C ASN C 86 -5.48 -20.44 -18.23
N LEU C 87 -4.22 -20.49 -17.80
CA LEU C 87 -3.79 -21.55 -16.91
C LEU C 87 -4.45 -21.39 -15.54
N LEU C 88 -4.39 -20.19 -14.98
CA LEU C 88 -5.15 -19.85 -13.78
C LEU C 88 -6.61 -20.24 -13.92
N LEU C 89 -7.30 -19.65 -14.90
CA LEU C 89 -8.73 -19.90 -15.13
C LEU C 89 -9.06 -21.38 -15.22
N ARG C 90 -8.14 -22.21 -15.73
CA ARG C 90 -8.44 -23.64 -15.84
C ARG C 90 -8.22 -24.34 -14.50
N LYS C 91 -7.20 -23.92 -13.75
CA LYS C 91 -6.85 -24.58 -12.50
C LYS C 91 -7.81 -24.17 -11.37
N THR C 92 -8.16 -22.88 -11.31
CA THR C 92 -9.01 -22.39 -10.23
C THR C 92 -10.43 -22.97 -10.28
N PHE C 93 -10.92 -23.40 -11.44
CA PHE C 93 -12.24 -24.02 -11.53
C PHE C 93 -12.17 -25.52 -11.73
N ASP C 94 -10.96 -26.09 -11.75
CA ASP C 94 -10.72 -27.50 -11.96
C ASP C 94 -11.52 -28.00 -13.16
N LEU C 95 -11.14 -27.46 -14.33
CA LEU C 95 -11.67 -27.91 -15.62
C LEU C 95 -10.61 -28.83 -16.22
N TYR C 96 -10.61 -30.08 -15.77
CA TYR C 96 -9.48 -30.95 -16.02
C TYR C 96 -9.46 -31.53 -17.44
N ALA C 97 -10.50 -31.32 -18.24
CA ALA C 97 -10.54 -31.87 -19.60
C ALA C 97 -10.63 -30.74 -20.60
N ASN C 98 -9.57 -30.54 -21.39
CA ASN C 98 -9.62 -29.69 -22.57
C ASN C 98 -9.97 -30.52 -23.79
N VAL C 99 -10.97 -30.06 -24.55
CA VAL C 99 -11.59 -30.83 -25.62
C VAL C 99 -11.63 -29.95 -26.86
N ARG C 100 -10.94 -30.37 -27.91
CA ARG C 100 -10.83 -29.62 -29.16
C ARG C 100 -11.19 -30.56 -30.29
N PRO C 101 -12.38 -30.41 -30.87
CA PRO C 101 -12.76 -31.22 -32.04
C PRO C 101 -12.30 -30.57 -33.33
N CYS C 102 -12.13 -31.43 -34.34
CA CYS C 102 -11.74 -31.03 -35.69
C CYS C 102 -12.58 -31.84 -36.65
N VAL C 103 -13.54 -31.20 -37.30
CA VAL C 103 -14.24 -31.81 -38.41
C VAL C 103 -14.05 -30.95 -39.63
N SER C 104 -13.92 -31.58 -40.79
CA SER C 104 -13.87 -30.84 -42.04
C SER C 104 -15.18 -30.10 -42.26
N ILE C 105 -15.07 -28.82 -42.61
CA ILE C 105 -16.22 -27.98 -42.96
C ILE C 105 -16.60 -28.24 -44.42
N GLU C 106 -17.81 -28.76 -44.64
CA GLU C 106 -18.18 -29.32 -45.94
C GLU C 106 -18.05 -28.30 -47.08
N GLY C 107 -18.31 -27.03 -46.80
CA GLY C 107 -18.24 -26.04 -47.87
C GLY C 107 -16.85 -25.55 -48.19
N TYR C 108 -15.91 -25.61 -47.24
CA TYR C 108 -14.60 -24.96 -47.38
C TYR C 108 -13.50 -26.00 -47.66
N LYS C 109 -13.17 -26.15 -48.93
CA LYS C 109 -12.26 -27.20 -49.37
C LYS C 109 -10.82 -26.89 -48.96
N THR C 110 -10.10 -27.96 -48.69
CA THR C 110 -8.76 -27.91 -48.14
C THR C 110 -8.05 -29.21 -48.54
N PRO C 111 -6.71 -29.26 -48.53
CA PRO C 111 -6.03 -30.49 -48.97
C PRO C 111 -6.49 -31.76 -48.28
N TYR C 112 -7.17 -31.64 -47.14
CA TYR C 112 -7.59 -32.79 -46.34
C TYR C 112 -9.11 -32.92 -46.35
N THR C 113 -9.58 -34.13 -46.64
CA THR C 113 -11.00 -34.42 -46.82
C THR C 113 -11.50 -35.30 -45.68
N ASP C 114 -12.64 -34.91 -45.08
CA ASP C 114 -13.37 -35.76 -44.13
C ASP C 114 -12.52 -36.11 -42.92
N VAL C 115 -12.07 -35.11 -42.20
CA VAL C 115 -11.40 -35.36 -40.93
C VAL C 115 -12.43 -35.21 -39.82
N ASN C 116 -12.42 -36.16 -38.89
CA ASN C 116 -13.27 -36.14 -37.71
C ASN C 116 -12.41 -36.63 -36.55
N ILE C 117 -11.90 -35.70 -35.75
CA ILE C 117 -10.85 -36.01 -34.78
C ILE C 117 -11.07 -35.19 -33.53
N VAL C 118 -11.05 -35.84 -32.37
CA VAL C 118 -11.23 -35.16 -31.10
C VAL C 118 -9.96 -35.33 -30.27
N THR C 119 -9.32 -34.21 -29.94
CA THR C 119 -8.15 -34.20 -29.06
C THR C 119 -8.62 -33.86 -27.64
N ILE C 120 -8.56 -34.85 -26.76
CA ILE C 120 -8.83 -34.70 -25.33
C ILE C 120 -7.49 -34.54 -24.62
N ARG C 121 -7.29 -33.43 -23.93
CA ARG C 121 -6.00 -33.13 -23.31
C ARG C 121 -6.19 -32.84 -21.83
N GLU C 122 -5.44 -33.53 -20.97
CA GLU C 122 -5.46 -33.23 -19.55
C GLU C 122 -5.05 -31.78 -19.32
N ASN C 123 -5.82 -31.08 -18.48
CA ASN C 123 -5.86 -29.61 -18.50
C ASN C 123 -5.43 -28.94 -17.20
N THR C 124 -4.90 -29.68 -16.22
CA THR C 124 -4.53 -29.08 -14.93
C THR C 124 -3.09 -29.28 -14.54
N GLU C 125 -2.45 -30.37 -14.95
CA GLU C 125 -1.09 -30.66 -14.55
C GLU C 125 -0.10 -30.32 -15.66
N GLY C 126 0.99 -31.08 -15.73
CA GLY C 126 1.95 -30.90 -16.82
C GLY C 126 2.58 -29.52 -16.78
N GLU C 127 2.67 -28.89 -17.94
CA GLU C 127 3.32 -27.59 -18.01
C GLU C 127 2.50 -26.48 -17.41
N TYR C 128 1.22 -26.73 -17.12
CA TYR C 128 0.44 -25.74 -16.38
C TYR C 128 0.88 -25.71 -14.92
N SER C 129 0.83 -26.86 -14.25
CA SER C 129 1.24 -26.94 -12.84
C SER C 129 2.76 -26.89 -12.81
N GLY C 130 3.27 -25.67 -12.92
CA GLY C 130 4.70 -25.48 -13.11
C GLY C 130 5.27 -24.40 -12.20
N ILE C 131 6.47 -24.67 -11.70
CA ILE C 131 7.36 -23.66 -11.15
C ILE C 131 8.53 -23.55 -12.10
N GLU C 132 9.01 -22.32 -12.29
CA GLU C 132 10.13 -22.07 -13.21
C GLU C 132 11.02 -21.00 -12.59
N HIS C 133 12.28 -21.34 -12.34
CA HIS C 133 13.18 -20.51 -11.54
C HIS C 133 14.59 -20.55 -12.08
N VAL C 134 15.38 -19.55 -11.75
CA VAL C 134 16.78 -19.52 -12.15
C VAL C 134 17.62 -20.33 -11.15
N ILE C 135 18.66 -21.01 -11.66
CA ILE C 135 19.52 -21.84 -10.83
C ILE C 135 20.85 -21.13 -10.63
N VAL C 136 21.63 -20.99 -11.71
CA VAL C 136 22.81 -20.14 -11.70
C VAL C 136 22.63 -19.14 -12.83
N ASP C 137 23.67 -18.37 -13.14
CA ASP C 137 23.58 -17.36 -14.18
C ASP C 137 23.45 -18.01 -15.55
N GLY C 138 22.34 -17.71 -16.22
CA GLY C 138 22.03 -18.32 -17.51
C GLY C 138 21.72 -19.80 -17.46
N VAL C 139 21.07 -20.30 -16.40
CA VAL C 139 20.62 -21.68 -16.31
C VAL C 139 19.25 -21.68 -15.64
N VAL C 140 18.21 -22.04 -16.39
CA VAL C 140 16.84 -22.05 -15.90
C VAL C 140 16.34 -23.49 -15.88
N GLN C 141 15.76 -23.91 -14.76
CA GLN C 141 15.21 -25.24 -14.62
C GLN C 141 13.71 -25.12 -14.41
N SER C 142 12.93 -25.96 -15.10
CA SER C 142 11.48 -25.95 -14.95
C SER C 142 11.02 -27.28 -14.38
N ILE C 143 10.04 -27.22 -13.48
CA ILE C 143 9.53 -28.40 -12.80
C ILE C 143 8.06 -28.56 -13.15
N LYS C 144 7.72 -29.72 -13.67
CA LYS C 144 6.35 -30.10 -13.94
C LYS C 144 6.07 -31.40 -13.22
N LEU C 145 4.81 -31.63 -12.90
CA LEU C 145 4.44 -32.90 -12.26
C LEU C 145 3.12 -33.37 -12.82
N ILE C 146 2.93 -34.68 -12.79
CA ILE C 146 1.69 -35.32 -13.19
C ILE C 146 1.33 -36.34 -12.12
N THR C 147 0.06 -36.41 -11.76
CA THR C 147 -0.41 -37.27 -10.69
C THR C 147 -1.18 -38.45 -11.24
N GLU C 148 -1.14 -39.55 -10.48
CA GLU C 148 -1.92 -40.73 -10.83
C GLU C 148 -3.41 -40.42 -10.89
N GLY C 149 -3.86 -39.40 -10.17
CA GLY C 149 -5.26 -39.05 -10.10
C GLY C 149 -5.79 -38.48 -11.39
N ALA C 150 -5.23 -37.33 -11.81
CA ALA C 150 -5.67 -36.72 -13.07
C ALA C 150 -5.42 -37.64 -14.25
N SER C 151 -4.39 -38.47 -14.19
CA SER C 151 -4.17 -39.45 -15.26
C SER C 151 -5.35 -40.40 -15.36
N LYS C 152 -5.86 -40.88 -14.22
CA LYS C 152 -7.03 -41.75 -14.27
C LYS C 152 -8.26 -40.96 -14.67
N ARG C 153 -8.27 -39.67 -14.39
CA ARG C 153 -9.50 -38.91 -14.59
C ARG C 153 -9.66 -38.55 -16.07
N ILE C 154 -8.60 -38.05 -16.71
CA ILE C 154 -8.68 -37.67 -18.12
C ILE C 154 -8.88 -38.91 -18.98
N ALA C 155 -8.23 -40.01 -18.63
CA ALA C 155 -8.53 -41.28 -19.26
C ALA C 155 -10.00 -41.65 -19.15
N GLU C 156 -10.60 -41.50 -17.96
CA GLU C 156 -12.01 -41.87 -17.83
C GLU C 156 -12.90 -40.91 -18.62
N PHE C 157 -12.68 -39.61 -18.48
CA PHE C 157 -13.39 -38.62 -19.29
C PHE C 157 -13.42 -39.03 -20.76
N ALA C 158 -12.29 -39.48 -21.29
CA ALA C 158 -12.17 -39.70 -22.73
C ALA C 158 -12.91 -40.95 -23.18
N PHE C 159 -12.86 -42.01 -22.37
CA PHE C 159 -13.64 -43.19 -22.73
C PHE C 159 -15.14 -42.94 -22.57
N GLU C 160 -15.53 -42.05 -21.66
CA GLU C 160 -16.94 -41.68 -21.58
C GLU C 160 -17.35 -40.87 -22.81
N TYR C 161 -16.55 -39.85 -23.16
CA TYR C 161 -16.78 -39.10 -24.39
C TYR C 161 -16.95 -40.02 -25.59
N ALA C 162 -16.11 -41.04 -25.70
CA ALA C 162 -16.26 -41.98 -26.81
C ALA C 162 -17.66 -42.61 -26.82
N ARG C 163 -18.18 -42.99 -25.65
CA ARG C 163 -19.49 -43.62 -25.57
C ARG C 163 -20.63 -42.61 -25.72
N ASN C 164 -20.51 -41.43 -25.13
CA ASN C 164 -21.51 -40.38 -25.33
C ASN C 164 -21.64 -39.98 -26.80
N ASN C 165 -20.52 -39.76 -27.50
CA ASN C 165 -20.57 -39.18 -28.83
C ASN C 165 -20.50 -40.21 -29.94
N HIS C 166 -20.51 -41.49 -29.58
CA HIS C 166 -20.53 -42.63 -30.51
C HIS C 166 -19.30 -42.64 -31.41
N ARG C 167 -18.14 -42.66 -30.76
CA ARG C 167 -16.84 -42.76 -31.41
C ARG C 167 -16.27 -44.13 -31.13
N SER C 168 -15.82 -44.82 -32.18
CA SER C 168 -15.47 -46.23 -31.99
C SER C 168 -14.15 -46.41 -31.25
N ASN C 169 -13.18 -45.50 -31.43
CA ASN C 169 -11.79 -45.72 -31.04
C ASN C 169 -11.24 -44.58 -30.18
N VAL C 170 -10.45 -44.96 -29.18
CA VAL C 170 -9.68 -44.04 -28.35
C VAL C 170 -8.20 -44.39 -28.49
N THR C 171 -7.37 -43.37 -28.68
CA THR C 171 -5.93 -43.51 -28.87
C THR C 171 -5.20 -42.70 -27.80
N ALA C 172 -4.38 -43.38 -27.00
CA ALA C 172 -3.51 -42.71 -26.04
C ALA C 172 -2.25 -42.27 -26.76
N VAL C 173 -1.95 -40.98 -26.70
CA VAL C 173 -0.83 -40.37 -27.39
C VAL C 173 0.19 -39.96 -26.34
N HIS C 174 1.41 -40.48 -26.42
CA HIS C 174 2.33 -40.39 -25.30
C HIS C 174 3.78 -40.35 -25.78
N LYS C 175 4.71 -40.22 -24.83
CA LYS C 175 6.13 -40.29 -25.12
C LYS C 175 6.85 -41.18 -24.10
N ALA C 176 6.21 -42.29 -23.73
CA ALA C 176 6.78 -43.20 -22.75
C ALA C 176 8.10 -43.80 -23.17
N ASN C 177 8.52 -43.62 -24.43
CA ASN C 177 9.87 -44.04 -24.78
C ASN C 177 10.90 -43.10 -24.18
N ILE C 178 10.55 -41.83 -24.01
CA ILE C 178 11.49 -40.82 -23.58
C ILE C 178 11.16 -40.29 -22.18
N MET C 179 9.87 -40.13 -21.87
CA MET C 179 9.43 -39.75 -20.52
C MET C 179 8.88 -40.98 -19.80
N ARG C 180 9.78 -41.92 -19.48
CA ARG C 180 9.39 -43.23 -18.96
C ARG C 180 8.36 -43.13 -17.84
N MET C 181 8.69 -42.38 -16.80
CA MET C 181 7.94 -42.44 -15.54
C MET C 181 6.65 -41.65 -15.62
N SER C 182 6.70 -40.41 -16.11
CA SER C 182 5.47 -39.63 -16.24
C SER C 182 4.43 -40.39 -17.08
N ASP C 183 4.78 -40.68 -18.33
CA ASP C 183 3.82 -41.26 -19.25
C ASP C 183 3.64 -42.75 -19.06
N GLY C 184 4.64 -43.45 -18.54
CA GLY C 184 4.39 -44.83 -18.15
C GLY C 184 3.21 -44.91 -17.22
N LEU C 185 3.11 -43.93 -16.32
CA LEU C 185 1.98 -43.88 -15.41
C LEU C 185 0.70 -43.55 -16.18
N PHE C 186 0.74 -42.52 -17.03
CA PHE C 186 -0.42 -42.12 -17.83
C PHE C 186 -0.97 -43.27 -18.67
N LEU C 187 -0.10 -44.06 -19.30
CA LEU C 187 -0.54 -45.25 -20.01
C LEU C 187 -1.06 -46.32 -19.06
N GLN C 188 -0.38 -46.51 -17.94
CA GLN C 188 -0.82 -47.51 -16.99
C GLN C 188 -2.26 -47.27 -16.60
N LYS C 189 -2.60 -46.01 -16.30
CA LYS C 189 -3.96 -45.67 -15.95
C LYS C 189 -4.90 -45.76 -17.15
N CYS C 190 -4.46 -45.27 -18.32
CA CYS C 190 -5.26 -45.45 -19.53
C CYS C 190 -5.60 -46.91 -19.78
N ARG C 191 -4.70 -47.82 -19.41
CA ARG C 191 -4.92 -49.23 -19.68
C ARG C 191 -5.95 -49.83 -18.74
N GLU C 192 -6.06 -49.28 -17.52
CA GLU C 192 -7.08 -49.75 -16.59
C GLU C 192 -8.48 -49.46 -17.13
N VAL C 193 -8.72 -48.20 -17.51
CA VAL C 193 -10.05 -47.82 -17.97
C VAL C 193 -10.40 -48.55 -19.28
N ALA C 194 -9.38 -48.98 -20.03
CA ALA C 194 -9.66 -49.70 -21.27
C ALA C 194 -10.12 -51.13 -21.01
N GLU C 195 -9.74 -51.73 -19.87
CA GLU C 195 -10.23 -53.05 -19.51
C GLU C 195 -11.68 -53.02 -19.02
N SER C 196 -12.14 -51.87 -18.55
CA SER C 196 -13.52 -51.67 -18.13
C SER C 196 -14.46 -51.44 -19.30
N CYS C 197 -13.94 -51.09 -20.50
CA CYS C 197 -14.76 -50.69 -21.66
C CYS C 197 -14.22 -51.39 -22.90
N LYS C 198 -14.59 -52.67 -23.06
CA LYS C 198 -14.22 -53.40 -24.26
C LYS C 198 -15.01 -52.92 -25.49
N ASP C 199 -16.06 -52.14 -25.30
CA ASP C 199 -16.83 -51.61 -26.44
C ASP C 199 -16.05 -50.56 -27.21
N ILE C 200 -15.23 -49.77 -26.53
CA ILE C 200 -14.35 -48.80 -27.19
C ILE C 200 -13.02 -49.48 -27.46
N LYS C 201 -12.64 -49.55 -28.74
CA LYS C 201 -11.31 -50.06 -29.12
C LYS C 201 -10.20 -49.08 -28.68
N PHE C 202 -9.09 -49.63 -28.19
CA PHE C 202 -8.00 -48.84 -27.61
C PHE C 202 -6.65 -49.19 -28.25
N ASN C 203 -5.82 -48.17 -28.47
CA ASN C 203 -4.43 -48.37 -28.85
C ASN C 203 -3.62 -47.17 -28.38
N GLU C 204 -2.31 -47.38 -28.28
CA GLU C 204 -1.33 -46.39 -27.81
C GLU C 204 -0.33 -46.10 -28.92
N MET C 205 -0.14 -44.82 -29.24
CA MET C 205 0.88 -44.41 -30.19
C MET C 205 1.81 -43.36 -29.58
N TYR C 206 3.06 -43.34 -30.07
CA TYR C 206 4.02 -42.33 -29.65
C TYR C 206 3.71 -41.03 -30.37
N LEU C 207 3.90 -39.91 -29.66
CA LEU C 207 3.40 -38.65 -30.18
C LEU C 207 4.02 -38.30 -31.52
N ASP C 208 5.34 -38.49 -31.70
CA ASP C 208 5.97 -38.20 -32.99
C ASP C 208 5.43 -39.08 -34.11
N THR C 209 5.22 -40.38 -33.86
CA THR C 209 4.51 -41.21 -34.82
C THR C 209 3.15 -40.64 -35.16
N VAL C 210 2.49 -40.00 -34.20
CA VAL C 210 1.18 -39.50 -34.52
C VAL C 210 1.29 -38.26 -35.40
N CYS C 211 2.25 -37.39 -35.14
CA CYS C 211 2.29 -36.16 -35.92
C CYS C 211 2.65 -36.46 -37.38
N LEU C 212 3.51 -37.45 -37.59
CA LEU C 212 3.85 -37.90 -38.94
C LEU C 212 2.62 -38.46 -39.65
N ASN C 213 1.93 -39.45 -39.03
CA ASN C 213 0.73 -39.99 -39.66
C ASN C 213 -0.35 -38.95 -39.82
N MET C 214 -0.49 -38.04 -38.86
CA MET C 214 -1.63 -37.13 -38.92
C MET C 214 -1.58 -36.24 -40.17
N VAL C 215 -0.40 -35.74 -40.56
CA VAL C 215 -0.35 -34.88 -41.73
C VAL C 215 -0.36 -35.67 -43.02
N GLN C 216 -0.22 -36.98 -42.91
CA GLN C 216 -0.24 -37.89 -44.05
C GLN C 216 -1.63 -38.45 -44.32
N ASP C 217 -2.31 -38.97 -43.29
CA ASP C 217 -3.67 -39.48 -43.45
C ASP C 217 -4.44 -39.37 -42.13
N PRO C 218 -5.19 -38.29 -41.90
CA PRO C 218 -5.97 -38.18 -40.65
C PRO C 218 -7.15 -39.13 -40.56
N SER C 219 -7.41 -39.97 -41.56
CA SER C 219 -8.60 -40.81 -41.51
C SER C 219 -8.43 -42.05 -40.66
N GLN C 220 -7.28 -42.21 -40.01
CA GLN C 220 -7.00 -43.36 -39.16
C GLN C 220 -7.03 -43.01 -37.69
N PHE C 221 -7.48 -41.82 -37.32
CA PHE C 221 -7.59 -41.41 -35.93
C PHE C 221 -9.02 -41.04 -35.60
N ASP C 222 -9.33 -41.09 -34.31
CA ASP C 222 -10.67 -40.78 -33.81
C ASP C 222 -10.64 -39.87 -32.59
N VAL C 223 -10.59 -40.46 -31.40
CA VAL C 223 -10.43 -39.75 -30.15
C VAL C 223 -8.97 -39.90 -29.73
N LEU C 224 -8.36 -38.81 -29.31
CA LEU C 224 -6.97 -38.83 -28.87
C LEU C 224 -6.88 -38.24 -27.47
N VAL C 225 -6.27 -39.01 -26.56
CA VAL C 225 -6.10 -38.61 -25.18
C VAL C 225 -4.61 -38.44 -24.93
N MET C 226 -4.22 -37.23 -24.55
CA MET C 226 -2.86 -36.88 -24.21
C MET C 226 -2.79 -36.36 -22.78
N PRO C 227 -1.58 -36.33 -22.16
CA PRO C 227 -1.40 -35.54 -20.94
C PRO C 227 -1.14 -34.09 -21.31
N ASN C 228 -0.72 -33.27 -20.35
CA ASN C 228 -0.38 -31.89 -20.65
C ASN C 228 1.12 -31.66 -20.61
N LEU C 229 1.90 -32.66 -20.99
CA LEU C 229 3.35 -32.52 -21.05
C LEU C 229 3.84 -32.00 -22.39
N TYR C 230 3.10 -32.25 -23.47
CA TYR C 230 3.54 -31.93 -24.82
C TYR C 230 2.82 -30.72 -25.39
N GLY C 231 2.15 -29.97 -24.54
CA GLY C 231 1.45 -28.85 -25.09
C GLY C 231 0.18 -29.29 -25.80
N ASP C 232 -0.32 -28.36 -26.62
CA ASP C 232 -1.54 -28.55 -27.39
C ASP C 232 -1.24 -28.50 -28.87
N ILE C 233 -0.02 -28.90 -29.24
CA ILE C 233 0.39 -28.78 -30.62
C ILE C 233 -0.17 -29.88 -31.51
N LEU C 234 -0.64 -31.00 -30.95
CA LEU C 234 -1.37 -31.94 -31.81
C LEU C 234 -2.71 -31.34 -32.25
N SER C 235 -3.35 -30.53 -31.41
CA SER C 235 -4.58 -29.90 -31.89
C SER C 235 -4.28 -28.72 -32.78
N ASP C 236 -3.14 -28.06 -32.59
CA ASP C 236 -2.78 -26.96 -33.48
C ASP C 236 -2.48 -27.49 -34.87
N LEU C 237 -1.82 -28.64 -34.93
CA LEU C 237 -1.66 -29.38 -36.17
C LEU C 237 -3.03 -29.67 -36.79
N CYS C 238 -3.93 -30.30 -36.02
CA CYS C 238 -5.24 -30.60 -36.56
C CYS C 238 -6.01 -29.36 -36.97
N ALA C 239 -5.74 -28.21 -36.35
CA ALA C 239 -6.43 -26.99 -36.76
C ALA C 239 -6.10 -26.64 -38.20
N GLY C 240 -4.85 -26.84 -38.61
CA GLY C 240 -4.51 -26.52 -39.99
C GLY C 240 -5.09 -27.47 -41.00
N LEU C 241 -5.46 -28.67 -40.58
CA LEU C 241 -6.09 -29.63 -41.47
C LEU C 241 -7.40 -29.10 -42.05
N ILE C 242 -8.17 -28.34 -41.25
CA ILE C 242 -9.56 -28.05 -41.59
C ILE C 242 -9.77 -26.61 -42.05
N GLY C 243 -8.87 -25.68 -41.74
CA GLY C 243 -8.97 -24.34 -42.28
C GLY C 243 -8.33 -23.30 -41.40
N GLY C 244 -7.72 -23.71 -40.30
CA GLY C 244 -6.89 -22.81 -39.51
C GLY C 244 -7.51 -22.48 -38.15
N LEU C 245 -6.81 -21.57 -37.47
CA LEU C 245 -7.25 -21.05 -36.18
C LEU C 245 -8.61 -20.36 -36.22
N GLY C 246 -9.09 -19.96 -37.41
CA GLY C 246 -10.32 -19.20 -37.46
C GLY C 246 -11.59 -20.02 -37.29
N VAL C 247 -11.52 -21.35 -37.35
CA VAL C 247 -12.77 -22.12 -37.32
C VAL C 247 -12.74 -23.28 -36.32
N THR C 248 -11.74 -23.28 -35.42
CA THR C 248 -11.55 -24.40 -34.50
C THR C 248 -12.07 -24.05 -33.10
N PRO C 249 -13.06 -24.77 -32.61
CA PRO C 249 -13.60 -24.54 -31.26
C PRO C 249 -12.90 -25.37 -30.19
N SER C 250 -13.02 -24.89 -28.96
CA SER C 250 -12.40 -25.52 -27.79
C SER C 250 -13.44 -25.65 -26.69
N GLY C 251 -13.04 -26.30 -25.60
CA GLY C 251 -13.88 -26.43 -24.44
C GLY C 251 -13.09 -26.96 -23.26
N ASN C 252 -13.23 -26.31 -22.09
CA ASN C 252 -12.60 -26.77 -20.86
C ASN C 252 -13.68 -27.31 -19.93
N ILE C 253 -13.93 -28.62 -20.01
CA ILE C 253 -14.97 -29.27 -19.22
C ILE C 253 -14.44 -29.61 -17.84
N GLY C 254 -15.26 -29.36 -16.82
CA GLY C 254 -14.99 -29.82 -15.46
C GLY C 254 -16.06 -30.77 -14.96
N ALA C 255 -16.04 -31.12 -13.67
CA ALA C 255 -17.11 -31.95 -13.16
C ALA C 255 -18.30 -31.08 -12.74
N ASN C 256 -19.43 -31.74 -12.48
CA ASN C 256 -20.66 -31.08 -12.04
C ASN C 256 -21.13 -30.04 -13.05
N GLY C 257 -21.14 -30.41 -14.34
CA GLY C 257 -21.60 -29.54 -15.41
C GLY C 257 -20.83 -28.27 -15.64
N VAL C 258 -19.76 -27.99 -14.90
CA VAL C 258 -19.00 -26.76 -15.11
C VAL C 258 -18.13 -26.91 -16.35
N ALA C 259 -18.08 -25.84 -17.17
CA ALA C 259 -17.20 -25.80 -18.33
C ALA C 259 -17.02 -24.36 -18.81
N ILE C 260 -15.81 -24.05 -19.29
CA ILE C 260 -15.55 -22.82 -20.04
C ILE C 260 -15.31 -23.19 -21.50
N PHE C 261 -16.08 -22.59 -22.40
CA PHE C 261 -15.90 -22.81 -23.83
C PHE C 261 -15.19 -21.62 -24.45
N GLU C 262 -14.08 -21.87 -25.15
CA GLU C 262 -13.33 -20.82 -25.81
C GLU C 262 -12.89 -21.32 -27.18
N SER C 263 -12.00 -20.56 -27.79
CA SER C 263 -11.46 -20.93 -29.09
C SER C 263 -9.98 -21.24 -28.95
N VAL C 264 -9.46 -22.03 -29.90
CA VAL C 264 -8.07 -22.43 -29.84
C VAL C 264 -7.16 -21.24 -30.15
N HIS C 265 -7.63 -20.31 -30.98
CA HIS C 265 -6.79 -19.21 -31.38
C HIS C 265 -6.58 -18.24 -30.22
N GLY C 266 -5.71 -17.27 -30.47
CA GLY C 266 -5.41 -16.26 -29.49
C GLY C 266 -5.87 -14.88 -29.90
N THR C 267 -5.17 -13.86 -29.41
CA THR C 267 -5.61 -12.48 -29.58
C THR C 267 -5.44 -11.98 -31.00
N ALA C 268 -4.63 -12.65 -31.82
CA ALA C 268 -4.39 -12.24 -33.21
C ALA C 268 -4.03 -10.77 -33.28
N PRO C 269 -2.88 -10.36 -32.74
CA PRO C 269 -2.56 -8.91 -32.68
C PRO C 269 -2.46 -8.24 -34.04
N ASP C 270 -1.93 -8.94 -35.06
CA ASP C 270 -1.73 -8.37 -36.40
C ASP C 270 -3.02 -8.00 -37.09
N ILE C 271 -4.18 -8.40 -36.55
CA ILE C 271 -5.47 -8.03 -37.12
C ILE C 271 -6.37 -7.45 -36.04
N ALA C 272 -5.75 -6.92 -34.97
CA ALA C 272 -6.42 -6.59 -33.70
C ALA C 272 -7.72 -5.81 -33.86
N GLY C 273 -7.63 -4.57 -34.32
CA GLY C 273 -8.80 -3.73 -34.49
C GLY C 273 -9.30 -3.53 -35.89
N LYS C 274 -8.74 -4.23 -36.89
CA LYS C 274 -9.01 -3.98 -38.30
C LYS C 274 -10.33 -4.59 -38.80
N ASP C 275 -11.16 -5.16 -37.91
CA ASP C 275 -12.43 -5.79 -38.28
C ASP C 275 -12.24 -6.81 -39.40
N MET C 276 -11.21 -7.64 -39.25
CA MET C 276 -10.91 -8.68 -40.22
C MET C 276 -10.90 -10.08 -39.62
N ALA C 277 -11.08 -10.19 -38.30
CA ALA C 277 -11.02 -11.47 -37.62
C ALA C 277 -12.24 -12.34 -37.94
N ASN C 278 -12.08 -13.63 -37.73
CA ASN C 278 -13.13 -14.58 -38.04
C ASN C 278 -13.70 -15.08 -36.72
N PRO C 279 -15.01 -14.94 -36.50
CA PRO C 279 -15.58 -15.41 -35.25
C PRO C 279 -16.04 -16.86 -35.29
N THR C 280 -15.99 -17.52 -36.45
CA THR C 280 -16.52 -18.88 -36.58
C THR C 280 -16.01 -19.79 -35.46
N ALA C 281 -14.84 -19.49 -34.91
CA ALA C 281 -14.28 -20.32 -33.85
C ALA C 281 -15.12 -20.20 -32.59
N LEU C 282 -15.13 -19.00 -32.01
CA LEU C 282 -15.91 -18.75 -30.80
C LEU C 282 -17.38 -19.07 -30.99
N LEU C 283 -17.89 -18.91 -32.22
CA LEU C 283 -19.27 -19.25 -32.49
C LEU C 283 -19.48 -20.77 -32.44
N LEU C 284 -18.58 -21.54 -33.06
CA LEU C 284 -18.70 -22.99 -33.00
C LEU C 284 -18.35 -23.53 -31.63
N SER C 285 -17.55 -22.79 -30.85
CA SER C 285 -17.44 -23.10 -29.44
C SER C 285 -18.77 -22.90 -28.74
N ALA C 286 -19.42 -21.78 -29.01
CA ALA C 286 -20.67 -21.45 -28.35
C ALA C 286 -21.77 -22.45 -28.67
N VAL C 287 -21.71 -23.09 -29.83
CA VAL C 287 -22.70 -24.13 -30.10
C VAL C 287 -22.31 -25.43 -29.40
N MET C 288 -21.07 -25.53 -28.91
CA MET C 288 -20.72 -26.62 -28.00
C MET C 288 -21.39 -26.40 -26.65
N MET C 289 -21.20 -25.21 -26.08
CA MET C 289 -21.91 -24.79 -24.87
C MET C 289 -23.41 -25.06 -24.96
N LEU C 290 -24.03 -24.67 -26.08
CA LEU C 290 -25.44 -24.96 -26.26
C LEU C 290 -25.73 -26.44 -26.15
N ARG C 291 -24.90 -27.28 -26.76
CA ARG C 291 -25.20 -28.71 -26.68
C ARG C 291 -24.91 -29.25 -25.29
N HIS C 292 -23.89 -28.70 -24.62
CA HIS C 292 -23.62 -29.10 -23.24
C HIS C 292 -24.81 -28.79 -22.35
N MET C 293 -25.38 -27.59 -22.50
CA MET C 293 -26.55 -27.14 -21.76
C MET C 293 -27.84 -27.82 -22.20
N GLY C 294 -27.82 -28.66 -23.23
CA GLY C 294 -29.02 -29.36 -23.66
C GLY C 294 -29.92 -28.63 -24.64
N LEU C 295 -29.59 -27.37 -24.98
CA LEU C 295 -30.36 -26.58 -25.94
C LEU C 295 -30.08 -27.06 -27.37
N PHE C 296 -30.53 -28.29 -27.64
CA PHE C 296 -30.22 -28.93 -28.91
C PHE C 296 -30.71 -28.10 -30.09
N ASP C 297 -32.04 -27.95 -30.21
CA ASP C 297 -32.61 -27.31 -31.40
C ASP C 297 -32.05 -25.91 -31.63
N HIS C 298 -31.69 -25.17 -30.57
CA HIS C 298 -31.06 -23.87 -30.81
C HIS C 298 -29.59 -24.03 -31.21
N ALA C 299 -28.96 -25.13 -30.82
CA ALA C 299 -27.59 -25.38 -31.27
C ALA C 299 -27.57 -25.74 -32.75
N ALA C 300 -28.38 -26.71 -33.16
CA ALA C 300 -28.38 -27.05 -34.58
C ALA C 300 -28.88 -25.89 -35.44
N ARG C 301 -29.76 -25.05 -34.90
CA ARG C 301 -30.26 -23.92 -35.68
C ARG C 301 -29.13 -22.92 -35.95
N ILE C 302 -28.32 -22.62 -34.95
CA ILE C 302 -27.17 -21.74 -35.15
C ILE C 302 -26.11 -22.41 -36.01
N GLU C 303 -25.87 -23.70 -35.79
CA GLU C 303 -24.79 -24.37 -36.51
C GLU C 303 -25.08 -24.43 -37.99
N ALA C 304 -26.31 -24.81 -38.38
CA ALA C 304 -26.61 -24.93 -39.80
C ALA C 304 -26.56 -23.59 -40.51
N ALA C 305 -26.70 -22.48 -39.77
CA ALA C 305 -26.56 -21.16 -40.37
C ALA C 305 -25.10 -20.79 -40.58
N CYS C 306 -24.21 -21.29 -39.73
CA CYS C 306 -22.81 -20.95 -39.87
C CYS C 306 -22.16 -21.69 -41.03
N PHE C 307 -22.50 -22.97 -41.22
CA PHE C 307 -21.92 -23.71 -42.35
C PHE C 307 -22.54 -23.28 -43.67
N ALA C 308 -23.87 -23.09 -43.70
CA ALA C 308 -24.50 -22.71 -44.96
C ALA C 308 -24.00 -21.34 -45.45
N THR C 309 -23.61 -20.45 -44.54
CA THR C 309 -22.96 -19.21 -44.97
C THR C 309 -21.61 -19.51 -45.63
N ILE C 310 -20.78 -20.33 -44.97
CA ILE C 310 -19.48 -20.72 -45.51
C ILE C 310 -19.64 -21.44 -46.85
N LYS C 311 -20.60 -22.38 -46.93
CA LYS C 311 -20.78 -23.18 -48.13
C LYS C 311 -21.08 -22.34 -49.38
N ASP C 312 -21.86 -21.26 -49.24
CA ASP C 312 -22.09 -20.39 -50.40
C ASP C 312 -20.86 -19.56 -50.73
N GLY C 313 -19.97 -19.34 -49.75
CA GLY C 313 -18.77 -18.59 -49.98
C GLY C 313 -18.97 -17.16 -50.44
N LYS C 314 -20.18 -16.61 -50.33
CA LYS C 314 -20.43 -15.27 -50.85
C LYS C 314 -19.79 -14.19 -49.98
N SER C 315 -19.50 -14.49 -48.71
CA SER C 315 -18.97 -13.46 -47.81
C SER C 315 -18.04 -14.08 -46.76
N LEU C 316 -17.08 -14.88 -47.20
CA LEU C 316 -16.08 -15.38 -46.28
C LEU C 316 -15.13 -14.26 -45.87
N THR C 317 -14.43 -14.45 -44.76
CA THR C 317 -13.50 -13.45 -44.29
C THR C 317 -12.08 -13.78 -44.79
N LYS C 318 -11.09 -12.96 -44.42
CA LYS C 318 -9.78 -12.97 -45.11
C LYS C 318 -8.97 -14.24 -44.87
N ASP C 319 -9.15 -14.92 -43.73
CA ASP C 319 -8.49 -16.20 -43.49
C ASP C 319 -9.14 -17.37 -44.22
N LEU C 320 -10.32 -17.21 -44.81
CA LEU C 320 -10.94 -18.25 -45.62
C LEU C 320 -11.05 -17.85 -47.08
N GLY C 321 -10.32 -16.81 -47.48
CA GLY C 321 -10.15 -16.47 -48.88
C GLY C 321 -10.85 -15.19 -49.31
N GLY C 322 -11.98 -14.87 -48.70
CA GLY C 322 -12.78 -13.74 -49.12
C GLY C 322 -12.23 -12.41 -48.64
N ASN C 323 -12.99 -11.35 -48.95
CA ASN C 323 -12.64 -10.00 -48.53
C ASN C 323 -13.63 -9.43 -47.52
N ALA C 324 -14.61 -10.21 -47.07
CA ALA C 324 -15.67 -9.69 -46.21
C ALA C 324 -15.16 -9.42 -44.80
N LYS C 325 -15.55 -8.28 -44.24
CA LYS C 325 -15.14 -7.95 -42.87
C LYS C 325 -15.90 -8.83 -41.87
N CYS C 326 -15.45 -8.83 -40.61
CA CYS C 326 -16.08 -9.68 -39.60
C CYS C 326 -17.55 -9.37 -39.47
N SER C 327 -17.89 -8.07 -39.44
CA SER C 327 -19.28 -7.65 -39.34
C SER C 327 -20.09 -8.10 -40.54
N ASP C 328 -19.56 -7.93 -41.75
CA ASP C 328 -20.22 -8.42 -42.96
C ASP C 328 -20.50 -9.92 -42.86
N PHE C 329 -19.51 -10.71 -42.42
CA PHE C 329 -19.71 -12.15 -42.25
C PHE C 329 -20.71 -12.44 -41.14
N THR C 330 -20.63 -11.70 -40.02
CA THR C 330 -21.57 -11.90 -38.93
C THR C 330 -22.99 -11.64 -39.38
N GLU C 331 -23.21 -10.54 -40.11
CA GLU C 331 -24.57 -10.17 -40.51
C GLU C 331 -25.17 -11.19 -41.47
N GLU C 332 -24.39 -11.73 -42.41
CA GLU C 332 -24.93 -12.71 -43.33
C GLU C 332 -25.29 -14.02 -42.63
N ILE C 333 -24.82 -14.21 -41.38
CA ILE C 333 -25.21 -15.36 -40.59
C ILE C 333 -26.51 -15.07 -39.84
N CYS C 334 -26.63 -13.85 -39.29
CA CYS C 334 -27.90 -13.41 -38.71
C CYS C 334 -29.03 -13.50 -39.73
N ARG C 335 -28.78 -13.02 -40.96
CA ARG C 335 -29.76 -13.13 -42.04
C ARG C 335 -30.22 -14.57 -42.24
N ARG C 336 -29.39 -15.55 -41.87
CA ARG C 336 -29.68 -16.94 -42.16
C ARG C 336 -30.48 -17.62 -41.04
N VAL C 337 -30.21 -17.25 -39.78
CA VAL C 337 -30.87 -17.89 -38.66
C VAL C 337 -32.36 -17.58 -38.66
N LYS C 338 -32.70 -16.28 -38.68
CA LYS C 338 -34.09 -15.84 -38.64
C LYS C 338 -34.93 -16.49 -39.73
N ASP C 339 -34.37 -16.78 -40.90
CA ASP C 339 -35.11 -17.43 -41.98
C ASP C 339 -35.41 -18.90 -41.65
N GLY D 13 43.44 -38.31 -50.89
CA GLY D 13 43.44 -39.45 -51.79
C GLY D 13 42.21 -40.35 -51.73
N SER D 14 41.85 -40.77 -50.52
CA SER D 14 40.66 -41.56 -50.21
C SER D 14 40.13 -41.13 -48.84
N PHE D 15 38.88 -41.52 -48.54
CA PHE D 15 38.15 -40.91 -47.42
C PHE D 15 37.53 -41.97 -46.51
N PRO D 16 37.87 -41.97 -45.25
CA PRO D 16 37.32 -42.97 -44.34
C PRO D 16 36.13 -42.41 -43.58
N VAL D 17 35.05 -43.18 -43.55
CA VAL D 17 33.78 -42.77 -42.94
C VAL D 17 33.38 -43.87 -41.96
N THR D 18 32.94 -43.44 -40.79
CA THR D 18 32.44 -44.37 -39.77
C THR D 18 30.98 -44.69 -40.04
N MET D 19 30.70 -45.96 -40.32
CA MET D 19 29.35 -46.45 -40.53
C MET D 19 28.84 -47.16 -39.28
N LEU D 20 27.56 -47.00 -39.00
CA LEU D 20 26.94 -47.48 -37.77
C LEU D 20 25.53 -47.93 -38.14
N PRO D 21 25.41 -49.14 -38.68
CA PRO D 21 24.11 -49.58 -39.23
C PRO D 21 22.94 -49.41 -38.28
N GLY D 22 23.14 -49.70 -36.99
CA GLY D 22 22.04 -49.59 -36.05
C GLY D 22 21.16 -50.82 -36.10
N ASP D 23 19.92 -50.64 -35.68
CA ASP D 23 18.94 -51.69 -35.63
C ASP D 23 17.83 -51.37 -36.61
N GLY D 24 16.97 -52.35 -36.84
CA GLY D 24 15.80 -52.14 -37.68
C GLY D 24 16.13 -52.45 -39.11
N VAL D 25 15.72 -51.58 -40.03
CA VAL D 25 16.16 -51.70 -41.42
C VAL D 25 17.46 -50.94 -41.65
N GLY D 26 18.11 -50.48 -40.59
CA GLY D 26 19.40 -49.86 -40.70
C GLY D 26 20.41 -50.67 -41.52
N PRO D 27 20.61 -51.95 -41.20
CA PRO D 27 21.48 -52.78 -42.03
C PRO D 27 21.12 -52.75 -43.52
N GLU D 28 19.86 -52.96 -43.90
CA GLU D 28 19.49 -52.92 -45.33
C GLU D 28 19.80 -51.57 -45.94
N LEU D 29 19.36 -50.49 -45.31
CA LEU D 29 19.68 -49.17 -45.83
C LEU D 29 21.18 -48.95 -45.92
N MET D 30 21.98 -49.62 -45.08
CA MET D 30 23.41 -49.45 -45.23
C MET D 30 23.91 -50.21 -46.45
N HIS D 31 23.41 -51.43 -46.62
CA HIS D 31 23.75 -52.23 -47.80
C HIS D 31 23.35 -51.50 -49.08
N ALA D 32 22.18 -50.85 -49.08
CA ALA D 32 21.80 -49.99 -50.20
C ALA D 32 22.78 -48.86 -50.40
N VAL D 33 23.28 -48.24 -49.34
CA VAL D 33 24.22 -47.15 -49.57
C VAL D 33 25.51 -47.69 -50.15
N LYS D 34 26.02 -48.80 -49.63
CA LYS D 34 27.30 -49.13 -50.20
C LYS D 34 27.18 -49.79 -51.56
N GLU D 35 26.04 -50.40 -51.89
CA GLU D 35 25.92 -50.93 -53.23
C GLU D 35 25.74 -49.80 -54.24
N VAL D 36 25.07 -48.71 -53.85
CA VAL D 36 25.04 -47.52 -54.68
C VAL D 36 26.43 -46.88 -54.73
N PHE D 37 27.15 -46.85 -53.60
CA PHE D 37 28.48 -46.26 -53.60
C PHE D 37 29.48 -47.11 -54.39
N LYS D 38 29.29 -48.43 -54.40
CA LYS D 38 30.12 -49.25 -55.25
C LYS D 38 29.82 -48.99 -56.72
N ALA D 39 28.54 -48.78 -57.05
CA ALA D 39 28.17 -48.57 -58.45
C ALA D 39 28.72 -47.25 -59.00
N ALA D 40 28.89 -46.25 -58.16
CA ALA D 40 29.38 -44.99 -58.67
C ALA D 40 30.84 -44.79 -58.34
N ALA D 41 31.52 -45.86 -57.91
CA ALA D 41 32.95 -45.84 -57.62
C ALA D 41 33.29 -44.70 -56.67
N VAL D 42 32.57 -44.66 -55.55
CA VAL D 42 32.79 -43.58 -54.60
C VAL D 42 34.09 -43.87 -53.85
N PRO D 43 35.03 -42.91 -53.77
CA PRO D 43 36.29 -43.12 -53.04
C PRO D 43 36.13 -43.00 -51.54
N VAL D 44 35.33 -43.88 -50.95
CA VAL D 44 34.98 -43.81 -49.54
C VAL D 44 35.05 -45.21 -48.97
N GLU D 45 35.82 -45.38 -47.89
CA GLU D 45 35.94 -46.67 -47.21
C GLU D 45 35.23 -46.59 -45.86
N PHE D 46 34.23 -47.45 -45.67
CA PHE D 46 33.36 -47.44 -44.49
C PHE D 46 33.97 -48.28 -43.37
N GLN D 47 34.24 -47.63 -42.22
CA GLN D 47 34.59 -48.35 -40.97
C GLN D 47 33.32 -48.63 -40.18
N GLU D 48 32.83 -49.87 -40.28
CA GLU D 48 31.55 -50.28 -39.70
C GLU D 48 31.69 -50.71 -38.26
N HIS D 49 31.03 -49.99 -37.36
CA HIS D 49 30.82 -50.46 -36.01
C HIS D 49 29.41 -51.00 -35.91
N HIS D 50 29.23 -52.04 -35.12
CA HIS D 50 27.92 -52.70 -35.04
C HIS D 50 27.30 -52.53 -33.66
N LEU D 51 27.58 -51.39 -33.03
CA LEU D 51 27.06 -51.08 -31.70
C LEU D 51 25.53 -51.13 -31.69
N SER D 52 24.98 -52.04 -30.90
CA SER D 52 23.54 -52.26 -30.89
C SER D 52 23.18 -52.94 -29.59
N GLU D 53 22.28 -52.34 -28.81
CA GLU D 53 21.89 -52.98 -27.56
C GLU D 53 20.95 -54.16 -27.84
N VAL D 54 20.02 -54.00 -28.77
CA VAL D 54 19.04 -55.07 -29.03
C VAL D 54 19.73 -56.30 -29.61
N GLN D 55 20.82 -56.12 -30.35
CA GLN D 55 21.57 -57.23 -30.91
C GLN D 55 22.63 -57.78 -29.95
N ASN D 56 22.60 -57.37 -28.68
CA ASN D 56 23.57 -57.81 -27.67
C ASN D 56 25.01 -57.62 -28.16
N MET D 57 25.27 -56.45 -28.73
CA MET D 57 26.59 -56.05 -29.17
C MET D 57 26.89 -54.63 -28.72
N ALA D 58 26.48 -54.29 -27.50
CA ALA D 58 26.65 -52.94 -26.98
C ALA D 58 27.41 -52.99 -25.66
N SER D 59 28.45 -52.17 -25.57
CA SER D 59 29.14 -51.91 -24.31
C SER D 59 29.74 -50.51 -24.41
N GLU D 60 30.30 -50.05 -23.29
CA GLU D 60 30.98 -48.75 -23.31
C GLU D 60 32.34 -48.83 -24.02
N GLU D 61 32.95 -50.01 -24.06
CA GLU D 61 34.16 -50.21 -24.87
C GLU D 61 33.86 -49.96 -26.34
N LYS D 62 32.83 -50.62 -26.88
CA LYS D 62 32.42 -50.37 -28.25
C LYS D 62 31.98 -48.92 -28.45
N LEU D 63 31.58 -48.24 -27.39
CA LEU D 63 31.23 -46.84 -27.53
C LEU D 63 32.48 -45.97 -27.67
N GLU D 64 33.59 -46.36 -27.05
CA GLU D 64 34.83 -45.61 -27.23
C GLU D 64 35.46 -45.90 -28.60
N GLN D 65 35.38 -47.15 -29.06
CA GLN D 65 35.88 -47.50 -30.39
C GLN D 65 35.19 -46.65 -31.47
N VAL D 66 33.96 -46.22 -31.22
CA VAL D 66 33.27 -45.30 -32.13
C VAL D 66 33.89 -43.91 -32.04
N LEU D 67 34.02 -43.37 -30.82
CA LEU D 67 34.61 -42.04 -30.67
C LEU D 67 36.08 -42.01 -31.08
N SER D 68 36.78 -43.15 -30.96
CA SER D 68 38.12 -43.27 -31.52
C SER D 68 38.07 -43.16 -33.04
N SER D 69 37.18 -43.94 -33.65
CA SER D 69 36.90 -43.86 -35.08
C SER D 69 36.53 -42.44 -35.48
N MET D 70 35.72 -41.77 -34.67
CA MET D 70 35.28 -40.45 -35.06
C MET D 70 36.39 -39.42 -34.90
N LYS D 71 37.36 -39.68 -34.02
CA LYS D 71 38.44 -38.72 -33.82
C LYS D 71 39.31 -38.64 -35.07
N GLU D 72 39.56 -39.78 -35.72
CA GLU D 72 40.24 -39.83 -37.00
C GLU D 72 39.34 -39.35 -38.13
N ASN D 73 38.15 -39.96 -38.27
CA ASN D 73 37.37 -39.80 -39.49
C ASN D 73 36.52 -38.52 -39.52
N LYS D 74 36.04 -38.07 -38.37
CA LYS D 74 35.33 -36.80 -38.24
C LYS D 74 34.01 -36.75 -39.03
N VAL D 75 33.51 -37.88 -39.56
CA VAL D 75 32.28 -37.94 -40.35
C VAL D 75 31.68 -39.34 -40.25
N ALA D 76 30.40 -39.41 -39.86
CA ALA D 76 29.73 -40.70 -39.74
C ALA D 76 28.37 -40.70 -40.44
N ILE D 77 27.96 -41.89 -40.89
CA ILE D 77 26.61 -42.17 -41.34
C ILE D 77 26.09 -43.31 -40.47
N ILE D 78 24.94 -43.10 -39.82
CA ILE D 78 24.44 -44.01 -38.78
C ILE D 78 22.94 -44.23 -38.93
N GLY D 79 22.51 -45.44 -38.59
CA GLY D 79 21.10 -45.76 -38.44
C GLY D 79 20.60 -45.42 -37.04
N LYS D 80 19.49 -46.04 -36.66
CA LYS D 80 18.89 -45.75 -35.37
C LYS D 80 19.15 -46.95 -34.46
N ILE D 81 19.85 -46.69 -33.35
CA ILE D 81 20.11 -47.74 -32.37
C ILE D 81 18.85 -47.93 -31.53
N HIS D 82 18.28 -49.13 -31.60
CA HIS D 82 17.07 -49.43 -30.85
C HIS D 82 17.36 -49.38 -29.35
N THR D 83 16.37 -48.95 -28.60
CA THR D 83 16.47 -49.08 -27.17
C THR D 83 15.45 -50.09 -26.68
N PRO D 84 15.80 -50.97 -25.70
CA PRO D 84 14.83 -51.90 -25.11
C PRO D 84 13.95 -51.19 -24.09
N MET D 85 12.67 -51.01 -24.42
CA MET D 85 11.75 -50.28 -23.54
C MET D 85 11.48 -51.03 -22.24
N GLU D 86 11.81 -52.32 -22.18
CA GLU D 86 11.79 -53.08 -20.93
C GLU D 86 13.10 -52.83 -20.18
N TYR D 87 13.03 -52.06 -19.11
CA TYR D 87 14.15 -51.76 -18.21
C TYR D 87 15.08 -50.68 -18.75
N LYS D 88 14.62 -49.81 -19.66
CA LYS D 88 15.40 -48.67 -20.09
C LYS D 88 14.50 -47.68 -20.84
N GLY D 89 14.69 -46.40 -20.55
CA GLY D 89 14.16 -45.35 -21.39
C GLY D 89 15.15 -44.96 -22.46
N GLU D 90 14.76 -43.98 -23.27
CA GLU D 90 15.61 -43.65 -24.40
C GLU D 90 16.76 -42.74 -23.98
N LEU D 91 16.66 -42.10 -22.82
CA LEU D 91 17.72 -41.23 -22.33
C LEU D 91 18.94 -41.99 -21.82
N ALA D 92 18.78 -43.27 -21.46
CA ALA D 92 19.89 -44.15 -21.16
C ALA D 92 20.29 -45.01 -22.35
N SER D 93 19.58 -44.89 -23.48
CA SER D 93 19.86 -45.72 -24.65
C SER D 93 21.22 -45.41 -25.24
N TYR D 94 21.82 -46.42 -25.85
CA TYR D 94 23.12 -46.19 -26.49
C TYR D 94 23.05 -45.17 -27.62
N ASP D 95 21.87 -44.77 -28.08
CA ASP D 95 21.80 -43.71 -29.09
C ASP D 95 21.97 -42.35 -28.44
N MET D 96 21.51 -42.20 -27.20
CA MET D 96 21.76 -40.98 -26.46
C MET D 96 23.19 -40.93 -25.95
N ARG D 97 23.74 -42.08 -25.55
CA ARG D 97 25.13 -42.08 -25.12
C ARG D 97 26.02 -41.59 -26.26
N LEU D 98 25.75 -42.03 -27.49
CA LEU D 98 26.55 -41.63 -28.64
C LEU D 98 26.49 -40.12 -28.86
N ARG D 99 25.30 -39.54 -28.77
CA ARG D 99 25.13 -38.14 -29.10
C ARG D 99 25.78 -37.22 -28.09
N ARG D 100 25.88 -37.65 -26.82
CA ARG D 100 26.59 -36.81 -25.86
C ARG D 100 28.08 -37.16 -25.75
N LYS D 101 28.45 -38.42 -25.99
CA LYS D 101 29.86 -38.79 -26.16
C LYS D 101 30.47 -38.19 -27.43
N LEU D 102 29.64 -37.72 -28.36
CA LEU D 102 30.11 -36.99 -29.53
C LEU D 102 29.78 -35.52 -29.48
N ASP D 103 29.13 -35.08 -28.39
CA ASP D 103 28.64 -33.72 -28.23
C ASP D 103 27.95 -33.20 -29.50
N LEU D 104 26.91 -33.92 -29.92
CA LEU D 104 26.15 -33.51 -31.10
C LEU D 104 25.07 -32.56 -30.60
N PHE D 105 25.27 -31.27 -30.79
CA PHE D 105 24.30 -30.33 -30.26
C PHE D 105 23.25 -29.88 -31.27
N ALA D 106 23.57 -29.91 -32.56
CA ALA D 106 22.69 -29.38 -33.60
C ALA D 106 22.07 -30.53 -34.40
N ASN D 107 20.76 -30.44 -34.62
CA ASN D 107 20.04 -31.40 -35.43
C ASN D 107 19.52 -30.68 -36.67
N VAL D 108 19.77 -31.24 -37.84
CA VAL D 108 19.35 -30.59 -39.08
C VAL D 108 18.53 -31.55 -39.92
N VAL D 109 17.31 -31.14 -40.26
CA VAL D 109 16.39 -31.94 -41.05
C VAL D 109 16.04 -31.12 -42.29
N HIS D 110 16.23 -31.74 -43.46
CA HIS D 110 15.96 -31.13 -44.76
C HIS D 110 14.57 -31.57 -45.22
N VAL D 111 13.63 -30.64 -45.25
CA VAL D 111 12.26 -30.94 -45.67
C VAL D 111 12.11 -30.32 -47.04
N LYS D 112 12.40 -31.11 -48.07
CA LYS D 112 12.33 -30.66 -49.46
C LYS D 112 11.56 -31.67 -50.27
N SER D 113 10.66 -31.18 -51.12
CA SER D 113 9.83 -32.04 -51.95
C SER D 113 10.63 -32.75 -53.04
N LEU D 114 10.29 -34.01 -53.30
CA LEU D 114 10.82 -34.70 -54.47
C LEU D 114 9.83 -34.62 -55.62
N PRO D 115 10.15 -33.92 -56.72
CA PRO D 115 9.25 -33.87 -57.86
C PRO D 115 8.85 -35.27 -58.30
N GLY D 116 7.55 -35.48 -58.46
CA GLY D 116 7.06 -36.78 -58.85
C GLY D 116 6.65 -37.69 -57.73
N TYR D 117 6.89 -37.30 -56.48
CA TYR D 117 6.32 -37.98 -55.32
C TYR D 117 5.33 -36.97 -54.76
N MET D 118 4.09 -37.02 -55.25
CA MET D 118 3.11 -35.99 -54.95
C MET D 118 2.59 -36.16 -53.53
N THR D 119 2.52 -35.07 -52.83
CA THR D 119 1.93 -34.97 -51.51
C THR D 119 0.92 -33.84 -51.54
N ARG D 120 0.46 -33.45 -50.37
CA ARG D 120 -0.39 -32.28 -50.34
C ARG D 120 0.39 -30.99 -50.29
N HIS D 121 1.72 -31.07 -50.20
CA HIS D 121 2.57 -29.90 -50.02
C HIS D 121 3.78 -30.05 -50.96
N ASN D 122 3.54 -29.88 -52.25
CA ASN D 122 4.62 -30.04 -53.22
C ASN D 122 5.35 -28.71 -53.37
N ASN D 123 6.53 -28.77 -53.97
CA ASN D 123 7.35 -27.58 -54.25
C ASN D 123 7.78 -26.89 -52.95
N LEU D 124 8.23 -27.69 -51.99
CA LEU D 124 8.52 -27.19 -50.65
C LEU D 124 9.99 -27.38 -50.34
N ASP D 125 10.59 -26.39 -49.67
CA ASP D 125 12.02 -26.41 -49.36
C ASP D 125 12.26 -25.77 -47.98
N LEU D 126 12.46 -26.62 -46.97
CA LEU D 126 12.47 -26.19 -45.59
C LEU D 126 13.62 -26.84 -44.83
N VAL D 127 14.31 -26.07 -43.98
CA VAL D 127 15.27 -26.68 -43.06
C VAL D 127 14.83 -26.42 -41.62
N ILE D 128 14.90 -27.47 -40.80
CA ILE D 128 14.55 -27.41 -39.39
C ILE D 128 15.82 -27.68 -38.62
N ILE D 129 16.23 -26.72 -37.80
CA ILE D 129 17.37 -26.88 -36.90
C ILE D 129 16.83 -26.86 -35.48
N ARG D 130 17.20 -27.84 -34.68
CA ARG D 130 16.81 -27.78 -33.27
C ARG D 130 17.92 -28.27 -32.39
N GLU D 131 17.91 -27.78 -31.14
CA GLU D 131 18.95 -28.10 -30.18
C GLU D 131 18.77 -29.53 -29.71
N GLN D 132 19.89 -30.22 -29.47
CA GLN D 132 19.79 -31.65 -29.21
C GLN D 132 20.41 -32.19 -27.91
N THR D 133 20.86 -31.35 -26.99
CA THR D 133 21.49 -31.84 -25.77
C THR D 133 20.70 -31.50 -24.52
N GLU D 134 19.67 -30.67 -24.65
CA GLU D 134 18.97 -30.06 -23.53
C GLU D 134 17.48 -30.28 -23.63
N GLY D 135 16.71 -29.55 -22.85
CA GLY D 135 15.26 -29.66 -22.99
C GLY D 135 14.83 -31.06 -22.65
N GLU D 136 13.96 -31.63 -23.49
CA GLU D 136 13.48 -33.00 -23.26
C GLU D 136 14.59 -33.99 -22.94
N TYR D 137 15.80 -33.77 -23.44
CA TYR D 137 16.79 -34.80 -23.23
C TYR D 137 17.56 -34.60 -21.95
N SER D 138 17.23 -33.52 -21.22
CA SER D 138 17.71 -33.21 -19.89
C SER D 138 16.79 -33.72 -18.80
N SER D 139 15.70 -34.38 -19.14
CA SER D 139 14.68 -34.69 -18.16
C SER D 139 15.25 -35.59 -17.08
N LEU D 140 14.99 -35.19 -15.83
CA LEU D 140 15.20 -36.02 -14.65
C LEU D 140 13.85 -36.24 -14.01
N GLU D 141 13.48 -37.50 -13.80
CA GLU D 141 12.20 -37.86 -13.22
C GLU D 141 12.38 -38.51 -11.86
N HIS D 142 11.46 -38.22 -10.95
CA HIS D 142 11.47 -38.84 -9.63
C HIS D 142 10.05 -38.83 -9.11
N GLU D 143 9.78 -39.73 -8.17
CA GLU D 143 8.46 -39.89 -7.58
C GLU D 143 8.41 -39.13 -6.26
N SER D 144 7.65 -38.01 -6.22
CA SER D 144 7.55 -37.19 -5.02
C SER D 144 6.75 -37.89 -3.92
N ALA D 145 5.61 -38.46 -4.26
CA ALA D 145 4.73 -39.05 -3.26
C ALA D 145 4.23 -40.37 -3.84
N ARG D 146 3.12 -40.88 -3.30
CA ARG D 146 2.65 -42.19 -3.71
C ARG D 146 2.42 -42.24 -5.22
N GLY D 147 1.70 -41.26 -5.75
CA GLY D 147 1.46 -41.30 -7.18
C GLY D 147 1.75 -39.98 -7.84
N VAL D 148 2.87 -39.35 -7.50
CA VAL D 148 3.21 -38.05 -8.07
C VAL D 148 4.60 -38.14 -8.65
N ILE D 149 4.67 -38.04 -9.99
CA ILE D 149 5.92 -38.04 -10.73
C ILE D 149 6.28 -36.61 -11.08
N GLU D 150 7.50 -36.21 -10.74
CA GLU D 150 8.04 -34.91 -11.11
C GLU D 150 9.10 -35.07 -12.19
N CYS D 151 9.10 -34.13 -13.13
CA CYS D 151 10.04 -34.12 -14.24
C CYS D 151 10.74 -32.77 -14.28
N LEU D 152 12.07 -32.78 -14.15
CA LEU D 152 12.89 -31.58 -14.11
C LEU D 152 13.65 -31.45 -15.43
N LYS D 153 13.46 -30.31 -16.09
CA LYS D 153 14.16 -29.97 -17.33
C LYS D 153 15.07 -28.77 -17.10
N ILE D 154 16.05 -28.61 -18.00
CA ILE D 154 17.03 -27.53 -17.92
C ILE D 154 17.12 -26.84 -19.28
N VAL D 155 17.28 -25.53 -19.25
CA VAL D 155 17.64 -24.74 -20.43
C VAL D 155 18.78 -23.83 -20.00
N THR D 156 19.79 -23.68 -20.85
CA THR D 156 20.90 -22.82 -20.50
C THR D 156 21.15 -21.81 -21.61
N ARG D 157 21.94 -20.79 -21.29
CA ARG D 157 22.33 -19.83 -22.30
C ARG D 157 23.51 -20.35 -23.11
N ALA D 158 24.39 -21.14 -22.48
CA ALA D 158 25.57 -21.59 -23.20
C ALA D 158 25.19 -22.49 -24.38
N LYS D 159 24.05 -23.16 -24.28
CA LYS D 159 23.55 -24.02 -25.33
C LYS D 159 22.54 -23.34 -26.22
N SER D 160 21.91 -22.26 -25.77
CA SER D 160 21.01 -21.54 -26.65
C SER D 160 21.78 -20.60 -27.57
N GLN D 161 22.85 -19.98 -27.08
CA GLN D 161 23.72 -19.25 -28.00
C GLN D 161 24.30 -20.18 -29.04
N ARG D 162 24.84 -21.33 -28.60
CA ARG D 162 25.50 -22.25 -29.51
C ARG D 162 24.61 -22.62 -30.70
N ILE D 163 23.33 -22.96 -30.44
CA ILE D 163 22.44 -23.36 -31.52
C ILE D 163 21.96 -22.15 -32.32
N ALA D 164 21.88 -20.97 -31.71
CA ALA D 164 21.37 -19.85 -32.47
C ALA D 164 22.45 -19.29 -33.38
N LYS D 165 23.71 -19.36 -32.95
CA LYS D 165 24.80 -19.05 -33.87
C LYS D 165 24.85 -20.05 -35.00
N PHE D 166 24.61 -21.33 -34.69
CA PHE D 166 24.64 -22.37 -35.71
C PHE D 166 23.55 -22.15 -36.76
N ALA D 167 22.39 -21.72 -36.33
CA ALA D 167 21.29 -21.51 -37.26
C ALA D 167 21.66 -20.45 -38.28
N PHE D 168 22.04 -19.26 -37.79
CA PHE D 168 22.44 -18.20 -38.71
C PHE D 168 23.71 -18.58 -39.48
N ASP D 169 24.66 -19.24 -38.83
CA ASP D 169 25.79 -19.77 -39.58
C ASP D 169 25.30 -20.64 -40.74
N TYR D 170 24.32 -21.50 -40.47
CA TYR D 170 23.77 -22.36 -41.52
C TYR D 170 23.03 -21.56 -42.57
N ALA D 171 22.41 -20.45 -42.16
CA ALA D 171 21.65 -19.64 -43.11
C ALA D 171 22.57 -19.00 -44.14
N THR D 172 23.64 -18.31 -43.68
CA THR D 172 24.55 -17.68 -44.63
C THR D 172 25.33 -18.71 -45.43
N LYS D 173 25.90 -19.71 -44.76
CA LYS D 173 26.69 -20.73 -45.44
C LYS D 173 25.91 -21.47 -46.55
N LYS D 174 24.57 -21.51 -46.48
CA LYS D 174 23.79 -22.17 -47.52
C LYS D 174 22.89 -21.23 -48.29
N GLY D 175 22.95 -19.93 -48.02
CA GLY D 175 22.24 -18.99 -48.84
C GLY D 175 20.77 -18.86 -48.52
N ARG D 176 20.33 -19.53 -47.46
CA ARG D 176 18.96 -19.43 -47.02
C ARG D 176 18.65 -18.00 -46.57
N GLY D 177 17.45 -17.54 -46.90
CA GLY D 177 17.08 -16.15 -46.67
C GLY D 177 16.81 -15.72 -45.24
N LYS D 178 16.05 -16.49 -44.48
CA LYS D 178 15.58 -16.00 -43.20
C LYS D 178 15.50 -17.14 -42.19
N VAL D 179 15.67 -16.79 -40.92
CA VAL D 179 15.68 -17.74 -39.82
C VAL D 179 14.55 -17.35 -38.88
N THR D 180 13.55 -18.23 -38.75
CA THR D 180 12.43 -18.03 -37.85
C THR D 180 12.71 -18.81 -36.58
N ALA D 181 12.57 -18.12 -35.44
CA ALA D 181 12.81 -18.71 -34.13
C ALA D 181 11.47 -19.13 -33.54
N VAL D 182 11.34 -20.42 -33.24
CA VAL D 182 10.10 -20.99 -32.73
C VAL D 182 10.28 -21.26 -31.25
N HIS D 183 9.38 -20.72 -30.44
CA HIS D 183 9.53 -20.76 -28.99
C HIS D 183 8.15 -20.88 -28.36
N LYS D 184 8.13 -21.06 -27.05
CA LYS D 184 6.92 -20.99 -26.23
C LYS D 184 7.18 -20.07 -25.04
N ALA D 185 7.72 -18.88 -25.30
CA ALA D 185 8.06 -17.97 -24.23
C ALA D 185 6.85 -17.28 -23.61
N ASN D 186 5.66 -17.44 -24.21
CA ASN D 186 4.48 -16.85 -23.60
C ASN D 186 4.11 -17.55 -22.30
N ILE D 187 4.36 -18.86 -22.17
CA ILE D 187 4.12 -19.54 -20.90
C ILE D 187 5.39 -20.12 -20.27
N MET D 188 6.46 -20.32 -21.03
CA MET D 188 7.75 -20.69 -20.45
C MET D 188 8.64 -19.46 -20.40
N LYS D 189 8.33 -18.57 -19.45
CA LYS D 189 8.84 -17.21 -19.50
C LYS D 189 10.36 -17.17 -19.26
N LEU D 190 10.80 -17.70 -18.12
CA LEU D 190 12.23 -17.64 -17.80
C LEU D 190 13.04 -18.47 -18.77
N GLY D 191 12.61 -19.72 -19.01
CA GLY D 191 13.37 -20.69 -19.77
C GLY D 191 13.46 -20.38 -21.25
N ASP D 192 12.32 -20.28 -21.93
CA ASP D 192 12.34 -20.06 -23.37
C ASP D 192 12.53 -18.60 -23.75
N GLY D 193 12.17 -17.66 -22.87
CA GLY D 193 12.61 -16.29 -23.05
C GLY D 193 14.12 -16.17 -23.04
N LEU D 194 14.80 -17.05 -22.29
CA LEU D 194 16.25 -17.08 -22.33
C LEU D 194 16.75 -17.52 -23.70
N PHE D 195 16.14 -18.57 -24.26
CA PHE D 195 16.45 -18.98 -25.62
C PHE D 195 16.04 -17.92 -26.62
N LEU D 196 14.82 -17.40 -26.52
CA LEU D 196 14.38 -16.32 -27.41
C LEU D 196 15.28 -15.09 -27.28
N GLN D 197 15.92 -14.89 -26.12
CA GLN D 197 16.87 -13.79 -25.98
C GLN D 197 18.15 -14.08 -26.75
N CYS D 198 18.71 -15.29 -26.58
CA CYS D 198 19.92 -15.62 -27.33
C CYS D 198 19.67 -15.58 -28.83
N CYS D 199 18.43 -15.80 -29.26
CA CYS D 199 18.14 -15.71 -30.68
C CYS D 199 18.25 -14.27 -31.16
N GLU D 200 17.59 -13.34 -30.45
CA GLU D 200 17.63 -11.94 -30.85
C GLU D 200 19.00 -11.30 -30.62
N GLU D 201 19.85 -11.91 -29.77
CA GLU D 201 21.22 -11.43 -29.59
C GLU D 201 22.08 -11.77 -30.81
N VAL D 202 22.15 -13.05 -31.18
CA VAL D 202 22.92 -13.41 -32.36
C VAL D 202 22.24 -12.98 -33.65
N ALA D 203 21.00 -12.47 -33.59
CA ALA D 203 20.33 -12.01 -34.80
C ALA D 203 20.91 -10.70 -35.28
N GLU D 204 21.37 -9.85 -34.36
CA GLU D 204 22.00 -8.59 -34.73
C GLU D 204 23.31 -8.82 -35.46
N LEU D 205 24.10 -9.80 -35.01
CA LEU D 205 25.38 -10.05 -35.67
C LEU D 205 25.22 -10.44 -37.12
N TYR D 206 24.00 -10.77 -37.57
CA TYR D 206 23.74 -11.20 -38.95
C TYR D 206 22.65 -10.32 -39.55
N PRO D 207 23.01 -9.11 -40.02
CA PRO D 207 21.98 -8.20 -40.57
C PRO D 207 21.51 -8.53 -41.98
N LYS D 208 22.26 -9.33 -42.76
CA LYS D 208 21.79 -9.75 -44.09
C LYS D 208 20.73 -10.87 -44.05
N ILE D 209 20.38 -11.39 -42.87
CA ILE D 209 19.42 -12.49 -42.71
C ILE D 209 18.17 -11.95 -42.00
N LYS D 210 16.99 -12.22 -42.56
CA LYS D 210 15.78 -11.80 -41.86
C LYS D 210 15.52 -12.71 -40.66
N PHE D 211 14.90 -12.14 -39.64
CA PHE D 211 14.68 -12.88 -38.41
C PHE D 211 13.32 -12.51 -37.88
N GLU D 212 12.52 -13.51 -37.55
CA GLU D 212 11.27 -13.25 -36.86
C GLU D 212 11.07 -14.35 -35.84
N THR D 213 10.02 -14.21 -35.04
CA THR D 213 9.70 -15.21 -34.03
C THR D 213 8.29 -15.74 -34.24
N MET D 214 8.02 -16.88 -33.61
CA MET D 214 6.69 -17.44 -33.69
C MET D 214 6.50 -18.33 -32.47
N ILE D 215 5.32 -18.25 -31.86
CA ILE D 215 4.99 -19.17 -30.79
C ILE D 215 4.73 -20.55 -31.37
N ILE D 216 5.11 -21.61 -30.64
CA ILE D 216 5.11 -22.96 -31.19
C ILE D 216 3.70 -23.45 -31.51
N ASP D 217 2.67 -23.00 -30.79
CA ASP D 217 1.32 -23.40 -31.14
C ASP D 217 0.92 -22.88 -32.51
N ASN D 218 1.24 -21.61 -32.78
CA ASN D 218 1.00 -21.07 -34.11
C ASN D 218 1.81 -21.82 -35.15
N CYS D 219 3.07 -22.11 -34.84
CA CYS D 219 3.99 -22.68 -35.82
C CYS D 219 3.48 -24.02 -36.38
N CYS D 220 3.12 -24.96 -35.51
CA CYS D 220 2.62 -26.25 -35.99
C CYS D 220 1.43 -26.10 -36.89
N MET D 221 0.54 -25.16 -36.57
CA MET D 221 -0.61 -24.91 -37.42
C MET D 221 -0.18 -24.40 -38.79
N GLN D 222 0.80 -23.49 -38.82
CA GLN D 222 1.27 -22.91 -40.09
C GLN D 222 2.04 -23.92 -40.94
N LEU D 223 2.76 -24.85 -40.32
CA LEU D 223 3.46 -25.87 -41.11
C LEU D 223 2.49 -26.74 -41.88
N VAL D 224 1.31 -27.00 -41.34
CA VAL D 224 0.40 -27.82 -42.12
C VAL D 224 -0.48 -26.97 -43.01
N GLN D 225 -0.70 -25.71 -42.65
CA GLN D 225 -1.60 -24.87 -43.39
C GLN D 225 -0.91 -24.19 -44.58
N ASN D 226 0.28 -23.66 -44.35
CA ASN D 226 1.02 -22.96 -45.40
C ASN D 226 2.49 -22.93 -44.99
N PRO D 227 3.22 -24.04 -45.23
CA PRO D 227 4.61 -24.09 -44.78
C PRO D 227 5.56 -23.34 -45.69
N TYR D 228 5.05 -22.70 -46.73
CA TYR D 228 5.94 -22.00 -47.63
C TYR D 228 6.42 -20.67 -47.10
N GLN D 229 5.84 -20.17 -46.00
CA GLN D 229 6.38 -18.96 -45.43
C GLN D 229 7.77 -19.18 -44.87
N PHE D 230 8.06 -20.39 -44.42
CA PHE D 230 9.25 -20.54 -43.61
C PHE D 230 10.47 -20.81 -44.48
N ASP D 231 11.62 -20.58 -43.89
CA ASP D 231 12.88 -20.85 -44.55
C ASP D 231 13.70 -21.75 -43.64
N VAL D 232 14.45 -21.15 -42.73
CA VAL D 232 15.13 -21.87 -41.66
C VAL D 232 14.31 -21.74 -40.40
N LEU D 233 14.05 -22.87 -39.76
CA LEU D 233 13.43 -22.90 -38.45
C LEU D 233 14.50 -23.31 -37.46
N VAL D 234 14.76 -22.44 -36.49
CA VAL D 234 15.58 -22.78 -35.33
C VAL D 234 14.65 -22.87 -34.13
N MET D 235 14.90 -23.84 -33.25
CA MET D 235 13.96 -24.05 -32.15
C MET D 235 14.61 -24.87 -31.05
N PRO D 236 14.16 -24.72 -29.80
CA PRO D 236 14.78 -25.42 -28.68
C PRO D 236 14.13 -26.77 -28.45
N ASN D 237 14.85 -27.62 -27.73
CA ASN D 237 14.38 -28.99 -27.56
C ASN D 237 13.27 -28.97 -26.52
N LEU D 238 12.28 -28.13 -26.78
CA LEU D 238 11.05 -28.12 -26.01
C LEU D 238 10.39 -29.50 -26.03
N TYR D 239 10.00 -29.98 -27.22
CA TYR D 239 9.15 -31.15 -27.35
C TYR D 239 9.85 -32.29 -28.06
N GLY D 240 11.17 -32.26 -28.12
CA GLY D 240 11.88 -33.32 -28.82
C GLY D 240 11.74 -33.20 -30.32
N ASN D 241 11.50 -34.32 -30.98
CA ASN D 241 11.54 -34.35 -32.43
C ASN D 241 10.16 -34.34 -33.05
N ILE D 242 9.21 -33.66 -32.40
CA ILE D 242 7.82 -33.69 -32.87
C ILE D 242 7.65 -32.79 -34.08
N ILE D 243 8.42 -31.70 -34.17
CA ILE D 243 8.33 -30.85 -35.36
C ILE D 243 9.03 -31.50 -36.55
N ASP D 244 10.18 -32.14 -36.30
CA ASP D 244 10.86 -32.88 -37.36
C ASP D 244 9.94 -33.92 -37.99
N ASN D 245 9.15 -34.61 -37.17
CA ASN D 245 8.27 -35.62 -37.76
C ASN D 245 7.08 -35.00 -38.44
N LEU D 246 6.48 -33.98 -37.83
CA LEU D 246 5.39 -33.26 -38.48
C LEU D 246 5.83 -32.80 -39.87
N ALA D 247 7.00 -32.17 -39.98
CA ALA D 247 7.38 -31.61 -41.28
C ALA D 247 7.79 -32.70 -42.26
N ALA D 248 8.38 -33.81 -41.79
CA ALA D 248 8.68 -34.88 -42.73
C ALA D 248 7.41 -35.44 -43.37
N GLY D 249 6.30 -35.46 -42.63
CA GLY D 249 5.05 -35.87 -43.24
C GLY D 249 4.64 -35.00 -44.40
N LEU D 250 5.15 -33.77 -44.45
CA LEU D 250 4.73 -32.86 -45.52
C LEU D 250 5.26 -33.30 -46.87
N VAL D 251 6.28 -34.13 -46.87
CA VAL D 251 7.12 -34.32 -48.05
C VAL D 251 7.27 -35.79 -48.43
N GLY D 252 6.79 -36.71 -47.61
CA GLY D 252 6.70 -38.09 -48.02
C GLY D 252 6.95 -39.07 -46.90
N GLY D 253 7.38 -38.55 -45.75
CA GLY D 253 7.58 -39.37 -44.57
C GLY D 253 9.01 -39.82 -44.32
N ALA D 254 9.11 -40.82 -43.44
CA ALA D 254 10.38 -41.32 -42.93
C ALA D 254 11.25 -41.92 -44.02
N GLY D 255 10.64 -42.32 -45.14
CA GLY D 255 11.37 -43.04 -46.17
C GLY D 255 12.16 -42.15 -47.09
N VAL D 256 11.90 -40.85 -47.07
CA VAL D 256 12.51 -39.94 -48.03
C VAL D 256 13.27 -38.76 -47.40
N VAL D 257 13.12 -38.50 -46.10
CA VAL D 257 13.54 -37.22 -45.52
C VAL D 257 14.88 -37.42 -44.80
N PRO D 258 15.96 -36.71 -45.19
CA PRO D 258 17.27 -36.96 -44.61
C PRO D 258 17.67 -35.92 -43.56
N GLY D 259 18.48 -36.33 -42.59
CA GLY D 259 18.96 -35.40 -41.59
C GLY D 259 20.41 -35.63 -41.22
N GLU D 260 20.98 -34.61 -40.63
CA GLU D 260 22.34 -34.64 -40.14
C GLU D 260 22.40 -33.99 -38.76
N SER D 261 23.30 -34.51 -37.95
CA SER D 261 23.54 -34.04 -36.60
C SER D 261 24.97 -33.53 -36.53
N TYR D 262 25.16 -32.24 -36.25
CA TYR D 262 26.46 -31.58 -36.23
C TYR D 262 26.99 -31.39 -34.82
N SER D 263 28.32 -31.49 -34.67
CA SER D 263 29.09 -31.17 -33.47
C SER D 263 29.93 -29.91 -33.71
N ALA D 264 30.92 -29.67 -32.85
CA ALA D 264 31.89 -28.62 -33.19
C ALA D 264 32.88 -29.11 -34.22
N GLU D 265 33.14 -30.42 -34.22
CA GLU D 265 34.14 -31.05 -35.07
C GLU D 265 33.63 -32.26 -35.84
N TYR D 266 32.52 -32.87 -35.45
CA TYR D 266 32.02 -34.02 -36.18
C TYR D 266 30.76 -33.65 -36.96
N ALA D 267 30.44 -34.48 -37.93
CA ALA D 267 29.17 -34.44 -38.63
C ALA D 267 28.67 -35.86 -38.76
N VAL D 268 27.42 -36.08 -38.37
CA VAL D 268 26.80 -37.39 -38.38
C VAL D 268 25.52 -37.30 -39.20
N PHE D 269 25.48 -38.03 -40.30
CA PHE D 269 24.37 -38.01 -41.24
C PHE D 269 23.47 -39.21 -41.02
N GLU D 270 22.16 -38.98 -41.07
CA GLU D 270 21.17 -39.99 -40.69
C GLU D 270 19.86 -39.69 -41.41
N THR D 271 18.77 -40.26 -40.92
CA THR D 271 17.45 -39.95 -41.44
C THR D 271 16.79 -38.88 -40.55
N GLY D 272 15.87 -38.12 -41.14
CA GLY D 272 15.31 -36.97 -40.47
C GLY D 272 14.11 -37.24 -39.58
N ALA D 273 13.38 -38.31 -39.84
CA ALA D 273 12.24 -38.67 -39.01
C ALA D 273 12.54 -40.03 -38.37
N ARG D 274 12.65 -40.03 -37.05
CA ARG D 274 13.18 -41.18 -36.31
C ARG D 274 12.27 -41.54 -35.17
N HIS D 275 10.97 -41.49 -35.43
CA HIS D 275 10.00 -41.99 -34.47
C HIS D 275 10.17 -43.50 -34.32
N PRO D 276 9.87 -44.06 -33.14
CA PRO D 276 10.23 -45.45 -32.88
C PRO D 276 9.78 -46.42 -33.94
N PHE D 277 8.64 -46.19 -34.59
CA PHE D 277 8.15 -47.14 -35.59
C PHE D 277 8.37 -46.62 -37.00
N ALA D 278 9.45 -45.87 -37.21
CA ALA D 278 9.83 -45.43 -38.54
C ALA D 278 10.38 -46.61 -39.34
N GLN D 279 9.77 -46.86 -40.51
CA GLN D 279 10.10 -47.99 -41.39
C GLN D 279 10.32 -49.28 -40.59
N ALA D 280 9.37 -49.61 -39.72
CA ALA D 280 9.38 -50.88 -39.01
C ALA D 280 8.69 -51.96 -39.87
N VAL D 281 9.33 -52.24 -41.00
CA VAL D 281 8.85 -53.13 -42.05
C VAL D 281 9.80 -54.31 -42.16
N GLY D 282 9.41 -55.31 -42.96
CA GLY D 282 10.14 -56.56 -43.05
C GLY D 282 11.36 -56.48 -43.95
N ARG D 283 11.91 -57.66 -44.26
CA ARG D 283 13.09 -57.70 -45.12
C ARG D 283 12.69 -57.31 -46.54
N ASN D 284 13.49 -56.43 -47.14
CA ASN D 284 13.40 -56.09 -48.55
C ASN D 284 12.10 -55.34 -48.89
N ILE D 285 11.71 -54.39 -48.06
CA ILE D 285 10.51 -53.63 -48.38
C ILE D 285 10.68 -52.16 -47.98
N ALA D 286 11.81 -51.82 -47.36
CA ALA D 286 12.12 -50.45 -46.93
C ALA D 286 12.64 -49.57 -48.05
N ASN D 287 12.37 -48.28 -47.91
CA ASN D 287 12.74 -47.29 -48.92
C ASN D 287 14.08 -46.63 -48.59
N PRO D 288 15.11 -46.80 -49.43
CA PRO D 288 16.44 -46.25 -49.17
C PRO D 288 16.61 -44.77 -49.48
N THR D 289 15.56 -44.10 -49.94
CA THR D 289 15.71 -42.76 -50.50
C THR D 289 16.32 -41.80 -49.49
N ALA D 290 15.83 -41.81 -48.25
CA ALA D 290 16.35 -40.90 -47.22
C ALA D 290 17.81 -41.19 -46.89
N MET D 291 18.16 -42.46 -46.69
CA MET D 291 19.54 -42.79 -46.43
C MET D 291 20.45 -42.36 -47.58
N LEU D 292 20.04 -42.62 -48.84
CA LEU D 292 20.90 -42.24 -49.97
C LEU D 292 21.02 -40.73 -50.11
N LEU D 293 19.90 -40.00 -49.98
CA LEU D 293 19.99 -38.56 -49.94
C LEU D 293 20.92 -38.10 -48.82
N SER D 294 20.93 -38.79 -47.67
CA SER D 294 21.87 -38.39 -46.62
C SER D 294 23.31 -38.68 -47.05
N ALA D 295 23.60 -39.95 -47.36
CA ALA D 295 24.91 -40.33 -47.84
C ALA D 295 25.41 -39.35 -48.91
N SER D 296 24.54 -38.89 -49.80
CA SER D 296 25.01 -37.92 -50.77
C SER D 296 25.25 -36.56 -50.14
N ASN D 297 24.57 -36.27 -49.03
CA ASN D 297 24.80 -35.01 -48.37
C ASN D 297 26.11 -35.03 -47.62
N MET D 298 26.52 -36.24 -47.21
CA MET D 298 27.78 -36.47 -46.54
C MET D 298 28.94 -36.36 -47.51
N LEU D 299 28.73 -36.85 -48.73
CA LEU D 299 29.72 -36.65 -49.79
C LEU D 299 29.96 -35.17 -50.06
N ARG D 300 28.90 -34.36 -50.10
CA ARG D 300 29.10 -32.92 -50.23
C ARG D 300 29.85 -32.36 -49.03
N HIS D 301 29.71 -32.99 -47.86
CA HIS D 301 30.44 -32.48 -46.72
C HIS D 301 31.90 -32.87 -46.77
N LEU D 302 32.22 -34.00 -47.40
CA LEU D 302 33.58 -34.49 -47.60
C LEU D 302 34.31 -33.78 -48.75
N ASN D 303 33.67 -32.77 -49.34
CA ASN D 303 34.12 -32.15 -50.60
C ASN D 303 34.33 -33.20 -51.69
N LEU D 304 33.34 -34.06 -51.86
CA LEU D 304 33.25 -34.92 -53.03
C LEU D 304 32.03 -34.52 -53.85
N GLU D 305 31.93 -33.23 -54.22
CA GLU D 305 30.69 -32.73 -54.84
C GLU D 305 30.32 -33.51 -56.09
N TYR D 306 31.28 -34.11 -56.80
CA TYR D 306 30.92 -34.77 -58.05
C TYR D 306 30.06 -36.00 -57.81
N HIS D 307 30.49 -36.85 -56.85
CA HIS D 307 29.68 -38.00 -56.45
C HIS D 307 28.45 -37.57 -55.66
N SER D 308 28.59 -36.55 -54.81
CA SER D 308 27.44 -36.05 -54.08
C SER D 308 26.35 -35.62 -55.04
N SER D 309 26.71 -34.83 -56.05
CA SER D 309 25.78 -34.38 -57.07
C SER D 309 25.20 -35.52 -57.90
N MET D 310 25.90 -36.63 -58.00
CA MET D 310 25.54 -37.65 -58.95
C MET D 310 24.59 -38.66 -58.34
N ILE D 311 24.87 -39.07 -57.09
CA ILE D 311 23.93 -39.95 -56.40
C ILE D 311 22.61 -39.22 -56.22
N ALA D 312 22.68 -37.96 -55.76
CA ALA D 312 21.47 -37.19 -55.53
C ALA D 312 20.60 -37.14 -56.80
N ASP D 313 21.18 -36.73 -57.93
CA ASP D 313 20.42 -36.62 -59.18
C ASP D 313 19.93 -37.95 -59.70
N ALA D 314 20.69 -39.03 -59.45
CA ALA D 314 20.21 -40.36 -59.81
C ALA D 314 18.93 -40.71 -59.08
N VAL D 315 18.93 -40.60 -57.75
CA VAL D 315 17.75 -41.03 -57.01
C VAL D 315 16.59 -40.09 -57.27
N LYS D 316 16.84 -38.77 -57.30
CA LYS D 316 15.76 -37.86 -57.63
C LYS D 316 15.12 -38.24 -58.95
N LYS D 317 15.95 -38.59 -59.95
CA LYS D 317 15.44 -38.97 -61.27
C LYS D 317 14.70 -40.30 -61.24
N VAL D 318 15.21 -41.31 -60.52
CA VAL D 318 14.51 -42.58 -60.50
C VAL D 318 13.09 -42.40 -60.02
N ILE D 319 12.89 -41.56 -58.99
CA ILE D 319 11.54 -41.36 -58.46
C ILE D 319 10.73 -40.33 -59.25
N LYS D 320 11.35 -39.47 -60.07
CA LYS D 320 10.54 -38.61 -60.93
C LYS D 320 9.94 -39.39 -62.09
N VAL D 321 10.67 -40.38 -62.59
CA VAL D 321 10.12 -41.12 -63.72
C VAL D 321 8.99 -42.01 -63.26
N GLY D 322 9.00 -42.44 -62.00
CA GLY D 322 7.88 -43.21 -61.51
C GLY D 322 7.88 -44.65 -61.95
N LYS D 323 8.92 -45.10 -62.65
CA LYS D 323 8.97 -46.48 -63.09
C LYS D 323 9.08 -47.41 -61.90
N VAL D 324 10.12 -47.23 -61.07
CA VAL D 324 10.31 -48.03 -59.86
C VAL D 324 9.97 -47.17 -58.63
N ARG D 325 9.03 -47.68 -57.85
CA ARG D 325 8.57 -47.01 -56.63
C ARG D 325 8.39 -48.06 -55.56
N THR D 326 8.82 -47.72 -54.38
CA THR D 326 8.76 -48.61 -53.26
C THR D 326 7.39 -48.44 -52.61
N SER D 327 7.09 -49.20 -51.54
CA SER D 327 5.72 -49.21 -51.02
C SER D 327 5.22 -47.83 -50.60
N ASP D 328 5.95 -47.14 -49.70
CA ASP D 328 5.47 -45.84 -49.23
C ASP D 328 5.19 -44.85 -50.36
N MET D 329 5.84 -44.96 -51.52
CA MET D 329 5.62 -43.95 -52.55
C MET D 329 4.58 -44.37 -53.59
N GLY D 330 3.73 -45.34 -53.28
CA GLY D 330 2.70 -45.76 -54.21
C GLY D 330 3.19 -46.71 -55.29
N GLY D 331 3.74 -47.84 -54.86
CA GLY D 331 4.36 -48.78 -55.75
C GLY D 331 4.49 -50.12 -55.06
N TYR D 332 5.06 -51.09 -55.79
CA TYR D 332 5.18 -52.44 -55.26
C TYR D 332 6.62 -52.96 -55.36
N ALA D 333 7.59 -52.10 -55.68
CA ALA D 333 8.95 -52.55 -55.82
C ALA D 333 9.58 -52.85 -54.46
N THR D 334 10.42 -53.86 -54.42
CA THR D 334 11.15 -54.18 -53.21
C THR D 334 12.27 -53.15 -52.99
N CYS D 335 12.97 -53.31 -51.86
CA CYS D 335 14.13 -52.47 -51.61
C CYS D 335 15.22 -52.80 -52.60
N HIS D 336 15.54 -54.09 -52.74
CA HIS D 336 16.53 -54.50 -53.72
C HIS D 336 16.18 -53.98 -55.11
N ASP D 337 14.93 -54.14 -55.55
CA ASP D 337 14.52 -53.60 -56.85
C ASP D 337 14.85 -52.11 -56.98
N PHE D 338 14.52 -51.32 -55.97
CA PHE D 338 14.67 -49.86 -56.08
C PHE D 338 16.11 -49.40 -55.99
N THR D 339 16.98 -50.14 -55.29
CA THR D 339 18.41 -49.81 -55.29
C THR D 339 19.12 -50.27 -56.56
N GLU D 340 18.70 -51.40 -57.17
CA GLU D 340 19.25 -51.79 -58.47
C GLU D 340 19.00 -50.71 -59.51
N GLU D 341 17.75 -50.25 -59.60
CA GLU D 341 17.43 -49.21 -60.55
C GLU D 341 18.26 -47.95 -60.29
N ILE D 342 18.61 -47.69 -59.02
CA ILE D 342 19.48 -46.55 -58.73
C ILE D 342 20.94 -46.84 -59.09
N CYS D 343 21.40 -48.09 -58.97
CA CYS D 343 22.72 -48.42 -59.47
C CYS D 343 22.78 -48.35 -61.00
N ARG D 344 21.80 -48.93 -61.67
CA ARG D 344 21.66 -48.77 -63.11
C ARG D 344 21.81 -47.30 -63.51
N ARG D 345 20.91 -46.43 -63.03
CA ARG D 345 21.03 -45.05 -63.52
C ARG D 345 22.28 -44.35 -63.03
N VAL D 346 23.01 -44.93 -62.10
CA VAL D 346 24.24 -44.29 -61.67
C VAL D 346 25.45 -44.86 -62.41
N LYS D 347 25.31 -46.02 -63.04
CA LYS D 347 26.37 -46.48 -63.93
C LYS D 347 26.21 -45.91 -65.34
N ASP D 348 24.97 -45.70 -65.80
CA ASP D 348 24.76 -44.95 -67.04
C ASP D 348 25.25 -43.51 -66.91
N LEU D 349 25.18 -42.94 -65.70
CA LEU D 349 25.50 -41.55 -65.51
C LEU D 349 27.00 -41.32 -65.39
N ASP D 350 27.79 -42.39 -65.26
CA ASP D 350 29.25 -42.30 -65.28
C ASP D 350 29.83 -42.41 -66.70
N GLU D 351 29.33 -43.36 -67.50
CA GLU D 351 29.80 -43.52 -68.88
C GLU D 351 29.34 -42.37 -69.78
N ASN D 352 28.12 -41.88 -69.60
CA ASN D 352 27.58 -40.75 -70.36
C ASN D 352 27.72 -39.42 -69.61
N LEU D 353 28.82 -39.22 -68.88
CA LEU D 353 29.14 -37.97 -68.20
C LEU D 353 29.46 -36.82 -69.16
N TYR D 354 29.82 -37.12 -70.42
CA TYR D 354 30.48 -36.21 -71.39
C TYR D 354 31.77 -35.62 -70.83
N VAL E 6 11.76 -67.43 25.66
CA VAL E 6 13.02 -66.89 25.18
C VAL E 6 12.87 -66.34 23.76
N GLN E 7 12.79 -65.02 23.64
CA GLN E 7 12.58 -64.36 22.35
C GLN E 7 13.92 -64.06 21.68
N THR E 8 13.91 -64.11 20.35
CA THR E 8 15.09 -63.90 19.53
C THR E 8 15.00 -62.53 18.85
N VAL E 9 16.18 -61.98 18.53
CA VAL E 9 16.30 -60.64 17.95
C VAL E 9 17.43 -60.64 16.93
N THR E 10 17.18 -60.02 15.77
CA THR E 10 18.23 -59.86 14.76
C THR E 10 19.40 -59.07 15.33
N LEU E 11 20.62 -59.47 14.99
CA LEU E 11 21.82 -58.75 15.41
C LEU E 11 22.67 -58.46 14.19
N ILE E 12 23.03 -57.21 13.99
CA ILE E 12 23.93 -56.86 12.91
C ILE E 12 25.26 -56.44 13.51
N PRO E 13 26.27 -57.30 13.52
CA PRO E 13 27.54 -56.97 14.21
C PRO E 13 28.27 -55.76 13.63
N GLY E 14 27.91 -55.31 12.42
CA GLY E 14 28.45 -54.06 11.89
C GLY E 14 29.94 -54.09 11.58
N ASP E 15 30.41 -52.96 11.07
CA ASP E 15 31.77 -52.79 10.59
C ASP E 15 32.59 -51.96 11.58
N GLY E 16 33.89 -51.88 11.33
CA GLY E 16 34.79 -51.08 12.13
C GLY E 16 34.97 -51.58 13.55
N ILE E 17 34.47 -50.80 14.54
CA ILE E 17 34.45 -51.26 15.92
C ILE E 17 33.17 -51.99 16.26
N GLY E 18 32.27 -52.17 15.30
CA GLY E 18 31.05 -52.93 15.48
C GLY E 18 31.25 -54.34 16.01
N PRO E 19 32.07 -55.16 15.34
CA PRO E 19 32.27 -56.55 15.81
C PRO E 19 32.84 -56.66 17.22
N GLU E 20 33.65 -55.70 17.67
CA GLU E 20 34.22 -55.77 19.01
C GLU E 20 33.18 -55.46 20.07
N ILE E 21 32.34 -54.44 19.82
CA ILE E 21 31.31 -54.06 20.80
C ILE E 21 30.08 -54.98 20.68
N SER E 22 29.79 -55.49 19.48
CA SER E 22 28.74 -56.50 19.37
C SER E 22 29.05 -57.69 20.25
N ALA E 23 30.28 -58.21 20.15
CA ALA E 23 30.70 -59.31 21.02
C ALA E 23 30.68 -58.90 22.48
N ALA E 24 30.84 -57.62 22.77
CA ALA E 24 30.87 -57.17 24.16
C ALA E 24 29.46 -57.06 24.75
N VAL E 25 28.45 -56.82 23.92
CA VAL E 25 27.09 -56.80 24.45
C VAL E 25 26.52 -58.21 24.50
N MET E 26 27.01 -59.11 23.63
CA MET E 26 26.57 -60.50 23.70
C MET E 26 27.06 -61.16 24.99
N LYS E 27 28.30 -60.89 25.39
CA LYS E 27 28.86 -61.52 26.58
C LYS E 27 28.17 -61.05 27.85
N ILE E 28 27.77 -59.78 27.89
CA ILE E 28 27.07 -59.27 29.06
C ILE E 28 25.65 -59.83 29.13
N PHE E 29 25.01 -60.03 27.97
CA PHE E 29 23.70 -60.66 27.95
C PHE E 29 23.79 -62.13 28.39
N ASP E 30 24.84 -62.83 27.97
CA ASP E 30 25.06 -64.19 28.46
C ASP E 30 25.32 -64.20 29.97
N ALA E 31 26.20 -63.30 30.44
CA ALA E 31 26.46 -63.20 31.86
C ALA E 31 25.24 -62.73 32.64
N ALA E 32 24.24 -62.18 31.96
CA ALA E 32 22.99 -61.79 32.59
C ALA E 32 21.92 -62.86 32.45
N LYS E 33 22.18 -63.91 31.67
CA LYS E 33 21.19 -64.96 31.43
C LYS E 33 19.90 -64.36 30.89
N ALA E 34 20.05 -63.43 29.94
CA ALA E 34 18.91 -62.72 29.37
C ALA E 34 18.18 -63.61 28.38
N PRO E 35 16.84 -63.66 28.43
CA PRO E 35 16.08 -64.52 27.49
C PRO E 35 16.10 -64.01 26.06
N ILE E 36 17.26 -64.03 25.44
CA ILE E 36 17.49 -63.44 24.13
C ILE E 36 18.37 -64.35 23.31
N GLN E 37 17.93 -64.68 22.10
CA GLN E 37 18.72 -65.47 21.15
C GLN E 37 19.18 -64.56 20.03
N TRP E 38 20.49 -64.46 19.84
CA TRP E 38 21.06 -63.64 18.76
C TRP E 38 21.00 -64.41 17.44
N GLU E 39 20.45 -63.77 16.41
CA GLU E 39 20.36 -64.36 15.06
C GLU E 39 21.26 -63.54 14.14
N GLU E 40 22.57 -63.78 14.25
CA GLU E 40 23.61 -63.02 13.55
C GLU E 40 23.39 -63.00 12.03
N ARG E 41 23.07 -61.82 11.51
CA ARG E 41 22.94 -61.55 10.08
C ARG E 41 23.92 -60.45 9.69
N ASN E 42 24.32 -60.47 8.42
CA ASN E 42 25.21 -59.45 7.89
C ASN E 42 24.42 -58.59 6.90
N VAL E 43 24.72 -57.29 6.89
CA VAL E 43 24.15 -56.38 5.90
C VAL E 43 25.30 -55.61 5.26
N THR E 44 25.44 -55.77 3.95
CA THR E 44 26.30 -54.95 3.12
C THR E 44 25.52 -54.55 1.88
N ALA E 45 26.02 -53.57 1.15
CA ALA E 45 25.31 -53.03 0.00
C ALA E 45 25.24 -54.05 -1.13
N TRP E 53 19.90 -50.19 -5.10
CA TRP E 53 20.56 -50.88 -3.99
C TRP E 53 19.56 -51.50 -3.03
N MET E 54 19.81 -52.76 -2.66
CA MET E 54 18.94 -53.48 -1.74
C MET E 54 19.77 -54.03 -0.57
N ILE E 55 19.06 -54.40 0.48
CA ILE E 55 19.63 -55.08 1.64
C ILE E 55 19.96 -56.53 1.25
N PRO E 56 20.77 -57.25 2.01
CA PRO E 56 20.83 -58.71 1.82
C PRO E 56 19.54 -59.36 2.28
N SER E 57 18.93 -60.17 1.41
CA SER E 57 17.66 -60.79 1.74
C SER E 57 17.75 -61.80 2.89
N GLU E 58 18.96 -62.20 3.29
CA GLU E 58 19.16 -63.03 4.47
C GLU E 58 18.96 -62.25 5.76
N ALA E 59 19.12 -60.92 5.73
CA ALA E 59 18.87 -60.04 6.86
C ALA E 59 17.43 -59.51 6.89
N LYS E 60 16.85 -59.15 5.74
CA LYS E 60 15.46 -58.70 5.74
C LYS E 60 14.49 -59.81 6.10
N GLU E 61 14.82 -61.05 5.74
CA GLU E 61 14.00 -62.18 6.16
C GLU E 61 14.05 -62.38 7.66
N SER E 62 15.21 -62.06 8.28
CA SER E 62 15.36 -62.19 9.73
C SER E 62 14.58 -61.11 10.46
N MET E 63 14.56 -59.88 9.92
CA MET E 63 13.87 -58.79 10.59
C MET E 63 12.36 -58.97 10.53
N ASP E 64 11.82 -59.48 9.40
CA ASP E 64 10.39 -59.74 9.34
C ASP E 64 9.98 -60.82 10.34
N LYS E 65 10.91 -61.71 10.69
CA LYS E 65 10.63 -62.79 11.62
C LYS E 65 10.66 -62.32 13.07
N ASN E 66 11.64 -61.49 13.43
CA ASN E 66 11.77 -61.05 14.82
C ASN E 66 11.08 -59.73 15.10
N LYS E 67 11.00 -58.83 14.11
CA LYS E 67 10.49 -57.46 14.30
C LYS E 67 11.29 -56.71 15.38
N MET E 68 12.59 -56.99 15.45
CA MET E 68 13.45 -56.45 16.49
C MET E 68 14.89 -56.44 15.96
N GLY E 69 15.68 -55.48 16.44
CA GLY E 69 17.04 -55.42 15.97
C GLY E 69 18.01 -54.59 16.79
N LEU E 70 19.15 -55.17 17.14
CA LEU E 70 20.28 -54.43 17.69
C LEU E 70 21.38 -54.43 16.64
N LYS E 71 21.78 -53.25 16.18
CA LYS E 71 22.75 -53.15 15.10
C LYS E 71 23.94 -52.31 15.54
N GLY E 72 25.10 -52.55 14.90
CA GLY E 72 26.28 -51.74 15.12
C GLY E 72 26.45 -50.71 14.02
N PRO E 73 27.57 -50.00 14.02
CA PRO E 73 27.79 -48.96 13.00
C PRO E 73 28.07 -49.53 11.63
N LEU E 74 27.62 -48.81 10.60
CA LEU E 74 27.79 -49.24 9.21
C LEU E 74 28.66 -48.22 8.47
N LYS E 75 29.79 -48.69 7.95
CA LYS E 75 30.69 -47.82 7.20
C LYS E 75 30.04 -47.41 5.88
N THR E 76 30.02 -46.11 5.62
CA THR E 76 29.52 -45.55 4.38
C THR E 76 30.65 -44.79 3.68
N PRO E 77 30.89 -45.04 2.40
CA PRO E 77 31.96 -44.33 1.67
C PRO E 77 31.73 -42.84 1.89
N ILE E 78 32.78 -42.16 2.37
CA ILE E 78 32.65 -40.77 2.82
C ILE E 78 33.20 -39.91 1.68
N ALA E 79 33.05 -40.37 0.45
CA ALA E 79 33.39 -39.56 -0.72
C ALA E 79 32.32 -39.73 -1.78
N ALA E 80 32.12 -40.96 -2.24
CA ALA E 80 31.06 -41.36 -3.16
C ALA E 80 31.03 -42.88 -3.19
N GLY E 81 30.00 -43.43 -3.82
CA GLY E 81 29.92 -44.87 -3.94
C GLY E 81 28.57 -45.43 -3.58
N HIS E 82 28.52 -46.30 -2.57
CA HIS E 82 27.20 -46.86 -2.27
C HIS E 82 26.48 -46.00 -1.22
N PRO E 83 25.17 -45.81 -1.40
CA PRO E 83 24.41 -44.97 -0.47
C PRO E 83 24.31 -45.64 0.90
N SER E 84 23.98 -44.80 1.89
CA SER E 84 24.06 -45.24 3.28
C SER E 84 23.05 -46.35 3.55
N MET E 85 23.53 -47.45 4.14
CA MET E 85 22.66 -48.57 4.42
C MET E 85 21.77 -48.31 5.61
N ASN E 86 22.11 -47.29 6.41
CA ASN E 86 21.25 -46.89 7.52
C ASN E 86 20.01 -46.19 7.00
N LEU E 87 20.18 -45.18 6.15
CA LEU E 87 19.02 -44.53 5.58
C LEU E 87 18.12 -45.53 4.88
N LEU E 88 18.73 -46.55 4.25
CA LEU E 88 17.96 -47.64 3.67
C LEU E 88 17.26 -48.46 4.75
N LEU E 89 18.03 -48.92 5.76
CA LEU E 89 17.48 -49.79 6.80
C LEU E 89 16.27 -49.17 7.49
N ARG E 90 16.26 -47.84 7.60
CA ARG E 90 15.19 -47.12 8.28
C ARG E 90 13.96 -46.96 7.41
N LYS E 91 14.15 -46.81 6.08
CA LYS E 91 13.04 -46.56 5.17
C LYS E 91 12.38 -47.83 4.66
N THR E 92 13.08 -48.97 4.70
CA THR E 92 12.49 -50.23 4.26
C THR E 92 11.67 -50.90 5.35
N PHE E 93 11.87 -50.53 6.61
CA PHE E 93 11.02 -51.01 7.70
C PHE E 93 10.13 -49.93 8.29
N ASP E 94 10.22 -48.70 7.79
CA ASP E 94 9.37 -47.59 8.21
C ASP E 94 9.49 -47.34 9.72
N LEU E 95 10.74 -47.17 10.16
CA LEU E 95 11.02 -46.71 11.52
C LEU E 95 11.09 -45.18 11.48
N TYR E 96 9.90 -44.56 11.52
CA TYR E 96 9.74 -43.12 11.27
C TYR E 96 10.22 -42.23 12.41
N ALA E 97 10.41 -42.76 13.62
CA ALA E 97 10.87 -41.99 14.77
C ALA E 97 12.26 -42.45 15.19
N ASN E 98 13.24 -41.52 15.22
CA ASN E 98 14.57 -41.80 15.76
C ASN E 98 14.74 -41.15 17.14
N VAL E 99 14.85 -41.98 18.18
CA VAL E 99 14.81 -41.58 19.59
C VAL E 99 16.21 -41.68 20.17
N ARG E 100 16.74 -40.54 20.64
CA ARG E 100 18.10 -40.47 21.17
C ARG E 100 18.07 -39.79 22.53
N PRO E 101 18.04 -40.55 23.63
CA PRO E 101 17.98 -39.95 24.96
C PRO E 101 19.36 -39.61 25.47
N CYS E 102 19.44 -38.46 26.15
CA CYS E 102 20.67 -37.98 26.80
C CYS E 102 20.40 -37.81 28.28
N VAL E 103 20.96 -38.70 29.11
CA VAL E 103 20.99 -38.48 30.55
C VAL E 103 22.43 -38.58 31.01
N SER E 104 22.84 -37.67 31.88
CA SER E 104 24.18 -37.72 32.38
C SER E 104 24.42 -39.04 33.11
N ILE E 105 25.68 -39.45 33.17
CA ILE E 105 26.07 -40.64 33.93
C ILE E 105 26.58 -40.20 35.29
N GLU E 106 25.97 -40.74 36.36
CA GLU E 106 26.26 -40.28 37.71
C GLU E 106 27.73 -40.50 38.08
N GLY E 107 28.32 -41.61 37.66
CA GLY E 107 29.74 -41.83 37.95
C GLY E 107 30.66 -40.86 37.22
N TYR E 108 30.45 -40.71 35.90
CA TYR E 108 31.37 -39.98 35.03
C TYR E 108 31.08 -38.48 35.06
N LYS E 109 32.04 -37.70 35.56
CA LYS E 109 31.86 -36.26 35.68
C LYS E 109 32.16 -35.57 34.35
N THR E 110 31.36 -34.57 34.04
CA THR E 110 31.45 -33.82 32.79
C THR E 110 31.11 -32.38 33.14
N PRO E 111 31.56 -31.41 32.34
CA PRO E 111 31.27 -29.99 32.67
C PRO E 111 29.78 -29.65 32.75
N TYR E 112 28.90 -30.60 32.48
CA TYR E 112 27.47 -30.37 32.49
C TYR E 112 26.83 -31.29 33.52
N THR E 113 26.04 -30.72 34.41
CA THR E 113 25.42 -31.46 35.50
C THR E 113 23.94 -31.72 35.19
N ASP E 114 23.52 -32.97 35.35
CA ASP E 114 22.10 -33.30 35.43
C ASP E 114 21.34 -32.84 34.19
N VAL E 115 21.76 -33.36 33.03
CA VAL E 115 21.01 -33.14 31.80
C VAL E 115 20.14 -34.36 31.57
N ASN E 116 18.90 -34.12 31.15
CA ASN E 116 17.98 -35.19 30.77
C ASN E 116 17.15 -34.71 29.60
N ILE E 117 17.43 -35.26 28.42
CA ILE E 117 16.95 -34.76 27.14
C ILE E 117 16.71 -35.93 26.21
N VAL E 118 15.56 -35.92 25.54
CA VAL E 118 15.25 -36.89 24.49
C VAL E 118 14.94 -36.12 23.22
N THR E 119 15.73 -36.38 22.18
CA THR E 119 15.49 -35.83 20.84
C THR E 119 14.65 -36.82 20.06
N ILE E 120 13.54 -36.35 19.52
CA ILE E 120 12.69 -37.15 18.65
C ILE E 120 12.81 -36.56 17.27
N ARG E 121 13.58 -37.21 16.41
CA ARG E 121 13.79 -36.76 15.04
C ARG E 121 12.94 -37.58 14.08
N GLU E 122 12.41 -36.92 13.06
CA GLU E 122 11.79 -37.62 11.93
C GLU E 122 12.83 -38.44 11.18
N ASN E 123 12.43 -39.64 10.70
CA ASN E 123 13.38 -40.63 10.21
C ASN E 123 13.07 -41.23 8.84
N THR E 124 12.10 -40.67 8.11
CA THR E 124 11.82 -41.26 6.78
C THR E 124 11.98 -40.25 5.64
N GLU E 125 11.73 -38.97 5.87
CA GLU E 125 11.83 -38.02 4.74
C GLU E 125 12.87 -36.95 4.99
N GLY E 126 12.69 -35.79 4.39
CA GLY E 126 13.65 -34.68 4.54
C GLY E 126 15.00 -35.01 3.96
N GLU E 127 16.06 -34.90 4.76
CA GLU E 127 17.44 -35.13 4.31
C GLU E 127 17.61 -36.58 3.86
N TYR E 128 17.01 -37.52 4.58
CA TYR E 128 17.00 -38.95 4.16
C TYR E 128 15.98 -39.08 3.03
N SER E 129 16.10 -40.11 2.20
CA SER E 129 15.15 -40.27 1.07
C SER E 129 15.08 -38.97 0.27
N GLY E 130 16.24 -38.57 -0.22
CA GLY E 130 16.37 -37.36 -1.06
C GLY E 130 17.05 -37.72 -2.36
N ILE E 131 16.89 -36.87 -3.38
CA ILE E 131 17.54 -37.10 -4.69
C ILE E 131 18.62 -36.02 -4.85
N GLU E 132 19.85 -36.43 -5.16
CA GLU E 132 20.98 -35.51 -5.42
C GLU E 132 21.42 -35.77 -6.85
N HIS E 133 21.59 -34.72 -7.64
CA HIS E 133 21.96 -34.92 -9.07
C HIS E 133 22.75 -33.72 -9.59
N VAL E 134 23.38 -33.86 -10.76
CA VAL E 134 24.16 -32.75 -11.35
C VAL E 134 23.28 -32.02 -12.36
N ILE E 135 23.39 -30.70 -12.38
CA ILE E 135 22.58 -29.87 -13.27
C ILE E 135 23.41 -29.49 -14.48
N VAL E 136 24.52 -28.79 -14.25
CA VAL E 136 25.50 -28.54 -15.31
C VAL E 136 26.85 -28.97 -14.73
N ASP E 137 27.95 -28.62 -15.38
CA ASP E 137 29.24 -28.94 -14.79
C ASP E 137 29.46 -28.08 -13.55
N GLY E 138 29.87 -28.73 -12.46
CA GLY E 138 30.20 -28.03 -11.22
C GLY E 138 29.04 -27.37 -10.52
N VAL E 139 27.84 -27.94 -10.63
CA VAL E 139 26.62 -27.42 -10.01
C VAL E 139 25.81 -28.63 -9.60
N VAL E 140 25.68 -28.88 -8.30
CA VAL E 140 24.93 -30.01 -7.79
C VAL E 140 23.66 -29.48 -7.12
N GLN E 141 22.54 -30.13 -7.38
CA GLN E 141 21.26 -29.77 -6.81
C GLN E 141 20.72 -30.94 -6.01
N SER E 142 20.30 -30.67 -4.78
CA SER E 142 19.68 -31.67 -3.93
C SER E 142 18.22 -31.32 -3.77
N ILE E 143 17.39 -32.36 -3.65
CA ILE E 143 15.96 -32.23 -3.44
C ILE E 143 15.60 -32.91 -2.13
N LYS E 144 15.05 -32.13 -1.20
CA LYS E 144 14.46 -32.65 0.02
C LYS E 144 12.95 -32.41 -0.03
N LEU E 145 12.15 -33.39 0.40
CA LEU E 145 10.71 -33.22 0.51
C LEU E 145 10.22 -33.73 1.86
N ILE E 146 9.30 -32.97 2.46
CA ILE E 146 8.67 -33.34 3.72
C ILE E 146 7.15 -33.30 3.51
N THR E 147 6.43 -34.20 4.19
CA THR E 147 5.02 -34.38 3.91
C THR E 147 4.18 -34.13 5.14
N GLU E 148 2.94 -33.70 4.90
CA GLU E 148 1.99 -33.45 5.98
C GLU E 148 1.79 -34.68 6.85
N GLY E 149 1.72 -35.85 6.24
CA GLY E 149 1.43 -37.04 7.00
C GLY E 149 2.56 -37.44 7.92
N ALA E 150 3.80 -37.20 7.48
CA ALA E 150 4.93 -37.62 8.30
C ALA E 150 5.15 -36.65 9.45
N SER E 151 4.91 -35.36 9.22
CA SER E 151 4.93 -34.39 10.32
C SER E 151 3.99 -34.80 11.44
N LYS E 152 2.69 -34.93 11.12
CA LYS E 152 1.71 -35.34 12.14
C LYS E 152 2.14 -36.62 12.84
N ARG E 153 2.65 -37.60 12.10
CA ARG E 153 3.05 -38.84 12.76
C ARG E 153 4.22 -38.63 13.73
N ILE E 154 5.24 -37.86 13.33
CA ILE E 154 6.35 -37.66 14.26
C ILE E 154 5.91 -36.82 15.45
N ALA E 155 5.03 -35.83 15.23
CA ALA E 155 4.56 -35.05 16.37
C ALA E 155 3.73 -35.91 17.31
N GLU E 156 2.76 -36.67 16.78
CA GLU E 156 2.00 -37.56 17.65
C GLU E 156 2.93 -38.49 18.41
N PHE E 157 3.97 -38.99 17.76
CA PHE E 157 4.89 -39.87 18.47
C PHE E 157 5.46 -39.17 19.69
N ALA E 158 5.84 -37.91 19.53
CA ALA E 158 6.61 -37.22 20.56
C ALA E 158 5.74 -36.90 21.77
N PHE E 159 4.56 -36.32 21.54
CA PHE E 159 3.59 -36.20 22.62
C PHE E 159 3.33 -37.54 23.30
N GLU E 160 2.99 -38.60 22.54
CA GLU E 160 2.81 -39.90 23.18
C GLU E 160 4.07 -40.33 23.95
N TYR E 161 5.26 -40.03 23.42
CA TYR E 161 6.48 -40.41 24.13
C TYR E 161 6.58 -39.67 25.46
N ALA E 162 6.10 -38.44 25.50
CA ALA E 162 6.07 -37.69 26.74
C ALA E 162 5.17 -38.35 27.75
N ARG E 163 3.96 -38.71 27.31
CA ARG E 163 2.94 -39.23 28.21
C ARG E 163 3.35 -40.57 28.81
N ASN E 164 4.01 -41.43 28.04
CA ASN E 164 4.37 -42.72 28.61
C ASN E 164 5.66 -42.71 29.41
N ASN E 165 6.40 -41.60 29.44
CA ASN E 165 7.71 -41.59 30.09
C ASN E 165 7.85 -40.44 31.07
N HIS E 166 6.73 -39.90 31.53
CA HIS E 166 6.74 -38.87 32.56
C HIS E 166 7.63 -37.70 32.16
N ARG E 167 7.35 -37.15 30.98
CA ARG E 167 8.01 -35.95 30.49
C ARG E 167 6.97 -34.83 30.44
N SER E 168 7.28 -33.69 31.06
CA SER E 168 6.27 -32.64 31.19
C SER E 168 6.16 -31.81 29.92
N ASN E 169 7.28 -31.45 29.31
CA ASN E 169 7.31 -30.48 28.20
C ASN E 169 7.77 -31.12 26.91
N VAL E 170 7.33 -30.51 25.81
CA VAL E 170 7.72 -30.94 24.48
C VAL E 170 7.97 -29.70 23.64
N THR E 171 9.18 -29.58 23.09
CA THR E 171 9.60 -28.42 22.34
C THR E 171 9.78 -28.80 20.86
N ALA E 172 9.11 -28.06 19.98
CA ALA E 172 9.28 -28.22 18.54
C ALA E 172 10.44 -27.33 18.14
N VAL E 173 11.52 -27.94 17.65
CA VAL E 173 12.69 -27.24 17.14
C VAL E 173 12.63 -27.21 15.62
N HIS E 174 12.86 -26.05 15.02
CA HIS E 174 12.54 -25.86 13.61
C HIS E 174 13.30 -24.67 13.06
N LYS E 175 13.25 -24.51 11.74
CA LYS E 175 13.77 -23.28 11.15
C LYS E 175 12.74 -22.59 10.29
N ALA E 176 11.55 -22.34 10.84
CA ALA E 176 10.52 -21.72 10.00
C ALA E 176 10.78 -20.26 9.73
N ASN E 177 11.82 -19.67 10.30
CA ASN E 177 12.20 -18.33 9.86
C ASN E 177 12.90 -18.37 8.50
N ILE E 178 13.46 -19.50 8.10
CA ILE E 178 14.20 -19.60 6.86
C ILE E 178 13.55 -20.59 5.89
N MET E 179 13.27 -21.82 6.35
CA MET E 179 12.49 -22.80 5.58
C MET E 179 11.00 -22.61 5.85
N ARG E 180 10.44 -21.57 5.24
CA ARG E 180 9.08 -21.12 5.59
C ARG E 180 8.01 -22.18 5.33
N MET E 181 7.99 -22.79 4.14
CA MET E 181 6.90 -23.70 3.83
C MET E 181 7.06 -25.05 4.51
N SER E 182 8.26 -25.61 4.51
CA SER E 182 8.46 -26.94 5.08
C SER E 182 8.23 -26.94 6.59
N ASP E 183 8.86 -26.01 7.31
CA ASP E 183 8.75 -26.05 8.76
C ASP E 183 7.41 -25.46 9.22
N GLY E 184 6.95 -24.39 8.57
CA GLY E 184 5.60 -23.93 8.83
C GLY E 184 4.56 -25.04 8.74
N LEU E 185 4.81 -26.05 7.90
CA LEU E 185 3.94 -27.21 7.88
C LEU E 185 4.16 -28.09 9.10
N PHE E 186 5.42 -28.38 9.41
CA PHE E 186 5.76 -29.17 10.59
C PHE E 186 5.18 -28.57 11.87
N LEU E 187 5.24 -27.24 12.02
CA LEU E 187 4.64 -26.59 13.17
C LEU E 187 3.13 -26.72 13.15
N GLN E 188 2.51 -26.47 11.99
CA GLN E 188 1.06 -26.55 11.90
C GLN E 188 0.55 -27.92 12.35
N LYS E 189 1.29 -29.00 12.05
CA LYS E 189 0.92 -30.30 12.57
C LYS E 189 1.26 -30.47 14.05
N CYS E 190 2.38 -29.91 14.51
CA CYS E 190 2.70 -29.97 15.94
C CYS E 190 1.66 -29.25 16.76
N ARG E 191 1.21 -28.09 16.29
CA ARG E 191 0.26 -27.31 17.07
C ARG E 191 -1.07 -28.03 17.21
N GLU E 192 -1.49 -28.76 16.18
CA GLU E 192 -2.68 -29.59 16.26
C GLU E 192 -2.53 -30.66 17.33
N VAL E 193 -1.45 -31.45 17.29
CA VAL E 193 -1.38 -32.50 18.29
C VAL E 193 -1.17 -31.91 19.67
N ALA E 194 -0.76 -30.65 19.75
CA ALA E 194 -0.64 -29.96 21.04
C ALA E 194 -2.01 -29.60 21.61
N GLU E 195 -2.95 -29.18 20.77
CA GLU E 195 -4.31 -28.92 21.22
C GLU E 195 -5.03 -30.18 21.69
N SER E 196 -4.49 -31.36 21.43
CA SER E 196 -5.11 -32.58 21.89
C SER E 196 -4.52 -33.09 23.19
N CYS E 197 -3.44 -32.49 23.69
CA CYS E 197 -2.76 -32.98 24.88
C CYS E 197 -2.33 -31.77 25.71
N LYS E 198 -3.31 -31.05 26.23
CA LYS E 198 -2.96 -29.90 27.03
C LYS E 198 -2.18 -30.31 28.27
N ASP E 199 -2.11 -31.61 28.59
CA ASP E 199 -1.38 -32.06 29.78
C ASP E 199 0.12 -32.07 29.57
N ILE E 200 0.55 -31.96 28.32
CA ILE E 200 1.94 -31.80 27.94
C ILE E 200 2.14 -30.35 27.54
N LYS E 201 3.10 -29.68 28.19
CA LYS E 201 3.39 -28.27 27.90
C LYS E 201 4.19 -28.17 26.60
N PHE E 202 3.71 -27.35 25.68
CA PHE E 202 4.25 -27.25 24.33
C PHE E 202 4.74 -25.84 24.04
N ASN E 203 5.95 -25.74 23.48
CA ASN E 203 6.51 -24.50 22.93
C ASN E 203 7.35 -24.82 21.70
N GLU E 204 7.62 -23.78 20.91
CA GLU E 204 8.43 -23.82 19.70
C GLU E 204 9.65 -22.94 19.83
N MET E 205 10.83 -23.46 19.45
CA MET E 205 12.00 -22.62 19.30
C MET E 205 12.72 -22.92 18.00
N TYR E 206 13.39 -21.88 17.47
CA TYR E 206 14.28 -21.97 16.31
C TYR E 206 15.52 -22.76 16.65
N LEU E 207 15.96 -23.57 15.68
CA LEU E 207 17.08 -24.50 15.91
C LEU E 207 18.32 -23.77 16.39
N ASP E 208 18.69 -22.67 15.73
CA ASP E 208 19.89 -21.94 16.11
C ASP E 208 19.81 -21.43 17.56
N THR E 209 18.65 -20.94 18.00
CA THR E 209 18.45 -20.59 19.42
C THR E 209 18.64 -21.80 20.34
N VAL E 210 18.06 -22.94 19.97
CA VAL E 210 18.20 -24.14 20.80
C VAL E 210 19.65 -24.58 20.87
N CYS E 211 20.38 -24.55 19.75
CA CYS E 211 21.79 -24.94 19.80
C CYS E 211 22.56 -24.11 20.81
N LEU E 212 22.43 -22.80 20.71
CA LEU E 212 23.11 -21.87 21.61
C LEU E 212 22.72 -22.09 23.07
N ASN E 213 21.40 -22.16 23.36
CA ASN E 213 20.94 -22.35 24.74
C ASN E 213 21.28 -23.73 25.28
N MET E 214 21.56 -24.70 24.43
CA MET E 214 21.81 -26.05 24.92
C MET E 214 23.19 -26.15 25.55
N VAL E 215 24.18 -25.51 24.92
CA VAL E 215 25.54 -25.55 25.47
C VAL E 215 25.67 -24.60 26.64
N GLN E 216 24.73 -23.67 26.80
CA GLN E 216 24.72 -22.76 27.94
C GLN E 216 23.94 -23.32 29.12
N ASP E 217 22.77 -23.91 28.87
CA ASP E 217 22.05 -24.55 29.96
C ASP E 217 21.10 -25.64 29.47
N PRO E 218 21.54 -26.89 29.45
CA PRO E 218 20.70 -27.99 28.95
C PRO E 218 19.55 -28.38 29.87
N SER E 219 19.40 -27.73 31.02
CA SER E 219 18.34 -28.11 31.92
C SER E 219 16.99 -27.57 31.48
N GLN E 220 16.97 -26.57 30.59
CA GLN E 220 15.71 -25.98 30.16
C GLN E 220 15.09 -26.71 29.01
N PHE E 221 15.49 -27.97 28.78
CA PHE E 221 14.96 -28.77 27.69
C PHE E 221 14.57 -30.14 28.21
N ASP E 222 13.55 -30.72 27.56
CA ASP E 222 12.94 -32.00 27.94
C ASP E 222 12.92 -32.98 26.78
N VAL E 223 11.78 -33.01 26.09
CA VAL E 223 11.59 -33.74 24.85
C VAL E 223 11.64 -32.72 23.72
N LEU E 224 12.47 -32.98 22.73
CA LEU E 224 12.54 -32.15 21.53
C LEU E 224 12.04 -32.93 20.32
N VAL E 225 11.24 -32.26 19.48
CA VAL E 225 10.73 -32.83 18.24
C VAL E 225 11.25 -32.00 17.07
N MET E 226 11.95 -32.65 16.15
CA MET E 226 12.39 -31.94 14.97
C MET E 226 12.10 -32.72 13.70
N PRO E 227 11.92 -32.03 12.58
CA PRO E 227 11.94 -32.71 11.28
C PRO E 227 13.37 -33.05 10.89
N ASN E 228 13.47 -33.81 9.81
CA ASN E 228 14.76 -34.35 9.34
C ASN E 228 15.42 -33.45 8.32
N LEU E 229 15.09 -32.15 8.32
CA LEU E 229 15.72 -31.16 7.46
C LEU E 229 17.11 -30.72 7.93
N TYR E 230 17.50 -30.97 9.18
CA TYR E 230 18.75 -30.44 9.71
C TYR E 230 19.66 -31.53 10.24
N GLY E 231 19.48 -32.75 9.75
CA GLY E 231 20.26 -33.83 10.26
C GLY E 231 19.99 -34.11 11.73
N ASP E 232 20.93 -34.85 12.29
CA ASP E 232 20.89 -35.33 13.67
C ASP E 232 21.97 -34.63 14.49
N ILE E 233 22.17 -33.34 14.21
CA ILE E 233 23.23 -32.59 14.87
C ILE E 233 22.82 -32.08 16.24
N LEU E 234 21.53 -31.94 16.51
CA LEU E 234 21.14 -31.53 17.86
C LEU E 234 21.46 -32.62 18.87
N SER E 235 21.15 -33.88 18.53
CA SER E 235 21.51 -34.96 19.44
C SER E 235 23.01 -35.18 19.49
N ASP E 236 23.74 -34.79 18.45
CA ASP E 236 25.20 -34.89 18.49
C ASP E 236 25.78 -33.87 19.45
N LEU E 237 25.14 -32.70 19.52
CA LEU E 237 25.54 -31.70 20.51
C LEU E 237 25.24 -32.20 21.90
N CYS E 238 24.11 -32.90 22.05
CA CYS E 238 23.77 -33.39 23.38
C CYS E 238 24.73 -34.50 23.78
N ALA E 239 25.19 -35.31 22.82
CA ALA E 239 26.16 -36.36 23.11
C ALA E 239 27.42 -35.81 23.75
N GLY E 240 27.84 -34.60 23.37
CA GLY E 240 28.94 -33.99 24.07
C GLY E 240 28.64 -33.67 25.52
N LEU E 241 27.36 -33.49 25.85
CA LEU E 241 27.01 -33.04 27.19
C LEU E 241 27.26 -34.11 28.25
N ILE E 242 27.16 -35.38 27.88
CA ILE E 242 27.19 -36.48 28.83
C ILE E 242 28.45 -37.33 28.73
N GLY E 243 29.36 -37.03 27.82
CA GLY E 243 30.56 -37.85 27.80
C GLY E 243 31.08 -38.22 26.43
N GLY E 244 30.24 -38.19 25.40
CA GLY E 244 30.67 -38.45 24.04
C GLY E 244 29.91 -39.60 23.40
N LEU E 245 30.45 -40.07 22.26
CA LEU E 245 29.83 -41.10 21.42
C LEU E 245 29.89 -42.49 22.03
N GLY E 246 30.79 -42.71 23.00
CA GLY E 246 30.94 -43.96 23.71
C GLY E 246 29.81 -44.36 24.65
N VAL E 247 28.88 -43.46 24.98
CA VAL E 247 27.88 -43.72 26.01
C VAL E 247 26.47 -43.36 25.57
N THR E 248 26.26 -42.93 24.34
CA THR E 248 25.00 -42.37 23.90
C THR E 248 24.18 -43.41 23.15
N PRO E 249 23.08 -43.91 23.72
CA PRO E 249 22.24 -44.87 23.00
C PRO E 249 21.42 -44.21 21.91
N SER E 250 20.74 -45.06 21.13
CA SER E 250 19.87 -44.62 20.05
C SER E 250 18.80 -45.66 19.81
N GLY E 251 17.74 -45.25 19.10
CA GLY E 251 16.67 -46.15 18.76
C GLY E 251 15.79 -45.63 17.63
N ASN E 252 15.64 -46.41 16.56
CA ASN E 252 14.70 -46.12 15.48
C ASN E 252 13.42 -46.91 15.78
N ILE E 253 12.30 -46.22 15.92
CA ILE E 253 11.04 -46.83 16.38
C ILE E 253 9.99 -46.69 15.29
N GLY E 254 9.36 -47.81 14.92
CA GLY E 254 8.25 -47.83 13.99
C GLY E 254 6.99 -48.33 14.65
N ALA E 255 5.91 -48.35 13.86
CA ALA E 255 4.60 -48.69 14.41
C ALA E 255 4.52 -50.16 14.81
N ASN E 256 3.60 -50.46 15.73
CA ASN E 256 3.26 -51.79 16.22
C ASN E 256 4.44 -52.51 16.86
N GLY E 257 5.44 -51.77 17.36
CA GLY E 257 6.49 -52.38 18.17
C GLY E 257 7.74 -52.76 17.41
N VAL E 258 7.82 -52.46 16.12
CA VAL E 258 9.01 -52.73 15.33
C VAL E 258 10.06 -51.66 15.63
N ALA E 259 11.30 -52.08 15.86
CA ALA E 259 12.34 -51.11 16.22
C ALA E 259 13.73 -51.71 16.02
N ILE E 260 14.67 -50.85 15.66
CA ILE E 260 16.09 -51.20 15.58
C ILE E 260 16.86 -50.24 16.48
N PHE E 261 17.56 -50.79 17.46
CA PHE E 261 18.32 -50.00 18.44
C PHE E 261 19.80 -50.03 18.07
N GLU E 262 20.32 -48.90 17.65
CA GLU E 262 21.73 -48.76 17.35
C GLU E 262 22.38 -47.77 18.32
N SER E 263 23.61 -47.41 18.03
CA SER E 263 24.28 -46.36 18.78
C SER E 263 24.49 -45.16 17.87
N VAL E 264 24.58 -43.98 18.49
CA VAL E 264 24.74 -42.76 17.69
C VAL E 264 26.08 -42.77 16.97
N HIS E 265 27.10 -43.41 17.54
CA HIS E 265 28.45 -43.38 17.00
C HIS E 265 28.56 -44.26 15.75
N GLY E 266 29.62 -44.01 14.98
CA GLY E 266 29.93 -44.74 13.77
C GLY E 266 31.04 -45.75 13.95
N THR E 267 31.69 -46.07 12.83
CA THR E 267 32.62 -47.20 12.83
C THR E 267 33.89 -46.91 13.61
N ALA E 268 34.28 -45.64 13.71
CA ALA E 268 35.50 -45.24 14.41
C ALA E 268 36.71 -45.91 13.76
N PRO E 269 37.08 -45.51 12.54
CA PRO E 269 38.19 -46.18 11.85
C PRO E 269 39.50 -46.09 12.61
N ASP E 270 39.73 -45.02 13.37
CA ASP E 270 41.03 -44.78 13.99
C ASP E 270 41.31 -45.74 15.15
N ILE E 271 40.28 -46.39 15.69
CA ILE E 271 40.42 -47.39 16.75
C ILE E 271 39.81 -48.73 16.35
N ALA E 272 39.69 -49.00 15.03
CA ALA E 272 38.80 -50.03 14.51
C ALA E 272 39.14 -51.44 15.04
N GLY E 273 40.43 -51.78 15.12
CA GLY E 273 40.80 -53.10 15.56
C GLY E 273 41.64 -53.17 16.83
N LYS E 274 42.00 -52.02 17.41
CA LYS E 274 42.95 -51.96 18.50
C LYS E 274 42.40 -52.40 19.87
N ASP E 275 41.16 -52.92 19.92
CA ASP E 275 40.53 -53.35 21.18
C ASP E 275 40.52 -52.23 22.23
N MET E 276 40.15 -51.02 21.79
CA MET E 276 40.10 -49.85 22.67
C MET E 276 38.73 -49.17 22.65
N ALA E 277 37.74 -49.76 21.99
CA ALA E 277 36.43 -49.13 21.84
C ALA E 277 35.68 -49.13 23.17
N ASN E 278 34.57 -48.41 23.18
CA ASN E 278 33.70 -48.32 24.33
C ASN E 278 32.38 -49.00 24.00
N PRO E 279 31.95 -49.98 24.79
CA PRO E 279 30.69 -50.69 24.51
C PRO E 279 29.48 -50.09 25.21
N THR E 280 29.69 -49.05 26.02
CA THR E 280 28.59 -48.47 26.79
C THR E 280 27.44 -48.04 25.89
N ALA E 281 27.78 -47.44 24.74
CA ALA E 281 26.76 -46.95 23.82
C ALA E 281 25.84 -48.08 23.37
N LEU E 282 26.41 -49.07 22.69
CA LEU E 282 25.61 -50.20 22.22
C LEU E 282 24.97 -50.95 23.38
N LEU E 283 25.65 -51.00 24.53
CA LEU E 283 25.07 -51.63 25.71
C LEU E 283 23.88 -50.84 26.24
N LEU E 284 23.98 -49.51 26.25
CA LEU E 284 22.86 -48.71 26.68
C LEU E 284 21.74 -48.69 25.63
N SER E 285 22.10 -48.81 24.35
CA SER E 285 21.08 -49.04 23.33
C SER E 285 20.36 -50.35 23.54
N ALA E 286 21.10 -51.37 24.01
CA ALA E 286 20.51 -52.69 24.16
C ALA E 286 19.53 -52.72 25.32
N VAL E 287 19.85 -52.02 26.42
CA VAL E 287 18.91 -52.02 27.54
C VAL E 287 17.65 -51.26 27.15
N MET E 288 17.76 -50.26 26.27
CA MET E 288 16.59 -49.65 25.68
C MET E 288 15.72 -50.70 25.03
N MET E 289 16.36 -51.55 24.21
CA MET E 289 15.70 -52.68 23.57
C MET E 289 15.11 -53.63 24.61
N LEU E 290 15.84 -53.85 25.71
CA LEU E 290 15.33 -54.67 26.80
C LEU E 290 14.07 -54.05 27.41
N ARG E 291 14.07 -52.73 27.60
CA ARG E 291 12.84 -52.08 28.09
C ARG E 291 11.78 -52.00 27.01
N HIS E 292 12.16 -52.08 25.74
CA HIS E 292 11.16 -52.09 24.67
C HIS E 292 10.46 -53.44 24.60
N MET E 293 11.15 -54.52 24.93
CA MET E 293 10.60 -55.87 24.89
C MET E 293 10.06 -56.33 26.24
N GLY E 294 9.91 -55.41 27.21
CA GLY E 294 9.35 -55.75 28.51
C GLY E 294 10.29 -56.46 29.47
N LEU E 295 11.58 -56.52 29.16
CA LEU E 295 12.57 -57.21 30.00
C LEU E 295 13.21 -56.23 30.98
N PHE E 296 12.35 -55.67 31.83
CA PHE E 296 12.77 -54.63 32.75
C PHE E 296 13.78 -55.16 33.77
N ASP E 297 13.54 -56.36 34.29
CA ASP E 297 14.35 -56.86 35.42
C ASP E 297 15.80 -57.05 35.00
N HIS E 298 16.03 -57.68 33.84
CA HIS E 298 17.38 -57.81 33.30
C HIS E 298 17.93 -56.46 32.83
N ALA E 299 17.04 -55.56 32.38
CA ALA E 299 17.46 -54.22 31.99
C ALA E 299 18.09 -53.48 33.18
N ALA E 300 17.33 -53.25 34.24
CA ALA E 300 17.86 -52.48 35.37
C ALA E 300 19.12 -53.11 35.95
N ARG E 301 19.25 -54.44 35.85
CA ARG E 301 20.45 -55.13 36.32
C ARG E 301 21.64 -54.81 35.42
N ILE E 302 21.48 -54.97 34.11
CA ILE E 302 22.57 -54.68 33.17
C ILE E 302 22.95 -53.20 33.23
N GLU E 303 21.94 -52.33 33.36
CA GLU E 303 22.20 -50.90 33.47
C GLU E 303 23.08 -50.59 34.68
N ALA E 304 22.71 -51.11 35.85
CA ALA E 304 23.46 -50.79 37.06
C ALA E 304 24.89 -51.32 37.00
N ALA E 305 25.13 -52.37 36.22
CA ALA E 305 26.48 -52.93 36.12
C ALA E 305 27.40 -52.01 35.34
N CYS E 306 26.94 -51.51 34.19
CA CYS E 306 27.69 -50.49 33.47
C CYS E 306 27.84 -49.22 34.30
N PHE E 307 26.76 -48.80 34.97
CA PHE E 307 26.84 -47.59 35.80
C PHE E 307 27.81 -47.77 36.96
N ALA E 308 27.67 -48.88 37.69
CA ALA E 308 28.55 -49.14 38.82
C ALA E 308 30.00 -49.33 38.37
N THR E 309 30.22 -49.78 37.13
CA THR E 309 31.60 -49.92 36.65
C THR E 309 32.22 -48.55 36.40
N ILE E 310 31.48 -47.64 35.75
CA ILE E 310 31.98 -46.29 35.46
C ILE E 310 32.05 -45.47 36.74
N LYS E 311 31.14 -45.71 37.68
CA LYS E 311 31.19 -45.01 38.96
C LYS E 311 32.41 -45.42 39.79
N ASP E 312 32.87 -46.67 39.67
CA ASP E 312 34.08 -47.09 40.39
C ASP E 312 35.33 -46.48 39.78
N GLY E 313 35.43 -46.47 38.47
CA GLY E 313 36.52 -45.80 37.78
C GLY E 313 37.84 -46.53 37.76
N LYS E 314 37.91 -47.73 38.34
CA LYS E 314 39.15 -48.49 38.33
C LYS E 314 39.49 -48.95 36.90
N SER E 315 38.57 -49.68 36.28
CA SER E 315 38.73 -50.20 34.92
C SER E 315 37.82 -49.39 34.00
N LEU E 316 38.31 -48.24 33.55
CA LEU E 316 37.58 -47.41 32.60
C LEU E 316 38.06 -47.74 31.18
N THR E 317 37.87 -46.82 30.24
CA THR E 317 38.25 -47.03 28.86
C THR E 317 38.87 -45.74 28.35
N LYS E 318 39.51 -45.82 27.17
CA LYS E 318 40.35 -44.72 26.71
C LYS E 318 39.56 -43.42 26.52
N ASP E 319 38.37 -43.50 25.89
CA ASP E 319 37.56 -42.30 25.63
C ASP E 319 37.11 -41.62 26.92
N LEU E 320 36.63 -42.41 27.90
CA LEU E 320 36.12 -41.85 29.15
C LEU E 320 37.23 -41.34 30.07
N GLY E 321 37.96 -42.25 30.72
CA GLY E 321 39.03 -41.84 31.61
C GLY E 321 40.39 -42.41 31.29
N GLY E 322 40.81 -43.45 32.03
CA GLY E 322 42.13 -44.03 31.89
C GLY E 322 42.18 -45.19 30.90
N ASN E 323 43.38 -45.76 30.79
CA ASN E 323 43.73 -46.72 29.74
C ASN E 323 43.42 -48.15 30.19
N ALA E 324 42.44 -48.79 29.54
CA ALA E 324 42.08 -50.19 29.71
C ALA E 324 41.30 -50.64 28.49
N LYS E 325 41.51 -51.88 28.07
CA LYS E 325 41.00 -52.34 26.79
C LYS E 325 39.48 -52.54 26.86
N CYS E 326 38.88 -52.73 25.67
CA CYS E 326 37.44 -53.02 25.57
C CYS E 326 37.10 -54.36 26.20
N SER E 327 38.01 -55.33 26.10
CA SER E 327 37.82 -56.63 26.73
C SER E 327 37.90 -56.53 28.24
N ASP E 328 38.83 -55.71 28.75
CA ASP E 328 38.97 -55.52 30.20
C ASP E 328 37.78 -54.74 30.78
N PHE E 329 37.28 -53.75 30.04
CA PHE E 329 36.07 -53.06 30.49
C PHE E 329 34.87 -54.01 30.45
N THR E 330 34.73 -54.80 29.39
CA THR E 330 33.58 -55.69 29.32
C THR E 330 33.65 -56.77 30.40
N GLU E 331 34.86 -57.26 30.71
CA GLU E 331 35.00 -58.33 31.69
C GLU E 331 34.69 -57.85 33.11
N GLU E 332 35.10 -56.62 33.45
CA GLU E 332 34.77 -56.11 34.78
C GLU E 332 33.27 -55.88 34.91
N ILE E 333 32.57 -55.67 33.79
CA ILE E 333 31.11 -55.53 33.84
C ILE E 333 30.46 -56.87 34.14
N CYS E 334 30.89 -57.94 33.47
CA CYS E 334 30.29 -59.25 33.68
C CYS E 334 30.38 -59.66 35.15
N ARG E 335 31.56 -59.50 35.76
CA ARG E 335 31.71 -59.87 37.17
C ARG E 335 30.71 -59.11 38.03
N ARG E 336 30.44 -57.85 37.69
CA ARG E 336 29.38 -57.09 38.36
C ARG E 336 28.00 -57.65 38.02
N VAL E 337 27.80 -58.05 36.76
CA VAL E 337 26.51 -58.59 36.33
C VAL E 337 26.23 -59.92 37.03
N LYS E 338 27.17 -60.86 36.90
CA LYS E 338 26.97 -62.21 37.42
C LYS E 338 26.66 -62.20 38.92
N ASP E 339 27.45 -61.45 39.71
CA ASP E 339 27.19 -61.29 41.14
C ASP E 339 25.97 -60.36 41.35
N SER F 14 38.67 10.78 9.58
CA SER F 14 39.35 10.72 8.28
C SER F 14 39.18 9.35 7.64
N PHE F 15 38.10 8.65 7.99
CA PHE F 15 37.87 7.29 7.49
C PHE F 15 36.38 7.01 7.46
N PRO F 16 35.77 7.06 6.28
CA PRO F 16 34.31 6.90 6.20
C PRO F 16 33.91 5.43 6.31
N VAL F 17 32.94 5.16 7.18
CA VAL F 17 32.42 3.82 7.41
C VAL F 17 30.90 3.92 7.42
N THR F 18 30.25 3.00 6.70
CA THR F 18 28.80 2.88 6.72
C THR F 18 28.35 2.18 8.00
N MET F 19 27.47 2.82 8.76
CA MET F 19 26.89 2.25 9.98
C MET F 19 25.40 2.03 9.76
N LEU F 20 24.96 0.81 10.04
CA LEU F 20 23.57 0.38 9.82
C LEU F 20 23.09 -0.17 11.15
N PRO F 21 22.50 0.66 12.01
CA PRO F 21 22.12 0.18 13.36
C PRO F 21 21.26 -1.08 13.40
N GLY F 22 20.34 -1.29 12.42
CA GLY F 22 19.40 -2.39 12.45
C GLY F 22 18.34 -2.27 13.54
N ASP F 23 17.54 -3.34 13.68
CA ASP F 23 16.45 -3.38 14.66
C ASP F 23 16.96 -3.89 16.02
N GLY F 24 16.05 -4.23 16.93
CA GLY F 24 16.49 -4.79 18.20
C GLY F 24 17.21 -3.74 19.01
N VAL F 25 18.19 -4.17 19.80
CA VAL F 25 19.07 -3.24 20.50
C VAL F 25 20.21 -2.78 19.59
N GLY F 26 20.11 -3.02 18.28
CA GLY F 26 21.09 -2.54 17.32
C GLY F 26 21.48 -1.09 17.53
N PRO F 27 20.50 -0.19 17.60
CA PRO F 27 20.83 1.21 17.84
C PRO F 27 21.58 1.43 19.15
N GLU F 28 21.17 0.81 20.25
CA GLU F 28 21.92 0.97 21.51
C GLU F 28 23.37 0.53 21.36
N LEU F 29 23.61 -0.57 20.64
CA LEU F 29 24.99 -1.04 20.49
C LEU F 29 25.81 -0.09 19.63
N MET F 30 25.27 0.37 18.52
CA MET F 30 26.02 1.32 17.71
C MET F 30 26.33 2.57 18.51
N HIS F 31 25.41 3.00 19.37
CA HIS F 31 25.73 4.17 20.17
C HIS F 31 26.86 3.88 21.15
N ALA F 32 27.01 2.63 21.57
CA ALA F 32 28.17 2.31 22.40
C ALA F 32 29.45 2.45 21.60
N VAL F 33 29.44 2.02 20.34
CA VAL F 33 30.61 2.16 19.49
C VAL F 33 31.04 3.62 19.40
N LYS F 34 30.16 4.48 18.89
CA LYS F 34 30.60 5.85 18.68
C LYS F 34 30.77 6.66 19.97
N GLU F 35 30.35 6.16 21.13
CA GLU F 35 30.70 6.90 22.33
C GLU F 35 32.01 6.40 22.91
N VAL F 36 32.46 5.22 22.49
CA VAL F 36 33.79 4.71 22.80
C VAL F 36 34.83 5.22 21.82
N PHE F 37 34.51 5.22 20.51
CA PHE F 37 35.37 5.87 19.53
C PHE F 37 35.60 7.33 19.88
N LYS F 38 34.54 8.08 20.15
CA LYS F 38 34.76 9.48 20.51
C LYS F 38 35.61 9.60 21.77
N ALA F 39 35.61 8.58 22.62
CA ALA F 39 36.51 8.62 23.77
C ALA F 39 37.94 8.32 23.39
N ALA F 40 38.16 7.35 22.52
CA ALA F 40 39.50 6.94 22.15
C ALA F 40 40.04 7.74 20.99
N ALA F 41 39.31 8.77 20.55
CA ALA F 41 39.78 9.68 19.50
C ALA F 41 40.05 8.91 18.21
N VAL F 42 39.10 8.08 17.82
CA VAL F 42 39.25 7.24 16.65
C VAL F 42 38.88 8.05 15.42
N PRO F 43 39.81 8.30 14.52
CA PRO F 43 39.49 9.02 13.28
C PRO F 43 38.68 8.16 12.31
N VAL F 44 37.41 7.93 12.66
CA VAL F 44 36.47 7.33 11.73
C VAL F 44 35.22 8.19 11.72
N GLU F 45 34.66 8.40 10.55
CA GLU F 45 33.42 9.13 10.38
C GLU F 45 32.36 8.14 9.93
N PHE F 46 31.26 8.05 10.67
CA PHE F 46 30.21 7.09 10.36
C PHE F 46 29.15 7.72 9.46
N GLN F 47 28.65 6.93 8.50
CA GLN F 47 27.51 7.31 7.66
C GLN F 47 26.31 6.45 8.03
N GLU F 48 25.46 6.97 8.92
CA GLU F 48 24.29 6.25 9.40
C GLU F 48 23.21 6.16 8.33
N HIS F 49 22.89 4.94 7.90
CA HIS F 49 21.66 4.65 7.18
C HIS F 49 20.68 3.99 8.14
N HIS F 50 19.41 4.31 8.03
CA HIS F 50 18.40 3.73 8.89
C HIS F 50 17.46 2.87 8.05
N LEU F 51 17.89 1.64 7.81
CA LEU F 51 17.09 0.65 7.11
C LEU F 51 16.41 -0.25 8.15
N SER F 52 15.08 -0.38 8.05
CA SER F 52 14.32 -1.15 9.06
C SER F 52 12.92 -1.41 8.53
N GLU F 53 12.64 -2.66 8.16
CA GLU F 53 11.33 -2.93 7.59
C GLU F 53 10.26 -2.94 8.66
N VAL F 54 10.60 -3.37 9.87
CA VAL F 54 9.64 -3.42 10.98
C VAL F 54 9.15 -2.04 11.40
N GLN F 55 9.90 -0.98 11.11
CA GLN F 55 9.44 0.38 11.41
C GLN F 55 8.99 1.15 10.17
N ASN F 56 8.70 0.48 9.07
CA ASN F 56 8.31 1.12 7.82
C ASN F 56 9.32 2.19 7.41
N MET F 57 10.53 1.70 7.13
CA MET F 57 11.62 2.53 6.64
C MET F 57 12.53 1.72 5.71
N ALA F 58 11.94 0.91 4.83
CA ALA F 58 12.74 0.00 4.00
C ALA F 58 12.19 -0.07 2.59
N SER F 59 13.06 0.18 1.62
CA SER F 59 12.72 0.04 0.22
C SER F 59 14.00 -0.27 -0.54
N GLU F 60 13.85 -0.72 -1.79
CA GLU F 60 15.04 -0.99 -2.60
C GLU F 60 15.85 0.28 -2.88
N GLU F 61 15.20 1.45 -2.86
CA GLU F 61 15.94 2.70 -3.02
C GLU F 61 16.94 2.90 -1.87
N LYS F 62 16.46 2.78 -0.62
CA LYS F 62 17.35 2.89 0.53
C LYS F 62 18.35 1.74 0.55
N LEU F 63 17.99 0.59 -0.03
CA LEU F 63 18.96 -0.48 -0.23
C LEU F 63 20.08 -0.01 -1.15
N GLU F 64 19.72 0.63 -2.27
CA GLU F 64 20.75 1.08 -3.20
C GLU F 64 21.60 2.19 -2.58
N GLN F 65 20.99 3.06 -1.79
CA GLN F 65 21.76 4.12 -1.14
C GLN F 65 22.87 3.54 -0.27
N VAL F 66 22.64 2.38 0.34
CA VAL F 66 23.67 1.71 1.14
C VAL F 66 24.77 1.18 0.24
N LEU F 67 24.41 0.64 -0.92
CA LEU F 67 25.42 0.17 -1.86
C LEU F 67 26.26 1.33 -2.37
N SER F 68 25.63 2.47 -2.65
CA SER F 68 26.39 3.67 -3.01
C SER F 68 27.38 4.03 -1.90
N SER F 69 26.94 3.91 -0.65
CA SER F 69 27.80 4.22 0.49
C SER F 69 28.96 3.25 0.57
N MET F 70 28.73 1.99 0.18
CA MET F 70 29.77 0.96 0.28
C MET F 70 30.72 1.03 -0.88
N LYS F 71 30.20 1.30 -2.08
CA LYS F 71 31.07 1.49 -3.24
C LYS F 71 32.10 2.59 -3.00
N GLU F 72 31.76 3.57 -2.14
CA GLU F 72 32.66 4.65 -1.73
C GLU F 72 33.51 4.29 -0.50
N ASN F 73 32.93 3.60 0.49
CA ASN F 73 33.57 3.44 1.79
C ASN F 73 34.27 2.10 1.98
N LYS F 74 33.77 1.02 1.35
CA LYS F 74 34.37 -0.31 1.29
C LYS F 74 34.22 -1.12 2.58
N VAL F 75 33.67 -0.52 3.64
CA VAL F 75 33.67 -1.08 4.99
C VAL F 75 32.42 -0.61 5.74
N ALA F 76 31.67 -1.56 6.31
CA ALA F 76 30.50 -1.20 7.12
C ALA F 76 30.47 -1.97 8.43
N ILE F 77 29.86 -1.36 9.44
CA ILE F 77 29.49 -2.03 10.68
C ILE F 77 27.97 -1.98 10.79
N ILE F 78 27.34 -3.17 10.88
CA ILE F 78 25.89 -3.29 10.75
C ILE F 78 25.30 -4.11 11.89
N GLY F 79 24.04 -3.82 12.19
CA GLY F 79 23.23 -4.60 13.11
C GLY F 79 22.45 -5.65 12.37
N LYS F 80 21.32 -6.04 12.95
CA LYS F 80 20.45 -7.03 12.32
C LYS F 80 19.17 -6.32 11.91
N ILE F 81 18.86 -6.35 10.61
CA ILE F 81 17.57 -5.88 10.14
C ILE F 81 16.55 -6.99 10.39
N HIS F 82 15.58 -6.72 11.27
CA HIS F 82 14.58 -7.73 11.58
C HIS F 82 13.64 -7.93 10.40
N THR F 83 13.23 -9.18 10.22
CA THR F 83 12.32 -9.57 9.16
C THR F 83 10.93 -9.82 9.71
N PRO F 84 9.86 -9.16 9.18
CA PRO F 84 8.50 -9.47 9.63
C PRO F 84 8.09 -10.91 9.37
N MET F 85 8.19 -11.76 10.39
CA MET F 85 7.92 -13.19 10.24
C MET F 85 6.49 -13.47 9.82
N GLU F 86 5.57 -12.53 10.08
CA GLU F 86 4.17 -12.76 9.74
C GLU F 86 3.93 -12.74 8.22
N TYR F 87 4.58 -11.81 7.51
CA TYR F 87 4.43 -11.66 6.07
C TYR F 87 5.54 -12.34 5.24
N LYS F 88 6.83 -12.14 5.57
CA LYS F 88 7.96 -12.59 4.75
C LYS F 88 8.81 -13.65 5.43
N GLY F 89 9.44 -14.54 4.60
CA GLY F 89 10.53 -15.38 5.06
C GLY F 89 11.86 -14.64 5.10
N GLU F 90 12.86 -15.24 5.77
CA GLU F 90 14.10 -14.50 5.98
C GLU F 90 14.90 -14.35 4.68
N LEU F 91 14.76 -15.29 3.75
CA LEU F 91 15.41 -15.18 2.45
C LEU F 91 14.90 -13.99 1.66
N ALA F 92 13.68 -13.52 1.94
CA ALA F 92 13.16 -12.30 1.32
C ALA F 92 13.34 -11.06 2.19
N SER F 93 13.96 -11.21 3.36
CA SER F 93 14.21 -10.08 4.26
C SER F 93 15.24 -9.13 3.64
N TYR F 94 15.15 -7.86 4.05
CA TYR F 94 16.14 -6.87 3.64
C TYR F 94 17.55 -7.24 4.12
N ASP F 95 17.67 -8.07 5.15
CA ASP F 95 19.00 -8.49 5.59
C ASP F 95 19.64 -9.45 4.59
N MET F 96 18.87 -10.37 4.03
CA MET F 96 19.42 -11.22 2.98
C MET F 96 19.57 -10.48 1.67
N ARG F 97 18.72 -9.47 1.43
CA ARG F 97 18.86 -8.69 0.20
C ARG F 97 20.16 -7.89 0.24
N LEU F 98 20.47 -7.34 1.42
CA LEU F 98 21.69 -6.57 1.62
C LEU F 98 22.94 -7.41 1.38
N ARG F 99 22.93 -8.67 1.81
CA ARG F 99 24.11 -9.51 1.64
C ARG F 99 24.31 -9.88 0.17
N ARG F 100 23.22 -10.04 -0.57
CA ARG F 100 23.36 -10.37 -1.99
C ARG F 100 23.84 -9.16 -2.79
N LYS F 101 23.34 -7.96 -2.47
CA LYS F 101 23.80 -6.76 -3.17
C LYS F 101 25.28 -6.48 -2.93
N LEU F 102 25.81 -6.84 -1.76
CA LEU F 102 27.23 -6.67 -1.53
C LEU F 102 28.01 -7.92 -1.86
N ASP F 103 27.35 -8.98 -2.32
CA ASP F 103 27.94 -10.29 -2.58
C ASP F 103 28.91 -10.74 -1.47
N LEU F 104 28.49 -10.58 -0.23
CA LEU F 104 29.26 -11.20 0.84
C LEU F 104 29.17 -12.72 0.70
N PHE F 105 30.31 -13.41 0.76
CA PHE F 105 30.34 -14.85 0.58
C PHE F 105 31.03 -15.60 1.71
N ALA F 106 31.84 -14.93 2.52
CA ALA F 106 32.47 -15.53 3.68
C ALA F 106 31.83 -14.95 4.94
N ASN F 107 31.43 -15.84 5.84
CA ASN F 107 31.05 -15.48 7.21
C ASN F 107 32.14 -15.97 8.15
N VAL F 108 32.71 -15.06 8.93
CA VAL F 108 33.83 -15.38 9.83
C VAL F 108 33.38 -15.06 11.26
N VAL F 109 33.43 -16.06 12.15
CA VAL F 109 33.01 -15.90 13.54
C VAL F 109 34.19 -16.21 14.46
N HIS F 110 34.42 -15.35 15.44
CA HIS F 110 35.54 -15.56 16.37
C HIS F 110 35.04 -16.15 17.68
N VAL F 111 35.31 -17.44 17.87
CA VAL F 111 34.95 -18.13 19.10
C VAL F 111 36.18 -18.08 20.00
N LYS F 112 36.31 -16.98 20.75
CA LYS F 112 37.46 -16.79 21.61
C LYS F 112 37.05 -16.43 23.02
N SER F 113 37.58 -17.15 23.99
CA SER F 113 37.22 -16.92 25.38
C SER F 113 37.71 -15.57 25.88
N LEU F 114 36.98 -15.02 26.85
CA LEU F 114 37.32 -13.76 27.48
C LEU F 114 37.79 -14.05 28.91
N PRO F 115 39.07 -13.82 29.22
CA PRO F 115 39.53 -13.92 30.60
C PRO F 115 38.68 -13.11 31.54
N GLY F 116 37.86 -13.78 32.34
CA GLY F 116 37.02 -13.09 33.30
C GLY F 116 35.58 -13.52 33.25
N TYR F 117 35.09 -13.76 32.05
CA TYR F 117 33.73 -14.26 31.86
C TYR F 117 33.86 -15.77 31.78
N MET F 118 33.76 -16.43 32.94
CA MET F 118 34.03 -17.86 32.99
C MET F 118 32.87 -18.63 32.38
N THR F 119 33.21 -19.64 31.58
CA THR F 119 32.24 -20.57 31.02
C THR F 119 32.78 -21.97 31.22
N ARG F 120 32.07 -22.97 30.70
CA ARG F 120 32.56 -24.33 30.76
C ARG F 120 33.70 -24.62 29.79
N HIS F 121 34.04 -23.68 28.91
CA HIS F 121 35.10 -23.88 27.92
C HIS F 121 35.89 -22.60 27.94
N ASN F 122 36.87 -22.50 28.83
CA ASN F 122 37.68 -21.30 28.92
C ASN F 122 38.95 -21.51 28.12
N ASN F 123 39.72 -20.42 27.97
CA ASN F 123 40.96 -20.44 27.19
C ASN F 123 40.77 -21.09 25.81
N LEU F 124 39.71 -20.70 25.11
CA LEU F 124 39.43 -21.27 23.80
C LEU F 124 39.66 -20.21 22.74
N ASP F 125 40.19 -20.63 21.58
CA ASP F 125 40.48 -19.72 20.47
C ASP F 125 40.17 -20.40 19.14
N LEU F 126 39.11 -19.94 18.48
CA LEU F 126 38.50 -20.67 17.39
C LEU F 126 37.90 -19.68 16.40
N VAL F 127 38.07 -19.93 15.10
CA VAL F 127 37.38 -19.14 14.08
C VAL F 127 36.61 -20.09 13.17
N ILE F 128 35.36 -19.75 12.92
CA ILE F 128 34.49 -20.54 12.04
C ILE F 128 34.29 -19.75 10.77
N ILE F 129 34.52 -20.41 9.63
CA ILE F 129 34.35 -19.78 8.33
C ILE F 129 33.33 -20.58 7.56
N ARG F 130 32.32 -19.91 7.03
CA ARG F 130 31.34 -20.69 6.31
C ARG F 130 30.81 -19.85 5.16
N GLU F 131 30.32 -20.58 4.16
CA GLU F 131 29.82 -20.01 2.93
C GLU F 131 28.43 -19.41 3.13
N GLN F 132 28.18 -18.27 2.48
CA GLN F 132 27.02 -17.45 2.82
C GLN F 132 26.13 -17.12 1.62
N THR F 133 26.20 -17.89 0.53
CA THR F 133 25.44 -17.59 -0.68
C THR F 133 24.74 -18.82 -1.26
N GLU F 134 24.99 -20.00 -0.71
CA GLU F 134 24.52 -21.25 -1.29
C GLU F 134 23.80 -22.04 -0.20
N GLY F 135 23.65 -23.35 -0.43
CA GLY F 135 23.02 -24.21 0.55
C GLY F 135 21.66 -23.69 0.94
N GLU F 136 21.48 -23.46 2.24
CA GLU F 136 20.20 -23.01 2.75
C GLU F 136 19.78 -21.67 2.17
N TYR F 137 20.74 -20.78 1.89
CA TYR F 137 20.32 -19.45 1.50
C TYR F 137 19.93 -19.38 0.04
N SER F 138 20.18 -20.46 -0.69
CA SER F 138 19.77 -20.65 -2.07
C SER F 138 18.50 -21.48 -2.20
N SER F 139 17.88 -21.84 -1.08
CA SER F 139 16.78 -22.79 -1.09
C SER F 139 15.59 -22.23 -1.86
N LEU F 140 14.88 -23.13 -2.57
CA LEU F 140 13.66 -22.82 -3.29
C LEU F 140 12.64 -23.89 -2.93
N GLU F 141 11.46 -23.45 -2.51
CA GLU F 141 10.41 -24.31 -1.96
C GLU F 141 9.15 -24.21 -2.79
N HIS F 142 8.54 -25.35 -3.09
CA HIS F 142 7.29 -25.40 -3.83
C HIS F 142 6.44 -26.54 -3.30
N GLU F 143 5.13 -26.46 -3.56
CA GLU F 143 4.18 -27.50 -3.17
C GLU F 143 3.93 -28.42 -4.37
N SER F 144 4.52 -29.63 -4.32
CA SER F 144 4.28 -30.60 -5.38
C SER F 144 2.82 -31.04 -5.39
N ALA F 145 2.27 -31.31 -4.22
CA ALA F 145 0.91 -31.80 -4.10
C ALA F 145 0.39 -31.37 -2.75
N ARG F 146 -0.94 -31.48 -2.58
CA ARG F 146 -1.55 -31.23 -1.29
C ARG F 146 -0.84 -32.06 -0.22
N GLY F 147 -0.08 -31.38 0.63
CA GLY F 147 0.54 -31.99 1.77
C GLY F 147 1.94 -32.50 1.54
N VAL F 148 2.56 -32.11 0.42
CA VAL F 148 3.94 -32.47 0.09
C VAL F 148 4.67 -31.19 -0.29
N ILE F 149 5.74 -30.88 0.44
CA ILE F 149 6.53 -29.68 0.17
C ILE F 149 7.94 -30.10 -0.22
N GLU F 150 8.46 -29.51 -1.29
CA GLU F 150 9.80 -29.81 -1.80
C GLU F 150 10.71 -28.61 -1.69
N CYS F 151 11.96 -28.89 -1.33
CA CYS F 151 12.98 -27.88 -1.10
C CYS F 151 14.16 -28.22 -2.00
N LEU F 152 14.66 -27.21 -2.72
CA LEU F 152 15.73 -27.41 -3.70
C LEU F 152 16.91 -26.54 -3.29
N LYS F 153 18.07 -27.16 -3.09
CA LYS F 153 19.27 -26.45 -2.68
C LYS F 153 20.40 -26.71 -3.67
N ILE F 154 21.26 -25.69 -3.85
CA ILE F 154 22.32 -25.71 -4.85
C ILE F 154 23.70 -25.76 -4.17
N VAL F 155 24.64 -26.44 -4.82
CA VAL F 155 26.06 -26.40 -4.44
C VAL F 155 26.88 -26.33 -5.73
N THR F 156 27.76 -25.33 -5.83
CA THR F 156 28.54 -25.08 -7.04
C THR F 156 30.03 -25.10 -6.71
N ARG F 157 30.82 -25.70 -7.60
CA ARG F 157 32.27 -25.63 -7.45
C ARG F 157 32.76 -24.18 -7.50
N ALA F 158 32.07 -23.31 -8.24
CA ALA F 158 32.43 -21.90 -8.30
C ALA F 158 32.53 -21.30 -6.91
N LYS F 159 31.50 -21.50 -6.09
CA LYS F 159 31.47 -20.95 -4.75
C LYS F 159 32.21 -21.81 -3.75
N SER F 160 32.23 -23.14 -3.90
CA SER F 160 33.06 -23.94 -3.01
C SER F 160 34.52 -23.52 -3.09
N GLN F 161 35.01 -23.20 -4.27
CA GLN F 161 36.40 -22.80 -4.40
C GLN F 161 36.65 -21.46 -3.73
N ARG F 162 35.73 -20.53 -3.92
CA ARG F 162 35.96 -19.19 -3.41
C ARG F 162 36.05 -19.20 -1.89
N ILE F 163 35.22 -20.01 -1.22
CA ILE F 163 35.29 -20.10 0.25
C ILE F 163 36.55 -20.84 0.70
N ALA F 164 36.94 -21.93 0.02
CA ALA F 164 38.08 -22.70 0.53
C ALA F 164 39.38 -21.92 0.40
N LYS F 165 39.53 -21.20 -0.70
CA LYS F 165 40.68 -20.32 -0.82
C LYS F 165 40.64 -19.26 0.28
N PHE F 166 39.45 -18.70 0.55
CA PHE F 166 39.33 -17.67 1.57
C PHE F 166 39.76 -18.18 2.94
N ALA F 167 39.44 -19.43 3.26
CA ALA F 167 39.83 -19.96 4.55
C ALA F 167 41.35 -20.00 4.67
N PHE F 168 42.04 -20.48 3.63
CA PHE F 168 43.48 -20.62 3.69
C PHE F 168 44.20 -19.28 3.59
N ASP F 169 43.66 -18.34 2.79
CA ASP F 169 44.14 -16.96 2.87
C ASP F 169 43.99 -16.44 4.29
N TYR F 170 42.83 -16.70 4.91
CA TYR F 170 42.61 -16.25 6.28
C TYR F 170 43.59 -16.92 7.23
N ALA F 171 43.73 -18.24 7.14
CA ALA F 171 44.60 -18.97 8.07
C ALA F 171 46.03 -18.44 8.04
N THR F 172 46.60 -18.21 6.85
CA THR F 172 47.98 -17.74 6.79
C THR F 172 48.09 -16.26 7.18
N LYS F 173 47.13 -15.44 6.78
CA LYS F 173 47.18 -14.02 7.08
C LYS F 173 47.06 -13.77 8.58
N LYS F 174 46.40 -14.68 9.30
CA LYS F 174 46.12 -14.50 10.71
C LYS F 174 47.01 -15.37 11.59
N GLY F 175 47.94 -16.09 10.99
CA GLY F 175 48.86 -16.86 11.79
C GLY F 175 48.18 -18.08 12.37
N ARG F 176 47.32 -18.70 11.58
CA ARG F 176 46.56 -19.85 12.06
C ARG F 176 47.21 -21.14 11.60
N GLY F 177 47.18 -22.13 12.50
CA GLY F 177 47.91 -23.36 12.32
C GLY F 177 47.30 -24.30 11.29
N LYS F 178 46.01 -24.62 11.43
CA LYS F 178 45.42 -25.63 10.58
C LYS F 178 43.99 -25.27 10.20
N VAL F 179 43.48 -25.98 9.21
CA VAL F 179 42.13 -25.83 8.72
C VAL F 179 41.46 -27.20 8.76
N THR F 180 40.21 -27.21 9.18
CA THR F 180 39.42 -28.42 9.28
C THR F 180 38.18 -28.20 8.43
N ALA F 181 38.11 -28.92 7.31
CA ALA F 181 36.92 -28.89 6.47
C ALA F 181 35.84 -29.76 7.10
N VAL F 182 34.64 -29.20 7.25
CA VAL F 182 33.51 -29.90 7.84
C VAL F 182 32.48 -30.13 6.74
N HIS F 183 32.04 -31.36 6.59
CA HIS F 183 31.18 -31.72 5.47
C HIS F 183 30.18 -32.77 5.92
N LYS F 184 29.25 -33.07 5.03
CA LYS F 184 28.45 -34.27 5.21
C LYS F 184 28.51 -35.12 3.94
N ALA F 185 29.72 -35.30 3.39
CA ALA F 185 29.85 -36.00 2.12
C ALA F 185 29.71 -37.50 2.26
N ASN F 186 29.27 -37.97 3.42
CA ASN F 186 28.95 -39.38 3.56
C ASN F 186 27.54 -39.66 3.07
N ILE F 187 26.61 -38.73 3.28
CA ILE F 187 25.26 -38.88 2.78
C ILE F 187 24.93 -37.89 1.67
N MET F 188 25.60 -36.73 1.64
CA MET F 188 25.45 -35.77 0.55
C MET F 188 26.65 -35.91 -0.38
N LYS F 189 26.70 -37.02 -1.10
CA LYS F 189 27.92 -37.44 -1.78
C LYS F 189 28.28 -36.48 -2.92
N LEU F 190 27.35 -36.27 -3.84
CA LEU F 190 27.64 -35.35 -4.94
C LEU F 190 27.81 -33.92 -4.44
N GLY F 191 26.89 -33.47 -3.58
CA GLY F 191 26.85 -32.08 -3.16
C GLY F 191 28.04 -31.62 -2.35
N ASP F 192 28.33 -32.30 -1.24
CA ASP F 192 29.39 -31.89 -0.33
C ASP F 192 30.72 -32.53 -0.67
N GLY F 193 30.72 -33.70 -1.33
CA GLY F 193 31.92 -34.17 -1.97
C GLY F 193 32.49 -33.14 -2.92
N LEU F 194 31.62 -32.43 -3.62
CA LEU F 194 32.07 -31.34 -4.48
C LEU F 194 32.73 -30.24 -3.67
N PHE F 195 32.17 -29.92 -2.49
CA PHE F 195 32.83 -28.99 -1.57
C PHE F 195 34.07 -29.62 -0.96
N LEU F 196 33.97 -30.86 -0.49
CA LEU F 196 35.13 -31.50 0.13
C LEU F 196 36.31 -31.54 -0.84
N GLN F 197 36.05 -31.79 -2.14
CA GLN F 197 37.12 -31.90 -3.13
C GLN F 197 37.76 -30.54 -3.42
N CYS F 198 36.96 -29.47 -3.48
CA CYS F 198 37.52 -28.14 -3.66
C CYS F 198 38.48 -27.74 -2.55
N CYS F 199 38.25 -28.25 -1.34
CA CYS F 199 39.13 -27.87 -0.25
C CYS F 199 40.47 -28.59 -0.36
N GLU F 200 40.45 -29.88 -0.70
CA GLU F 200 41.69 -30.62 -0.90
C GLU F 200 42.52 -30.03 -2.02
N GLU F 201 41.86 -29.49 -3.05
CA GLU F 201 42.56 -28.82 -4.13
C GLU F 201 43.38 -27.63 -3.61
N VAL F 202 42.71 -26.66 -2.99
CA VAL F 202 43.39 -25.46 -2.51
C VAL F 202 44.23 -25.69 -1.26
N ALA F 203 44.10 -26.87 -0.64
CA ALA F 203 44.95 -27.18 0.50
C ALA F 203 46.39 -27.37 0.05
N GLU F 204 46.58 -27.87 -1.18
CA GLU F 204 47.93 -28.11 -1.70
C GLU F 204 48.70 -26.79 -1.84
N LEU F 205 48.07 -25.77 -2.43
CA LEU F 205 48.73 -24.48 -2.64
C LEU F 205 49.14 -23.79 -1.33
N TYR F 206 48.72 -24.32 -0.16
CA TYR F 206 49.02 -23.76 1.16
C TYR F 206 49.65 -24.88 2.00
N PRO F 207 50.91 -25.19 1.78
CA PRO F 207 51.51 -26.41 2.39
C PRO F 207 51.92 -26.19 3.84
N LYS F 208 52.16 -24.94 4.20
CA LYS F 208 52.58 -24.61 5.55
C LYS F 208 51.38 -24.50 6.50
N ILE F 209 50.26 -25.16 6.15
CA ILE F 209 48.99 -25.16 6.89
C ILE F 209 48.49 -26.60 6.96
N LYS F 210 48.43 -27.16 8.17
CA LYS F 210 47.87 -28.51 8.32
C LYS F 210 46.42 -28.50 7.86
N PHE F 211 45.95 -29.64 7.35
CA PHE F 211 44.58 -29.70 6.83
C PHE F 211 44.00 -31.09 7.09
N GLU F 212 42.98 -31.13 7.94
CA GLU F 212 42.24 -32.35 8.17
C GLU F 212 40.79 -32.11 7.79
N THR F 213 40.02 -33.19 7.75
CA THR F 213 38.60 -33.11 7.48
C THR F 213 37.85 -33.78 8.62
N MET F 214 36.54 -33.54 8.64
CA MET F 214 35.72 -34.12 9.68
C MET F 214 34.28 -34.12 9.19
N ILE F 215 33.51 -35.11 9.66
CA ILE F 215 32.09 -35.19 9.36
C ILE F 215 31.35 -34.28 10.32
N ILE F 216 30.28 -33.63 9.83
CA ILE F 216 29.58 -32.62 10.62
C ILE F 216 28.94 -33.22 11.87
N ASP F 217 28.51 -34.49 11.82
CA ASP F 217 27.91 -35.11 13.00
C ASP F 217 28.92 -35.23 14.13
N ASN F 218 30.16 -35.58 13.81
CA ASN F 218 31.23 -35.63 14.82
C ASN F 218 31.62 -34.23 15.25
N CYS F 219 31.71 -33.30 14.31
CA CYS F 219 32.16 -31.95 14.61
C CYS F 219 31.37 -31.34 15.77
N CYS F 220 30.05 -31.52 15.76
CA CYS F 220 29.22 -30.88 16.78
C CYS F 220 29.44 -31.50 18.13
N MET F 221 29.49 -32.83 18.18
CA MET F 221 29.96 -33.50 19.38
C MET F 221 31.34 -32.98 19.80
N GLN F 222 32.29 -32.93 18.85
CA GLN F 222 33.66 -32.55 19.20
C GLN F 222 33.74 -31.11 19.70
N LEU F 223 32.95 -30.19 19.12
CA LEU F 223 32.97 -28.81 19.58
C LEU F 223 32.58 -28.66 21.04
N VAL F 224 31.63 -29.47 21.52
CA VAL F 224 31.16 -29.29 22.89
C VAL F 224 31.94 -30.18 23.86
N GLN F 225 32.47 -31.30 23.40
CA GLN F 225 33.24 -32.17 24.29
C GLN F 225 34.72 -31.77 24.38
N ASN F 226 35.31 -31.31 23.30
CA ASN F 226 36.70 -30.86 23.34
C ASN F 226 36.93 -29.95 22.14
N PRO F 227 36.55 -28.68 22.23
CA PRO F 227 36.76 -27.76 21.11
C PRO F 227 38.20 -27.32 20.96
N TYR F 228 39.09 -27.83 21.78
CA TYR F 228 40.45 -27.30 21.80
C TYR F 228 41.31 -27.86 20.67
N GLN F 229 40.84 -28.91 20.00
CA GLN F 229 41.57 -29.49 18.88
C GLN F 229 41.58 -28.56 17.67
N PHE F 230 40.42 -27.99 17.34
CA PHE F 230 40.27 -27.20 16.13
C PHE F 230 41.02 -25.89 16.23
N ASP F 231 41.28 -25.29 15.07
CA ASP F 231 41.92 -23.99 14.99
C ASP F 231 41.05 -23.11 14.10
N VAL F 232 41.07 -23.39 12.80
CA VAL F 232 40.14 -22.77 11.86
C VAL F 232 39.25 -23.87 11.29
N LEU F 233 37.96 -23.59 11.24
CA LEU F 233 36.95 -24.49 10.69
C LEU F 233 36.35 -23.80 9.48
N VAL F 234 36.24 -24.55 8.38
CA VAL F 234 35.54 -24.08 7.20
C VAL F 234 34.47 -25.10 6.89
N MET F 235 33.30 -24.63 6.48
CA MET F 235 32.20 -25.53 6.14
C MET F 235 31.31 -24.88 5.09
N PRO F 236 30.48 -25.65 4.40
CA PRO F 236 29.50 -25.06 3.49
C PRO F 236 28.23 -24.71 4.26
N ASN F 237 27.40 -23.87 3.63
CA ASN F 237 26.17 -23.42 4.25
C ASN F 237 25.13 -24.51 4.29
N LEU F 238 25.52 -25.71 4.74
CA LEU F 238 24.57 -26.81 4.84
C LEU F 238 23.40 -26.46 5.75
N TYR F 239 23.71 -25.96 6.94
CA TYR F 239 22.69 -25.80 7.97
C TYR F 239 22.57 -24.38 8.45
N GLY F 240 23.18 -23.43 7.76
CA GLY F 240 23.02 -22.04 8.14
C GLY F 240 23.85 -21.68 9.36
N ASN F 241 23.30 -20.79 10.18
CA ASN F 241 24.02 -20.18 11.27
C ASN F 241 24.25 -21.13 12.44
N ILE F 242 23.94 -22.42 12.29
CA ILE F 242 23.71 -23.29 13.45
C ILE F 242 24.99 -23.56 14.20
N ILE F 243 26.09 -23.81 13.48
CA ILE F 243 27.36 -24.08 14.17
C ILE F 243 27.96 -22.80 14.75
N ASP F 244 27.73 -21.65 14.13
CA ASP F 244 28.15 -20.38 14.73
C ASP F 244 27.50 -20.22 16.09
N ASN F 245 26.19 -20.45 16.15
CA ASN F 245 25.47 -20.23 17.41
C ASN F 245 25.90 -21.23 18.45
N LEU F 246 26.06 -22.51 18.07
CA LEU F 246 26.57 -23.52 18.99
C LEU F 246 27.92 -23.09 19.58
N ALA F 247 28.90 -22.84 18.72
CA ALA F 247 30.21 -22.45 19.23
C ALA F 247 30.12 -21.17 20.05
N ALA F 248 29.28 -20.22 19.64
CA ALA F 248 29.18 -18.98 20.41
C ALA F 248 28.69 -19.23 21.83
N GLY F 249 27.94 -20.30 22.05
CA GLY F 249 27.60 -20.63 23.42
C GLY F 249 28.78 -21.04 24.27
N LEU F 250 29.83 -21.58 23.67
CA LEU F 250 30.95 -22.09 24.42
C LEU F 250 31.66 -20.98 25.20
N VAL F 251 31.56 -19.76 24.70
CA VAL F 251 32.43 -18.65 25.07
C VAL F 251 31.64 -17.49 25.66
N GLY F 252 30.33 -17.64 25.83
CA GLY F 252 29.59 -16.61 26.55
C GLY F 252 28.33 -16.13 25.87
N GLY F 253 28.08 -16.59 24.65
CA GLY F 253 26.84 -16.29 23.96
C GLY F 253 26.89 -15.01 23.12
N ALA F 254 25.69 -14.63 22.67
CA ALA F 254 25.56 -13.64 21.60
C ALA F 254 26.01 -12.27 22.04
N GLY F 255 26.03 -11.99 23.34
CA GLY F 255 26.47 -10.68 23.79
C GLY F 255 27.96 -10.41 23.66
N VAL F 256 28.77 -11.42 23.33
CA VAL F 256 30.23 -11.22 23.36
C VAL F 256 30.94 -11.63 22.09
N VAL F 257 30.32 -12.41 21.20
CA VAL F 257 31.02 -13.07 20.09
C VAL F 257 30.91 -12.18 18.86
N PRO F 258 32.01 -11.80 18.23
CA PRO F 258 31.91 -10.91 17.07
C PRO F 258 32.00 -11.66 15.77
N GLY F 259 31.43 -11.12 14.70
CA GLY F 259 31.61 -11.71 13.39
C GLY F 259 31.89 -10.65 12.35
N GLU F 260 32.41 -11.10 11.22
CA GLU F 260 32.53 -10.21 10.09
C GLU F 260 32.21 -10.98 8.83
N SER F 261 31.67 -10.26 7.87
CA SER F 261 31.36 -10.85 6.60
C SER F 261 32.14 -10.11 5.51
N TYR F 262 32.69 -10.88 4.57
CA TYR F 262 33.62 -10.39 3.56
C TYR F 262 33.13 -10.68 2.15
N SER F 263 33.29 -9.69 1.28
CA SER F 263 33.10 -9.80 -0.17
C SER F 263 34.46 -10.00 -0.84
N ALA F 264 34.52 -9.75 -2.15
CA ALA F 264 35.82 -9.57 -2.78
C ALA F 264 36.32 -8.14 -2.62
N GLU F 265 35.44 -7.20 -2.26
CA GLU F 265 35.80 -5.81 -2.14
C GLU F 265 35.34 -5.21 -0.81
N TYR F 266 34.28 -5.76 -0.24
CA TYR F 266 33.61 -5.15 0.92
C TYR F 266 33.84 -5.97 2.18
N ALA F 267 34.00 -5.29 3.31
CA ALA F 267 34.08 -5.93 4.61
C ALA F 267 32.97 -5.38 5.49
N VAL F 268 32.10 -6.26 5.99
CA VAL F 268 30.95 -5.86 6.80
C VAL F 268 31.08 -6.49 8.19
N PHE F 269 31.17 -5.65 9.22
CA PHE F 269 31.44 -6.09 10.58
C PHE F 269 30.17 -6.06 11.43
N GLU F 270 29.86 -7.19 12.08
CA GLU F 270 28.59 -7.46 12.71
C GLU F 270 28.83 -8.22 14.01
N THR F 271 27.85 -8.98 14.47
CA THR F 271 28.07 -9.89 15.59
C THR F 271 27.93 -11.32 15.07
N GLY F 272 28.54 -12.27 15.78
CA GLY F 272 28.65 -13.67 15.34
C GLY F 272 27.41 -14.53 15.40
N ALA F 273 26.81 -14.70 16.58
CA ALA F 273 25.59 -15.47 16.74
C ALA F 273 24.39 -14.54 16.54
N ARG F 274 23.64 -14.77 15.46
CA ARG F 274 22.55 -13.87 15.10
C ARG F 274 21.17 -14.52 15.07
N HIS F 275 20.90 -15.41 16.04
CA HIS F 275 19.62 -16.09 16.11
C HIS F 275 18.50 -15.07 16.35
N PRO F 276 17.24 -15.42 16.04
CA PRO F 276 16.20 -14.38 15.95
C PRO F 276 15.99 -13.60 17.24
N PHE F 277 16.29 -14.21 18.40
CA PHE F 277 16.14 -13.63 19.72
C PHE F 277 17.48 -13.26 20.36
N ALA F 278 18.55 -13.13 19.56
CA ALA F 278 19.82 -12.68 20.11
C ALA F 278 19.69 -11.31 20.75
N GLN F 279 19.80 -11.27 22.07
CA GLN F 279 19.67 -10.05 22.87
C GLN F 279 18.34 -9.36 22.56
N ALA F 280 17.27 -10.11 22.83
CA ALA F 280 15.91 -9.61 22.79
C ALA F 280 15.60 -9.13 24.20
N VAL F 281 16.16 -7.98 24.54
CA VAL F 281 16.19 -7.50 25.91
C VAL F 281 15.75 -6.03 25.90
N GLY F 282 15.38 -5.54 27.08
CA GLY F 282 14.82 -4.20 27.20
C GLY F 282 15.87 -3.14 26.98
N ARG F 283 15.40 -1.89 26.84
CA ARG F 283 16.34 -0.79 26.58
C ARG F 283 17.34 -0.72 27.74
N ASN F 284 18.61 -0.52 27.39
CA ASN F 284 19.67 -0.32 28.36
C ASN F 284 19.90 -1.54 29.22
N ILE F 285 19.92 -2.74 28.64
CA ILE F 285 20.31 -3.91 29.43
C ILE F 285 21.18 -4.85 28.56
N ALA F 286 21.36 -4.50 27.29
CA ALA F 286 22.18 -5.27 26.33
C ALA F 286 23.69 -5.15 26.55
N ASN F 287 24.41 -6.22 26.22
CA ASN F 287 25.86 -6.27 26.35
C ASN F 287 26.52 -5.73 25.09
N PRO F 288 27.32 -4.67 25.16
CA PRO F 288 27.97 -4.14 23.94
C PRO F 288 29.33 -4.74 23.61
N THR F 289 29.78 -5.75 24.37
CA THR F 289 31.08 -6.38 24.11
C THR F 289 31.23 -6.79 22.64
N ALA F 290 30.35 -7.67 22.15
CA ALA F 290 30.52 -8.22 20.81
C ALA F 290 30.51 -7.14 19.76
N MET F 291 29.68 -6.12 19.90
CA MET F 291 29.74 -5.06 18.90
C MET F 291 31.08 -4.31 18.96
N LEU F 292 31.53 -3.95 20.17
CA LEU F 292 32.81 -3.27 20.34
C LEU F 292 33.97 -4.12 19.86
N LEU F 293 33.96 -5.41 20.19
CA LEU F 293 35.01 -6.27 19.65
C LEU F 293 34.99 -6.29 18.13
N SER F 294 33.81 -6.44 17.51
CA SER F 294 33.79 -6.35 16.05
C SER F 294 34.30 -5.01 15.57
N ALA F 295 33.82 -3.92 16.18
CA ALA F 295 34.30 -2.60 15.80
C ALA F 295 35.82 -2.52 15.87
N SER F 296 36.42 -3.08 16.93
CA SER F 296 37.87 -3.08 17.03
C SER F 296 38.52 -3.92 15.94
N ASN F 297 37.91 -5.05 15.59
CA ASN F 297 38.39 -5.81 14.44
C ASN F 297 38.33 -4.96 13.18
N MET F 298 37.28 -4.17 13.05
CA MET F 298 37.16 -3.32 11.88
C MET F 298 38.28 -2.29 11.86
N LEU F 299 38.61 -1.73 13.03
CA LEU F 299 39.72 -0.78 13.08
C LEU F 299 41.04 -1.44 12.69
N ARG F 300 41.16 -2.76 12.83
CA ARG F 300 42.37 -3.41 12.35
C ARG F 300 42.34 -3.53 10.85
N HIS F 301 41.18 -3.89 10.30
CA HIS F 301 41.04 -4.00 8.85
C HIS F 301 41.30 -2.67 8.14
N LEU F 302 41.02 -1.56 8.81
CA LEU F 302 41.35 -0.24 8.31
C LEU F 302 42.80 0.12 8.57
N ASN F 303 43.56 -0.78 9.19
CA ASN F 303 44.95 -0.55 9.57
C ASN F 303 45.09 0.54 10.62
N LEU F 304 44.03 0.88 11.31
CA LEU F 304 44.21 1.73 12.48
C LEU F 304 44.63 0.90 13.69
N GLU F 305 45.69 0.10 13.54
CA GLU F 305 46.04 -0.93 14.53
C GLU F 305 46.30 -0.38 15.94
N TYR F 306 46.51 0.93 16.09
CA TYR F 306 46.70 1.45 17.45
C TYR F 306 45.36 1.49 18.18
N HIS F 307 44.38 2.21 17.60
CA HIS F 307 43.06 2.29 18.20
C HIS F 307 42.42 0.91 18.31
N SER F 308 42.54 0.08 17.27
CA SER F 308 41.99 -1.27 17.34
C SER F 308 42.45 -2.01 18.60
N SER F 309 43.77 -2.15 18.74
CA SER F 309 44.31 -2.83 19.91
C SER F 309 43.93 -2.12 21.21
N MET F 310 43.68 -0.81 21.14
CA MET F 310 43.41 -0.04 22.36
C MET F 310 42.01 -0.30 22.85
N ILE F 311 41.02 -0.26 21.93
CA ILE F 311 39.65 -0.64 22.24
C ILE F 311 39.60 -2.03 22.84
N ALA F 312 40.14 -3.03 22.12
CA ALA F 312 40.05 -4.40 22.60
C ALA F 312 40.63 -4.54 23.99
N ASP F 313 41.76 -3.88 24.26
CA ASP F 313 42.45 -4.15 25.52
C ASP F 313 41.72 -3.48 26.67
N ALA F 314 41.02 -2.37 26.40
CA ALA F 314 40.10 -1.77 27.36
C ALA F 314 38.90 -2.69 27.66
N VAL F 315 38.18 -3.17 26.64
CA VAL F 315 37.01 -3.95 26.97
C VAL F 315 37.39 -5.27 27.66
N LYS F 316 38.47 -5.93 27.21
CA LYS F 316 38.87 -7.15 27.90
C LYS F 316 39.28 -6.88 29.35
N LYS F 317 39.94 -5.75 29.61
CA LYS F 317 40.41 -5.46 30.96
C LYS F 317 39.24 -5.14 31.88
N VAL F 318 38.25 -4.41 31.35
CA VAL F 318 37.04 -4.11 32.09
C VAL F 318 36.29 -5.40 32.46
N ILE F 319 36.20 -6.37 31.55
CA ILE F 319 35.50 -7.56 31.96
C ILE F 319 36.41 -8.56 32.65
N LYS F 320 37.72 -8.29 32.73
CA LYS F 320 38.54 -9.18 33.55
C LYS F 320 38.55 -8.76 35.00
N VAL F 321 38.63 -7.46 35.24
CA VAL F 321 38.59 -6.96 36.60
C VAL F 321 37.30 -7.37 37.29
N GLY F 322 36.17 -7.24 36.59
CA GLY F 322 34.90 -7.75 37.09
C GLY F 322 34.08 -6.76 37.87
N LYS F 323 34.47 -5.49 37.88
CA LYS F 323 33.70 -4.51 38.64
C LYS F 323 32.37 -4.23 37.96
N VAL F 324 32.37 -4.10 36.63
CA VAL F 324 31.17 -3.81 35.85
C VAL F 324 30.91 -4.98 34.91
N ARG F 325 29.72 -5.56 35.01
CA ARG F 325 29.29 -6.65 34.15
C ARG F 325 27.82 -6.47 33.84
N THR F 326 27.44 -6.83 32.62
CA THR F 326 26.06 -6.86 32.20
C THR F 326 25.39 -8.14 32.73
N SER F 327 24.07 -8.25 32.52
CA SER F 327 23.32 -9.40 33.03
C SER F 327 23.84 -10.72 32.45
N ASP F 328 24.04 -10.81 31.14
CA ASP F 328 24.53 -12.08 30.59
C ASP F 328 25.84 -12.50 31.25
N MET F 329 26.70 -11.55 31.57
CA MET F 329 27.99 -11.93 32.15
C MET F 329 27.94 -12.14 33.65
N GLY F 330 26.76 -12.09 34.27
CA GLY F 330 26.61 -12.38 35.68
C GLY F 330 26.52 -11.20 36.62
N GLY F 331 26.46 -9.97 36.09
CA GLY F 331 26.43 -8.78 36.90
C GLY F 331 25.08 -8.07 36.83
N TYR F 332 25.02 -6.92 37.51
CA TYR F 332 23.77 -6.15 37.53
C TYR F 332 23.91 -4.81 36.82
N ALA F 333 25.01 -4.58 36.10
CA ALA F 333 25.27 -3.29 35.51
C ALA F 333 24.51 -3.10 34.21
N THR F 334 24.13 -1.87 33.95
CA THR F 334 23.36 -1.59 32.77
C THR F 334 24.28 -1.42 31.57
N CYS F 335 23.67 -1.20 30.42
CA CYS F 335 24.47 -1.05 29.22
C CYS F 335 25.25 0.25 29.24
N HIS F 336 24.59 1.35 29.64
CA HIS F 336 25.28 2.63 29.77
C HIS F 336 26.38 2.54 30.83
N ASP F 337 26.10 1.86 31.95
CA ASP F 337 27.12 1.71 32.97
C ASP F 337 28.33 1.00 32.42
N PHE F 338 28.12 -0.02 31.60
CA PHE F 338 29.26 -0.77 31.09
C PHE F 338 29.99 -0.02 29.98
N THR F 339 29.29 0.70 29.09
CA THR F 339 30.04 1.45 28.08
C THR F 339 30.74 2.67 28.67
N GLU F 340 30.25 3.20 29.79
CA GLU F 340 30.91 4.35 30.37
C GLU F 340 32.20 3.92 31.07
N GLU F 341 32.26 2.70 31.60
CA GLU F 341 33.48 2.24 32.21
C GLU F 341 34.56 2.00 31.16
N ILE F 342 34.16 1.56 29.97
CA ILE F 342 35.14 1.34 28.91
C ILE F 342 35.62 2.68 28.36
N CYS F 343 34.75 3.69 28.32
CA CYS F 343 35.23 5.02 27.99
C CYS F 343 36.20 5.51 29.04
N ARG F 344 35.92 5.26 30.31
CA ARG F 344 36.86 5.63 31.36
C ARG F 344 38.23 5.01 31.13
N ARG F 345 38.30 3.68 30.90
CA ARG F 345 39.62 3.06 30.75
C ARG F 345 40.29 3.44 29.44
N VAL F 346 39.51 3.66 28.39
CA VAL F 346 40.15 3.99 27.12
C VAL F 346 40.59 5.45 27.07
N LYS F 347 39.99 6.36 27.85
CA LYS F 347 40.56 7.68 27.90
C LYS F 347 41.77 7.70 28.84
N ASP F 348 41.77 6.82 29.85
CA ASP F 348 42.97 6.69 30.69
C ASP F 348 44.14 6.10 29.90
N LEU F 349 43.83 5.26 28.92
CA LEU F 349 44.86 4.63 28.10
C LEU F 349 45.39 5.53 26.99
N ASP F 350 44.73 6.64 26.73
CA ASP F 350 45.24 7.69 25.84
C ASP F 350 46.10 8.70 26.59
N GLU F 351 45.68 9.10 27.80
CA GLU F 351 46.42 10.09 28.59
C GLU F 351 47.69 9.52 29.21
N ASN F 352 47.82 8.19 29.31
CA ASN F 352 49.01 7.54 29.87
C ASN F 352 49.48 6.38 28.96
N LEU F 353 49.68 6.68 27.66
CA LEU F 353 50.01 5.71 26.60
C LEU F 353 51.46 5.23 26.60
N TYR F 354 52.41 6.05 27.12
CA TYR F 354 53.88 5.93 26.97
C TYR F 354 54.37 6.06 25.51
N GLY G 5 -3.28 53.18 73.54
CA GLY G 5 -3.62 54.39 72.81
C GLY G 5 -4.49 54.16 71.58
N VAL G 6 -4.46 55.09 70.63
CA VAL G 6 -5.22 55.01 69.38
C VAL G 6 -4.22 55.16 68.24
N GLN G 7 -3.83 54.05 67.61
CA GLN G 7 -2.89 54.08 66.50
C GLN G 7 -3.56 54.60 65.23
N THR G 8 -2.79 55.32 64.42
CA THR G 8 -3.26 55.84 63.14
C THR G 8 -2.54 55.14 61.98
N VAL G 9 -3.09 55.30 60.78
CA VAL G 9 -2.68 54.51 59.62
C VAL G 9 -3.11 55.23 58.34
N THR G 10 -2.27 55.15 57.31
CA THR G 10 -2.57 55.77 56.02
C THR G 10 -3.65 54.98 55.27
N LEU G 11 -4.72 55.67 54.89
CA LEU G 11 -5.78 55.09 54.06
C LEU G 11 -5.77 55.75 52.68
N ILE G 12 -5.38 54.99 51.67
CA ILE G 12 -5.44 55.44 50.28
C ILE G 12 -6.75 54.96 49.69
N PRO G 13 -7.73 55.84 49.43
CA PRO G 13 -9.01 55.36 48.89
C PRO G 13 -8.86 54.67 47.56
N GLY G 14 -8.18 55.29 46.61
CA GLY G 14 -7.90 54.68 45.33
C GLY G 14 -8.92 55.02 44.27
N ASP G 15 -8.78 54.36 43.12
CA ASP G 15 -9.61 54.64 41.96
C ASP G 15 -10.67 53.56 41.77
N GLY G 16 -11.57 53.83 40.83
CA GLY G 16 -12.64 52.91 40.47
C GLY G 16 -13.59 52.58 41.61
N ILE G 17 -13.63 51.31 42.01
CA ILE G 17 -14.43 50.91 43.17
C ILE G 17 -13.71 51.14 44.49
N GLY G 18 -12.52 51.75 44.46
CA GLY G 18 -11.78 52.07 45.66
C GLY G 18 -12.50 52.92 46.68
N PRO G 19 -13.03 54.09 46.28
CA PRO G 19 -13.68 54.99 47.26
C PRO G 19 -14.89 54.38 47.95
N GLU G 20 -15.58 53.44 47.30
CA GLU G 20 -16.81 52.87 47.85
C GLU G 20 -16.52 51.78 48.87
N ILE G 21 -15.52 50.95 48.60
CA ILE G 21 -15.13 49.93 49.57
C ILE G 21 -14.24 50.54 50.65
N SER G 22 -13.47 51.58 50.33
CA SER G 22 -12.75 52.30 51.37
C SER G 22 -13.71 52.89 52.39
N ALA G 23 -14.84 53.43 51.93
CA ALA G 23 -15.88 53.92 52.83
C ALA G 23 -16.48 52.79 53.64
N ALA G 24 -16.66 51.62 53.02
CA ALA G 24 -17.34 50.52 53.69
C ALA G 24 -16.49 49.99 54.84
N VAL G 25 -15.17 49.97 54.69
CA VAL G 25 -14.31 49.40 55.74
C VAL G 25 -14.05 50.38 56.88
N MET G 26 -14.20 51.68 56.64
CA MET G 26 -14.10 52.67 57.70
C MET G 26 -15.36 52.69 58.57
N LYS G 27 -16.53 52.75 57.93
CA LYS G 27 -17.80 52.71 58.63
C LYS G 27 -17.89 51.49 59.53
N ILE G 28 -17.50 50.32 59.02
CA ILE G 28 -17.53 49.09 59.80
C ILE G 28 -16.56 49.18 60.97
N PHE G 29 -15.40 49.80 60.73
CA PHE G 29 -14.42 49.97 61.80
C PHE G 29 -14.94 50.91 62.88
N ASP G 30 -15.64 51.98 62.50
CA ASP G 30 -16.22 52.87 63.50
C ASP G 30 -17.26 52.12 64.34
N ALA G 31 -18.08 51.27 63.71
CA ALA G 31 -19.01 50.43 64.45
C ALA G 31 -18.29 49.55 65.47
N ALA G 32 -17.11 49.03 65.12
CA ALA G 32 -16.32 48.20 66.02
C ALA G 32 -15.52 49.03 67.02
N LYS G 33 -15.55 50.36 66.90
CA LYS G 33 -14.82 51.24 67.79
C LYS G 33 -13.35 50.84 67.84
N ALA G 34 -12.77 50.58 66.67
CA ALA G 34 -11.40 50.11 66.61
C ALA G 34 -10.44 51.29 66.82
N PRO G 35 -9.36 51.12 67.65
CA PRO G 35 -8.46 52.24 67.94
C PRO G 35 -7.64 52.68 66.74
N ILE G 36 -8.31 53.12 65.67
CA ILE G 36 -7.69 53.44 64.39
C ILE G 36 -8.14 54.81 63.91
N GLN G 37 -7.18 55.71 63.71
CA GLN G 37 -7.38 56.99 63.05
C GLN G 37 -6.98 56.84 61.58
N TRP G 38 -7.82 57.35 60.68
CA TRP G 38 -7.55 57.27 59.25
C TRP G 38 -7.03 58.61 58.75
N GLU G 39 -5.77 58.62 58.31
CA GLU G 39 -5.17 59.80 57.69
C GLU G 39 -5.32 59.65 56.18
N GLU G 40 -6.45 60.13 55.64
CA GLU G 40 -6.80 59.95 54.23
C GLU G 40 -5.84 60.72 53.31
N ARG G 41 -5.03 59.98 52.56
CA ARG G 41 -4.09 60.55 51.62
C ARG G 41 -4.40 60.04 50.21
N ASN G 42 -3.95 60.79 49.21
CA ASN G 42 -4.15 60.42 47.82
C ASN G 42 -2.83 59.98 47.19
N VAL G 43 -2.91 59.10 46.19
CA VAL G 43 -1.74 58.75 45.38
C VAL G 43 -2.17 58.65 43.92
N THR G 44 -1.68 59.58 43.10
CA THR G 44 -1.73 59.56 41.64
C THR G 44 -0.30 59.72 41.12
N ALA G 45 -0.11 59.59 39.82
CA ALA G 45 1.25 59.56 39.26
C ALA G 45 1.71 60.98 38.98
N ILE G 46 2.43 61.57 39.93
CA ILE G 46 3.06 62.86 39.73
C ILE G 46 4.44 62.62 39.12
N GLN G 47 4.71 63.25 37.98
CA GLN G 47 5.97 63.06 37.27
C GLN G 47 7.02 64.01 37.83
N GLY G 48 8.16 63.46 38.26
CA GLY G 48 9.17 64.20 38.99
C GLY G 48 10.00 65.17 38.14
N PRO G 49 11.00 65.80 38.77
CA PRO G 49 11.84 66.74 38.03
C PRO G 49 12.65 66.08 36.92
N GLY G 50 13.37 65.01 37.22
CA GLY G 50 14.14 64.29 36.23
C GLY G 50 13.33 63.40 35.30
N GLY G 51 11.99 63.47 35.35
CA GLY G 51 11.14 62.61 34.56
C GLY G 51 10.74 61.32 35.23
N LYS G 52 11.47 60.89 36.26
CA LYS G 52 11.15 59.66 36.97
C LYS G 52 9.85 59.80 37.75
N TRP G 53 8.97 58.82 37.63
CA TRP G 53 7.67 58.88 38.29
C TRP G 53 7.83 58.70 39.80
N MET G 54 7.27 59.63 40.55
CA MET G 54 7.34 59.63 42.01
C MET G 54 5.93 59.64 42.59
N ILE G 55 5.81 59.15 43.82
CA ILE G 55 4.54 59.19 44.54
C ILE G 55 4.33 60.60 45.08
N PRO G 56 3.09 61.05 45.28
CA PRO G 56 2.88 62.38 45.86
C PRO G 56 3.54 62.49 47.22
N SER G 57 4.26 63.59 47.44
CA SER G 57 4.99 63.78 48.69
C SER G 57 4.07 63.87 49.90
N GLU G 58 2.80 64.25 49.71
CA GLU G 58 1.86 64.31 50.82
C GLU G 58 1.45 62.92 51.32
N ALA G 59 1.61 61.89 50.49
CA ALA G 59 1.37 60.50 50.89
C ALA G 59 2.63 59.77 51.34
N LYS G 60 3.80 60.12 50.80
CA LYS G 60 5.05 59.51 51.24
C LYS G 60 5.40 59.93 52.66
N GLU G 61 5.15 61.19 53.02
CA GLU G 61 5.38 61.63 54.38
C GLU G 61 4.38 60.99 55.36
N SER G 62 3.19 60.63 54.87
CA SER G 62 2.19 59.98 55.72
C SER G 62 2.64 58.58 56.12
N MET G 63 3.19 57.81 55.19
CA MET G 63 3.57 56.44 55.51
C MET G 63 4.84 56.39 56.38
N ASP G 64 5.78 57.31 56.16
CA ASP G 64 7.00 57.32 56.97
C ASP G 64 6.71 57.61 58.44
N LYS G 65 5.61 58.31 58.74
CA LYS G 65 5.19 58.55 60.12
C LYS G 65 4.42 57.37 60.71
N ASN G 66 3.51 56.77 59.93
CA ASN G 66 2.65 55.70 60.44
C ASN G 66 3.25 54.31 60.22
N LYS G 67 3.90 54.07 59.08
CA LYS G 67 4.48 52.78 58.70
C LYS G 67 3.41 51.68 58.57
N MET G 68 2.17 52.07 58.32
CA MET G 68 1.06 51.16 58.16
C MET G 68 0.11 51.74 57.12
N GLY G 69 -0.41 50.88 56.26
CA GLY G 69 -1.28 51.34 55.19
C GLY G 69 -2.38 50.36 54.87
N LEU G 70 -3.51 50.90 54.40
CA LEU G 70 -4.62 50.10 53.87
C LEU G 70 -5.08 50.83 52.61
N LYS G 71 -4.69 50.34 51.44
CA LYS G 71 -4.93 51.04 50.19
C LYS G 71 -5.91 50.28 49.31
N GLY G 72 -6.67 51.03 48.52
CA GLY G 72 -7.63 50.46 47.61
C GLY G 72 -6.97 50.10 46.29
N PRO G 73 -7.77 49.70 45.31
CA PRO G 73 -7.21 49.41 43.97
C PRO G 73 -6.94 50.69 43.19
N LEU G 74 -5.73 50.78 42.64
CA LEU G 74 -5.30 51.92 41.83
C LEU G 74 -5.31 51.53 40.37
N LYS G 75 -5.80 52.44 39.52
CA LYS G 75 -5.85 52.19 38.10
C LYS G 75 -4.49 52.44 37.46
N THR G 76 -4.03 51.47 36.67
CA THR G 76 -2.84 51.57 35.85
C THR G 76 -3.27 51.47 34.39
N PRO G 77 -2.92 52.45 33.56
CA PRO G 77 -3.42 52.44 32.17
C PRO G 77 -2.77 51.34 31.34
N ILE G 78 -3.57 50.71 30.48
CA ILE G 78 -3.10 49.66 29.60
C ILE G 78 -2.25 50.26 28.49
N ALA G 79 -1.08 49.65 28.24
CA ALA G 79 -0.12 50.04 27.19
C ALA G 79 0.42 51.44 27.48
N ALA G 80 0.19 52.43 26.62
CA ALA G 80 0.74 53.76 26.80
C ALA G 80 0.18 54.42 28.05
N GLY G 81 1.06 54.86 28.93
CA GLY G 81 0.66 55.50 30.17
C GLY G 81 1.77 55.37 31.20
N HIS G 82 1.47 55.84 32.40
CA HIS G 82 2.42 55.81 33.50
C HIS G 82 2.57 54.39 34.05
N PRO G 83 3.73 54.05 34.62
CA PRO G 83 3.91 52.71 35.22
C PRO G 83 3.00 52.51 36.42
N SER G 84 2.83 51.24 36.78
CA SER G 84 1.90 50.89 37.86
C SER G 84 2.36 51.53 39.17
N MET G 85 1.41 52.16 39.86
CA MET G 85 1.71 52.80 41.12
C MET G 85 1.88 51.78 42.24
N ASN G 86 1.35 50.57 42.05
CA ASN G 86 1.53 49.53 43.06
C ASN G 86 2.96 49.02 43.05
N LEU G 87 3.53 48.79 41.86
CA LEU G 87 4.93 48.42 41.77
C LEU G 87 5.82 49.55 42.28
N LEU G 88 5.40 50.79 42.03
CA LEU G 88 6.08 51.95 42.57
C LEU G 88 5.97 52.00 44.09
N LEU G 89 4.77 51.69 44.62
CA LEU G 89 4.55 51.75 46.06
C LEU G 89 5.31 50.65 46.79
N ARG G 90 5.33 49.45 46.23
CA ARG G 90 5.97 48.32 46.90
C ARG G 90 7.48 48.47 46.95
N LYS G 91 8.07 49.04 45.88
CA LYS G 91 9.53 49.12 45.82
C LYS G 91 10.07 50.27 46.66
N THR G 92 9.34 51.38 46.78
CA THR G 92 9.84 52.53 47.53
C THR G 92 9.86 52.30 49.03
N PHE G 93 9.04 51.38 49.55
CA PHE G 93 9.01 51.04 50.97
C PHE G 93 9.67 49.70 51.28
N ASP G 94 10.26 49.04 50.28
CA ASP G 94 10.93 47.76 50.47
C ASP G 94 10.00 46.73 51.10
N LEU G 95 8.77 46.65 50.58
CA LEU G 95 7.82 45.60 50.95
C LEU G 95 8.12 44.38 50.08
N TYR G 96 9.19 43.67 50.45
CA TYR G 96 9.76 42.57 49.67
C TYR G 96 8.98 41.26 49.72
N ALA G 97 7.84 41.18 50.43
CA ALA G 97 7.07 39.94 50.48
C ALA G 97 5.59 40.26 50.31
N ASN G 98 4.96 39.67 49.30
CA ASN G 98 3.53 39.81 49.08
C ASN G 98 2.86 38.53 49.56
N VAL G 99 2.03 38.65 50.59
CA VAL G 99 1.32 37.52 51.19
C VAL G 99 -0.13 37.54 50.74
N ARG G 100 -0.60 36.43 50.18
CA ARG G 100 -1.99 36.29 49.76
C ARG G 100 -2.50 34.96 50.33
N PRO G 101 -3.33 35.01 51.37
CA PRO G 101 -3.86 33.76 51.93
C PRO G 101 -5.19 33.40 51.30
N CYS G 102 -5.39 32.10 51.12
CA CYS G 102 -6.62 31.54 50.57
C CYS G 102 -7.16 30.52 51.56
N VAL G 103 -8.16 30.93 52.34
CA VAL G 103 -8.96 30.00 53.12
C VAL G 103 -10.40 30.18 52.73
N SER G 104 -11.15 29.08 52.77
CA SER G 104 -12.51 29.13 52.27
C SER G 104 -13.43 29.83 53.25
N ILE G 105 -14.53 30.36 52.71
CA ILE G 105 -15.56 31.04 53.49
C ILE G 105 -16.61 30.01 53.85
N GLU G 106 -16.65 29.60 55.13
CA GLU G 106 -17.61 28.58 55.57
C GLU G 106 -19.03 28.86 55.08
N GLY G 107 -19.43 30.12 55.01
CA GLY G 107 -20.79 30.42 54.59
C GLY G 107 -21.01 30.24 53.11
N TYR G 108 -20.03 30.62 52.30
CA TYR G 108 -20.17 30.64 50.85
C TYR G 108 -19.69 29.32 50.28
N LYS G 109 -20.61 28.57 49.67
CA LYS G 109 -20.26 27.28 49.10
C LYS G 109 -19.65 27.47 47.71
N THR G 110 -18.54 26.79 47.47
CA THR G 110 -17.83 26.81 46.21
C THR G 110 -17.37 25.38 45.90
N PRO G 111 -17.19 25.03 44.60
CA PRO G 111 -16.81 23.65 44.26
C PRO G 111 -15.59 23.10 44.98
N TYR G 112 -14.84 23.95 45.68
CA TYR G 112 -13.70 23.50 46.45
C TYR G 112 -14.02 23.65 47.94
N THR G 113 -13.63 22.66 48.73
CA THR G 113 -13.96 22.65 50.15
C THR G 113 -12.69 22.59 50.98
N ASP G 114 -12.63 23.48 51.99
CA ASP G 114 -11.58 23.45 53.00
C ASP G 114 -10.21 23.61 52.36
N VAL G 115 -10.02 24.71 51.64
CA VAL G 115 -8.69 25.05 51.13
C VAL G 115 -8.06 26.03 52.10
N ASN G 116 -6.74 25.92 52.25
CA ASN G 116 -6.00 26.79 53.16
C ASN G 116 -4.57 26.89 52.62
N ILE G 117 -4.29 27.99 51.94
CA ILE G 117 -3.04 28.15 51.19
C ILE G 117 -2.53 29.57 51.38
N VAL G 118 -1.23 29.71 51.57
CA VAL G 118 -0.58 31.02 51.66
C VAL G 118 0.44 31.10 50.53
N THR G 119 0.28 32.12 49.68
CA THR G 119 1.20 32.40 48.57
C THR G 119 2.18 33.48 49.02
N ILE G 120 3.43 33.09 49.24
CA ILE G 120 4.50 34.01 49.61
C ILE G 120 5.33 34.30 48.37
N ARG G 121 5.02 35.42 47.71
CA ARG G 121 5.68 35.88 46.48
C ARG G 121 6.66 37.00 46.78
N GLU G 122 7.79 36.97 46.09
CA GLU G 122 8.77 38.04 46.16
C GLU G 122 8.23 39.28 45.44
N ASN G 123 8.44 40.42 46.08
CA ASN G 123 7.79 41.68 45.64
C ASN G 123 8.77 42.75 45.16
N THR G 124 10.07 42.50 45.04
CA THR G 124 10.90 43.65 44.60
C THR G 124 11.63 43.39 43.27
N GLU G 125 12.10 42.17 43.05
CA GLU G 125 12.86 41.83 41.82
C GLU G 125 11.92 41.31 40.72
N GLY G 126 12.48 40.59 39.76
CA GLY G 126 11.73 39.99 38.65
C GLY G 126 11.05 41.01 37.76
N GLU G 127 9.78 40.81 37.44
CA GLU G 127 9.09 41.74 36.51
C GLU G 127 9.01 43.15 37.08
N TYR G 128 8.85 43.30 38.39
CA TYR G 128 8.85 44.66 38.98
C TYR G 128 10.22 45.29 38.76
N SER G 129 11.28 44.54 39.03
CA SER G 129 12.64 45.10 38.87
C SER G 129 13.07 44.95 37.44
N GLY G 130 12.54 45.79 36.54
CA GLY G 130 12.94 45.62 35.15
C GLY G 130 12.80 46.85 34.30
N ILE G 131 13.47 46.80 33.16
CA ILE G 131 13.47 47.86 32.13
C ILE G 131 12.97 47.18 30.86
N GLU G 132 12.03 47.80 30.15
CA GLU G 132 11.49 47.26 28.88
C GLU G 132 11.82 48.29 27.83
N HIS G 133 12.34 47.89 26.67
CA HIS G 133 12.70 48.90 25.64
C HIS G 133 12.61 48.29 24.26
N VAL G 134 12.56 49.13 23.22
CA VAL G 134 12.49 48.66 21.81
C VAL G 134 13.91 48.51 21.27
N ILE G 135 14.18 47.40 20.61
CA ILE G 135 15.50 47.06 20.07
C ILE G 135 15.62 47.52 18.62
N VAL G 136 14.69 47.09 17.76
CA VAL G 136 14.54 47.60 16.39
C VAL G 136 13.06 47.79 16.13
N ASP G 137 12.68 48.12 14.89
CA ASP G 137 11.27 48.37 14.60
C ASP G 137 10.43 47.12 14.79
N GLY G 138 9.56 47.13 15.80
CA GLY G 138 8.70 46.00 16.06
C GLY G 138 9.29 44.88 16.89
N VAL G 139 10.47 45.07 17.46
CA VAL G 139 11.05 44.11 18.39
C VAL G 139 11.17 44.78 19.75
N VAL G 140 10.55 44.18 20.77
CA VAL G 140 10.62 44.69 22.14
C VAL G 140 11.44 43.71 22.97
N GLN G 141 12.27 44.25 23.84
CA GLN G 141 13.08 43.43 24.72
C GLN G 141 12.85 43.87 26.15
N SER G 142 12.66 42.91 27.05
CA SER G 142 12.49 43.22 28.47
C SER G 142 13.63 42.58 29.24
N ILE G 143 14.18 43.34 30.19
CA ILE G 143 15.26 42.86 31.05
C ILE G 143 14.70 42.74 32.44
N LYS G 144 14.63 41.51 32.93
CA LYS G 144 14.23 41.25 34.30
C LYS G 144 15.45 40.65 35.01
N LEU G 145 15.63 40.98 36.29
CA LEU G 145 16.77 40.44 37.03
C LEU G 145 16.35 40.08 38.43
N ILE G 146 17.01 39.05 38.99
CA ILE G 146 16.78 38.67 40.38
C ILE G 146 18.14 38.45 41.03
N THR G 147 18.24 38.80 42.32
CA THR G 147 19.50 38.74 43.05
C THR G 147 19.48 37.63 44.10
N GLU G 148 20.68 37.22 44.49
CA GLU G 148 20.84 36.19 45.52
C GLU G 148 20.21 36.63 46.83
N GLY G 149 20.41 37.88 47.22
CA GLY G 149 19.93 38.34 48.51
C GLY G 149 18.42 38.28 48.61
N ALA G 150 17.72 38.84 47.60
CA ALA G 150 16.27 38.87 47.68
C ALA G 150 15.67 37.48 47.61
N SER G 151 16.32 36.56 46.89
CA SER G 151 15.87 35.17 46.95
C SER G 151 15.97 34.63 48.37
N LYS G 152 17.17 34.71 48.97
CA LYS G 152 17.33 34.31 50.37
C LYS G 152 16.34 35.01 51.27
N ARG G 153 16.15 36.32 51.11
CA ARG G 153 15.25 37.00 52.02
C ARG G 153 13.81 36.51 51.88
N ILE G 154 13.34 36.25 50.65
CA ILE G 154 11.94 35.84 50.54
C ILE G 154 11.78 34.43 51.06
N ALA G 155 12.83 33.60 50.92
CA ALA G 155 12.81 32.25 51.45
C ALA G 155 12.76 32.25 52.97
N GLU G 156 13.54 33.11 53.63
CA GLU G 156 13.49 33.19 55.08
C GLU G 156 12.15 33.73 55.57
N PHE G 157 11.64 34.80 54.93
CA PHE G 157 10.33 35.31 55.33
C PHE G 157 9.26 34.25 55.24
N ALA G 158 9.43 33.29 54.33
CA ALA G 158 8.39 32.29 54.14
C ALA G 158 8.40 31.26 55.27
N PHE G 159 9.58 30.67 55.55
CA PHE G 159 9.71 29.71 56.64
C PHE G 159 9.31 30.33 57.98
N GLU G 160 9.83 31.51 58.28
CA GLU G 160 9.39 32.25 59.45
C GLU G 160 7.86 32.38 59.47
N TYR G 161 7.23 32.60 58.31
CA TYR G 161 5.78 32.75 58.32
C TYR G 161 5.10 31.42 58.70
N ALA G 162 5.66 30.30 58.23
CA ALA G 162 5.13 28.99 58.58
C ALA G 162 5.26 28.72 60.08
N ARG G 163 6.42 29.04 60.66
CA ARG G 163 6.61 28.82 62.09
C ARG G 163 5.67 29.69 62.92
N ASN G 164 5.57 30.98 62.61
CA ASN G 164 4.75 31.85 63.44
C ASN G 164 3.26 31.64 63.22
N ASN G 165 2.83 30.98 62.13
CA ASN G 165 1.42 30.72 61.92
C ASN G 165 1.09 29.24 61.88
N HIS G 166 1.92 28.41 62.51
CA HIS G 166 1.66 26.98 62.66
C HIS G 166 1.25 26.37 61.31
N ARG G 167 2.21 26.39 60.38
CA ARG G 167 2.04 25.81 59.05
C ARG G 167 3.13 24.76 58.86
N SER G 168 2.72 23.54 58.52
CA SER G 168 3.62 22.38 58.59
C SER G 168 4.58 22.32 57.41
N ASN G 169 4.15 22.75 56.22
CA ASN G 169 4.87 22.54 54.98
C ASN G 169 5.10 23.86 54.25
N VAL G 170 6.20 23.94 53.51
CA VAL G 170 6.48 25.07 52.63
C VAL G 170 6.90 24.53 51.27
N THR G 171 6.26 24.99 50.21
CA THR G 171 6.51 24.53 48.84
C THR G 171 7.28 25.60 48.06
N ALA G 172 8.38 25.20 47.42
CA ALA G 172 9.15 26.12 46.58
C ALA G 172 8.66 25.95 45.14
N VAL G 173 7.89 26.94 44.66
CA VAL G 173 7.32 26.90 43.31
C VAL G 173 8.24 27.65 42.35
N HIS G 174 8.55 27.04 41.21
CA HIS G 174 9.70 27.46 40.44
C HIS G 174 9.64 26.89 39.02
N LYS G 175 10.40 27.52 38.12
CA LYS G 175 10.53 26.99 36.76
C LYS G 175 11.99 26.67 36.44
N ALA G 176 12.67 25.96 37.33
CA ALA G 176 14.08 25.64 37.12
C ALA G 176 14.32 24.80 35.88
N ASN G 177 13.34 24.03 35.42
CA ASN G 177 13.61 23.28 34.20
C ASN G 177 13.75 24.19 32.98
N ILE G 178 13.35 25.45 33.08
CA ILE G 178 13.31 26.35 31.93
C ILE G 178 14.14 27.62 32.18
N MET G 179 13.85 28.34 33.25
CA MET G 179 14.70 29.45 33.70
C MET G 179 15.77 28.90 34.63
N ARG G 180 16.88 28.45 34.03
CA ARG G 180 17.88 27.67 34.78
C ARG G 180 18.56 28.49 35.87
N MET G 181 19.28 29.54 35.48
CA MET G 181 20.00 30.36 36.46
C MET G 181 19.04 31.07 37.42
N SER G 182 17.99 31.69 36.90
CA SER G 182 17.13 32.52 37.75
C SER G 182 16.39 31.72 38.80
N ASP G 183 16.14 30.45 38.55
CA ASP G 183 15.45 29.68 39.57
C ASP G 183 16.33 28.62 40.19
N GLY G 184 17.37 28.16 39.49
CA GLY G 184 18.39 27.38 40.16
C GLY G 184 18.98 28.13 41.34
N LEU G 185 19.20 29.44 41.18
CA LEU G 185 19.62 30.26 42.29
C LEU G 185 18.56 30.28 43.37
N PHE G 186 17.33 30.62 42.99
CA PHE G 186 16.26 30.73 43.98
C PHE G 186 16.11 29.44 44.77
N LEU G 187 16.20 28.30 44.10
CA LEU G 187 16.16 27.02 44.80
C LEU G 187 17.37 26.86 45.71
N GLN G 188 18.57 27.16 45.18
CA GLN G 188 19.79 27.01 45.95
C GLN G 188 19.70 27.78 47.26
N LYS G 189 19.13 28.98 47.24
CA LYS G 189 18.84 29.67 48.49
C LYS G 189 17.78 28.92 49.30
N CYS G 190 16.67 28.56 48.67
CA CYS G 190 15.57 27.91 49.39
C CYS G 190 16.01 26.63 50.05
N ARG G 191 16.98 25.92 49.48
CA ARG G 191 17.44 24.69 50.10
C ARG G 191 18.32 25.00 51.31
N GLU G 192 19.05 26.11 51.26
CA GLU G 192 19.86 26.53 52.40
C GLU G 192 18.97 26.85 53.60
N VAL G 193 17.97 27.71 53.40
CA VAL G 193 17.10 28.09 54.50
C VAL G 193 16.24 26.91 54.98
N ALA G 194 15.91 25.98 54.09
CA ALA G 194 15.21 24.76 54.53
C ALA G 194 16.08 23.93 55.46
N GLU G 195 17.40 23.86 55.19
CA GLU G 195 18.32 23.18 56.11
C GLU G 195 18.32 23.83 57.49
N SER G 196 18.22 25.16 57.53
CA SER G 196 18.26 25.85 58.82
C SER G 196 17.10 25.42 59.71
N CYS G 197 15.97 25.07 59.14
CA CYS G 197 14.77 24.86 59.95
C CYS G 197 14.14 23.51 59.59
N LYS G 198 14.74 22.41 60.06
CA LYS G 198 14.21 21.09 59.74
C LYS G 198 12.83 20.81 60.37
N ASP G 199 12.22 21.76 61.09
CA ASP G 199 10.88 21.55 61.64
C ASP G 199 9.78 21.79 60.62
N ILE G 200 10.11 22.39 59.48
CA ILE G 200 9.15 22.65 58.42
C ILE G 200 9.47 21.69 57.27
N LYS G 201 8.44 21.03 56.76
CA LYS G 201 8.59 20.15 55.62
C LYS G 201 8.73 20.98 54.34
N PHE G 202 9.83 20.76 53.60
CA PHE G 202 10.13 21.58 52.43
C PHE G 202 10.21 20.71 51.17
N ASN G 203 9.39 21.04 50.16
CA ASN G 203 9.42 20.38 48.84
C ASN G 203 9.31 21.38 47.69
N GLU G 204 9.86 20.98 46.53
CA GLU G 204 9.91 21.81 45.33
C GLU G 204 9.09 21.20 44.19
N MET G 205 8.25 22.03 43.56
CA MET G 205 7.41 21.64 42.43
C MET G 205 7.46 22.69 41.32
N TYR G 206 7.50 22.23 40.07
CA TYR G 206 7.45 23.15 38.94
C TYR G 206 6.12 23.90 38.92
N LEU G 207 6.15 25.13 38.40
CA LEU G 207 4.96 25.96 38.48
C LEU G 207 3.83 25.37 37.66
N ASP G 208 4.14 24.87 36.47
CA ASP G 208 3.11 24.31 35.62
C ASP G 208 2.49 23.08 36.26
N THR G 209 3.28 22.30 37.00
CA THR G 209 2.70 21.19 37.76
C THR G 209 1.80 21.70 38.88
N VAL G 210 2.22 22.75 39.58
CA VAL G 210 1.41 23.25 40.69
C VAL G 210 0.04 23.71 40.21
N CYS G 211 -0.01 24.46 39.11
CA CYS G 211 -1.31 24.92 38.58
C CYS G 211 -2.24 23.75 38.27
N LEU G 212 -1.76 22.76 37.52
CA LEU G 212 -2.58 21.60 37.24
C LEU G 212 -3.09 20.94 38.52
N ASN G 213 -2.21 20.75 39.50
CA ASN G 213 -2.67 20.15 40.76
C ASN G 213 -3.56 21.09 41.55
N MET G 214 -3.31 22.39 41.46
CA MET G 214 -4.07 23.31 42.28
C MET G 214 -5.54 23.29 41.93
N VAL G 215 -5.87 23.25 40.63
CA VAL G 215 -7.28 23.24 40.32
C VAL G 215 -7.87 21.85 40.52
N GLN G 216 -7.04 20.81 40.59
CA GLN G 216 -7.54 19.48 40.84
C GLN G 216 -7.75 19.17 42.32
N ASP G 217 -6.82 19.55 43.20
CA ASP G 217 -6.97 19.29 44.63
C ASP G 217 -6.14 20.23 45.50
N PRO G 218 -6.69 21.41 45.84
CA PRO G 218 -5.93 22.41 46.61
C PRO G 218 -5.65 22.03 48.04
N SER G 219 -6.11 20.88 48.50
CA SER G 219 -5.85 20.44 49.86
C SER G 219 -4.44 19.92 50.04
N GLN G 220 -3.68 19.73 48.96
CA GLN G 220 -2.31 19.23 49.05
C GLN G 220 -1.29 20.34 49.25
N PHE G 221 -1.72 21.56 49.55
CA PHE G 221 -0.80 22.69 49.59
C PHE G 221 -0.97 23.50 50.86
N ASP G 222 0.10 24.21 51.20
CA ASP G 222 0.26 24.94 52.45
C ASP G 222 0.73 26.36 52.17
N VAL G 223 2.05 26.51 52.26
CA VAL G 223 2.78 27.75 52.00
C VAL G 223 3.61 27.53 50.75
N LEU G 224 3.44 28.41 49.77
CA LEU G 224 4.15 28.35 48.50
C LEU G 224 5.06 29.57 48.39
N VAL G 225 6.33 29.33 48.09
CA VAL G 225 7.31 30.40 47.88
C VAL G 225 7.67 30.43 46.41
N MET G 226 7.42 31.57 45.76
CA MET G 226 7.80 31.74 44.37
C MET G 226 8.47 33.08 44.16
N PRO G 227 9.40 33.16 43.19
CA PRO G 227 9.97 34.46 42.80
C PRO G 227 8.97 35.30 42.02
N ASN G 228 9.35 36.56 41.77
CA ASN G 228 8.44 37.44 41.08
C ASN G 228 8.55 37.34 39.55
N LEU G 229 8.91 36.17 39.06
CA LEU G 229 9.13 35.94 37.64
C LEU G 229 7.89 35.54 36.87
N TYR G 230 6.88 34.98 37.54
CA TYR G 230 5.72 34.40 36.88
C TYR G 230 4.43 35.12 37.26
N GLY G 231 4.52 36.43 37.44
CA GLY G 231 3.40 37.19 37.91
C GLY G 231 2.92 36.72 39.27
N ASP G 232 1.67 37.10 39.57
CA ASP G 232 0.94 36.62 40.73
C ASP G 232 -0.22 35.75 40.29
N ILE G 233 0.02 34.92 39.28
CA ILE G 233 -1.07 34.15 38.70
C ILE G 233 -1.34 32.86 39.45
N LEU G 234 -0.47 32.45 40.37
CA LEU G 234 -0.84 31.33 41.23
C LEU G 234 -1.93 31.77 42.21
N SER G 235 -1.74 32.92 42.84
CA SER G 235 -2.73 33.34 43.81
C SER G 235 -4.03 33.80 43.13
N ASP G 236 -3.95 34.33 41.92
CA ASP G 236 -5.18 34.65 41.19
C ASP G 236 -5.96 33.38 40.90
N LEU G 237 -5.25 32.27 40.71
CA LEU G 237 -5.90 30.96 40.60
C LEU G 237 -6.56 30.60 41.93
N CYS G 238 -5.79 30.62 43.02
CA CYS G 238 -6.36 30.34 44.33
C CYS G 238 -7.48 31.29 44.70
N ALA G 239 -7.45 32.52 44.18
CA ALA G 239 -8.54 33.46 44.43
C ALA G 239 -9.88 32.89 43.96
N GLY G 240 -9.90 32.21 42.83
CA GLY G 240 -11.18 31.67 42.39
C GLY G 240 -11.60 30.38 43.05
N LEU G 241 -10.69 29.78 43.82
CA LEU G 241 -11.08 28.61 44.57
C LEU G 241 -12.09 28.94 45.66
N ILE G 242 -12.08 30.16 46.18
CA ILE G 242 -12.84 30.51 47.38
C ILE G 242 -13.90 31.57 47.14
N GLY G 243 -14.14 31.98 45.89
CA GLY G 243 -15.28 32.84 45.65
C GLY G 243 -15.09 33.99 44.70
N GLY G 244 -13.86 34.27 44.30
CA GLY G 244 -13.59 35.37 43.40
C GLY G 244 -12.80 36.48 44.09
N LEU G 245 -12.68 37.59 43.36
CA LEU G 245 -11.85 38.71 43.80
C LEU G 245 -12.50 39.50 44.93
N GLY G 246 -13.82 39.44 45.05
CA GLY G 246 -14.57 40.14 46.07
C GLY G 246 -14.29 39.70 47.49
N VAL G 247 -13.47 38.68 47.71
CA VAL G 247 -13.33 38.14 49.07
C VAL G 247 -11.89 37.84 49.42
N THR G 248 -10.97 38.18 48.52
CA THR G 248 -9.59 37.71 48.61
C THR G 248 -8.67 38.80 49.13
N PRO G 249 -8.09 38.64 50.30
CA PRO G 249 -7.17 39.64 50.86
C PRO G 249 -5.72 39.48 50.38
N SER G 250 -4.90 40.48 50.73
CA SER G 250 -3.52 40.63 50.25
C SER G 250 -2.74 41.51 51.24
N GLY G 251 -1.44 41.26 51.33
CA GLY G 251 -0.59 42.05 52.20
C GLY G 251 0.87 42.15 51.78
N ASN G 252 1.33 43.36 51.47
CA ASN G 252 2.74 43.61 51.15
C ASN G 252 3.47 43.88 52.45
N ILE G 253 4.48 43.06 52.77
CA ILE G 253 5.13 43.09 54.08
C ILE G 253 6.62 43.36 53.91
N GLY G 254 7.17 44.24 54.75
CA GLY G 254 8.60 44.50 54.77
C GLY G 254 9.21 44.39 56.15
N ALA G 255 10.49 44.75 56.31
CA ALA G 255 11.16 44.62 57.59
C ALA G 255 10.63 45.64 58.61
N ASN G 256 10.82 45.30 59.90
CA ASN G 256 10.46 46.15 61.04
C ASN G 256 8.96 46.48 61.07
N GLY G 257 8.12 45.48 60.76
CA GLY G 257 6.69 45.65 60.81
C GLY G 257 6.09 46.66 59.85
N VAL G 258 6.76 46.93 58.73
CA VAL G 258 6.26 47.85 57.70
C VAL G 258 5.41 47.07 56.70
N ALA G 259 4.18 47.53 56.47
CA ALA G 259 3.28 46.78 55.61
C ALA G 259 2.18 47.68 55.07
N ILE G 260 1.82 47.48 53.82
CA ILE G 260 0.62 48.06 53.23
C ILE G 260 -0.30 46.91 52.87
N PHE G 261 -1.55 47.01 53.28
CA PHE G 261 -2.52 45.95 53.07
C PHE G 261 -3.50 46.40 51.99
N GLU G 262 -3.44 45.76 50.84
CA GLU G 262 -4.39 45.99 49.77
C GLU G 262 -5.12 44.68 49.47
N SER G 263 -6.15 44.76 48.65
CA SER G 263 -6.81 43.56 48.18
C SER G 263 -6.16 43.09 46.88
N VAL G 264 -6.41 41.83 46.55
CA VAL G 264 -5.89 41.28 45.30
C VAL G 264 -6.59 41.91 44.09
N HIS G 265 -7.88 42.26 44.22
CA HIS G 265 -8.67 42.72 43.09
C HIS G 265 -8.27 44.12 42.64
N GLY G 266 -8.77 44.52 41.46
CA GLY G 266 -8.48 45.80 40.87
C GLY G 266 -9.63 46.80 40.95
N THR G 267 -9.48 47.87 40.17
CA THR G 267 -10.40 48.99 40.24
C THR G 267 -11.81 48.63 39.80
N ALA G 268 -11.97 47.58 39.00
CA ALA G 268 -13.28 47.13 38.53
C ALA G 268 -13.99 48.27 37.81
N PRO G 269 -13.59 48.56 36.57
CA PRO G 269 -14.21 49.67 35.83
C PRO G 269 -15.65 49.39 35.41
N ASP G 270 -16.06 48.12 35.36
CA ASP G 270 -17.39 47.75 34.89
C ASP G 270 -18.46 47.90 35.96
N ILE G 271 -18.08 47.85 37.24
CA ILE G 271 -19.00 48.06 38.35
C ILE G 271 -18.61 49.31 39.16
N ALA G 272 -17.84 50.20 38.54
CA ALA G 272 -17.11 51.25 39.26
C ALA G 272 -18.01 52.05 40.21
N GLY G 273 -18.99 52.77 39.66
CA GLY G 273 -19.84 53.63 40.47
C GLY G 273 -21.25 53.17 40.74
N LYS G 274 -21.59 51.91 40.46
CA LYS G 274 -22.97 51.44 40.53
C LYS G 274 -23.35 50.86 41.90
N ASP G 275 -22.48 50.99 42.91
CA ASP G 275 -22.77 50.58 44.30
C ASP G 275 -23.20 49.11 44.37
N MET G 276 -22.50 48.26 43.63
CA MET G 276 -22.66 46.82 43.76
C MET G 276 -21.34 46.13 44.04
N ALA G 277 -20.34 46.90 44.49
CA ALA G 277 -19.04 46.32 44.79
C ALA G 277 -19.12 45.45 46.04
N ASN G 278 -18.04 44.70 46.26
CA ASN G 278 -18.01 43.80 47.40
C ASN G 278 -16.87 44.23 48.31
N PRO G 279 -17.16 44.77 49.49
CA PRO G 279 -16.11 45.24 50.38
C PRO G 279 -15.45 44.14 51.20
N THR G 280 -15.77 42.87 50.94
CA THR G 280 -15.25 41.79 51.74
C THR G 280 -13.73 41.70 51.60
N ALA G 281 -13.23 41.97 50.40
CA ALA G 281 -11.80 41.80 50.10
C ALA G 281 -10.96 42.82 50.85
N LEU G 282 -11.25 44.11 50.69
CA LEU G 282 -10.55 45.12 51.47
C LEU G 282 -10.73 44.88 52.95
N LEU G 283 -11.94 44.47 53.37
CA LEU G 283 -12.22 44.28 54.79
C LEU G 283 -11.42 43.14 55.38
N LEU G 284 -11.31 42.03 54.64
CA LEU G 284 -10.48 40.93 55.13
C LEU G 284 -8.99 41.28 55.07
N SER G 285 -8.60 42.22 54.21
CA SER G 285 -7.28 42.82 54.31
C SER G 285 -7.15 43.63 55.58
N ALA G 286 -8.21 44.38 55.91
CA ALA G 286 -8.18 45.24 57.09
C ALA G 286 -8.01 44.42 58.35
N VAL G 287 -8.62 43.23 58.41
CA VAL G 287 -8.44 42.42 59.61
C VAL G 287 -7.05 41.78 59.62
N MET G 288 -6.50 41.51 58.43
CA MET G 288 -5.10 41.14 58.34
C MET G 288 -4.21 42.22 58.93
N MET G 289 -4.51 43.48 58.59
CA MET G 289 -3.78 44.62 59.12
C MET G 289 -3.87 44.67 60.65
N LEU G 290 -5.08 44.48 61.19
CA LEU G 290 -5.25 44.51 62.63
C LEU G 290 -4.38 43.47 63.31
N ARG G 291 -4.43 42.22 62.81
CA ARG G 291 -3.58 41.17 63.36
C ARG G 291 -2.10 41.54 63.26
N HIS G 292 -1.74 42.27 62.21
CA HIS G 292 -0.36 42.72 62.08
C HIS G 292 0.01 43.66 63.23
N MET G 293 -0.93 44.51 63.65
CA MET G 293 -0.72 45.55 64.65
C MET G 293 -0.87 45.07 66.09
N GLY G 294 -1.44 43.88 66.31
CA GLY G 294 -1.67 43.37 67.64
C GLY G 294 -3.09 43.49 68.13
N LEU G 295 -4.02 43.94 67.27
CA LEU G 295 -5.43 44.17 67.62
C LEU G 295 -6.24 42.93 67.30
N PHE G 296 -6.03 41.89 68.12
CA PHE G 296 -6.64 40.59 67.86
C PHE G 296 -8.14 40.62 68.10
N ASP G 297 -8.57 41.24 69.21
CA ASP G 297 -9.97 41.17 69.60
C ASP G 297 -10.87 41.88 68.59
N HIS G 298 -10.44 43.06 68.11
CA HIS G 298 -11.13 43.77 67.04
C HIS G 298 -11.02 43.02 65.70
N ALA G 299 -9.93 42.31 65.48
CA ALA G 299 -9.82 41.47 64.29
C ALA G 299 -10.92 40.42 64.29
N ALA G 300 -10.96 39.61 65.36
CA ALA G 300 -11.93 38.53 65.44
C ALA G 300 -13.35 39.06 65.40
N ARG G 301 -13.59 40.22 66.01
CA ARG G 301 -14.92 40.82 66.02
C ARG G 301 -15.40 41.13 64.60
N ILE G 302 -14.61 41.93 63.86
CA ILE G 302 -15.05 42.38 62.53
C ILE G 302 -15.11 41.21 61.56
N GLU G 303 -14.13 40.29 61.66
CA GLU G 303 -14.09 39.12 60.79
C GLU G 303 -15.32 38.23 60.99
N ALA G 304 -15.71 38.02 62.24
CA ALA G 304 -16.79 37.10 62.56
C ALA G 304 -18.11 37.57 61.98
N ALA G 305 -18.38 38.87 62.07
CA ALA G 305 -19.62 39.41 61.56
C ALA G 305 -19.69 39.31 60.05
N CYS G 306 -18.54 39.46 59.39
CA CYS G 306 -18.50 39.34 57.93
C CYS G 306 -18.80 37.91 57.50
N PHE G 307 -18.05 36.94 58.05
CA PHE G 307 -18.40 35.54 57.83
C PHE G 307 -19.87 35.31 58.13
N ALA G 308 -20.33 35.80 59.29
CA ALA G 308 -21.67 35.52 59.76
C ALA G 308 -22.75 36.15 58.88
N THR G 309 -22.48 37.31 58.28
CA THR G 309 -23.42 37.92 57.35
C THR G 309 -23.54 37.10 56.06
N ILE G 310 -22.39 36.61 55.55
CA ILE G 310 -22.37 35.81 54.33
C ILE G 310 -22.94 34.43 54.60
N LYS G 311 -22.78 33.91 55.82
CA LYS G 311 -23.43 32.66 56.21
C LYS G 311 -24.95 32.79 56.17
N ASP G 312 -25.48 33.93 56.61
CA ASP G 312 -26.93 34.15 56.58
C ASP G 312 -27.47 34.18 55.15
N GLY G 313 -26.78 34.85 54.23
CA GLY G 313 -27.21 34.86 52.84
C GLY G 313 -28.39 35.75 52.51
N LYS G 314 -29.02 36.40 53.50
CA LYS G 314 -30.15 37.28 53.22
C LYS G 314 -29.74 38.48 52.38
N SER G 315 -28.73 39.22 52.85
CA SER G 315 -28.24 40.42 52.16
C SER G 315 -26.86 40.14 51.57
N LEU G 316 -26.82 39.23 50.59
CA LEU G 316 -25.59 38.98 49.85
C LEU G 316 -25.40 40.06 48.78
N THR G 317 -24.21 40.10 48.20
CA THR G 317 -23.86 41.08 47.17
C THR G 317 -23.77 40.40 45.82
N LYS G 318 -23.81 41.20 44.74
CA LYS G 318 -24.13 40.65 43.43
C LYS G 318 -23.13 39.60 42.97
N ASP G 319 -21.85 39.76 43.32
CA ASP G 319 -20.83 38.80 42.90
C ASP G 319 -21.00 37.45 43.57
N LEU G 320 -21.27 37.44 44.89
CA LEU G 320 -21.44 36.20 45.65
C LEU G 320 -22.75 35.50 45.30
N GLY G 321 -23.89 35.99 45.79
CA GLY G 321 -25.17 35.39 45.46
C GLY G 321 -26.12 36.30 44.72
N GLY G 322 -27.15 36.77 45.43
CA GLY G 322 -28.13 37.67 44.85
C GLY G 322 -27.67 39.12 44.87
N ASN G 323 -28.57 40.00 44.42
CA ASN G 323 -28.27 41.41 44.22
C ASN G 323 -28.70 42.24 45.44
N ALA G 324 -27.72 42.88 46.09
CA ALA G 324 -27.96 43.90 47.10
C ALA G 324 -26.76 44.84 47.11
N LYS G 325 -27.01 46.12 47.31
CA LYS G 325 -25.97 47.13 47.16
C LYS G 325 -24.82 46.91 48.13
N CYS G 326 -23.65 47.47 47.79
CA CYS G 326 -22.51 47.48 48.70
C CYS G 326 -22.89 48.16 50.02
N SER G 327 -23.68 49.22 49.95
CA SER G 327 -24.14 49.90 51.14
C SER G 327 -25.02 49.00 52.00
N ASP G 328 -25.97 48.29 51.37
CA ASP G 328 -26.80 47.34 52.10
C ASP G 328 -25.95 46.26 52.75
N PHE G 329 -25.02 45.68 51.97
CA PHE G 329 -24.11 44.68 52.52
C PHE G 329 -23.34 45.27 53.70
N THR G 330 -22.76 46.45 53.52
CA THR G 330 -21.94 47.04 54.58
C THR G 330 -22.76 47.31 55.84
N GLU G 331 -24.01 47.76 55.68
CA GLU G 331 -24.85 48.07 56.83
C GLU G 331 -25.23 46.83 57.64
N GLU G 332 -25.40 45.68 56.98
CA GLU G 332 -25.72 44.45 57.71
C GLU G 332 -24.52 43.91 58.47
N ILE G 333 -23.29 44.22 58.02
CA ILE G 333 -22.10 43.84 58.79
C ILE G 333 -21.97 44.72 60.03
N CYS G 334 -22.36 45.99 59.93
CA CYS G 334 -22.26 46.93 61.04
C CYS G 334 -23.18 46.55 62.17
N ARG G 335 -24.41 46.17 61.83
CA ARG G 335 -25.37 45.76 62.87
C ARG G 335 -24.85 44.55 63.63
N ARG G 336 -24.23 43.59 62.93
CA ARG G 336 -23.71 42.39 63.58
C ARG G 336 -22.49 42.70 64.46
N VAL G 337 -21.60 43.59 64.00
CA VAL G 337 -20.46 43.99 64.81
C VAL G 337 -20.93 44.74 66.05
N LYS G 338 -21.94 45.59 65.88
CA LYS G 338 -22.44 46.44 66.96
C LYS G 338 -23.07 45.61 68.08
N ASP G 339 -23.95 44.67 67.73
CA ASP G 339 -24.58 43.77 68.72
C ASP G 339 -23.56 42.89 69.45
N SER H 14 -1.79 4.11 3.31
CA SER H 14 -1.75 5.10 2.23
C SER H 14 -1.35 6.51 2.72
N PHE H 15 -1.14 6.66 4.02
CA PHE H 15 -0.94 7.98 4.63
C PHE H 15 0.19 7.86 5.63
N PRO H 16 1.39 8.31 5.26
CA PRO H 16 2.54 8.14 6.16
C PRO H 16 2.61 9.27 7.17
N VAL H 17 2.76 8.89 8.43
CA VAL H 17 2.75 9.79 9.56
C VAL H 17 4.02 9.52 10.37
N THR H 18 4.67 10.58 10.79
CA THR H 18 5.86 10.46 11.62
C THR H 18 5.43 10.29 13.07
N MET H 19 5.80 9.17 13.67
CA MET H 19 5.55 8.91 15.08
C MET H 19 6.87 9.00 15.83
N LEU H 20 6.84 9.71 16.95
CA LEU H 20 8.03 10.10 17.70
C LEU H 20 7.74 9.85 19.17
N PRO H 21 7.93 8.61 19.63
CA PRO H 21 7.37 8.23 20.95
C PRO H 21 7.91 9.02 22.15
N GLY H 22 9.10 9.61 22.08
CA GLY H 22 9.44 10.36 23.28
C GLY H 22 9.83 9.45 24.44
N ASP H 23 9.97 10.06 25.61
CA ASP H 23 10.36 9.34 26.81
C ASP H 23 9.15 9.07 27.71
N GLY H 24 9.40 8.59 28.93
CA GLY H 24 8.31 8.35 29.86
C GLY H 24 7.40 7.21 29.43
N VAL H 25 6.10 7.43 29.55
CA VAL H 25 5.12 6.43 29.09
C VAL H 25 4.73 6.66 27.64
N GLY H 26 5.34 7.65 26.99
CA GLY H 26 5.14 7.88 25.58
C GLY H 26 5.08 6.63 24.73
N PRO H 27 6.00 5.66 24.94
CA PRO H 27 5.93 4.45 24.12
C PRO H 27 4.70 3.59 24.36
N GLU H 28 4.19 3.53 25.61
CA GLU H 28 2.91 2.86 25.87
C GLU H 28 1.77 3.56 25.16
N LEU H 29 1.62 4.87 25.40
CA LEU H 29 0.62 5.64 24.68
C LEU H 29 0.73 5.44 23.17
N MET H 30 1.93 5.45 22.62
CA MET H 30 2.05 5.24 21.19
C MET H 30 1.61 3.83 20.81
N HIS H 31 1.92 2.85 21.65
CA HIS H 31 1.48 1.49 21.36
C HIS H 31 -0.05 1.41 21.36
N ALA H 32 -0.67 2.05 22.36
CA ALA H 32 -2.11 2.24 22.39
C ALA H 32 -2.64 2.76 21.06
N VAL H 33 -2.05 3.83 20.53
CA VAL H 33 -2.60 4.42 19.31
C VAL H 33 -2.55 3.41 18.18
N LYS H 34 -1.42 2.73 18.00
CA LYS H 34 -1.40 1.87 16.83
C LYS H 34 -2.21 0.60 17.04
N GLU H 35 -2.45 0.19 18.28
CA GLU H 35 -3.31 -0.98 18.43
C GLU H 35 -4.78 -0.63 18.22
N VAL H 36 -5.17 0.61 18.56
CA VAL H 36 -6.51 1.12 18.24
C VAL H 36 -6.65 1.35 16.73
N PHE H 37 -5.69 2.02 16.09
CA PHE H 37 -5.74 2.15 14.64
C PHE H 37 -5.82 0.79 13.97
N LYS H 38 -5.04 -0.19 14.43
CA LYS H 38 -5.13 -1.51 13.80
C LYS H 38 -6.55 -2.06 13.92
N ALA H 39 -7.17 -1.92 15.10
CA ALA H 39 -8.52 -2.45 15.29
C ALA H 39 -9.52 -1.78 14.35
N ALA H 40 -9.38 -0.48 14.15
CA ALA H 40 -10.29 0.28 13.32
C ALA H 40 -9.88 0.31 11.86
N ALA H 41 -8.77 -0.35 11.51
CA ALA H 41 -8.29 -0.47 10.12
C ALA H 41 -8.03 0.91 9.51
N VAL H 42 -7.27 1.74 10.23
CA VAL H 42 -7.01 3.11 9.82
C VAL H 42 -5.87 3.11 8.81
N PRO H 43 -6.10 3.59 7.58
CA PRO H 43 -5.02 3.59 6.58
C PRO H 43 -3.92 4.61 6.88
N VAL H 44 -3.08 4.33 7.87
CA VAL H 44 -1.95 5.20 8.20
C VAL H 44 -0.77 4.29 8.50
N GLU H 45 0.34 4.49 7.81
CA GLU H 45 1.57 3.82 8.20
C GLU H 45 2.37 4.79 9.06
N PHE H 46 3.02 4.27 10.09
CA PHE H 46 3.77 5.09 11.01
C PHE H 46 5.26 4.90 10.77
N GLN H 47 5.97 5.99 10.55
CA GLN H 47 7.42 5.97 10.48
C GLN H 47 7.97 6.38 11.85
N GLU H 48 8.56 5.44 12.58
CA GLU H 48 8.97 5.70 13.95
C GLU H 48 10.43 6.17 14.05
N HIS H 49 10.63 7.30 14.71
CA HIS H 49 11.96 7.78 15.07
C HIS H 49 12.11 7.73 16.59
N HIS H 50 13.08 7.00 17.09
CA HIS H 50 13.28 6.89 18.53
C HIS H 50 14.38 7.87 18.96
N LEU H 51 13.98 9.09 19.26
CA LEU H 51 14.89 10.19 19.57
C LEU H 51 14.80 10.49 21.07
N SER H 52 15.89 10.31 21.79
CA SER H 52 15.82 10.45 23.24
C SER H 52 17.19 10.81 23.79
N GLU H 53 17.28 11.98 24.39
CA GLU H 53 18.52 12.35 25.07
C GLU H 53 18.70 11.55 26.34
N VAL H 54 17.62 11.01 26.90
CA VAL H 54 17.75 10.33 28.16
C VAL H 54 18.04 8.85 27.95
N GLN H 55 17.57 8.26 26.86
CA GLN H 55 18.03 6.95 26.47
C GLN H 55 19.18 7.00 25.47
N ASN H 56 19.90 8.12 25.42
CA ASN H 56 21.16 8.24 24.69
C ASN H 56 21.00 7.83 23.23
N MET H 57 19.98 8.37 22.58
CA MET H 57 19.77 8.15 21.15
C MET H 57 19.47 9.46 20.44
N ALA H 58 20.16 10.53 20.84
CA ALA H 58 19.87 11.87 20.34
C ALA H 58 21.14 12.52 19.80
N SER H 59 21.11 12.88 18.51
CA SER H 59 22.14 13.68 17.86
C SER H 59 21.47 14.58 16.84
N GLU H 60 22.19 15.62 16.41
CA GLU H 60 21.63 16.50 15.39
C GLU H 60 21.42 15.78 14.08
N GLU H 61 22.11 14.66 13.86
CA GLU H 61 21.88 13.90 12.63
C GLU H 61 20.50 13.23 12.67
N LYS H 62 20.05 12.84 13.88
CA LYS H 62 18.72 12.26 14.01
C LYS H 62 17.65 13.32 13.87
N LEU H 63 17.85 14.48 14.52
CA LEU H 63 16.97 15.64 14.35
C LEU H 63 16.78 15.97 12.87
N GLU H 64 17.85 15.90 12.08
CA GLU H 64 17.67 16.19 10.66
C GLU H 64 16.93 15.05 9.97
N GLN H 65 17.04 13.83 10.50
CA GLN H 65 16.25 12.72 9.95
C GLN H 65 14.76 12.95 10.16
N VAL H 66 14.37 13.39 11.36
CA VAL H 66 12.98 13.76 11.64
C VAL H 66 12.48 14.80 10.64
N LEU H 67 13.25 15.88 10.42
CA LEU H 67 12.80 16.93 9.50
C LEU H 67 12.70 16.43 8.07
N SER H 68 13.55 15.47 7.67
CA SER H 68 13.38 14.86 6.35
C SER H 68 12.06 14.12 6.27
N SER H 69 11.76 13.30 7.29
CA SER H 69 10.45 12.69 7.42
C SER H 69 9.33 13.74 7.37
N MET H 70 9.45 14.81 8.18
CA MET H 70 8.39 15.81 8.25
C MET H 70 8.26 16.63 6.97
N LYS H 71 9.36 16.88 6.25
CA LYS H 71 9.29 17.56 4.96
C LYS H 71 8.51 16.77 3.91
N GLU H 72 8.40 15.44 4.05
CA GLU H 72 7.65 14.56 3.16
C GLU H 72 6.22 14.30 3.64
N ASN H 73 6.01 14.04 4.94
CA ASN H 73 4.68 13.67 5.43
C ASN H 73 3.89 14.86 5.94
N LYS H 74 4.57 15.83 6.54
CA LYS H 74 3.96 17.09 6.95
C LYS H 74 3.04 16.95 8.17
N VAL H 75 2.98 15.77 8.78
CA VAL H 75 2.07 15.50 9.90
C VAL H 75 2.73 14.49 10.83
N ALA H 76 2.82 14.84 12.12
CA ALA H 76 3.44 13.99 13.12
C ALA H 76 2.55 13.81 14.35
N ILE H 77 2.75 12.69 15.03
CA ILE H 77 2.26 12.49 16.37
C ILE H 77 3.49 12.20 17.25
N ILE H 78 3.61 12.92 18.37
CA ILE H 78 4.82 12.89 19.19
C ILE H 78 4.44 12.82 20.66
N GLY H 79 5.35 12.26 21.44
CA GLY H 79 5.32 12.34 22.89
C GLY H 79 6.14 13.50 23.38
N LYS H 80 6.64 13.39 24.60
CA LYS H 80 7.50 14.42 25.18
C LYS H 80 8.93 13.89 25.24
N ILE H 81 9.88 14.65 24.65
CA ILE H 81 11.30 14.34 24.82
C ILE H 81 11.75 14.89 26.16
N HIS H 82 12.35 14.04 26.99
CA HIS H 82 12.75 14.50 28.32
C HIS H 82 14.10 15.20 28.28
N THR H 83 14.31 16.11 29.24
CA THR H 83 15.52 16.91 29.33
C THR H 83 16.39 16.45 30.48
N PRO H 84 17.69 16.15 30.27
CA PRO H 84 18.59 15.91 31.40
C PRO H 84 18.76 17.17 32.23
N MET H 85 18.09 17.25 33.37
CA MET H 85 18.11 18.43 34.22
C MET H 85 19.45 18.67 34.94
N GLU H 86 20.49 17.91 34.58
CA GLU H 86 21.88 18.18 34.93
C GLU H 86 22.62 18.64 33.68
N TYR H 87 23.08 19.91 33.69
CA TYR H 87 23.85 20.51 32.60
C TYR H 87 23.04 20.68 31.31
N LYS H 88 21.71 20.82 31.42
CA LYS H 88 20.88 21.24 30.30
C LYS H 88 19.57 21.84 30.79
N GLY H 89 19.24 23.05 30.31
CA GLY H 89 17.91 23.59 30.50
C GLY H 89 16.97 23.20 29.35
N GLU H 90 15.67 23.42 29.57
CA GLU H 90 14.70 22.92 28.61
C GLU H 90 14.78 23.68 27.27
N LEU H 91 15.25 24.93 27.29
CA LEU H 91 15.46 25.67 26.05
C LEU H 91 16.56 25.06 25.20
N ALA H 92 17.50 24.34 25.81
CA ALA H 92 18.53 23.60 25.09
C ALA H 92 18.10 22.17 24.75
N SER H 93 16.94 21.72 25.25
CA SER H 93 16.47 20.35 25.05
C SER H 93 16.21 20.07 23.58
N TYR H 94 16.31 18.79 23.23
CA TYR H 94 15.94 18.37 21.90
C TYR H 94 14.47 18.66 21.61
N ASP H 95 13.60 18.66 22.62
CA ASP H 95 12.20 18.95 22.35
C ASP H 95 12.04 20.36 21.81
N MET H 96 12.84 21.30 22.31
CA MET H 96 12.77 22.67 21.79
C MET H 96 13.43 22.80 20.42
N ARG H 97 14.58 22.15 20.23
CA ARG H 97 15.22 22.20 18.92
C ARG H 97 14.30 21.66 17.86
N LEU H 98 13.50 20.64 18.20
CA LEU H 98 12.51 20.13 17.28
C LEU H 98 11.51 21.21 16.89
N ARG H 99 10.97 21.92 17.89
CA ARG H 99 9.95 22.92 17.62
C ARG H 99 10.52 24.11 16.88
N ARG H 100 11.80 24.43 17.11
CA ARG H 100 12.44 25.46 16.31
C ARG H 100 12.69 24.98 14.89
N LYS H 101 13.25 23.77 14.72
CA LYS H 101 13.49 23.27 13.38
C LYS H 101 12.19 23.19 12.58
N LEU H 102 11.10 22.75 13.19
CA LEU H 102 9.87 22.68 12.43
C LEU H 102 9.18 24.03 12.29
N ASP H 103 9.70 25.05 12.97
CA ASP H 103 9.04 26.34 13.15
C ASP H 103 7.57 26.19 13.56
N LEU H 104 7.32 25.26 14.47
CA LEU H 104 6.01 25.24 15.12
C LEU H 104 5.83 26.54 15.88
N PHE H 105 4.83 27.34 15.53
CA PHE H 105 4.61 28.58 16.25
C PHE H 105 3.30 28.65 17.01
N ALA H 106 2.33 27.82 16.69
CA ALA H 106 1.00 27.89 17.29
C ALA H 106 0.80 26.63 18.11
N ASN H 107 0.49 26.80 19.39
CA ASN H 107 0.20 25.70 20.27
C ASN H 107 -1.29 25.73 20.60
N VAL H 108 -2.00 24.65 20.25
CA VAL H 108 -3.44 24.58 20.41
C VAL H 108 -3.78 23.48 21.41
N VAL H 109 -4.45 23.84 22.49
CA VAL H 109 -4.91 22.90 23.51
C VAL H 109 -6.43 22.90 23.52
N HIS H 110 -7.03 21.71 23.55
CA HIS H 110 -8.48 21.56 23.61
C HIS H 110 -8.92 21.30 25.05
N VAL H 111 -9.66 22.22 25.61
CA VAL H 111 -10.14 22.00 26.97
C VAL H 111 -11.62 21.68 26.88
N LYS H 112 -11.97 20.39 26.83
CA LYS H 112 -13.35 19.97 26.60
C LYS H 112 -13.66 18.82 27.54
N SER H 113 -14.65 19.03 28.42
CA SER H 113 -15.05 18.00 29.37
C SER H 113 -15.54 16.74 28.66
N LEU H 114 -15.34 15.58 29.31
CA LEU H 114 -15.80 14.31 28.76
C LEU H 114 -17.04 13.84 29.50
N PRO H 115 -18.19 13.77 28.84
CA PRO H 115 -19.39 13.21 29.50
C PRO H 115 -19.05 11.86 30.14
N GLY H 116 -19.25 11.78 31.44
CA GLY H 116 -18.99 10.56 32.19
C GLY H 116 -17.75 10.61 33.06
N TYR H 117 -16.86 11.56 32.80
CA TYR H 117 -15.71 11.78 33.68
C TYR H 117 -16.04 13.11 34.35
N MET H 118 -16.54 13.01 35.58
CA MET H 118 -17.11 14.16 36.24
C MET H 118 -16.01 14.88 37.01
N THR H 119 -15.96 16.19 36.83
CA THR H 119 -15.03 17.07 37.52
C THR H 119 -15.81 18.24 38.05
N ARG H 120 -15.12 19.18 38.69
CA ARG H 120 -15.79 20.35 39.23
C ARG H 120 -16.20 21.35 38.16
N HIS H 121 -15.81 21.16 36.90
CA HIS H 121 -16.26 22.04 35.82
C HIS H 121 -16.67 21.12 34.69
N ASN H 122 -17.96 20.79 34.62
CA ASN H 122 -18.34 19.90 33.54
C ASN H 122 -18.91 20.72 32.40
N ASN H 123 -19.16 20.04 31.29
CA ASN H 123 -19.74 20.68 30.10
C ASN H 123 -18.97 21.94 29.70
N LEU H 124 -17.64 21.82 29.67
CA LEU H 124 -16.78 22.92 29.27
C LEU H 124 -16.25 22.65 27.87
N ASP H 125 -16.08 23.72 27.07
CA ASP H 125 -15.64 23.61 25.68
C ASP H 125 -14.76 24.82 25.35
N LEU H 126 -13.47 24.64 25.55
CA LEU H 126 -12.50 25.73 25.50
C LEU H 126 -11.33 25.31 24.61
N VAL H 127 -10.71 26.29 23.94
CA VAL H 127 -9.44 26.06 23.26
C VAL H 127 -8.49 27.20 23.60
N ILE H 128 -7.25 26.85 23.93
CA ILE H 128 -6.21 27.82 24.25
C ILE H 128 -5.20 27.84 23.12
N ILE H 129 -4.97 29.02 22.56
CA ILE H 129 -3.99 29.17 21.50
C ILE H 129 -2.90 30.07 22.02
N ARG H 130 -1.68 29.56 22.16
CA ARG H 130 -0.59 30.44 22.58
C ARG H 130 0.59 30.32 21.63
N GLU H 131 1.41 31.37 21.66
CA GLU H 131 2.58 31.49 20.82
C GLU H 131 3.74 30.70 21.40
N GLN H 132 4.50 30.04 20.54
CA GLN H 132 5.37 28.96 20.96
C GLN H 132 6.81 29.14 20.49
N THR H 133 7.24 30.35 20.15
CA THR H 133 8.60 30.57 19.65
C THR H 133 9.33 31.69 20.38
N GLU H 134 8.64 32.44 21.22
CA GLU H 134 9.07 33.71 21.75
C GLU H 134 8.76 33.76 23.24
N GLY H 135 8.80 34.95 23.82
CA GLY H 135 8.55 35.10 25.24
C GLY H 135 9.53 34.27 26.06
N GLU H 136 8.98 33.38 26.90
CA GLU H 136 9.82 32.53 27.74
C GLU H 136 10.81 31.75 26.92
N TYR H 137 10.39 31.23 25.78
CA TYR H 137 11.27 30.38 25.01
C TYR H 137 12.37 31.16 24.33
N SER H 138 12.36 32.48 24.47
CA SER H 138 13.39 33.39 24.00
C SER H 138 14.35 33.79 25.10
N SER H 139 14.20 33.25 26.30
CA SER H 139 14.94 33.74 27.46
C SER H 139 16.41 33.48 27.29
N LEU H 140 17.21 34.52 27.52
CA LEU H 140 18.65 34.44 27.60
C LEU H 140 19.06 34.88 28.99
N GLU H 141 19.84 34.05 29.67
CA GLU H 141 20.22 34.31 31.06
C GLU H 141 21.72 34.44 31.20
N HIS H 142 22.15 35.47 31.93
CA HIS H 142 23.56 35.66 32.17
C HIS H 142 23.73 36.25 33.57
N GLU H 143 24.93 36.11 34.13
CA GLU H 143 25.22 36.68 35.44
C GLU H 143 25.87 38.05 35.27
N SER H 144 25.25 39.08 35.84
CA SER H 144 25.76 40.45 35.77
C SER H 144 26.91 40.65 36.75
N ALA H 145 26.66 40.37 38.03
CA ALA H 145 27.67 40.56 39.05
C ALA H 145 27.88 39.27 39.84
N ARG H 146 28.04 39.40 41.16
CA ARG H 146 28.25 38.25 42.02
C ARG H 146 27.01 37.37 41.96
N GLY H 147 25.96 37.76 42.66
CA GLY H 147 24.78 36.92 42.72
C GLY H 147 23.60 37.58 42.05
N VAL H 148 23.86 38.27 40.95
CA VAL H 148 22.81 38.94 40.17
C VAL H 148 22.68 38.22 38.84
N ILE H 149 21.46 37.81 38.53
CA ILE H 149 21.12 37.12 37.29
C ILE H 149 20.17 37.99 36.49
N GLU H 150 20.48 38.19 35.22
CA GLU H 150 19.62 38.89 34.28
C GLU H 150 19.04 37.91 33.28
N CYS H 151 17.74 38.05 33.03
CA CYS H 151 17.01 37.28 32.03
C CYS H 151 16.52 38.23 30.95
N LEU H 152 16.80 37.91 29.69
CA LEU H 152 16.40 38.73 28.54
C LEU H 152 15.38 37.98 27.69
N LYS H 153 14.22 38.61 27.50
CA LYS H 153 13.09 38.05 26.75
C LYS H 153 12.70 38.99 25.60
N ILE H 154 12.19 38.42 24.51
CA ILE H 154 11.85 39.18 23.31
C ILE H 154 10.38 39.01 22.97
N VAL H 155 9.77 40.07 22.44
CA VAL H 155 8.48 40.02 21.77
C VAL H 155 8.59 40.79 20.47
N THR H 156 7.99 40.27 19.40
CA THR H 156 8.11 40.87 18.08
C THR H 156 6.76 40.97 17.41
N ARG H 157 6.58 42.04 16.63
CA ARG H 157 5.34 42.18 15.89
C ARG H 157 5.16 41.03 14.89
N ALA H 158 6.26 40.54 14.33
CA ALA H 158 6.13 39.53 13.28
C ALA H 158 5.45 38.29 13.79
N LYS H 159 5.80 37.88 15.02
CA LYS H 159 5.27 36.66 15.58
C LYS H 159 3.95 36.88 16.32
N SER H 160 3.68 38.11 16.76
CA SER H 160 2.37 38.41 17.35
C SER H 160 1.28 38.46 16.29
N GLN H 161 1.54 39.08 15.14
CA GLN H 161 0.56 39.06 14.06
C GLN H 161 0.30 37.63 13.57
N ARG H 162 1.34 36.79 13.56
CA ARG H 162 1.18 35.43 13.03
C ARG H 162 0.21 34.62 13.89
N ILE H 163 0.33 34.74 15.22
CA ILE H 163 -0.52 33.98 16.13
C ILE H 163 -1.91 34.55 16.19
N ALA H 164 -2.03 35.89 16.19
CA ALA H 164 -3.36 36.48 16.19
C ALA H 164 -4.11 36.09 14.94
N LYS H 165 -3.44 36.13 13.78
CA LYS H 165 -4.11 35.69 12.56
C LYS H 165 -4.50 34.23 12.65
N PHE H 166 -3.55 33.37 12.99
CA PHE H 166 -3.85 31.94 13.19
C PHE H 166 -5.06 31.74 14.10
N ALA H 167 -5.21 32.57 15.14
CA ALA H 167 -6.29 32.33 16.10
C ALA H 167 -7.65 32.58 15.48
N PHE H 168 -7.77 33.66 14.70
CA PHE H 168 -9.01 33.95 14.02
C PHE H 168 -9.26 32.98 12.87
N ASP H 169 -8.22 32.64 12.12
CA ASP H 169 -8.34 31.57 11.12
C ASP H 169 -8.87 30.30 11.78
N TYR H 170 -8.29 29.93 12.92
CA TYR H 170 -8.76 28.78 13.67
C TYR H 170 -10.19 29.00 14.14
N ALA H 171 -10.48 30.22 14.60
CA ALA H 171 -11.80 30.53 15.13
C ALA H 171 -12.89 30.35 14.07
N THR H 172 -12.63 30.80 12.83
CA THR H 172 -13.65 30.65 11.79
C THR H 172 -13.65 29.27 11.18
N LYS H 173 -12.46 28.69 10.97
CA LYS H 173 -12.37 27.36 10.37
C LYS H 173 -13.08 26.31 11.23
N LYS H 174 -13.04 26.47 12.55
CA LYS H 174 -13.66 25.50 13.43
C LYS H 174 -14.99 26.02 14.00
N GLY H 175 -15.53 27.08 13.44
CA GLY H 175 -16.84 27.56 13.84
C GLY H 175 -16.89 28.12 15.25
N ARG H 176 -15.80 28.67 15.75
CA ARG H 176 -15.90 29.16 17.10
C ARG H 176 -16.50 30.55 17.08
N GLY H 177 -16.99 30.96 18.24
CA GLY H 177 -17.75 32.18 18.34
C GLY H 177 -16.87 33.39 18.54
N LYS H 178 -16.18 33.46 19.68
CA LYS H 178 -15.47 34.68 20.05
C LYS H 178 -14.05 34.40 20.49
N VAL H 179 -13.14 35.30 20.12
CA VAL H 179 -11.72 35.23 20.47
C VAL H 179 -11.46 36.16 21.63
N THR H 180 -10.76 35.67 22.63
CA THR H 180 -10.42 36.47 23.81
C THR H 180 -8.90 36.57 23.91
N ALA H 181 -8.37 37.77 23.66
CA ALA H 181 -6.95 38.03 23.78
C ALA H 181 -6.58 38.32 25.22
N VAL H 182 -5.61 37.58 25.75
CA VAL H 182 -5.14 37.67 27.12
C VAL H 182 -3.76 38.31 27.11
N HIS H 183 -3.53 39.23 28.04
CA HIS H 183 -2.30 40.03 27.99
C HIS H 183 -1.98 40.54 29.38
N LYS H 184 -0.76 41.04 29.54
CA LYS H 184 -0.43 41.75 30.75
C LYS H 184 0.02 43.15 30.38
N ALA H 185 -0.80 43.86 29.61
CA ALA H 185 -0.38 45.14 29.05
C ALA H 185 -0.45 46.29 30.04
N ASN H 186 -0.81 46.01 31.29
CA ASN H 186 -0.84 47.06 32.29
C ASN H 186 0.52 47.28 32.94
N ILE H 187 1.37 46.25 32.98
CA ILE H 187 2.70 46.40 33.54
C ILE H 187 3.80 46.03 32.55
N MET H 188 3.49 45.33 31.47
CA MET H 188 4.41 45.05 30.37
C MET H 188 3.91 45.88 29.19
N LYS H 189 4.15 47.20 29.25
CA LYS H 189 3.40 48.10 28.39
C LYS H 189 3.87 48.03 26.95
N LEU H 190 5.18 48.11 26.72
CA LEU H 190 5.67 48.09 25.34
C LEU H 190 5.56 46.69 24.74
N GLY H 191 5.96 45.67 25.49
CA GLY H 191 5.95 44.31 24.97
C GLY H 191 4.58 43.68 24.75
N ASP H 192 3.73 43.70 25.77
CA ASP H 192 2.43 43.08 25.59
C ASP H 192 1.40 44.06 25.06
N GLY H 193 1.69 45.36 25.11
CA GLY H 193 0.96 46.30 24.28
C GLY H 193 1.16 46.03 22.80
N LEU H 194 2.35 45.55 22.42
CA LEU H 194 2.60 45.22 21.03
C LEU H 194 1.80 44.00 20.61
N PHE H 195 1.76 42.98 21.49
CA PHE H 195 0.93 41.81 21.20
C PHE H 195 -0.55 42.20 21.16
N LEU H 196 -0.99 42.99 22.13
CA LEU H 196 -2.40 43.37 22.18
C LEU H 196 -2.80 44.20 20.98
N GLN H 197 -1.94 45.12 20.53
CA GLN H 197 -2.26 45.94 19.36
C GLN H 197 -2.40 45.09 18.11
N CYS H 198 -1.51 44.10 17.93
CA CYS H 198 -1.61 43.20 16.79
C CYS H 198 -2.92 42.41 16.81
N CYS H 199 -3.45 42.14 18.00
CA CYS H 199 -4.70 41.41 18.09
C CYS H 199 -5.86 42.28 17.63
N GLU H 200 -5.91 43.52 18.14
CA GLU H 200 -6.95 44.45 17.69
C GLU H 200 -6.84 44.74 16.20
N GLU H 201 -5.64 44.63 15.60
CA GLU H 201 -5.47 44.88 14.17
C GLU H 201 -6.13 43.78 13.33
N VAL H 202 -5.83 42.51 13.64
CA VAL H 202 -6.43 41.44 12.85
C VAL H 202 -7.89 41.21 13.22
N ALA H 203 -8.33 41.72 14.38
CA ALA H 203 -9.72 41.54 14.78
C ALA H 203 -10.67 42.27 13.83
N GLU H 204 -10.16 43.32 13.18
CA GLU H 204 -10.98 44.01 12.20
C GLU H 204 -11.28 43.11 11.02
N LEU H 205 -10.28 42.39 10.52
CA LEU H 205 -10.44 41.58 9.32
C LEU H 205 -11.40 40.42 9.50
N TYR H 206 -11.83 40.13 10.74
CA TYR H 206 -12.74 39.03 11.06
C TYR H 206 -13.90 39.61 11.85
N PRO H 207 -14.85 40.27 11.16
CA PRO H 207 -15.96 40.93 11.89
C PRO H 207 -16.99 39.95 12.41
N LYS H 208 -17.17 38.81 11.74
CA LYS H 208 -18.09 37.77 12.17
C LYS H 208 -17.64 37.04 13.49
N ILE H 209 -16.60 37.54 14.16
CA ILE H 209 -16.03 36.94 15.37
C ILE H 209 -15.98 37.99 16.49
N LYS H 210 -16.73 37.74 17.56
CA LYS H 210 -16.76 38.65 18.69
C LYS H 210 -15.39 38.68 19.37
N PHE H 211 -14.83 39.88 19.52
CA PHE H 211 -13.48 40.02 20.04
C PHE H 211 -13.52 40.76 21.36
N GLU H 212 -12.79 40.25 22.35
CA GLU H 212 -12.61 40.98 23.60
C GLU H 212 -11.19 40.76 24.09
N THR H 213 -10.83 41.48 25.16
CA THR H 213 -9.52 41.37 25.81
C THR H 213 -9.73 41.20 27.30
N MET H 214 -8.62 40.99 28.00
CA MET H 214 -8.67 40.58 29.40
C MET H 214 -7.24 40.49 29.93
N ILE H 215 -7.02 41.02 31.13
CA ILE H 215 -5.68 40.97 31.72
C ILE H 215 -5.45 39.58 32.29
N ILE H 216 -4.20 39.10 32.17
CA ILE H 216 -3.90 37.69 32.45
C ILE H 216 -4.11 37.35 33.91
N ASP H 217 -4.09 38.34 34.80
CA ASP H 217 -4.41 38.07 36.20
C ASP H 217 -5.88 37.70 36.37
N ASN H 218 -6.77 38.51 35.79
CA ASN H 218 -8.19 38.21 35.82
C ASN H 218 -8.46 36.85 35.17
N CYS H 219 -7.82 36.58 34.03
CA CYS H 219 -8.10 35.40 33.22
C CYS H 219 -7.93 34.10 34.01
N CYS H 220 -6.83 33.97 34.75
CA CYS H 220 -6.65 32.76 35.55
C CYS H 220 -7.77 32.60 36.54
N MET H 221 -8.12 33.68 37.24
CA MET H 221 -9.24 33.66 38.18
C MET H 221 -10.54 33.25 37.48
N GLN H 222 -10.82 33.85 36.33
CA GLN H 222 -12.06 33.50 35.63
C GLN H 222 -12.05 32.08 35.08
N LEU H 223 -10.90 31.43 35.00
CA LEU H 223 -10.90 30.06 34.50
C LEU H 223 -11.25 29.06 35.58
N VAL H 224 -10.88 29.32 36.83
CA VAL H 224 -11.26 28.38 37.87
C VAL H 224 -12.65 28.70 38.43
N GLN H 225 -13.15 29.91 38.21
CA GLN H 225 -14.43 30.32 38.80
C GLN H 225 -15.59 30.12 37.83
N ASN H 226 -15.49 30.71 36.65
CA ASN H 226 -16.53 30.60 35.62
C ASN H 226 -15.87 30.51 34.25
N PRO H 227 -15.22 29.38 33.95
CA PRO H 227 -14.53 29.24 32.66
C PRO H 227 -15.47 29.22 31.48
N TYR H 228 -16.77 29.22 31.72
CA TYR H 228 -17.76 29.06 30.68
C TYR H 228 -17.95 30.32 29.85
N GLN H 229 -17.39 31.45 30.27
CA GLN H 229 -17.54 32.66 29.47
C GLN H 229 -16.74 32.57 28.18
N PHE H 230 -15.57 31.93 28.22
CA PHE H 230 -14.61 32.01 27.12
C PHE H 230 -14.94 31.00 26.02
N ASP H 231 -14.41 31.29 24.84
CA ASP H 231 -14.54 30.39 23.69
C ASP H 231 -13.16 30.02 23.14
N VAL H 232 -12.39 31.00 22.68
CA VAL H 232 -11.04 30.77 22.19
C VAL H 232 -10.16 31.81 22.87
N LEU H 233 -9.24 31.35 23.72
CA LEU H 233 -8.27 32.23 24.35
C LEU H 233 -7.02 32.24 23.48
N VAL H 234 -6.56 33.42 23.10
CA VAL H 234 -5.29 33.58 22.42
C VAL H 234 -4.39 34.39 23.32
N MET H 235 -3.12 34.02 23.39
CA MET H 235 -2.26 34.67 24.38
C MET H 235 -0.82 34.52 23.95
N PRO H 236 0.06 35.38 24.44
CA PRO H 236 1.47 35.29 24.09
C PRO H 236 2.21 34.38 25.07
N ASN H 237 3.42 34.00 24.67
CA ASN H 237 4.20 33.07 25.49
C ASN H 237 4.71 33.77 26.74
N LEU H 238 3.80 34.42 27.47
CA LEU H 238 4.20 35.23 28.62
C LEU H 238 4.77 34.36 29.74
N TYR H 239 4.06 33.28 30.07
CA TYR H 239 4.47 32.37 31.13
C TYR H 239 4.56 30.94 30.65
N GLY H 240 4.60 30.70 29.35
CA GLY H 240 4.71 29.35 28.86
C GLY H 240 3.40 28.58 28.97
N ASN H 241 3.51 27.32 29.39
CA ASN H 241 2.39 26.39 29.36
C ASN H 241 1.55 26.45 30.62
N ILE H 242 1.68 27.52 31.39
CA ILE H 242 1.05 27.57 32.69
C ILE H 242 -0.47 27.55 32.56
N ILE H 243 -1.01 28.30 31.60
CA ILE H 243 -2.47 28.33 31.40
C ILE H 243 -2.95 27.04 30.76
N ASP H 244 -2.14 26.42 29.91
CA ASP H 244 -2.53 25.13 29.34
C ASP H 244 -2.74 24.12 30.46
N ASN H 245 -1.91 24.18 31.49
CA ASN H 245 -1.95 23.19 32.55
C ASN H 245 -3.04 23.50 33.56
N LEU H 246 -3.20 24.79 33.89
CA LEU H 246 -4.31 25.20 34.73
C LEU H 246 -5.63 24.78 34.11
N ALA H 247 -5.84 25.13 32.83
CA ALA H 247 -7.04 24.69 32.12
C ALA H 247 -7.16 23.17 32.12
N ALA H 248 -6.11 22.45 31.73
CA ALA H 248 -6.20 20.99 31.71
C ALA H 248 -6.77 20.42 32.99
N GLY H 249 -6.45 21.00 34.14
CA GLY H 249 -6.97 20.44 35.37
C GLY H 249 -8.48 20.54 35.50
N LEU H 250 -9.08 21.57 34.90
CA LEU H 250 -10.53 21.74 35.01
C LEU H 250 -11.29 20.55 34.46
N VAL H 251 -10.74 19.86 33.48
CA VAL H 251 -11.49 18.93 32.65
C VAL H 251 -11.12 17.48 32.92
N GLY H 252 -10.01 17.20 33.58
CA GLY H 252 -9.58 15.83 33.80
C GLY H 252 -8.08 15.69 33.91
N GLY H 253 -7.34 16.65 33.37
CA GLY H 253 -5.91 16.67 33.55
C GLY H 253 -5.12 16.03 32.43
N ALA H 254 -3.83 15.81 32.72
CA ALA H 254 -2.86 15.56 31.67
C ALA H 254 -3.20 14.32 30.89
N GLY H 255 -3.90 13.40 31.51
CA GLY H 255 -4.15 12.15 30.83
C GLY H 255 -5.29 12.14 29.85
N VAL H 256 -5.97 13.27 29.59
CA VAL H 256 -7.19 13.27 28.77
C VAL H 256 -7.25 14.48 27.84
N VAL H 257 -6.38 15.46 28.06
CA VAL H 257 -6.40 16.72 27.30
C VAL H 257 -5.48 16.55 26.12
N PRO H 258 -5.97 16.70 24.88
CA PRO H 258 -5.10 16.61 23.72
C PRO H 258 -4.66 17.98 23.24
N GLY H 259 -3.54 17.99 22.52
CA GLY H 259 -3.07 19.24 21.96
C GLY H 259 -2.41 19.02 20.62
N GLU H 260 -2.20 20.13 19.92
CA GLU H 260 -1.55 20.06 18.63
C GLU H 260 -0.81 21.37 18.41
N SER H 261 0.29 21.27 17.68
CA SER H 261 1.20 22.38 17.46
C SER H 261 1.32 22.55 15.97
N TYR H 262 1.24 23.80 15.50
CA TYR H 262 1.11 24.07 14.07
C TYR H 262 2.25 24.93 13.56
N SER H 263 2.53 24.76 12.28
CA SER H 263 3.54 25.51 11.52
C SER H 263 2.86 26.18 10.33
N ALA H 264 3.67 26.74 9.44
CA ALA H 264 3.10 27.16 8.16
C ALA H 264 2.70 25.95 7.31
N GLU H 265 3.40 24.83 7.49
CA GLU H 265 3.23 23.64 6.68
C GLU H 265 3.25 22.33 7.44
N TYR H 266 3.45 22.33 8.76
CA TYR H 266 3.39 21.08 9.50
C TYR H 266 2.34 21.17 10.59
N ALA H 267 1.78 20.01 10.94
CA ALA H 267 0.93 19.86 12.10
C ALA H 267 1.53 18.75 12.96
N VAL H 268 1.66 19.01 14.25
CA VAL H 268 2.25 18.05 15.18
C VAL H 268 1.26 17.82 16.31
N PHE H 269 0.91 16.57 16.55
CA PHE H 269 -0.15 16.21 17.50
C PHE H 269 0.44 15.61 18.76
N GLU H 270 -0.08 16.01 19.91
CA GLU H 270 0.58 15.72 21.18
C GLU H 270 -0.49 15.61 22.24
N THR H 271 -0.10 15.84 23.48
CA THR H 271 -1.04 15.95 24.59
C THR H 271 -0.94 17.37 25.16
N GLY H 272 -2.07 17.91 25.58
CA GLY H 272 -2.11 19.31 25.96
C GLY H 272 -1.25 19.67 27.15
N ALA H 273 -1.46 19.01 28.29
CA ALA H 273 -0.65 19.28 29.48
C ALA H 273 0.65 18.47 29.41
N ARG H 274 1.77 19.17 29.44
CA ARG H 274 3.09 18.57 29.32
C ARG H 274 4.03 19.11 30.41
N HIS H 275 3.50 19.21 31.63
CA HIS H 275 4.35 19.49 32.77
C HIS H 275 5.31 18.32 33.00
N PRO H 276 6.49 18.59 33.59
CA PRO H 276 7.56 17.57 33.65
C PRO H 276 7.14 16.23 34.24
N PHE H 277 6.26 16.21 35.25
CA PHE H 277 5.79 14.97 35.83
C PHE H 277 4.42 14.58 35.32
N ALA H 278 4.12 14.88 34.07
CA ALA H 278 2.85 14.52 33.47
C ALA H 278 2.82 13.02 33.22
N GLN H 279 1.85 12.34 33.83
CA GLN H 279 1.72 10.87 33.75
C GLN H 279 3.07 10.18 34.01
N ALA H 280 3.74 10.57 35.09
CA ALA H 280 5.01 9.98 35.49
C ALA H 280 4.72 8.73 36.31
N VAL H 281 4.35 7.67 35.58
CA VAL H 281 3.77 6.49 36.17
C VAL H 281 4.54 5.27 35.66
N GLY H 282 4.29 4.12 36.29
CA GLY H 282 4.98 2.92 35.95
C GLY H 282 4.37 2.26 34.74
N ARG H 283 4.93 1.10 34.38
CA ARG H 283 4.46 0.43 33.18
C ARG H 283 2.99 0.03 33.37
N ASN H 284 2.19 0.33 32.34
CA ASN H 284 0.83 -0.18 32.19
C ASN H 284 -0.17 0.40 33.21
N ILE H 285 -0.07 1.70 33.50
CA ILE H 285 -1.09 2.33 34.35
C ILE H 285 -1.51 3.70 33.83
N ALA H 286 -0.92 4.14 32.73
CA ALA H 286 -1.22 5.47 32.19
C ALA H 286 -2.49 5.45 31.38
N ASN H 287 -3.06 6.66 31.21
CA ASN H 287 -4.31 6.85 30.50
C ASN H 287 -4.04 7.20 29.04
N PRO H 288 -4.49 6.37 28.09
CA PRO H 288 -4.30 6.68 26.67
C PRO H 288 -5.31 7.64 26.07
N THR H 289 -6.11 8.32 26.88
CA THR H 289 -7.20 9.11 26.35
C THR H 289 -6.69 10.32 25.56
N ALA H 290 -5.82 11.14 26.16
CA ALA H 290 -5.29 12.31 25.45
C ALA H 290 -4.61 11.92 24.15
N MET H 291 -3.80 10.84 24.15
CA MET H 291 -3.15 10.44 22.92
C MET H 291 -4.16 10.01 21.87
N LEU H 292 -5.07 9.11 22.25
CA LEU H 292 -6.09 8.61 21.32
C LEU H 292 -6.97 9.75 20.81
N LEU H 293 -7.40 10.64 21.70
CA LEU H 293 -8.13 11.83 21.28
C LEU H 293 -7.33 12.66 20.30
N SER H 294 -5.99 12.78 20.51
CA SER H 294 -5.13 13.55 19.62
C SER H 294 -4.98 12.88 18.27
N ALA H 295 -4.70 11.57 18.28
CA ALA H 295 -4.62 10.81 17.05
C ALA H 295 -5.90 10.94 16.24
N SER H 296 -7.06 11.00 16.91
CA SER H 296 -8.31 11.16 16.17
C SER H 296 -8.44 12.56 15.60
N ASN H 297 -7.73 13.52 16.19
CA ASN H 297 -7.68 14.86 15.63
C ASN H 297 -6.74 14.89 14.45
N MET H 298 -5.65 14.14 14.54
CA MET H 298 -4.77 13.98 13.40
C MET H 298 -5.50 13.33 12.24
N LEU H 299 -6.32 12.32 12.51
CA LEU H 299 -7.12 11.74 11.43
C LEU H 299 -8.09 12.75 10.83
N ARG H 300 -8.57 13.72 11.60
CA ARG H 300 -9.43 14.72 10.99
C ARG H 300 -8.60 15.68 10.15
N HIS H 301 -7.36 15.93 10.58
CA HIS H 301 -6.44 16.78 9.81
C HIS H 301 -6.02 16.12 8.48
N LEU H 302 -5.88 14.81 8.46
CA LEU H 302 -5.57 14.06 7.25
C LEU H 302 -6.82 13.78 6.42
N ASN H 303 -7.94 14.38 6.79
CA ASN H 303 -9.22 14.24 6.08
C ASN H 303 -9.70 12.80 6.05
N LEU H 304 -9.32 12.03 7.06
CA LEU H 304 -9.93 10.72 7.29
C LEU H 304 -11.09 10.84 8.26
N GLU H 305 -12.09 11.67 7.92
CA GLU H 305 -13.12 12.03 8.92
C GLU H 305 -13.86 10.82 9.45
N TYR H 306 -13.93 9.73 8.68
CA TYR H 306 -14.67 8.57 9.15
C TYR H 306 -13.95 7.89 10.30
N HIS H 307 -12.65 7.64 10.13
CA HIS H 307 -11.89 7.04 11.22
C HIS H 307 -11.74 8.03 12.37
N SER H 308 -11.57 9.31 12.06
CA SER H 308 -11.39 10.31 13.10
C SER H 308 -12.57 10.30 14.05
N SER H 309 -13.77 10.38 13.48
CA SER H 309 -14.99 10.37 14.26
C SER H 309 -15.26 9.00 14.90
N MET H 310 -14.75 7.92 14.30
CA MET H 310 -14.99 6.58 14.83
C MET H 310 -14.19 6.31 16.08
N ILE H 311 -12.89 6.63 16.03
CA ILE H 311 -12.05 6.54 17.22
C ILE H 311 -12.62 7.43 18.33
N ALA H 312 -12.94 8.69 18.01
CA ALA H 312 -13.28 9.64 19.08
C ALA H 312 -14.52 9.19 19.83
N ASP H 313 -15.53 8.71 19.09
CA ASP H 313 -16.75 8.20 19.70
C ASP H 313 -16.50 6.93 20.51
N ALA H 314 -15.54 6.10 20.09
CA ALA H 314 -15.22 4.91 20.87
C ALA H 314 -14.65 5.28 22.24
N VAL H 315 -13.71 6.22 22.29
CA VAL H 315 -13.13 6.46 23.61
C VAL H 315 -14.08 7.30 24.46
N LYS H 316 -14.83 8.23 23.84
CA LYS H 316 -15.81 8.98 24.61
C LYS H 316 -16.88 8.07 25.20
N LYS H 317 -17.29 7.02 24.48
CA LYS H 317 -18.33 6.13 24.98
C LYS H 317 -17.80 5.20 26.05
N VAL H 318 -16.57 4.71 25.91
CA VAL H 318 -16.02 3.83 26.94
C VAL H 318 -15.97 4.57 28.28
N ILE H 319 -15.56 5.84 28.29
CA ILE H 319 -15.46 6.50 29.59
C ILE H 319 -16.78 7.06 30.08
N LYS H 320 -17.80 7.20 29.22
CA LYS H 320 -19.14 7.56 29.69
C LYS H 320 -19.84 6.40 30.39
N VAL H 321 -19.69 5.18 29.89
CA VAL H 321 -20.27 4.03 30.56
C VAL H 321 -19.60 3.81 31.90
N GLY H 322 -18.30 4.07 31.99
CA GLY H 322 -17.62 3.94 33.25
C GLY H 322 -17.35 2.52 33.68
N LYS H 323 -17.51 1.56 32.79
CA LYS H 323 -17.17 0.19 33.14
C LYS H 323 -15.67 0.06 33.37
N VAL H 324 -14.85 0.72 32.53
CA VAL H 324 -13.39 0.61 32.55
C VAL H 324 -12.78 2.02 32.68
N ARG H 325 -12.02 2.24 33.74
CA ARG H 325 -11.33 3.51 33.94
C ARG H 325 -9.93 3.27 34.47
N THR H 326 -9.04 4.19 34.14
CA THR H 326 -7.69 4.21 34.65
C THR H 326 -7.67 5.00 35.96
N SER H 327 -6.59 4.88 36.73
CA SER H 327 -6.54 5.47 38.08
C SER H 327 -6.83 6.96 38.10
N ASP H 328 -6.43 7.71 37.06
CA ASP H 328 -6.69 9.14 37.11
C ASP H 328 -8.16 9.44 36.96
N MET H 329 -8.90 8.55 36.31
CA MET H 329 -10.33 8.76 36.14
C MET H 329 -11.16 8.10 37.22
N GLY H 330 -10.52 7.55 38.24
CA GLY H 330 -11.22 7.00 39.37
C GLY H 330 -11.45 5.52 39.31
N GLY H 331 -10.59 4.76 38.64
CA GLY H 331 -10.79 3.34 38.47
C GLY H 331 -9.56 2.55 38.83
N TYR H 332 -9.52 1.29 38.42
CA TYR H 332 -8.42 0.38 38.77
C TYR H 332 -8.02 -0.47 37.58
N ALA H 333 -8.07 0.10 36.38
CA ALA H 333 -7.87 -0.66 35.16
C ALA H 333 -6.52 -0.36 34.52
N THR H 334 -5.84 -1.39 34.07
CA THR H 334 -4.55 -1.13 33.46
C THR H 334 -4.72 -0.40 32.12
N CYS H 335 -3.63 0.22 31.67
CA CYS H 335 -3.63 0.85 30.36
C CYS H 335 -3.99 -0.17 29.29
N HIS H 336 -3.53 -1.41 29.44
CA HIS H 336 -3.88 -2.44 28.46
C HIS H 336 -5.37 -2.77 28.51
N ASP H 337 -5.93 -2.91 29.72
CA ASP H 337 -7.36 -3.15 29.87
C ASP H 337 -8.18 -2.04 29.25
N PHE H 338 -7.72 -0.80 29.38
CA PHE H 338 -8.46 0.32 28.80
C PHE H 338 -8.29 0.40 27.29
N THR H 339 -7.10 0.10 26.74
CA THR H 339 -7.01 0.14 25.27
C THR H 339 -7.71 -1.06 24.64
N GLU H 340 -7.66 -2.23 25.27
CA GLU H 340 -8.39 -3.37 24.73
C GLU H 340 -9.89 -3.09 24.71
N GLU H 341 -10.41 -2.42 25.75
CA GLU H 341 -11.80 -2.03 25.76
C GLU H 341 -12.13 -1.08 24.63
N ILE H 342 -11.20 -0.21 24.24
CA ILE H 342 -11.47 0.67 23.12
C ILE H 342 -11.22 -0.05 21.79
N CYS H 343 -10.41 -1.10 21.79
CA CYS H 343 -10.30 -1.88 20.57
C CYS H 343 -11.59 -2.66 20.33
N ARG H 344 -12.11 -3.34 21.35
CA ARG H 344 -13.40 -4.01 21.27
C ARG H 344 -14.48 -3.07 20.76
N ARG H 345 -14.57 -1.89 21.34
CA ARG H 345 -15.65 -0.99 20.96
C ARG H 345 -15.49 -0.50 19.53
N VAL H 346 -14.26 -0.25 19.10
CA VAL H 346 -14.06 0.24 17.74
C VAL H 346 -14.17 -0.87 16.71
N LYS H 347 -13.85 -2.13 17.06
CA LYS H 347 -14.10 -3.25 16.16
C LYS H 347 -15.60 -3.48 15.96
N ASP H 348 -16.41 -3.32 17.01
CA ASP H 348 -17.85 -3.50 16.90
C ASP H 348 -18.51 -2.33 16.20
N LEU H 349 -17.86 -1.19 16.20
CA LEU H 349 -18.36 -0.02 15.53
C LEU H 349 -18.12 -0.07 14.02
N ASP H 350 -17.27 -0.98 13.54
CA ASP H 350 -17.04 -1.23 12.11
C ASP H 350 -17.91 -2.35 11.54
N GLU H 351 -18.23 -3.38 12.33
CA GLU H 351 -19.05 -4.52 11.90
C GLU H 351 -20.56 -4.25 11.98
N ASN H 352 -20.98 -3.12 12.55
CA ASN H 352 -22.39 -2.75 12.64
C ASN H 352 -22.56 -1.25 12.40
N LEU H 353 -21.82 -0.72 11.43
CA LEU H 353 -21.77 0.71 11.10
C LEU H 353 -23.04 1.20 10.41
N TYR H 354 -23.82 0.30 9.83
CA TYR H 354 -24.96 0.60 8.95
C TYR H 354 -24.52 1.36 7.68
PA NAD I . -31.60 42.24 -13.03
O1A NAD I . -32.10 43.61 -13.40
O2A NAD I . -30.16 42.08 -13.49
O5B NAD I . -31.67 42.02 -11.41
C5B NAD I . -31.99 40.72 -11.01
C4B NAD I . -31.61 40.52 -9.50
O4B NAD I . -30.37 40.94 -9.18
C3B NAD I . -32.57 41.39 -8.71
O3B NAD I . -32.64 40.83 -7.45
C2B NAD I . -31.78 42.70 -8.64
O2B NAD I . -32.24 43.57 -7.54
C1B NAD I . -30.58 42.30 -8.37
N9A NAD I . -29.55 43.23 -8.83
C8A NAD I . -29.32 43.44 -10.12
N7A NAD I . -28.40 44.37 -10.24
C5A NAD I . -28.00 44.73 -9.00
C6A NAD I . -27.09 45.63 -8.53
N6A NAD I . -26.27 46.46 -9.36
N1A NAD I . -26.90 45.80 -7.23
C2A NAD I . -27.63 45.06 -6.36
N3A NAD I . -28.52 44.19 -6.79
C4A NAD I . -28.73 44.01 -8.11
O3 NAD I . -32.56 41.06 -13.67
PN NAD I . -34.17 41.11 -13.93
O1N NAD I . -34.97 41.21 -12.66
O2N NAD I . -34.62 39.90 -14.71
O5D NAD I . -34.43 42.50 -14.75
C5D NAD I . -34.08 42.46 -16.10
C4D NAD I . -34.72 43.58 -16.83
O4D NAD I . -33.74 44.43 -17.12
C3D NAD I . -35.36 43.10 -18.27
O3D NAD I . -36.20 44.12 -18.86
C2D NAD I . -34.31 42.96 -19.01
O2D NAD I . -34.56 43.07 -20.47
C1D NAD I . -33.28 44.09 -18.50
N1N NAD I . -32.03 43.66 -18.55
C2N NAD I . -31.09 44.50 -19.10
C3N NAD I . -29.81 44.07 -19.29
C7N NAD I . -28.80 45.06 -19.91
O7N NAD I . -27.70 44.68 -20.21
N7N NAD I . -29.09 46.45 -20.19
C4N NAD I . -29.41 42.82 -18.90
C5N NAD I . -30.38 42.01 -18.37
C6N NAD I . -31.65 42.42 -18.17
O1 PG4 J . -14.30 6.23 -28.13
C1 PG4 J . -15.61 5.75 -28.12
C2 PG4 J . -16.30 6.27 -29.40
O2 PG4 J . -17.66 5.88 -29.59
C3 PG4 J . -18.33 6.45 -30.71
C4 PG4 J . -18.70 7.91 -30.42
O3 PG4 J . -19.36 7.95 -29.17
C5 PG4 J . -18.68 8.69 -28.17
C6 PG4 J . -19.28 8.53 -26.77
O4 PG4 J . -20.60 9.02 -26.78
C7 PG4 J . -21.04 9.62 -25.59
C8 PG4 J . -22.49 10.12 -25.73
O5 PG4 J . -22.72 10.62 -27.01
PA NAD K . -2.71 -16.31 -32.39
O1A NAD K . -3.82 -17.20 -31.91
O2A NAD K . -2.91 -14.88 -31.98
O5B NAD K . -2.78 -16.40 -34.01
C5B NAD K . -1.69 -15.74 -34.60
C4B NAD K . -1.69 -16.14 -36.10
O4B NAD K . -2.87 -16.70 -36.41
C3B NAD K . -1.68 -14.78 -36.80
O3B NAD K . -1.25 -14.95 -38.11
C2B NAD K . -3.16 -14.39 -36.69
O2B NAD K . -3.58 -13.33 -37.66
C1B NAD K . -3.75 -15.50 -36.98
N9A NAD K . -5.14 -15.69 -36.47
C8A NAD K . -5.39 -16.28 -35.31
N7A NAD K . -6.68 -16.31 -35.10
C5A NAD K . -7.28 -15.74 -36.15
C6A NAD K . -8.62 -15.51 -36.45
N6A NAD K . -9.73 -15.85 -35.61
N1A NAD K . -8.94 -14.90 -37.59
C2A NAD K . -7.96 -14.53 -38.45
N3A NAD K . -6.67 -14.75 -38.17
C4A NAD K . -6.32 -15.35 -37.04
O3 NAD K . -1.22 -16.78 -31.89
PN NAD K . -0.05 -15.78 -31.38
O1N NAD K . 0.20 -14.69 -32.40
O2N NAD K . 1.22 -16.55 -31.10
O5D NAD K . -0.72 -15.16 -30.02
C5D NAD K . -0.43 -13.93 -29.42
C4D NAD K . -1.11 -13.93 -28.10
O4D NAD K . -2.26 -14.62 -28.05
C3D NAD K . -0.07 -14.73 -27.11
O3D NAD K . 0.46 -13.83 -26.08
C2D NAD K . -0.70 -15.71 -26.60
O2D NAD K . -0.36 -15.85 -25.15
C1D NAD K . -2.25 -15.43 -26.80
N1N NAD K . -2.95 -16.52 -26.90
C2N NAD K . -4.13 -16.66 -26.16
C3N NAD K . -4.85 -17.89 -26.19
C7N NAD K . -6.19 -18.11 -25.42
O7N NAD K . -6.12 -18.09 -24.26
N7N NAD K . -7.55 -18.30 -26.00
C4N NAD K . -4.37 -18.88 -26.96
C5N NAD K . -3.22 -18.74 -27.66
C6N NAD K . -2.50 -17.56 -27.65
O1 2PE L . 16.86 -58.48 -38.58
C2 2PE L . 15.93 -58.48 -37.53
C3 2PE L . 15.21 -57.13 -37.51
O4 2PE L . 14.28 -57.03 -36.45
C5 2PE L . 13.57 -55.82 -36.50
C6 2PE L . 12.19 -55.90 -35.84
O7 2PE L . 12.02 -54.72 -35.07
C8 2PE L . 11.16 -54.82 -33.96
C9 2PE L . 11.37 -56.07 -33.09
O10 2PE L . 10.18 -56.77 -32.77
C11 2PE L . 10.42 -58.13 -32.53
C12 2PE L . 11.31 -58.28 -31.30
O13 2PE L . 10.61 -57.86 -30.16
C14 2PE L . 10.99 -56.60 -29.65
C15 2PE L . 12.50 -56.57 -29.35
O16 2PE L . 12.90 -55.36 -28.74
C17 2PE L . 12.29 -55.12 -27.49
C18 2PE L . 12.44 -53.64 -27.15
O19 2PE L . 12.80 -52.94 -28.31
C20 2PE L . 11.72 -52.22 -28.80
C21 2PE L . 11.29 -52.77 -30.16
O22 2PE L . 11.10 -51.73 -31.08
C23 2PE L . 12.31 -51.30 -31.60
C24 2PE L . 12.82 -50.02 -30.93
O25 2PE L . 12.25 -49.00 -31.68
C26 2PE L . 13.03 -47.88 -31.99
C27 2PE L . 13.15 -47.05 -30.72
O28 2PE L . 14.15 -47.64 -29.95
O1 PG4 M . 18.00 -55.26 -36.77
C1 PG4 M . 17.41 -55.13 -35.50
C2 PG4 M . 17.50 -56.42 -34.68
O2 PG4 M . 18.61 -57.19 -35.08
C3 PG4 M . 18.47 -58.58 -34.99
C4 PG4 M . 17.95 -58.98 -33.60
O3 PG4 M . 18.71 -60.01 -33.02
C5 PG4 M . 18.16 -60.56 -31.85
C6 PG4 M . 16.64 -60.72 -31.98
O4 PG4 M . 15.98 -59.97 -30.99
C7 PG4 M . 15.11 -60.73 -30.18
C8 PG4 M . 14.12 -61.49 -31.07
O5 PG4 M . 14.16 -62.86 -30.76
PA NAD N . 32.62 -41.79 14.33
O1A NAD N . 31.26 -41.14 14.40
O2A NAD N . 32.48 -43.27 14.15
O5B NAD N . 33.45 -41.43 15.70
C5B NAD N . 34.37 -40.38 15.48
C4B NAD N . 35.15 -40.05 16.79
O4B NAD N . 34.58 -40.61 17.87
C3B NAD N . 36.50 -40.72 16.61
O3B NAD N . 37.43 -40.00 17.34
C2B NAD N . 36.24 -42.14 17.22
O2B NAD N . 37.51 -42.83 17.60
C1B NAD N . 35.49 -41.90 18.23
N9A NAD N . 34.58 -42.98 18.67
C8A NAD N . 33.46 -43.34 18.05
N7A NAD N . 32.90 -44.36 18.68
C5A NAD N . 33.66 -44.64 19.76
C6A NAD N . 33.60 -45.56 20.78
N6A NAD N . 32.57 -46.55 20.93
N1A NAD N . 34.52 -45.61 21.73
C2A NAD N . 35.56 -44.72 21.70
N3A NAD N . 35.65 -43.82 20.73
C4A NAD N . 34.73 -43.76 19.76
O3 NAD N . 33.58 -41.20 13.14
PN NAD N . 33.27 -40.76 11.60
O1N NAD N . 34.55 -40.63 10.83
O2N NAD N . 32.54 -39.44 11.62
O5D NAD N . 32.31 -41.87 10.88
C5D NAD N . 32.87 -43.02 10.28
C4D NAD N . 31.83 -43.83 9.64
O4D NAD N . 30.93 -44.24 10.53
C3D NAD N . 31.04 -42.96 8.49
O3D NAD N . 31.28 -43.54 7.17
C2D NAD N . 29.81 -42.92 8.84
O2D NAD N . 28.88 -42.98 7.66
C1D NAD N . 29.62 -44.13 9.83
N1N NAD N . 28.67 -43.89 10.71
C2N NAD N . 27.76 -44.93 10.92
C3N NAD N . 26.69 -44.74 11.83
C7N NAD N . 25.61 -45.78 12.26
O7N NAD N . 25.49 -46.32 13.36
N7N NAD N . 24.86 -46.42 11.19
C4N NAD N . 26.61 -43.54 12.44
C5N NAD N . 27.52 -42.55 12.24
C6N NAD N . 28.52 -42.68 11.36
S1 PE7 O . 4.89 -5.03 18.09
C2 PE7 O . 4.24 -6.41 19.09
C3 PE7 O . 4.08 -7.64 18.19
O4 PE7 O . 5.34 -8.13 17.78
C5 PE7 O . 5.71 -9.35 18.37
C6 PE7 O . 7.15 -9.21 18.84
O7 PE7 O . 7.24 -8.09 19.70
C8 PE7 O . 7.74 -6.90 19.16
C9 PE7 O . 8.55 -7.18 17.88
O10 PE7 O . 7.80 -6.79 16.77
C11 PE7 O . 7.61 -7.76 15.77
C12 PE7 O . 8.01 -7.25 14.40
O13 PE7 O . 7.63 -8.20 13.43
C14 PE7 O . 7.75 -9.54 13.81
C15 PE7 O . 9.19 -10.03 13.59
O16 PE7 O . 10.10 -9.46 14.50
C17 PE7 O . 10.27 -10.20 15.68
C18 PE7 O . 11.74 -10.28 16.05
O19 PE7 O . 12.48 -10.48 14.87
C20 PE7 O . 13.72 -11.07 15.08
C21 PE7 O . 14.52 -10.94 13.79
O22 PE7 O . 13.68 -11.22 12.72
PA NAD P . -10.41 43.64 38.07
O1A NAD P . -9.13 42.99 38.49
O2A NAD P . -10.59 44.87 38.90
O5B NAD P . -11.67 42.59 38.27
C5B NAD P . -12.22 42.13 37.04
C4B NAD P . -13.61 41.43 37.27
O4B NAD P . -13.80 41.08 38.56
C3B NAD P . -14.68 42.45 36.93
O3B NAD P . -15.81 41.82 36.42
C2B NAD P . -15.01 43.09 38.31
O2B NAD P . -16.40 43.60 38.37
C1B NAD P . -14.89 42.12 39.14
N9A NAD P . -14.52 42.53 40.52
C8A NAD P . -13.28 42.83 40.87
N7A NAD P . -13.25 43.20 42.13
C5A NAD P . -14.51 43.13 42.61
C6A NAD P . -15.07 43.39 43.85
N6A NAD P . -14.37 43.86 45.01
N1A NAD P . -16.38 43.23 44.06
C2A NAD P . -17.17 42.79 43.03
N3A NAD P . -16.65 42.52 41.83
C4A NAD P . -15.33 42.69 41.59
O3 NAD P . -10.54 44.04 36.49
PN NAD P . -9.36 44.32 35.36
O1N NAD P . -8.16 43.47 35.67
O2N NAD P . -9.81 44.04 33.95
O5D NAD P . -8.94 45.88 35.42
C5D NAD P . -8.18 46.15 36.56
C4D NAD P . -7.64 47.52 36.59
O4D NAD P . -7.36 47.71 37.87
C3D NAD P . -6.22 47.64 35.76
O3D NAD P . -6.00 48.99 35.25
C2D NAD P . -5.32 47.26 36.58
O2D NAD P . -3.99 47.91 36.35
C1D NAD P . -5.87 47.60 38.02
N1N NAD P . -5.55 46.66 38.89
C2N NAD P . -5.20 47.09 40.15
C3N NAD P . -4.80 46.19 41.08
C7N NAD P . -4.40 46.70 42.50
O7N NAD P . -4.03 45.94 43.36
N7N NAD P . -4.44 48.11 42.81
C4N NAD P . -4.77 44.84 40.78
C5N NAD P . -5.14 44.46 39.52
C6N NAD P . -5.51 45.34 38.57
O1 P6G Q . 11.00 16.69 31.06
C2 P6G Q . 12.02 15.88 31.53
C3 P6G Q . 11.56 15.38 32.90
O4 P6G Q . 11.55 14.00 32.94
C5 P6G Q . 11.58 13.45 34.23
C6 P6G Q . 12.98 13.61 34.83
O7 P6G Q . 13.99 13.55 33.84
C8 P6G Q . 15.17 14.26 34.16
C9 P6G Q . 16.43 13.41 33.94
O10 P6G Q . 16.23 12.10 34.39
C11 P6G Q . 16.12 11.10 33.40
C12 P6G Q . 16.68 9.77 33.93
O13 P6G Q . 16.20 9.43 35.22
C14 P6G Q . 17.08 9.70 36.28
C15 P6G Q . 16.38 10.59 37.31
O16 P6G Q . 15.59 9.78 38.15
C17 P6G Q . 14.28 9.60 37.69
C18 P6G Q . 14.05 8.11 37.31
O19 P6G Q . 14.50 7.82 36.01
#